data_2KRR
#
_entry.id   2KRR
#
_cell.length_a   1.000
_cell.length_b   1.000
_cell.length_c   1.000
_cell.angle_alpha   90.00
_cell.angle_beta   90.00
_cell.angle_gamma   90.00
#
_symmetry.space_group_name_H-M   'P 1'
#
_entity_poly.entity_id   1
_entity_poly.type   'polypeptide(L)'
_entity_poly.pdbx_seq_one_letter_code
;GTEPTTAFNLFVGNLNFNKSAPELKTGISDVFAKNDLAVVDVRIGMTRKFGYVDFESAEDLEKALELTGLKVFGNEIKLE
KPKGKDSKKERDARTLLAKNLPYKVTQDELKEVFEDAAEIRLVSKDGKSKGIAYIEFKTEADAEKTFEEKQGTEIDGRSI
SLYYTGEPKGEGLEHHHHHH
;
_entity_poly.pdbx_strand_id   A
#
# COMPACT_ATOMS: atom_id res chain seq x y z
N GLY A 1 12.21 -12.59 1.85
CA GLY A 1 12.89 -12.94 0.62
C GLY A 1 12.46 -14.29 0.09
N THR A 2 13.40 -15.24 0.08
CA THR A 2 13.11 -16.58 -0.42
C THR A 2 12.17 -16.55 -1.61
N GLU A 3 12.51 -15.74 -2.60
CA GLU A 3 11.69 -15.61 -3.80
C GLU A 3 12.34 -14.67 -4.82
N PRO A 4 12.53 -13.40 -4.41
CA PRO A 4 13.14 -12.38 -5.26
C PRO A 4 14.63 -12.64 -5.50
N THR A 5 15.15 -12.12 -6.60
CA THR A 5 16.56 -12.29 -6.93
C THR A 5 17.33 -10.99 -6.75
N THR A 6 16.65 -9.86 -6.96
CA THR A 6 17.27 -8.55 -6.82
C THR A 6 16.69 -7.80 -5.62
N ALA A 7 17.36 -6.71 -5.24
CA ALA A 7 16.92 -5.90 -4.11
C ALA A 7 15.89 -4.86 -4.55
N PHE A 8 15.77 -4.66 -5.85
CA PHE A 8 14.83 -3.69 -6.40
C PHE A 8 13.45 -4.30 -6.55
N ASN A 9 12.51 -3.83 -5.74
CA ASN A 9 11.13 -4.34 -5.77
C ASN A 9 10.15 -3.26 -5.35
N LEU A 10 8.92 -3.36 -5.86
CA LEU A 10 7.88 -2.39 -5.53
C LEU A 10 6.60 -3.10 -5.11
N PHE A 11 5.84 -2.45 -4.23
CA PHE A 11 4.59 -3.02 -3.75
C PHE A 11 3.45 -2.76 -4.74
N VAL A 12 2.88 -3.83 -5.27
CA VAL A 12 1.79 -3.72 -6.23
C VAL A 12 0.49 -4.24 -5.64
N GLY A 13 -0.63 -3.84 -6.24
CA GLY A 13 -1.93 -4.27 -5.76
C GLY A 13 -2.97 -4.30 -6.87
N ASN A 14 -4.20 -4.66 -6.50
CA ASN A 14 -5.29 -4.74 -7.47
C ASN A 14 -4.92 -5.65 -8.64
N LEU A 15 -4.54 -6.88 -8.31
CA LEU A 15 -4.16 -7.85 -9.33
C LEU A 15 -5.30 -8.83 -9.61
N ASN A 16 -6.49 -8.49 -9.14
CA ASN A 16 -7.67 -9.32 -9.34
C ASN A 16 -7.53 -10.64 -8.57
N PHE A 17 -8.60 -11.03 -7.88
CA PHE A 17 -8.59 -12.27 -7.11
C PHE A 17 -9.54 -13.30 -7.72
N ASN A 18 -9.16 -13.84 -8.86
CA ASN A 18 -9.99 -14.84 -9.55
C ASN A 18 -9.12 -15.95 -10.10
N LYS A 19 -7.99 -15.59 -10.70
CA LYS A 19 -7.08 -16.57 -11.29
C LYS A 19 -6.21 -17.21 -10.20
N SER A 20 -5.29 -18.07 -10.63
CA SER A 20 -4.40 -18.75 -9.70
C SER A 20 -3.28 -17.82 -9.24
N ALA A 21 -2.42 -18.33 -8.36
CA ALA A 21 -1.31 -17.55 -7.84
C ALA A 21 -0.30 -17.25 -8.93
N PRO A 22 0.28 -18.30 -9.52
CA PRO A 22 1.27 -18.17 -10.59
C PRO A 22 0.67 -17.65 -11.89
N GLU A 23 -0.66 -17.55 -11.92
CA GLU A 23 -1.36 -17.07 -13.10
C GLU A 23 -1.40 -15.54 -13.12
N LEU A 24 -1.18 -14.93 -11.96
CA LEU A 24 -1.19 -13.48 -11.84
C LEU A 24 0.17 -12.89 -12.20
N LYS A 25 1.23 -13.56 -11.76
CA LYS A 25 2.59 -13.11 -12.02
C LYS A 25 2.79 -12.85 -13.51
N THR A 26 2.28 -13.75 -14.35
CA THR A 26 2.40 -13.62 -15.79
C THR A 26 1.88 -12.26 -16.27
N GLY A 27 0.60 -12.00 -16.00
CA GLY A 27 0.01 -10.75 -16.41
C GLY A 27 0.78 -9.54 -15.90
N ILE A 28 1.12 -9.55 -14.61
CA ILE A 28 1.86 -8.46 -14.01
C ILE A 28 3.12 -8.14 -14.81
N SER A 29 3.91 -9.17 -15.09
CA SER A 29 5.15 -9.00 -15.85
C SER A 29 4.84 -8.71 -17.33
N ASP A 30 3.64 -9.07 -17.75
CA ASP A 30 3.22 -8.87 -19.14
C ASP A 30 3.00 -7.38 -19.41
N VAL A 31 2.08 -6.77 -18.66
CA VAL A 31 1.77 -5.37 -18.84
C VAL A 31 3.04 -4.52 -18.85
N PHE A 32 3.98 -4.86 -17.96
CA PHE A 32 5.25 -4.14 -17.88
C PHE A 32 6.08 -4.33 -19.14
N ALA A 33 6.06 -5.55 -19.67
CA ALA A 33 6.81 -5.87 -20.88
C ALA A 33 6.37 -4.98 -22.05
N LYS A 34 5.15 -4.46 -21.96
CA LYS A 34 4.60 -3.59 -23.01
C LYS A 34 5.12 -2.17 -22.85
N ASN A 35 5.51 -1.81 -21.63
CA ASN A 35 6.02 -0.47 -21.36
C ASN A 35 7.55 -0.46 -21.39
N ASP A 36 8.12 -1.37 -22.17
CA ASP A 36 9.57 -1.46 -22.29
C ASP A 36 10.22 -1.73 -20.94
N LEU A 37 9.50 -2.44 -20.08
CA LEU A 37 10.01 -2.78 -18.75
C LEU A 37 10.42 -4.24 -18.68
N ALA A 38 11.34 -4.54 -17.76
CA ALA A 38 11.83 -5.91 -17.58
C ALA A 38 11.83 -6.29 -16.11
N VAL A 39 11.09 -7.33 -15.77
CA VAL A 39 11.01 -7.81 -14.39
C VAL A 39 11.86 -9.06 -14.20
N VAL A 40 12.57 -9.13 -13.08
CA VAL A 40 13.42 -10.27 -12.76
C VAL A 40 12.63 -11.35 -12.01
N ASP A 41 11.62 -10.93 -11.26
CA ASP A 41 10.79 -11.85 -10.51
C ASP A 41 9.58 -11.15 -9.92
N VAL A 42 8.43 -11.81 -9.96
CA VAL A 42 7.19 -11.24 -9.43
C VAL A 42 6.61 -12.12 -8.32
N ARG A 43 6.14 -11.49 -7.26
CA ARG A 43 5.56 -12.20 -6.14
C ARG A 43 4.10 -11.78 -5.91
N ILE A 44 3.28 -12.74 -5.49
CA ILE A 44 1.86 -12.47 -5.24
C ILE A 44 1.47 -12.90 -3.84
N GLY A 45 0.68 -12.05 -3.16
CA GLY A 45 0.25 -12.36 -1.82
C GLY A 45 -0.63 -13.60 -1.76
N MET A 46 -1.17 -13.88 -0.58
CA MET A 46 -2.03 -15.05 -0.40
C MET A 46 -3.45 -14.75 -0.86
N THR A 47 -3.88 -13.51 -0.68
CA THR A 47 -5.22 -13.10 -1.07
C THR A 47 -5.34 -13.00 -2.60
N ARG A 48 -4.21 -13.07 -3.28
CA ARG A 48 -4.18 -13.00 -4.74
C ARG A 48 -4.76 -11.67 -5.22
N LYS A 49 -4.65 -10.64 -4.39
CA LYS A 49 -5.16 -9.32 -4.73
C LYS A 49 -4.03 -8.31 -4.84
N PHE A 50 -2.86 -8.68 -4.31
CA PHE A 50 -1.70 -7.80 -4.34
C PHE A 50 -0.41 -8.61 -4.36
N GLY A 51 0.72 -7.92 -4.45
CA GLY A 51 2.02 -8.59 -4.47
C GLY A 51 3.16 -7.62 -4.64
N TYR A 52 4.28 -8.13 -5.18
CA TYR A 52 5.45 -7.30 -5.39
C TYR A 52 6.09 -7.60 -6.75
N VAL A 53 6.78 -6.61 -7.31
CA VAL A 53 7.43 -6.77 -8.60
C VAL A 53 8.92 -6.40 -8.52
N ASP A 54 9.78 -7.33 -8.87
CA ASP A 54 11.21 -7.11 -8.84
C ASP A 54 11.73 -6.69 -10.22
N PHE A 55 12.60 -5.69 -10.24
CA PHE A 55 13.17 -5.19 -11.49
C PHE A 55 14.69 -5.33 -11.49
N GLU A 56 15.26 -5.48 -12.67
CA GLU A 56 16.71 -5.62 -12.81
C GLU A 56 17.44 -4.47 -12.12
N SER A 57 17.01 -3.24 -12.41
CA SER A 57 17.62 -2.06 -11.82
C SER A 57 16.56 -1.06 -11.36
N ALA A 58 16.97 -0.08 -10.58
CA ALA A 58 16.05 0.93 -10.08
C ALA A 58 15.38 1.68 -11.22
N GLU A 59 16.02 1.64 -12.39
CA GLU A 59 15.48 2.32 -13.57
C GLU A 59 14.11 1.76 -13.96
N ASP A 60 14.07 0.47 -14.22
CA ASP A 60 12.83 -0.20 -14.61
C ASP A 60 11.81 -0.12 -13.47
N LEU A 61 12.28 -0.28 -12.25
CA LEU A 61 11.41 -0.24 -11.07
C LEU A 61 10.72 1.13 -10.97
N GLU A 62 11.52 2.19 -10.84
CA GLU A 62 10.99 3.53 -10.74
C GLU A 62 10.23 3.93 -12.00
N LYS A 63 10.63 3.34 -13.13
CA LYS A 63 9.99 3.63 -14.41
C LYS A 63 8.51 3.29 -14.36
N ALA A 64 8.18 2.13 -13.82
CA ALA A 64 6.79 1.69 -13.71
C ALA A 64 5.95 2.72 -12.97
N LEU A 65 6.57 3.40 -12.00
CA LEU A 65 5.88 4.41 -11.21
C LEU A 65 5.66 5.68 -12.03
N GLU A 66 6.46 5.86 -13.07
CA GLU A 66 6.35 7.03 -13.93
C GLU A 66 5.30 6.81 -15.01
N LEU A 67 5.41 5.71 -15.74
CA LEU A 67 4.46 5.38 -16.80
C LEU A 67 3.05 5.19 -16.23
N THR A 68 2.09 4.98 -17.12
CA THR A 68 0.71 4.78 -16.72
C THR A 68 0.00 3.79 -17.63
N GLY A 69 -1.23 3.41 -17.26
CA GLY A 69 -1.99 2.48 -18.05
C GLY A 69 -1.60 1.04 -17.79
N LEU A 70 -1.42 0.70 -16.51
CA LEU A 70 -1.04 -0.65 -16.12
C LEU A 70 -2.26 -1.43 -15.64
N LYS A 71 -2.61 -2.49 -16.35
CA LYS A 71 -3.75 -3.33 -16.00
C LYS A 71 -3.54 -4.76 -16.48
N VAL A 72 -4.17 -5.70 -15.78
CA VAL A 72 -4.05 -7.12 -16.14
C VAL A 72 -5.35 -7.85 -15.86
N PHE A 73 -5.70 -8.79 -16.74
CA PHE A 73 -6.92 -9.57 -16.59
C PHE A 73 -8.14 -8.66 -16.55
N GLY A 74 -7.99 -7.46 -17.09
CA GLY A 74 -9.10 -6.51 -17.10
C GLY A 74 -8.97 -5.44 -16.02
N ASN A 75 -8.64 -5.88 -14.82
CA ASN A 75 -8.49 -4.96 -13.69
C ASN A 75 -7.22 -4.13 -13.83
N GLU A 76 -7.19 -2.98 -13.17
CA GLU A 76 -6.03 -2.10 -13.23
C GLU A 76 -5.19 -2.22 -11.95
N ILE A 77 -3.99 -2.74 -12.11
CA ILE A 77 -3.08 -2.92 -10.98
C ILE A 77 -2.65 -1.57 -10.41
N LYS A 78 -2.22 -1.57 -9.15
CA LYS A 78 -1.76 -0.35 -8.49
C LYS A 78 -0.32 -0.50 -8.02
N LEU A 79 0.52 0.45 -8.42
CA LEU A 79 1.93 0.43 -8.05
C LEU A 79 2.18 1.33 -6.84
N GLU A 80 2.96 0.83 -5.89
CA GLU A 80 3.28 1.60 -4.69
C GLU A 80 4.64 1.18 -4.13
N LYS A 81 5.14 1.96 -3.17
CA LYS A 81 6.42 1.67 -2.54
C LYS A 81 6.24 1.17 -1.12
N PRO A 82 6.96 0.09 -0.78
CA PRO A 82 6.89 -0.52 0.56
C PRO A 82 7.52 0.37 1.63
N LYS A 83 7.68 -0.18 2.83
CA LYS A 83 8.26 0.56 3.94
C LYS A 83 9.77 0.68 3.78
N GLY A 84 10.32 1.80 4.25
CA GLY A 84 11.75 2.03 4.14
C GLY A 84 12.33 2.63 5.39
N LYS A 85 13.50 3.27 5.26
CA LYS A 85 14.17 3.90 6.39
C LYS A 85 15.07 5.04 5.93
N ASP A 86 14.87 6.22 6.53
CA ASP A 86 15.67 7.38 6.17
C ASP A 86 15.40 8.53 7.14
N SER A 87 16.39 9.40 7.31
CA SER A 87 16.26 10.54 8.22
C SER A 87 15.06 11.40 7.83
N LYS A 88 14.67 11.32 6.57
CA LYS A 88 13.53 12.09 6.07
C LYS A 88 12.23 11.62 6.72
N LYS A 89 12.25 10.40 7.25
CA LYS A 89 11.07 9.84 7.90
C LYS A 89 10.67 10.68 9.11
N GLU A 90 11.59 11.50 9.58
CA GLU A 90 11.33 12.36 10.74
C GLU A 90 10.02 13.12 10.56
N ARG A 91 9.95 13.94 9.51
CA ARG A 91 8.76 14.72 9.22
C ARG A 91 7.75 13.92 8.41
N ASP A 92 8.26 13.01 7.58
CA ASP A 92 7.40 12.17 6.75
C ASP A 92 6.54 11.26 7.62
N ALA A 93 6.91 11.13 8.89
CA ALA A 93 6.16 10.29 9.83
C ALA A 93 4.98 11.04 10.42
N ARG A 94 4.92 12.34 10.15
CA ARG A 94 3.83 13.18 10.67
C ARG A 94 2.47 12.54 10.38
N THR A 95 2.39 11.82 9.26
CA THR A 95 1.15 11.16 8.87
C THR A 95 1.23 9.66 9.07
N LEU A 96 0.17 9.09 9.63
CA LEU A 96 0.13 7.65 9.88
C LEU A 96 -0.77 6.95 8.87
N LEU A 97 -0.60 5.63 8.75
CA LEU A 97 -1.40 4.85 7.81
C LEU A 97 -2.13 3.72 8.54
N ALA A 98 -3.34 3.41 8.07
CA ALA A 98 -4.14 2.35 8.67
C ALA A 98 -4.45 1.25 7.66
N LYS A 99 -4.48 0.01 8.14
CA LYS A 99 -4.76 -1.13 7.28
C LYS A 99 -5.68 -2.13 7.98
N ASN A 100 -6.09 -3.16 7.24
CA ASN A 100 -6.97 -4.18 7.80
C ASN A 100 -8.36 -3.61 8.09
N LEU A 101 -8.83 -2.74 7.20
CA LEU A 101 -10.15 -2.13 7.36
C LEU A 101 -11.15 -2.73 6.37
N PRO A 102 -12.41 -2.84 6.82
CA PRO A 102 -13.49 -3.38 5.99
C PRO A 102 -13.87 -2.45 4.85
N TYR A 103 -14.60 -3.00 3.87
CA TYR A 103 -15.03 -2.21 2.71
C TYR A 103 -16.16 -1.26 3.09
N LYS A 104 -16.63 -1.37 4.33
CA LYS A 104 -17.71 -0.51 4.82
C LYS A 104 -17.19 0.46 5.87
N VAL A 105 -15.91 0.35 6.20
CA VAL A 105 -15.29 1.23 7.19
C VAL A 105 -15.47 2.69 6.80
N THR A 106 -15.39 3.57 7.80
CA THR A 106 -15.54 5.00 7.57
C THR A 106 -14.51 5.79 8.37
N GLN A 107 -14.45 7.10 8.11
CA GLN A 107 -13.51 7.96 8.81
C GLN A 107 -13.76 7.95 10.31
N ASP A 108 -14.97 8.34 10.71
CA ASP A 108 -15.33 8.36 12.12
C ASP A 108 -15.01 7.04 12.80
N GLU A 109 -15.21 5.94 12.07
CA GLU A 109 -14.94 4.61 12.60
C GLU A 109 -13.54 4.53 13.18
N LEU A 110 -12.54 4.71 12.33
CA LEU A 110 -11.14 4.66 12.76
C LEU A 110 -10.85 5.76 13.77
N LYS A 111 -11.59 6.86 13.67
CA LYS A 111 -11.41 7.99 14.57
C LYS A 111 -11.77 7.61 16.00
N GLU A 112 -12.43 6.46 16.16
CA GLU A 112 -12.82 5.97 17.48
C GLU A 112 -11.59 5.74 18.36
N VAL A 113 -10.43 5.63 17.73
CA VAL A 113 -9.19 5.39 18.46
C VAL A 113 -8.33 6.65 18.48
N PHE A 114 -8.18 7.29 17.33
CA PHE A 114 -7.39 8.51 17.22
C PHE A 114 -8.27 9.73 17.07
N GLU A 115 -9.38 9.75 17.81
CA GLU A 115 -10.32 10.87 17.76
C GLU A 115 -9.62 12.18 18.08
N ASP A 116 -8.56 12.09 18.87
CA ASP A 116 -7.80 13.28 19.26
C ASP A 116 -6.86 13.72 18.13
N ALA A 117 -6.73 12.87 17.12
CA ALA A 117 -5.87 13.17 15.98
C ALA A 117 -6.19 14.55 15.40
N ALA A 118 -5.31 15.04 14.54
CA ALA A 118 -5.49 16.34 13.91
C ALA A 118 -6.52 16.27 12.79
N GLU A 119 -6.21 15.48 11.76
CA GLU A 119 -7.11 15.33 10.62
C GLU A 119 -7.20 13.87 10.19
N ILE A 120 -8.31 13.51 9.54
CA ILE A 120 -8.51 12.15 9.07
C ILE A 120 -8.85 12.12 7.58
N ARG A 121 -8.28 11.16 6.88
CA ARG A 121 -8.53 11.02 5.44
C ARG A 121 -8.63 9.56 5.05
N LEU A 122 -9.85 9.11 4.75
CA LEU A 122 -10.09 7.73 4.35
C LEU A 122 -9.91 7.56 2.85
N VAL A 123 -9.67 6.32 2.43
CA VAL A 123 -9.48 6.02 1.01
C VAL A 123 -10.56 5.05 0.51
N SER A 124 -11.55 5.59 -0.19
CA SER A 124 -12.63 4.79 -0.73
C SER A 124 -12.96 5.18 -2.16
N LYS A 125 -13.32 4.19 -2.97
CA LYS A 125 -13.66 4.44 -4.37
C LYS A 125 -14.95 3.73 -4.75
N ASP A 126 -15.71 4.33 -5.65
CA ASP A 126 -16.96 3.75 -6.11
C ASP A 126 -17.98 3.68 -4.97
N GLY A 127 -17.69 4.40 -3.89
CA GLY A 127 -18.58 4.39 -2.74
C GLY A 127 -18.31 3.24 -1.79
N LYS A 128 -17.04 2.84 -1.70
CA LYS A 128 -16.66 1.74 -0.82
C LYS A 128 -15.18 1.85 -0.44
N SER A 129 -14.85 1.39 0.77
CA SER A 129 -13.47 1.43 1.25
C SER A 129 -12.57 0.56 0.39
N LYS A 130 -11.27 0.82 0.47
CA LYS A 130 -10.29 0.07 -0.32
C LYS A 130 -9.39 -0.75 0.60
N GLY A 131 -9.50 -0.52 1.91
CA GLY A 131 -8.69 -1.24 2.86
C GLY A 131 -7.51 -0.42 3.37
N ILE A 132 -7.72 0.88 3.51
CA ILE A 132 -6.67 1.77 3.99
C ILE A 132 -7.26 3.05 4.59
N ALA A 133 -6.43 3.81 5.29
CA ALA A 133 -6.87 5.06 5.90
C ALA A 133 -5.67 5.92 6.30
N TYR A 134 -5.57 7.09 5.70
CA TYR A 134 -4.48 8.01 6.00
C TYR A 134 -4.92 9.09 6.98
N ILE A 135 -4.10 9.33 8.00
CA ILE A 135 -4.39 10.33 9.01
C ILE A 135 -3.18 11.21 9.29
N GLU A 136 -3.41 12.52 9.32
CA GLU A 136 -2.33 13.47 9.58
C GLU A 136 -2.39 13.98 11.01
N PHE A 137 -1.49 13.49 11.86
CA PHE A 137 -1.45 13.90 13.26
C PHE A 137 -0.74 15.24 13.41
N LYS A 138 -0.75 15.78 14.63
CA LYS A 138 -0.11 17.06 14.90
C LYS A 138 1.40 16.91 14.95
N THR A 139 1.86 15.74 15.41
CA THR A 139 3.29 15.47 15.51
C THR A 139 3.57 13.98 15.51
N GLU A 140 4.66 13.59 14.86
CA GLU A 140 5.03 12.18 14.79
C GLU A 140 5.09 11.55 16.18
N ALA A 141 5.31 12.39 17.19
CA ALA A 141 5.38 11.91 18.56
C ALA A 141 4.00 11.56 19.09
N ASP A 142 2.99 12.33 18.69
CA ASP A 142 1.62 12.10 19.12
C ASP A 142 0.94 11.07 18.22
N ALA A 143 1.48 10.90 17.02
CA ALA A 143 0.92 9.94 16.07
C ALA A 143 1.45 8.53 16.32
N GLU A 144 2.77 8.39 16.22
CA GLU A 144 3.41 7.08 16.44
C GLU A 144 3.12 6.57 17.84
N LYS A 145 2.75 7.49 18.74
CA LYS A 145 2.45 7.12 20.11
C LYS A 145 0.98 6.72 20.27
N THR A 146 0.15 7.20 19.36
CA THR A 146 -1.28 6.89 19.39
C THR A 146 -1.58 5.60 18.64
N PHE A 147 -0.93 5.43 17.48
CA PHE A 147 -1.14 4.24 16.67
C PHE A 147 -0.45 3.02 17.30
N GLU A 148 0.53 3.28 18.16
CA GLU A 148 1.25 2.22 18.84
C GLU A 148 0.54 1.79 20.12
N GLU A 149 -0.28 2.69 20.66
CA GLU A 149 -1.02 2.40 21.88
C GLU A 149 -2.46 2.00 21.56
N LYS A 150 -3.04 2.66 20.57
CA LYS A 150 -4.41 2.38 20.16
C LYS A 150 -4.48 1.09 19.35
N GLN A 151 -3.43 0.82 18.59
CA GLN A 151 -3.37 -0.39 17.75
C GLN A 151 -3.92 -1.59 18.52
N GLY A 152 -4.85 -2.30 17.89
CA GLY A 152 -5.44 -3.47 18.53
C GLY A 152 -6.93 -3.31 18.77
N THR A 153 -7.48 -2.17 18.34
CA THR A 153 -8.90 -1.90 18.53
C THR A 153 -9.76 -2.79 17.62
N GLU A 154 -11.04 -2.87 17.93
CA GLU A 154 -11.96 -3.68 17.14
C GLU A 154 -12.98 -2.80 16.42
N ILE A 155 -13.05 -2.95 15.10
CA ILE A 155 -13.97 -2.18 14.30
C ILE A 155 -14.69 -3.06 13.28
N ASP A 156 -16.02 -2.98 13.26
CA ASP A 156 -16.83 -3.77 12.34
C ASP A 156 -16.69 -5.25 12.63
N GLY A 157 -16.25 -5.57 13.85
CA GLY A 157 -16.10 -6.96 14.25
C GLY A 157 -14.67 -7.44 14.10
N ARG A 158 -13.94 -6.84 13.17
CA ARG A 158 -12.54 -7.21 12.93
C ARG A 158 -11.59 -6.29 13.71
N SER A 159 -10.31 -6.61 13.65
CA SER A 159 -9.30 -5.83 14.35
C SER A 159 -8.41 -5.07 13.36
N ILE A 160 -8.63 -3.77 13.26
CA ILE A 160 -7.85 -2.92 12.35
C ILE A 160 -6.43 -2.73 12.86
N SER A 161 -5.47 -2.73 11.94
CA SER A 161 -4.07 -2.56 12.30
C SER A 161 -3.67 -1.09 12.22
N LEU A 162 -2.41 -0.81 12.51
CA LEU A 162 -1.89 0.55 12.46
C LEU A 162 -0.40 0.57 12.14
N TYR A 163 -0.02 1.41 11.17
CA TYR A 163 1.37 1.51 10.76
C TYR A 163 1.70 2.94 10.35
N TYR A 164 2.99 3.22 10.16
CA TYR A 164 3.45 4.55 9.76
C TYR A 164 4.16 4.49 8.42
N THR A 165 3.91 5.50 7.58
CA THR A 165 4.53 5.56 6.26
C THR A 165 4.38 6.96 5.66
N GLY A 166 5.49 7.54 5.24
CA GLY A 166 5.46 8.87 4.64
C GLY A 166 5.82 8.85 3.17
N GLU A 167 6.12 7.66 2.65
CA GLU A 167 6.49 7.51 1.25
C GLU A 167 7.79 8.27 0.95
N PRO A 168 8.44 7.89 -0.16
CA PRO A 168 9.71 8.51 -0.58
C PRO A 168 9.50 9.95 -1.07
N LYS A 169 10.59 10.56 -1.53
CA LYS A 169 10.53 11.93 -2.02
C LYS A 169 9.65 12.03 -3.26
N GLY A 170 9.53 13.24 -3.80
CA GLY A 170 8.72 13.45 -4.99
C GLY A 170 7.31 13.90 -4.65
N GLU A 171 6.89 13.67 -3.40
CA GLU A 171 5.56 14.05 -2.96
C GLU A 171 5.32 15.53 -3.18
N GLY A 172 6.30 16.36 -2.82
CA GLY A 172 6.18 17.79 -2.99
C GLY A 172 7.16 18.34 -4.03
N LEU A 173 8.23 17.60 -4.27
CA LEU A 173 9.24 18.02 -5.23
C LEU A 173 8.65 18.09 -6.63
N GLU A 174 8.06 16.98 -7.07
CA GLU A 174 7.45 16.92 -8.40
C GLU A 174 6.12 17.66 -8.43
N GLY A 1 21.14 -15.23 -1.63
CA GLY A 1 21.49 -14.06 -0.84
C GLY A 1 20.71 -12.83 -1.26
N THR A 2 20.95 -12.36 -2.48
CA THR A 2 20.27 -11.18 -3.00
C THR A 2 18.97 -11.56 -3.70
N GLU A 3 17.85 -11.43 -2.98
CA GLU A 3 16.56 -11.77 -3.55
C GLU A 3 16.32 -11.04 -4.86
N PRO A 4 16.35 -9.70 -4.81
CA PRO A 4 16.15 -8.86 -5.99
C PRO A 4 17.32 -8.93 -6.97
N THR A 5 17.04 -8.74 -8.25
CA THR A 5 18.06 -8.78 -9.28
C THR A 5 18.58 -7.39 -9.61
N THR A 6 17.67 -6.42 -9.73
CA THR A 6 18.05 -5.05 -10.03
C THR A 6 17.62 -4.11 -8.91
N ALA A 7 18.03 -2.84 -9.03
CA ALA A 7 17.69 -1.85 -8.03
C ALA A 7 16.30 -1.27 -8.28
N PHE A 8 15.71 -1.62 -9.41
CA PHE A 8 14.38 -1.14 -9.77
C PHE A 8 13.30 -2.11 -9.30
N ASN A 9 12.61 -1.75 -8.23
CA ASN A 9 11.55 -2.58 -7.68
C ASN A 9 10.48 -1.73 -7.00
N LEU A 10 9.27 -2.29 -6.92
CA LEU A 10 8.15 -1.58 -6.29
C LEU A 10 7.33 -2.53 -5.42
N PHE A 11 6.64 -1.96 -4.43
CA PHE A 11 5.82 -2.75 -3.54
C PHE A 11 4.41 -2.93 -4.10
N VAL A 12 4.02 -4.17 -4.34
CA VAL A 12 2.70 -4.48 -4.88
C VAL A 12 1.82 -5.16 -3.83
N GLY A 13 0.51 -5.13 -4.07
CA GLY A 13 -0.41 -5.75 -3.14
C GLY A 13 -1.68 -6.24 -3.81
N ASN A 14 -2.58 -6.82 -3.04
CA ASN A 14 -3.83 -7.33 -3.57
C ASN A 14 -3.57 -8.29 -4.73
N LEU A 15 -2.80 -9.34 -4.47
CA LEU A 15 -2.47 -10.32 -5.49
C LEU A 15 -3.32 -11.58 -5.33
N ASN A 16 -4.29 -11.51 -4.44
CA ASN A 16 -5.17 -12.65 -4.17
C ASN A 16 -4.40 -13.81 -3.55
N PHE A 17 -4.94 -14.35 -2.46
CA PHE A 17 -4.30 -15.47 -1.77
C PHE A 17 -5.12 -16.75 -1.94
N ASN A 18 -5.11 -17.28 -3.15
CA ASN A 18 -5.84 -18.50 -3.45
C ASN A 18 -4.97 -19.48 -4.23
N LYS A 19 -4.19 -18.96 -5.16
CA LYS A 19 -3.31 -19.77 -5.99
C LYS A 19 -1.98 -20.02 -5.28
N SER A 20 -1.07 -20.71 -5.96
CA SER A 20 0.25 -21.01 -5.40
C SER A 20 1.10 -19.75 -5.32
N ALA A 21 2.17 -19.81 -4.52
CA ALA A 21 3.06 -18.67 -4.36
C ALA A 21 3.67 -18.26 -5.70
N PRO A 22 4.37 -19.21 -6.35
CA PRO A 22 5.02 -18.97 -7.64
C PRO A 22 4.01 -18.80 -8.78
N GLU A 23 2.74 -19.06 -8.47
CA GLU A 23 1.69 -18.93 -9.46
C GLU A 23 1.20 -17.49 -9.56
N LEU A 24 1.50 -16.69 -8.54
CA LEU A 24 1.11 -15.29 -8.52
C LEU A 24 2.08 -14.43 -9.31
N LYS A 25 3.35 -14.81 -9.28
CA LYS A 25 4.40 -14.07 -10.00
C LYS A 25 4.07 -13.97 -11.49
N THR A 26 3.67 -15.10 -12.06
CA THR A 26 3.33 -15.16 -13.48
C THR A 26 2.30 -14.08 -13.84
N GLY A 27 1.13 -14.15 -13.23
CA GLY A 27 0.09 -13.18 -13.49
C GLY A 27 0.58 -11.75 -13.32
N ILE A 28 1.19 -11.48 -12.17
CA ILE A 28 1.71 -10.15 -11.88
C ILE A 28 2.58 -9.62 -13.03
N SER A 29 3.53 -10.45 -13.46
CA SER A 29 4.42 -10.08 -14.55
C SER A 29 3.70 -10.10 -15.89
N ASP A 30 2.56 -10.80 -15.92
CA ASP A 30 1.77 -10.89 -17.15
C ASP A 30 1.09 -9.56 -17.45
N VAL A 31 0.25 -9.10 -16.54
CA VAL A 31 -0.47 -7.84 -16.71
C VAL A 31 0.48 -6.73 -17.15
N PHE A 32 1.63 -6.65 -16.49
CA PHE A 32 2.63 -5.63 -16.80
C PHE A 32 3.09 -5.75 -18.25
N ALA A 33 3.22 -6.99 -18.72
CA ALA A 33 3.66 -7.25 -20.08
C ALA A 33 2.68 -6.65 -21.10
N LYS A 34 1.42 -6.51 -20.69
CA LYS A 34 0.40 -5.95 -21.56
C LYS A 34 0.53 -4.43 -21.65
N ASN A 35 1.14 -3.84 -20.63
CA ASN A 35 1.34 -2.39 -20.59
C ASN A 35 2.72 -2.02 -21.12
N ASP A 36 3.29 -2.89 -21.93
CA ASP A 36 4.62 -2.65 -22.51
C ASP A 36 5.68 -2.59 -21.42
N LEU A 37 5.44 -3.32 -20.33
CA LEU A 37 6.38 -3.36 -19.21
C LEU A 37 7.08 -4.70 -19.13
N ALA A 38 8.39 -4.67 -18.87
CA ALA A 38 9.17 -5.90 -18.76
C ALA A 38 9.76 -6.04 -17.36
N VAL A 39 9.45 -7.16 -16.72
CA VAL A 39 9.95 -7.43 -15.37
C VAL A 39 11.09 -8.44 -15.40
N VAL A 40 12.01 -8.33 -14.44
CA VAL A 40 13.14 -9.24 -14.35
C VAL A 40 12.88 -10.34 -13.33
N ASP A 41 12.18 -9.98 -12.26
CA ASP A 41 11.87 -10.94 -11.20
C ASP A 41 10.73 -10.41 -10.32
N VAL A 42 9.88 -11.33 -9.85
CA VAL A 42 8.77 -10.96 -9.00
C VAL A 42 8.79 -11.74 -7.69
N ARG A 43 8.45 -11.07 -6.60
CA ARG A 43 8.45 -11.70 -5.29
C ARG A 43 7.06 -11.59 -4.64
N ILE A 44 6.67 -12.63 -3.92
CA ILE A 44 5.36 -12.65 -3.25
C ILE A 44 5.52 -12.97 -1.76
N GLY A 45 4.85 -12.18 -0.93
CA GLY A 45 4.91 -12.40 0.51
C GLY A 45 4.45 -13.78 0.90
N MET A 46 4.36 -14.02 2.21
CA MET A 46 3.93 -15.32 2.72
C MET A 46 2.40 -15.43 2.70
N THR A 47 1.73 -14.29 2.86
CA THR A 47 0.27 -14.27 2.85
C THR A 47 -0.27 -14.40 1.44
N ARG A 48 0.61 -14.33 0.45
CA ARG A 48 0.22 -14.44 -0.94
C ARG A 48 -0.79 -13.37 -1.31
N LYS A 49 -0.79 -12.27 -0.56
CA LYS A 49 -1.71 -11.17 -0.80
C LYS A 49 -0.97 -9.94 -1.31
N PHE A 50 0.35 -9.97 -1.20
CA PHE A 50 1.17 -8.86 -1.64
C PHE A 50 2.59 -9.33 -2.00
N GLY A 51 3.42 -8.40 -2.46
CA GLY A 51 4.78 -8.74 -2.82
C GLY A 51 5.52 -7.58 -3.46
N TYR A 52 6.49 -7.90 -4.30
CA TYR A 52 7.28 -6.88 -4.98
C TYR A 52 7.50 -7.24 -6.45
N VAL A 53 7.82 -6.24 -7.26
CA VAL A 53 8.07 -6.45 -8.69
C VAL A 53 9.31 -5.72 -9.15
N ASP A 54 10.21 -6.45 -9.82
CA ASP A 54 11.44 -5.85 -10.32
C ASP A 54 11.37 -5.65 -11.83
N PHE A 55 11.94 -4.54 -12.29
CA PHE A 55 11.94 -4.22 -13.71
C PHE A 55 13.36 -4.11 -14.25
N GLU A 56 13.54 -4.39 -15.53
CA GLU A 56 14.85 -4.32 -16.16
C GLU A 56 15.46 -2.92 -16.01
N SER A 57 14.61 -1.90 -16.07
CA SER A 57 15.07 -0.52 -15.94
C SER A 57 14.08 0.29 -15.09
N ALA A 58 14.54 1.45 -14.63
CA ALA A 58 13.71 2.32 -13.82
C ALA A 58 12.51 2.84 -14.60
N GLU A 59 12.64 2.89 -15.92
CA GLU A 59 11.58 3.36 -16.78
C GLU A 59 10.32 2.51 -16.61
N ASP A 60 10.44 1.22 -16.85
CA ASP A 60 9.31 0.30 -16.72
C ASP A 60 8.79 0.30 -15.28
N LEU A 61 9.66 0.63 -14.33
CA LEU A 61 9.28 0.66 -12.93
C LEU A 61 8.35 1.83 -12.64
N GLU A 62 8.76 3.03 -13.06
CA GLU A 62 7.95 4.22 -12.84
C GLU A 62 6.68 4.18 -13.68
N LYS A 63 6.78 3.61 -14.88
CA LYS A 63 5.63 3.50 -15.77
C LYS A 63 4.45 2.83 -15.06
N ALA A 64 4.75 1.75 -14.34
CA ALA A 64 3.71 1.03 -13.62
C ALA A 64 3.14 1.87 -12.48
N LEU A 65 3.87 2.90 -12.09
CA LEU A 65 3.44 3.78 -11.01
C LEU A 65 2.57 4.91 -11.54
N GLU A 66 2.50 5.02 -12.87
CA GLU A 66 1.70 6.06 -13.51
C GLU A 66 0.52 5.44 -14.26
N LEU A 67 0.82 4.44 -15.08
CA LEU A 67 -0.21 3.76 -15.86
C LEU A 67 -1.29 3.17 -14.96
N THR A 68 -2.32 2.59 -15.56
CA THR A 68 -3.40 1.99 -14.82
C THR A 68 -3.95 0.75 -15.54
N GLY A 69 -4.95 0.11 -14.93
CA GLY A 69 -5.55 -1.07 -15.53
C GLY A 69 -4.73 -2.32 -15.26
N LEU A 70 -4.36 -2.54 -14.01
CA LEU A 70 -3.58 -3.70 -13.62
C LEU A 70 -4.36 -4.59 -12.67
N LYS A 71 -4.56 -5.85 -13.05
CA LYS A 71 -5.28 -6.81 -12.22
C LYS A 71 -4.75 -8.22 -12.43
N VAL A 72 -4.89 -9.06 -11.40
CA VAL A 72 -4.42 -10.44 -11.47
C VAL A 72 -5.40 -11.38 -10.79
N PHE A 73 -5.75 -12.46 -11.48
CA PHE A 73 -6.68 -13.44 -10.93
C PHE A 73 -8.00 -12.79 -10.56
N GLY A 74 -8.40 -11.79 -11.32
CA GLY A 74 -9.65 -11.09 -11.05
C GLY A 74 -9.46 -9.91 -10.11
N ASN A 75 -8.68 -10.12 -9.06
CA ASN A 75 -8.42 -9.07 -8.08
C ASN A 75 -7.45 -8.03 -8.64
N GLU A 76 -7.81 -6.76 -8.49
CA GLU A 76 -6.97 -5.67 -8.98
C GLU A 76 -5.80 -5.42 -8.03
N ILE A 77 -4.59 -5.71 -8.50
CA ILE A 77 -3.40 -5.51 -7.70
C ILE A 77 -3.17 -4.03 -7.41
N LYS A 78 -2.42 -3.75 -6.34
CA LYS A 78 -2.12 -2.39 -5.95
C LYS A 78 -0.62 -2.11 -6.00
N LEU A 79 -0.23 -1.11 -6.78
CA LEU A 79 1.17 -0.75 -6.91
C LEU A 79 1.54 0.37 -5.94
N GLU A 80 2.69 0.23 -5.29
CA GLU A 80 3.16 1.23 -4.34
C GLU A 80 4.68 1.22 -4.24
N LYS A 81 5.22 2.07 -3.37
CA LYS A 81 6.66 2.15 -3.17
C LYS A 81 7.04 1.69 -1.77
N PRO A 82 8.18 0.98 -1.66
CA PRO A 82 8.68 0.47 -0.38
C PRO A 82 9.18 1.59 0.52
N LYS A 83 9.82 1.21 1.62
CA LYS A 83 10.35 2.17 2.58
C LYS A 83 11.43 1.54 3.45
N GLY A 84 12.38 2.36 3.89
CA GLY A 84 13.46 1.87 4.72
C GLY A 84 13.21 2.10 6.19
N LYS A 85 14.28 2.08 6.99
CA LYS A 85 14.16 2.29 8.42
C LYS A 85 15.17 3.32 8.91
N ASP A 86 15.03 4.55 8.42
CA ASP A 86 15.92 5.64 8.80
C ASP A 86 15.56 6.19 10.17
N SER A 87 16.31 7.19 10.62
CA SER A 87 16.07 7.80 11.93
C SER A 87 14.94 8.82 11.84
N LYS A 88 14.75 9.38 10.65
CA LYS A 88 13.69 10.36 10.43
C LYS A 88 12.33 9.81 10.84
N LYS A 89 12.20 8.49 10.81
CA LYS A 89 10.95 7.84 11.18
C LYS A 89 10.53 8.23 12.59
N GLU A 90 11.50 8.62 13.41
CA GLU A 90 11.22 9.03 14.79
C GLU A 90 10.17 10.12 14.83
N ARG A 91 10.47 11.26 14.20
CA ARG A 91 9.56 12.38 14.18
C ARG A 91 8.50 12.20 13.08
N ASP A 92 8.92 11.60 11.97
CA ASP A 92 8.02 11.37 10.85
C ASP A 92 6.85 10.48 11.26
N ALA A 93 7.04 9.72 12.35
CA ALA A 93 5.99 8.84 12.86
C ALA A 93 4.90 9.62 13.57
N ARG A 94 5.14 10.92 13.77
CA ARG A 94 4.18 11.78 14.44
C ARG A 94 2.79 11.63 13.83
N THR A 95 2.76 11.35 12.53
CA THR A 95 1.50 11.19 11.81
C THR A 95 1.42 9.83 11.12
N LEU A 96 0.26 9.20 11.20
CA LEU A 96 0.06 7.89 10.58
C LEU A 96 -0.75 8.01 9.30
N LEU A 97 -0.62 7.02 8.42
CA LEU A 97 -1.34 7.02 7.15
C LEU A 97 -2.27 5.81 7.06
N ALA A 98 -3.41 6.01 6.41
CA ALA A 98 -4.39 4.94 6.25
C ALA A 98 -4.47 4.49 4.79
N LYS A 99 -4.38 3.17 4.58
CA LYS A 99 -4.44 2.61 3.24
C LYS A 99 -5.46 1.48 3.17
N ASN A 100 -5.68 0.96 1.97
CA ASN A 100 -6.62 -0.13 1.76
C ASN A 100 -8.05 0.32 2.07
N LEU A 101 -8.24 1.63 2.16
CA LEU A 101 -9.56 2.19 2.45
C LEU A 101 -10.42 2.24 1.20
N PRO A 102 -11.71 1.93 1.36
CA PRO A 102 -12.67 1.92 0.26
C PRO A 102 -12.97 3.33 -0.27
N TYR A 103 -13.53 3.41 -1.46
CA TYR A 103 -13.86 4.69 -2.07
C TYR A 103 -15.05 5.33 -1.37
N LYS A 104 -15.69 4.58 -0.47
CA LYS A 104 -16.84 5.08 0.28
C LYS A 104 -16.54 5.13 1.76
N VAL A 105 -15.25 5.14 2.11
CA VAL A 105 -14.83 5.18 3.51
C VAL A 105 -15.05 6.57 4.10
N THR A 106 -15.06 6.64 5.43
CA THR A 106 -15.26 7.91 6.12
C THR A 106 -14.36 8.02 7.34
N GLN A 107 -13.99 9.25 7.68
CA GLN A 107 -13.12 9.50 8.83
C GLN A 107 -13.57 8.68 10.04
N ASP A 108 -14.87 8.69 10.30
CA ASP A 108 -15.42 7.94 11.43
C ASP A 108 -15.13 6.46 11.30
N GLU A 109 -15.35 5.92 10.10
CA GLU A 109 -15.11 4.51 9.84
C GLU A 109 -13.74 4.09 10.36
N LEU A 110 -12.75 4.94 10.17
CA LEU A 110 -11.39 4.66 10.61
C LEU A 110 -11.20 5.08 12.06
N LYS A 111 -11.99 6.04 12.51
CA LYS A 111 -11.92 6.54 13.88
C LYS A 111 -12.39 5.47 14.86
N GLU A 112 -13.00 4.41 14.33
CA GLU A 112 -13.49 3.32 15.17
C GLU A 112 -12.33 2.59 15.85
N VAL A 113 -11.12 2.82 15.36
CA VAL A 113 -9.94 2.18 15.93
C VAL A 113 -9.08 3.19 16.70
N PHE A 114 -8.83 4.33 16.07
CA PHE A 114 -8.02 5.38 16.69
C PHE A 114 -8.90 6.52 17.18
N GLU A 115 -10.09 6.18 17.68
CA GLU A 115 -11.02 7.18 18.18
C GLU A 115 -10.38 8.02 19.28
N ASP A 116 -9.36 7.47 19.92
CA ASP A 116 -8.65 8.17 20.99
C ASP A 116 -7.42 8.90 20.45
N ALA A 117 -7.39 9.10 19.13
CA ALA A 117 -6.28 9.79 18.50
C ALA A 117 -6.40 11.30 18.66
N ALA A 118 -5.35 12.02 18.29
CA ALA A 118 -5.34 13.48 18.40
C ALA A 118 -6.30 14.11 17.39
N GLU A 119 -6.05 13.88 16.11
CA GLU A 119 -6.89 14.43 15.06
C GLU A 119 -6.99 13.47 13.88
N ILE A 120 -7.97 13.69 13.02
CA ILE A 120 -8.17 12.85 11.84
C ILE A 120 -8.40 13.69 10.59
N ARG A 121 -7.79 13.27 9.48
CA ARG A 121 -7.94 13.97 8.22
C ARG A 121 -8.07 13.00 7.06
N LEU A 122 -9.27 12.90 6.51
CA LEU A 122 -9.53 11.99 5.39
C LEU A 122 -9.27 12.69 4.05
N VAL A 123 -8.73 11.95 3.09
CA VAL A 123 -8.44 12.50 1.78
C VAL A 123 -9.54 12.15 0.79
N SER A 124 -10.14 13.19 0.19
CA SER A 124 -11.21 13.00 -0.77
C SER A 124 -11.32 14.19 -1.72
N LYS A 125 -11.37 13.92 -3.01
CA LYS A 125 -11.47 14.97 -4.01
C LYS A 125 -12.54 14.63 -5.05
N ASP A 126 -13.02 15.65 -5.76
CA ASP A 126 -14.04 15.46 -6.79
C ASP A 126 -15.33 14.92 -6.18
N GLY A 127 -15.46 15.06 -4.86
CA GLY A 127 -16.64 14.58 -4.18
C GLY A 127 -16.62 13.08 -3.95
N LYS A 128 -15.43 12.51 -3.88
CA LYS A 128 -15.28 11.07 -3.67
C LYS A 128 -14.00 10.77 -2.89
N SER A 129 -13.95 9.60 -2.28
CA SER A 129 -12.79 9.19 -1.49
C SER A 129 -11.67 8.69 -2.41
N LYS A 130 -10.43 8.98 -2.02
CA LYS A 130 -9.27 8.58 -2.79
C LYS A 130 -8.81 7.18 -2.38
N GLY A 131 -9.18 6.77 -1.18
CA GLY A 131 -8.80 5.46 -0.68
C GLY A 131 -7.74 5.54 0.40
N ILE A 132 -7.54 6.73 0.94
CA ILE A 132 -6.55 6.94 2.00
C ILE A 132 -7.06 7.92 3.05
N ALA A 133 -6.39 7.97 4.19
CA ALA A 133 -6.77 8.86 5.27
C ALA A 133 -5.60 9.12 6.21
N TYR A 134 -5.24 10.39 6.36
CA TYR A 134 -4.13 10.77 7.22
C TYR A 134 -4.62 11.04 8.64
N ILE A 135 -3.83 10.60 9.63
CA ILE A 135 -4.19 10.80 11.03
C ILE A 135 -2.99 11.32 11.82
N GLU A 136 -3.21 12.41 12.55
CA GLU A 136 -2.14 13.00 13.36
C GLU A 136 -2.31 12.64 14.83
N PHE A 137 -1.48 11.72 15.30
CA PHE A 137 -1.54 11.27 16.69
C PHE A 137 -0.86 12.28 17.61
N LYS A 138 -1.00 12.09 18.91
CA LYS A 138 -0.41 12.98 19.90
C LYS A 138 1.10 12.76 19.99
N THR A 139 1.52 11.49 19.96
CA THR A 139 2.93 11.15 20.04
C THR A 139 3.22 9.87 19.27
N GLU A 140 4.44 9.75 18.77
CA GLU A 140 4.86 8.57 18.02
C GLU A 140 4.63 7.30 18.83
N ALA A 141 4.64 7.44 20.15
CA ALA A 141 4.44 6.31 21.04
C ALA A 141 3.01 5.76 20.92
N ASP A 142 2.05 6.67 20.73
CA ASP A 142 0.65 6.29 20.61
C ASP A 142 0.32 5.88 19.17
N ALA A 143 0.95 6.56 18.22
CA ALA A 143 0.73 6.27 16.81
C ALA A 143 1.41 4.97 16.40
N GLU A 144 2.73 4.91 16.58
CA GLU A 144 3.50 3.73 16.22
C GLU A 144 2.94 2.49 16.93
N LYS A 145 2.30 2.72 18.07
CA LYS A 145 1.72 1.62 18.84
C LYS A 145 0.31 1.30 18.35
N THR A 146 -0.56 2.30 18.34
CA THR A 146 -1.93 2.12 17.89
C THR A 146 -1.98 1.43 16.53
N PHE A 147 -0.94 1.62 15.73
CA PHE A 147 -0.86 1.03 14.42
C PHE A 147 -1.16 -0.47 14.48
N GLU A 148 -0.33 -1.20 15.22
CA GLU A 148 -0.50 -2.65 15.35
C GLU A 148 -1.55 -2.96 16.42
N GLU A 149 -1.76 -2.02 17.33
CA GLU A 149 -2.73 -2.20 18.40
C GLU A 149 -4.16 -2.16 17.86
N LYS A 150 -4.31 -1.61 16.66
CA LYS A 150 -5.62 -1.51 16.03
C LYS A 150 -5.64 -2.25 14.70
N GLN A 151 -4.48 -2.34 14.06
CA GLN A 151 -4.37 -3.03 12.78
C GLN A 151 -5.13 -4.35 12.80
N GLY A 152 -6.01 -4.54 11.82
CA GLY A 152 -6.79 -5.76 11.74
C GLY A 152 -8.28 -5.51 11.90
N THR A 153 -8.66 -4.24 12.01
CA THR A 153 -10.05 -3.86 12.18
C THR A 153 -10.82 -4.04 10.87
N GLU A 154 -12.14 -4.04 10.95
CA GLU A 154 -12.99 -4.21 9.77
C GLU A 154 -13.77 -2.93 9.49
N ILE A 155 -13.67 -2.44 8.26
CA ILE A 155 -14.37 -1.22 7.86
C ILE A 155 -14.97 -1.37 6.47
N ASP A 156 -16.27 -1.14 6.37
CA ASP A 156 -16.98 -1.23 5.10
C ASP A 156 -16.97 -2.67 4.59
N GLY A 157 -16.74 -3.62 5.50
CA GLY A 157 -16.71 -5.02 5.12
C GLY A 157 -15.30 -5.53 4.88
N ARG A 158 -14.40 -4.61 4.55
CA ARG A 158 -13.01 -4.97 4.29
C ARG A 158 -12.14 -4.71 5.51
N SER A 159 -10.84 -4.94 5.37
CA SER A 159 -9.89 -4.73 6.46
C SER A 159 -8.94 -3.58 6.14
N ILE A 160 -9.11 -2.46 6.83
CA ILE A 160 -8.26 -1.30 6.62
C ILE A 160 -6.90 -1.49 7.28
N SER A 161 -5.90 -0.80 6.75
CA SER A 161 -4.54 -0.89 7.28
C SER A 161 -3.98 0.50 7.58
N LEU A 162 -2.95 0.53 8.42
CA LEU A 162 -2.32 1.80 8.80
C LEU A 162 -0.80 1.70 8.70
N TYR A 163 -0.16 2.82 8.35
CA TYR A 163 1.29 2.85 8.22
C TYR A 163 1.83 4.23 8.58
N TYR A 164 2.77 4.27 9.52
CA TYR A 164 3.37 5.52 9.96
C TYR A 164 4.26 6.11 8.87
N THR A 165 4.24 7.42 8.74
CA THR A 165 5.05 8.11 7.73
C THR A 165 5.07 9.61 7.99
N GLY A 166 6.12 10.28 7.48
CA GLY A 166 6.24 11.70 7.66
C GLY A 166 7.06 12.36 6.56
N GLU A 167 6.59 12.22 5.32
CA GLU A 167 7.29 12.80 4.18
C GLU A 167 7.59 14.28 4.42
N PRO A 168 8.60 14.80 3.71
CA PRO A 168 9.02 16.20 3.82
C PRO A 168 7.98 17.16 3.23
N LYS A 169 8.02 18.41 3.67
CA LYS A 169 7.09 19.42 3.18
C LYS A 169 7.84 20.52 2.42
N GLY A 170 7.09 21.53 1.98
CA GLY A 170 7.69 22.62 1.24
C GLY A 170 7.57 22.45 -0.26
N GLU A 171 6.58 21.67 -0.68
CA GLU A 171 6.37 21.42 -2.11
C GLU A 171 6.02 22.71 -2.84
N GLY A 172 5.20 23.54 -2.20
CA GLY A 172 4.80 24.80 -2.80
C GLY A 172 4.41 25.84 -1.77
N LEU A 173 4.87 25.65 -0.54
CA LEU A 173 4.56 26.57 0.54
C LEU A 173 5.22 27.93 0.29
N GLU A 174 6.54 27.92 0.13
CA GLU A 174 7.28 29.15 -0.11
C GLU A 174 7.70 29.26 -1.58
N GLY A 1 24.48 -9.04 -4.51
CA GLY A 1 24.48 -8.47 -5.85
C GLY A 1 23.31 -7.53 -6.08
N THR A 2 22.67 -7.66 -7.23
CA THR A 2 21.52 -6.82 -7.58
C THR A 2 20.32 -7.66 -7.99
N GLU A 3 19.31 -7.71 -7.12
CA GLU A 3 18.10 -8.48 -7.40
C GLU A 3 17.51 -8.09 -8.74
N PRO A 4 17.13 -6.80 -8.87
CA PRO A 4 16.54 -6.27 -10.11
C PRO A 4 17.55 -6.20 -11.25
N THR A 5 17.04 -6.14 -12.47
CA THR A 5 17.90 -6.06 -13.65
C THR A 5 17.91 -4.66 -14.23
N THR A 6 16.79 -3.96 -14.10
CA THR A 6 16.66 -2.60 -14.61
C THR A 6 16.51 -1.59 -13.48
N ALA A 7 16.64 -0.32 -13.80
CA ALA A 7 16.51 0.75 -12.81
C ALA A 7 15.05 1.18 -12.67
N PHE A 8 14.19 0.66 -13.55
CA PHE A 8 12.77 1.00 -13.51
C PHE A 8 11.98 -0.05 -12.75
N ASN A 9 11.46 0.34 -11.60
CA ASN A 9 10.68 -0.57 -10.76
C ASN A 9 9.62 0.19 -9.97
N LEU A 10 8.53 -0.49 -9.64
CA LEU A 10 7.45 0.12 -8.88
C LEU A 10 7.05 -0.75 -7.69
N PHE A 11 6.67 -0.11 -6.59
CA PHE A 11 6.27 -0.83 -5.39
C PHE A 11 4.85 -1.35 -5.51
N VAL A 12 4.72 -2.67 -5.59
CA VAL A 12 3.41 -3.31 -5.72
C VAL A 12 2.99 -3.94 -4.41
N GLY A 13 1.68 -4.08 -4.22
CA GLY A 13 1.16 -4.67 -3.00
C GLY A 13 -0.14 -5.43 -3.23
N ASN A 14 -0.66 -6.02 -2.16
CA ASN A 14 -1.91 -6.79 -2.25
C ASN A 14 -1.80 -7.88 -3.31
N LEU A 15 -0.78 -8.71 -3.18
CA LEU A 15 -0.56 -9.80 -4.13
C LEU A 15 -1.06 -11.13 -3.56
N ASN A 16 -1.70 -11.06 -2.40
CA ASN A 16 -2.23 -12.25 -1.76
C ASN A 16 -1.09 -13.17 -1.29
N PHE A 17 -1.23 -13.70 -0.08
CA PHE A 17 -0.22 -14.59 0.48
C PHE A 17 -0.79 -15.99 0.71
N ASN A 18 -1.04 -16.71 -0.39
CA ASN A 18 -1.59 -18.05 -0.30
C ASN A 18 -0.69 -19.05 -1.04
N LYS A 19 -0.12 -18.60 -2.15
CA LYS A 19 0.76 -19.45 -2.96
C LYS A 19 2.21 -19.28 -2.53
N SER A 20 3.12 -19.85 -3.31
CA SER A 20 4.55 -19.76 -3.02
C SER A 20 5.08 -18.37 -3.35
N ALA A 21 6.34 -18.14 -3.00
CA ALA A 21 6.99 -16.85 -3.26
C ALA A 21 7.13 -16.59 -4.76
N PRO A 22 7.86 -17.49 -5.44
CA PRO A 22 8.09 -17.38 -6.88
C PRO A 22 6.82 -17.65 -7.69
N GLU A 23 5.77 -18.08 -7.01
CA GLU A 23 4.51 -18.38 -7.67
C GLU A 23 3.68 -17.11 -7.86
N LEU A 24 4.02 -16.07 -7.11
CA LEU A 24 3.32 -14.80 -7.21
C LEU A 24 3.86 -13.95 -8.36
N LYS A 25 5.16 -14.02 -8.57
CA LYS A 25 5.81 -13.27 -9.65
C LYS A 25 5.14 -13.56 -10.99
N THR A 26 4.72 -14.82 -11.18
CA THR A 26 4.08 -15.22 -12.42
C THR A 26 2.80 -14.41 -12.66
N GLY A 27 1.84 -14.55 -11.74
CA GLY A 27 0.60 -13.83 -11.87
C GLY A 27 0.79 -12.34 -12.05
N ILE A 28 1.66 -11.76 -11.24
CA ILE A 28 1.95 -10.33 -11.30
C ILE A 28 2.36 -9.93 -12.71
N SER A 29 3.34 -10.65 -13.27
CA SER A 29 3.83 -10.35 -14.61
C SER A 29 2.81 -10.76 -15.67
N ASP A 30 1.89 -11.66 -15.28
CA ASP A 30 0.86 -12.13 -16.19
C ASP A 30 -0.16 -11.02 -16.48
N VAL A 31 -0.79 -10.52 -15.43
CA VAL A 31 -1.79 -9.46 -15.57
C VAL A 31 -1.25 -8.31 -16.42
N PHE A 32 0.03 -7.99 -16.23
CA PHE A 32 0.66 -6.91 -16.98
C PHE A 32 0.79 -7.28 -18.46
N ALA A 33 1.04 -8.55 -18.73
CA ALA A 33 1.19 -9.03 -20.10
C ALA A 33 -0.09 -8.79 -20.90
N LYS A 34 -1.22 -8.76 -20.21
CA LYS A 34 -2.50 -8.55 -20.86
C LYS A 34 -2.72 -7.07 -21.15
N ASN A 35 -2.01 -6.22 -20.41
CA ASN A 35 -2.13 -4.78 -20.61
C ASN A 35 -1.01 -4.25 -21.52
N ASP A 36 -0.52 -5.13 -22.38
CA ASP A 36 0.55 -4.75 -23.30
C ASP A 36 1.79 -4.28 -22.56
N LEU A 37 1.96 -4.77 -21.34
CA LEU A 37 3.10 -4.39 -20.51
C LEU A 37 4.11 -5.54 -20.41
N ALA A 38 5.37 -5.24 -20.69
CA ALA A 38 6.42 -6.25 -20.63
C ALA A 38 7.36 -5.98 -19.45
N VAL A 39 7.33 -6.88 -18.47
CA VAL A 39 8.18 -6.75 -17.29
C VAL A 39 9.49 -7.50 -17.47
N VAL A 40 10.58 -6.92 -16.97
CA VAL A 40 11.89 -7.53 -17.07
C VAL A 40 12.17 -8.46 -15.88
N ASP A 41 11.57 -8.12 -14.74
CA ASP A 41 11.74 -8.93 -13.53
C ASP A 41 10.72 -8.54 -12.46
N VAL A 42 10.48 -9.44 -11.52
CA VAL A 42 9.52 -9.19 -10.45
C VAL A 42 10.03 -9.75 -9.12
N ARG A 43 9.83 -8.98 -8.05
CA ARG A 43 10.27 -9.40 -6.72
C ARG A 43 9.10 -9.40 -5.74
N ILE A 44 9.12 -10.34 -4.80
CA ILE A 44 8.06 -10.44 -3.80
C ILE A 44 8.64 -10.44 -2.39
N GLY A 45 8.00 -9.70 -1.50
CA GLY A 45 8.46 -9.62 -0.12
C GLY A 45 8.41 -10.97 0.58
N MET A 46 8.69 -10.97 1.88
CA MET A 46 8.67 -12.20 2.66
C MET A 46 7.25 -12.58 3.05
N THR A 47 6.39 -11.58 3.20
CA THR A 47 5.00 -11.81 3.57
C THR A 47 4.18 -12.26 2.36
N ARG A 48 4.79 -12.20 1.18
CA ARG A 48 4.11 -12.60 -0.05
C ARG A 48 2.84 -11.79 -0.26
N LYS A 49 2.77 -10.63 0.39
CA LYS A 49 1.61 -9.76 0.27
C LYS A 49 1.93 -8.53 -0.59
N PHE A 50 3.23 -8.33 -0.85
CA PHE A 50 3.66 -7.20 -1.66
C PHE A 50 5.00 -7.49 -2.31
N GLY A 51 5.49 -6.55 -3.11
CA GLY A 51 6.76 -6.72 -3.79
C GLY A 51 7.08 -5.58 -4.73
N TYR A 52 7.87 -5.87 -5.77
CA TYR A 52 8.25 -4.86 -6.74
C TYR A 52 8.22 -5.41 -8.16
N VAL A 53 7.91 -4.55 -9.12
CA VAL A 53 7.85 -4.97 -10.52
C VAL A 53 8.78 -4.12 -11.38
N ASP A 54 9.73 -4.77 -12.05
CA ASP A 54 10.67 -4.07 -12.92
C ASP A 54 10.19 -4.06 -14.36
N PHE A 55 10.24 -2.88 -14.99
CA PHE A 55 9.80 -2.74 -16.37
C PHE A 55 10.97 -2.40 -17.27
N GLU A 56 10.87 -2.79 -18.54
CA GLU A 56 11.93 -2.53 -19.51
C GLU A 56 12.29 -1.05 -19.54
N SER A 57 11.26 -0.20 -19.55
CA SER A 57 11.46 1.24 -19.58
C SER A 57 10.42 1.96 -18.73
N ALA A 58 10.65 3.23 -18.46
CA ALA A 58 9.74 4.02 -17.65
C ALA A 58 8.35 4.05 -18.26
N GLU A 59 8.28 3.81 -19.57
CA GLU A 59 7.00 3.80 -20.28
C GLU A 59 6.07 2.73 -19.71
N ASP A 60 6.54 1.48 -19.73
CA ASP A 60 5.74 0.37 -19.22
C ASP A 60 5.50 0.51 -17.71
N LEU A 61 6.49 1.06 -17.02
CA LEU A 61 6.39 1.26 -15.58
C LEU A 61 5.29 2.26 -15.24
N GLU A 62 5.37 3.45 -15.83
CA GLU A 62 4.39 4.49 -15.60
C GLU A 62 3.05 4.13 -16.22
N LYS A 63 3.09 3.28 -17.26
CA LYS A 63 1.88 2.85 -17.94
C LYS A 63 0.97 2.08 -17.00
N ALA A 64 1.53 1.14 -16.25
CA ALA A 64 0.77 0.34 -15.31
C ALA A 64 0.01 1.22 -14.33
N LEU A 65 0.60 2.34 -13.97
CA LEU A 65 -0.02 3.28 -13.03
C LEU A 65 -1.19 4.00 -13.70
N GLU A 66 -1.18 4.05 -15.02
CA GLU A 66 -2.24 4.71 -15.77
C GLU A 66 -3.42 3.77 -16.00
N LEU A 67 -3.12 2.59 -16.54
CA LEU A 67 -4.15 1.58 -16.81
C LEU A 67 -4.78 1.08 -15.51
N THR A 68 -5.79 0.24 -15.64
CA THR A 68 -6.48 -0.32 -14.48
C THR A 68 -6.87 -1.77 -14.72
N GLY A 69 -7.34 -2.43 -13.66
CA GLY A 69 -7.74 -3.82 -13.77
C GLY A 69 -6.59 -4.77 -13.52
N LEU A 70 -5.78 -4.46 -12.51
CA LEU A 70 -4.63 -5.29 -12.16
C LEU A 70 -4.92 -6.14 -10.93
N LYS A 71 -5.06 -7.45 -11.13
CA LYS A 71 -5.34 -8.37 -10.04
C LYS A 71 -4.72 -9.74 -10.31
N VAL A 72 -4.42 -10.47 -9.23
CA VAL A 72 -3.83 -11.80 -9.36
C VAL A 72 -4.30 -12.71 -8.23
N PHE A 73 -4.52 -13.98 -8.56
CA PHE A 73 -4.96 -14.96 -7.58
C PHE A 73 -6.30 -14.53 -6.96
N GLY A 74 -7.03 -13.68 -7.67
CA GLY A 74 -8.31 -13.21 -7.18
C GLY A 74 -8.24 -11.82 -6.59
N ASN A 75 -7.23 -11.59 -5.75
CA ASN A 75 -7.05 -10.30 -5.11
C ASN A 75 -6.54 -9.26 -6.11
N GLU A 76 -6.80 -7.99 -5.82
CA GLU A 76 -6.36 -6.90 -6.69
C GLU A 76 -5.09 -6.25 -6.15
N ILE A 77 -4.02 -6.34 -6.93
CA ILE A 77 -2.74 -5.75 -6.52
C ILE A 77 -2.81 -4.22 -6.56
N LYS A 78 -1.86 -3.58 -5.88
CA LYS A 78 -1.81 -2.13 -5.84
C LYS A 78 -0.41 -1.63 -6.24
N LEU A 79 -0.36 -0.83 -7.29
CA LEU A 79 0.91 -0.27 -7.76
C LEU A 79 1.18 1.09 -7.14
N GLU A 80 2.37 1.25 -6.58
CA GLU A 80 2.76 2.51 -5.95
C GLU A 80 4.23 2.81 -6.19
N LYS A 81 4.67 3.97 -5.72
CA LYS A 81 6.06 4.38 -5.88
C LYS A 81 6.85 4.14 -4.61
N PRO A 82 8.06 3.57 -4.76
CA PRO A 82 8.94 3.27 -3.63
C PRO A 82 9.51 4.54 -2.99
N LYS A 83 10.54 4.36 -2.15
CA LYS A 83 11.17 5.48 -1.48
C LYS A 83 10.22 6.14 -0.49
N GLY A 84 10.77 6.70 0.58
CA GLY A 84 9.95 7.35 1.58
C GLY A 84 10.31 6.92 3.00
N LYS A 85 11.60 6.72 3.24
CA LYS A 85 12.07 6.31 4.56
C LYS A 85 13.33 7.08 4.95
N ASP A 86 13.41 7.45 6.22
CA ASP A 86 14.56 8.20 6.72
C ASP A 86 14.76 7.94 8.22
N SER A 87 15.86 8.47 8.75
CA SER A 87 16.16 8.29 10.17
C SER A 87 15.08 8.92 11.04
N LYS A 88 14.46 9.98 10.54
CA LYS A 88 13.41 10.68 11.28
C LYS A 88 12.22 9.74 11.52
N LYS A 89 12.14 8.67 10.74
CA LYS A 89 11.06 7.71 10.88
C LYS A 89 10.90 7.27 12.33
N GLU A 90 11.99 7.31 13.07
CA GLU A 90 11.98 6.91 14.48
C GLU A 90 10.86 7.63 15.23
N ARG A 91 10.92 8.96 15.25
CA ARG A 91 9.91 9.76 15.93
C ARG A 91 8.56 9.63 15.24
N ASP A 92 8.58 9.31 13.96
CA ASP A 92 7.35 9.15 13.18
C ASP A 92 6.62 7.87 13.57
N ALA A 93 7.28 7.05 14.39
CA ALA A 93 6.69 5.79 14.85
C ALA A 93 5.29 6.01 15.41
N ARG A 94 5.16 7.04 16.25
CA ARG A 94 3.87 7.35 16.87
C ARG A 94 2.78 7.48 15.81
N THR A 95 3.18 7.84 14.60
CA THR A 95 2.24 8.00 13.50
C THR A 95 1.84 6.65 12.92
N LEU A 96 0.53 6.45 12.74
CA LEU A 96 0.01 5.21 12.18
C LEU A 96 -0.42 5.39 10.73
N LEU A 97 -0.44 4.29 9.98
CA LEU A 97 -0.83 4.33 8.58
C LEU A 97 -2.14 3.57 8.36
N ALA A 98 -2.96 4.06 7.44
CA ALA A 98 -4.23 3.42 7.14
C ALA A 98 -4.21 2.80 5.74
N LYS A 99 -4.80 1.60 5.63
CA LYS A 99 -4.84 0.90 4.35
C LYS A 99 -6.20 0.22 4.16
N ASN A 100 -6.41 -0.35 2.98
CA ASN A 100 -7.65 -1.02 2.66
C ASN A 100 -8.82 -0.04 2.66
N LEU A 101 -8.52 1.22 2.39
CA LEU A 101 -9.55 2.27 2.36
C LEU A 101 -10.01 2.53 0.93
N PRO A 102 -11.30 2.81 0.77
CA PRO A 102 -11.90 3.09 -0.55
C PRO A 102 -11.45 4.43 -1.11
N TYR A 103 -11.76 4.66 -2.38
CA TYR A 103 -11.39 5.90 -3.05
C TYR A 103 -12.30 7.04 -2.62
N LYS A 104 -13.31 6.72 -1.83
CA LYS A 104 -14.27 7.72 -1.35
C LYS A 104 -14.08 7.97 0.14
N VAL A 105 -13.27 7.14 0.78
CA VAL A 105 -13.00 7.28 2.21
C VAL A 105 -12.60 8.72 2.56
N THR A 106 -12.87 9.12 3.79
CA THR A 106 -12.54 10.46 4.25
C THR A 106 -11.96 10.44 5.66
N GLN A 107 -11.19 11.47 6.00
CA GLN A 107 -10.58 11.56 7.31
C GLN A 107 -11.58 11.22 8.41
N ASP A 108 -12.73 11.90 8.39
CA ASP A 108 -13.77 11.66 9.38
C ASP A 108 -14.13 10.18 9.45
N GLU A 109 -14.33 9.57 8.29
CA GLU A 109 -14.69 8.15 8.22
C GLU A 109 -13.77 7.32 9.11
N LEU A 110 -12.47 7.38 8.83
CA LEU A 110 -11.49 6.64 9.60
C LEU A 110 -11.44 7.12 11.04
N LYS A 111 -11.74 8.41 11.24
CA LYS A 111 -11.73 9.00 12.58
C LYS A 111 -12.84 8.40 13.44
N GLU A 112 -13.75 7.67 12.80
CA GLU A 112 -14.86 7.05 13.52
C GLU A 112 -14.35 6.00 14.51
N VAL A 113 -13.10 5.60 14.34
CA VAL A 113 -12.49 4.60 15.20
C VAL A 113 -11.46 5.24 16.13
N PHE A 114 -10.56 6.01 15.55
CA PHE A 114 -9.51 6.67 16.32
C PHE A 114 -9.85 8.15 16.53
N GLU A 115 -11.13 8.43 16.71
CA GLU A 115 -11.58 9.80 16.93
C GLU A 115 -10.87 10.43 18.13
N ASP A 116 -10.39 9.59 19.03
CA ASP A 116 -9.69 10.06 20.22
C ASP A 116 -8.23 10.40 19.90
N ALA A 117 -7.76 9.91 18.76
CA ALA A 117 -6.38 10.15 18.34
C ALA A 117 -6.05 11.64 18.42
N ALA A 118 -4.76 11.94 18.32
CA ALA A 118 -4.29 13.32 18.37
C ALA A 118 -4.76 14.11 17.16
N GLU A 119 -4.31 13.69 15.98
CA GLU A 119 -4.68 14.35 14.74
C GLU A 119 -4.83 13.35 13.61
N ILE A 120 -5.42 13.80 12.50
CA ILE A 120 -5.61 12.93 11.34
C ILE A 120 -5.15 13.62 10.05
N ARG A 121 -4.60 12.83 9.14
CA ARG A 121 -4.11 13.36 7.87
C ARG A 121 -4.36 12.37 6.74
N LEU A 122 -5.34 12.68 5.89
CA LEU A 122 -5.69 11.81 4.76
C LEU A 122 -4.86 12.18 3.54
N VAL A 123 -4.58 11.18 2.70
CA VAL A 123 -3.80 11.39 1.49
C VAL A 123 -4.70 11.39 0.25
N SER A 124 -4.68 12.48 -0.50
CA SER A 124 -5.49 12.60 -1.70
C SER A 124 -4.89 13.63 -2.65
N LYS A 125 -5.04 13.39 -3.95
CA LYS A 125 -4.52 14.29 -4.96
C LYS A 125 -5.55 14.54 -6.07
N ASP A 126 -5.67 15.79 -6.50
CA ASP A 126 -6.62 16.15 -7.54
C ASP A 126 -8.05 15.91 -7.08
N GLY A 127 -8.25 15.90 -5.76
CA GLY A 127 -9.57 15.69 -5.22
C GLY A 127 -9.97 14.22 -5.23
N LYS A 128 -8.98 13.34 -5.17
CA LYS A 128 -9.24 11.91 -5.19
C LYS A 128 -8.40 11.20 -4.13
N SER A 129 -8.98 10.20 -3.47
CA SER A 129 -8.28 9.44 -2.44
C SER A 129 -7.25 8.51 -3.06
N LYS A 130 -6.21 8.20 -2.29
CA LYS A 130 -5.15 7.32 -2.77
C LYS A 130 -5.32 5.92 -2.18
N GLY A 131 -6.14 5.80 -1.15
CA GLY A 131 -6.37 4.52 -0.52
C GLY A 131 -5.63 4.38 0.79
N ILE A 132 -4.84 5.39 1.14
CA ILE A 132 -4.08 5.37 2.38
C ILE A 132 -4.21 6.69 3.13
N ALA A 133 -4.35 6.61 4.44
CA ALA A 133 -4.49 7.79 5.28
C ALA A 133 -3.55 7.73 6.49
N TYR A 134 -2.80 8.80 6.70
CA TYR A 134 -1.86 8.87 7.83
C TYR A 134 -2.53 9.47 9.06
N ILE A 135 -2.09 9.03 10.23
CA ILE A 135 -2.64 9.53 11.49
C ILE A 135 -1.55 9.71 12.53
N GLU A 136 -1.56 10.86 13.20
CA GLU A 136 -0.56 11.15 14.23
C GLU A 136 -1.16 10.98 15.62
N PHE A 137 -0.78 9.88 16.29
CA PHE A 137 -1.27 9.59 17.63
C PHE A 137 -0.51 10.41 18.67
N LYS A 138 -0.99 10.34 19.91
CA LYS A 138 -0.36 11.07 21.00
C LYS A 138 0.92 10.38 21.45
N THR A 139 0.85 9.08 21.68
CA THR A 139 2.01 8.30 22.11
C THR A 139 2.04 6.94 21.42
N GLU A 140 3.23 6.34 21.37
CA GLU A 140 3.39 5.03 20.75
C GLU A 140 2.43 4.02 21.35
N ALA A 141 2.31 4.04 22.67
CA ALA A 141 1.42 3.12 23.37
C ALA A 141 -0.04 3.36 22.99
N ASP A 142 -0.33 4.57 22.54
CA ASP A 142 -1.69 4.93 22.14
C ASP A 142 -1.95 4.55 20.69
N ALA A 143 -0.91 4.59 19.88
CA ALA A 143 -1.02 4.24 18.46
C ALA A 143 -0.91 2.73 18.26
N GLU A 144 0.22 2.16 18.67
CA GLU A 144 0.45 0.74 18.54
C GLU A 144 -0.70 -0.06 19.16
N LYS A 145 -1.38 0.54 20.13
CA LYS A 145 -2.49 -0.11 20.80
C LYS A 145 -3.79 0.13 20.05
N THR A 146 -4.11 1.40 19.81
CA THR A 146 -5.33 1.76 19.09
C THR A 146 -5.49 0.92 17.83
N PHE A 147 -4.37 0.52 17.23
CA PHE A 147 -4.38 -0.28 16.02
C PHE A 147 -5.31 -1.48 16.17
N GLU A 148 -4.99 -2.35 17.13
CA GLU A 148 -5.80 -3.55 17.37
C GLU A 148 -6.99 -3.22 18.27
N GLU A 149 -6.88 -2.13 19.01
CA GLU A 149 -7.94 -1.71 19.91
C GLU A 149 -9.13 -1.17 19.13
N LYS A 150 -8.90 -0.82 17.86
CA LYS A 150 -9.96 -0.28 17.01
C LYS A 150 -10.15 -1.17 15.77
N GLN A 151 -9.08 -1.83 15.36
CA GLN A 151 -9.12 -2.70 14.19
C GLN A 151 -10.37 -3.59 14.22
N GLY A 152 -11.03 -3.72 13.08
CA GLY A 152 -12.23 -4.53 13.02
C GLY A 152 -13.46 -3.72 12.67
N THR A 153 -13.28 -2.43 12.47
CA THR A 153 -14.40 -1.54 12.15
C THR A 153 -14.80 -1.67 10.68
N GLU A 154 -15.98 -1.18 10.35
CA GLU A 154 -16.49 -1.25 8.98
C GLU A 154 -16.69 0.15 8.41
N ILE A 155 -16.07 0.40 7.26
CA ILE A 155 -16.19 1.71 6.60
C ILE A 155 -16.51 1.54 5.12
N ASP A 156 -17.58 2.19 4.68
CA ASP A 156 -17.99 2.12 3.28
C ASP A 156 -18.39 0.70 2.89
N GLY A 157 -18.71 -0.11 3.90
CA GLY A 157 -19.11 -1.48 3.66
C GLY A 157 -17.95 -2.46 3.81
N ARG A 158 -16.74 -1.97 3.59
CA ARG A 158 -15.55 -2.81 3.70
C ARG A 158 -14.91 -2.65 5.07
N SER A 159 -13.95 -3.52 5.37
CA SER A 159 -13.25 -3.48 6.66
C SER A 159 -11.87 -2.84 6.50
N ILE A 160 -11.73 -1.63 7.03
CA ILE A 160 -10.47 -0.90 6.96
C ILE A 160 -9.46 -1.46 7.97
N SER A 161 -8.19 -1.48 7.57
CA SER A 161 -7.13 -1.98 8.44
C SER A 161 -6.12 -0.89 8.77
N LEU A 162 -5.48 -1.01 9.93
CA LEU A 162 -4.50 -0.02 10.37
C LEU A 162 -3.15 -0.68 10.59
N TYR A 163 -2.08 0.06 10.29
CA TYR A 163 -0.72 -0.46 10.47
C TYR A 163 0.24 0.67 10.81
N TYR A 164 0.97 0.51 11.90
CA TYR A 164 1.93 1.51 12.35
C TYR A 164 3.13 1.57 11.41
N THR A 165 3.84 2.70 11.43
CA THR A 165 5.01 2.87 10.58
C THR A 165 6.23 3.29 11.40
N GLY A 166 7.34 3.54 10.72
CA GLY A 166 8.56 3.94 11.40
C GLY A 166 9.00 2.92 12.43
N GLU A 167 9.36 1.73 11.97
CA GLU A 167 9.81 0.67 12.85
C GLU A 167 10.90 1.17 13.80
N PRO A 168 11.06 0.49 14.94
CA PRO A 168 12.05 0.84 15.96
C PRO A 168 13.47 0.57 15.49
N LYS A 169 14.44 0.78 16.38
CA LYS A 169 15.84 0.55 16.06
C LYS A 169 16.42 -0.57 16.92
N GLY A 170 15.74 -0.88 18.02
CA GLY A 170 16.21 -1.93 18.90
C GLY A 170 17.63 -1.70 19.38
N GLU A 171 18.01 -0.43 19.51
CA GLU A 171 19.35 -0.08 19.95
C GLU A 171 19.45 -0.12 21.48
N GLY A 172 18.40 0.37 22.14
CA GLY A 172 18.39 0.38 23.59
C GLY A 172 16.98 0.36 24.15
N LEU A 173 16.02 -0.03 23.34
CA LEU A 173 14.62 -0.08 23.76
C LEU A 173 14.47 -0.94 25.02
N GLU A 174 15.01 -2.14 24.98
CA GLU A 174 14.93 -3.05 26.11
C GLU A 174 15.50 -2.40 27.38
N GLY A 1 2.79 -13.47 6.47
CA GLY A 1 3.24 -12.21 5.89
C GLY A 1 2.13 -11.50 5.14
N THR A 2 2.12 -10.17 5.21
CA THR A 2 1.10 -9.37 4.52
C THR A 2 1.07 -9.70 3.03
N GLU A 3 2.23 -9.63 2.38
CA GLU A 3 2.32 -9.92 0.95
C GLU A 3 3.76 -9.78 0.47
N PRO A 4 4.32 -8.56 0.61
CA PRO A 4 5.69 -8.26 0.18
C PRO A 4 6.72 -8.94 1.07
N THR A 5 7.85 -9.34 0.47
CA THR A 5 8.92 -10.00 1.20
C THR A 5 10.17 -9.14 1.24
N THR A 6 10.32 -8.28 0.24
CA THR A 6 11.48 -7.40 0.15
C THR A 6 11.06 -5.94 0.21
N ALA A 7 12.05 -5.04 0.15
CA ALA A 7 11.78 -3.61 0.19
C ALA A 7 11.65 -3.03 -1.21
N PHE A 8 12.12 -3.78 -2.20
CA PHE A 8 12.04 -3.33 -3.59
C PHE A 8 10.64 -3.53 -4.15
N ASN A 9 9.93 -2.43 -4.38
CA ASN A 9 8.59 -2.48 -4.91
C ASN A 9 8.25 -1.21 -5.68
N LEU A 10 7.29 -1.31 -6.60
CA LEU A 10 6.87 -0.16 -7.40
C LEU A 10 5.37 -0.19 -7.64
N PHE A 11 4.79 1.00 -7.86
CA PHE A 11 3.37 1.12 -8.11
C PHE A 11 3.04 0.89 -9.57
N VAL A 12 2.09 0.00 -9.84
CA VAL A 12 1.69 -0.31 -11.20
C VAL A 12 0.24 0.09 -11.45
N GLY A 13 -0.12 0.22 -12.73
CA GLY A 13 -1.48 0.60 -13.07
C GLY A 13 -1.91 0.03 -14.40
N ASN A 14 -3.18 0.28 -14.77
CA ASN A 14 -3.72 -0.22 -16.03
C ASN A 14 -3.52 -1.73 -16.13
N LEU A 15 -4.06 -2.47 -15.17
CA LEU A 15 -3.96 -3.91 -15.15
C LEU A 15 -5.25 -4.56 -15.65
N ASN A 16 -6.18 -3.73 -16.13
CA ASN A 16 -7.46 -4.22 -16.62
C ASN A 16 -8.28 -4.83 -15.50
N PHE A 17 -9.58 -4.55 -15.51
CA PHE A 17 -10.49 -5.07 -14.50
C PHE A 17 -11.52 -6.00 -15.12
N ASN A 18 -11.08 -7.19 -15.53
CA ASN A 18 -11.96 -8.17 -16.14
C ASN A 18 -11.85 -9.52 -15.43
N LYS A 19 -10.64 -9.86 -15.03
CA LYS A 19 -10.39 -11.12 -14.33
C LYS A 19 -10.46 -10.94 -12.82
N SER A 20 -10.24 -12.03 -12.09
CA SER A 20 -10.28 -11.99 -10.63
C SER A 20 -9.14 -11.15 -10.08
N ALA A 21 -9.11 -11.00 -8.75
CA ALA A 21 -8.05 -10.23 -8.10
C ALA A 21 -6.71 -10.94 -8.20
N PRO A 22 -6.64 -12.15 -7.62
CA PRO A 22 -5.42 -12.95 -7.62
C PRO A 22 -5.07 -13.48 -9.01
N GLU A 23 -5.97 -13.27 -9.96
CA GLU A 23 -5.76 -13.72 -11.33
C GLU A 23 -4.94 -12.71 -12.13
N LEU A 24 -4.88 -11.48 -11.61
CA LEU A 24 -4.13 -10.42 -12.26
C LEU A 24 -2.64 -10.50 -11.89
N LYS A 25 -2.37 -10.88 -10.66
CA LYS A 25 -0.99 -10.99 -10.18
C LYS A 25 -0.16 -11.84 -11.13
N THR A 26 -0.74 -12.93 -11.62
CA THR A 26 -0.05 -13.83 -12.54
C THR A 26 0.42 -13.08 -13.78
N GLY A 27 -0.53 -12.48 -14.49
CA GLY A 27 -0.19 -11.74 -15.70
C GLY A 27 0.88 -10.70 -15.46
N ILE A 28 0.70 -9.89 -14.41
CA ILE A 28 1.66 -8.85 -14.07
C ILE A 28 3.08 -9.42 -13.96
N SER A 29 3.22 -10.49 -13.19
CA SER A 29 4.52 -11.13 -13.00
C SER A 29 4.94 -11.87 -14.26
N ASP A 30 3.98 -12.17 -15.12
CA ASP A 30 4.26 -12.88 -16.37
C ASP A 30 5.03 -11.99 -17.34
N VAL A 31 4.42 -10.87 -17.72
CA VAL A 31 5.04 -9.93 -18.64
C VAL A 31 6.48 -9.62 -18.22
N PHE A 32 6.68 -9.38 -16.93
CA PHE A 32 8.00 -9.07 -16.39
C PHE A 32 8.96 -10.23 -16.63
N ALA A 33 8.49 -11.45 -16.41
CA ALA A 33 9.32 -12.64 -16.60
C ALA A 33 9.86 -12.70 -18.02
N LYS A 34 9.17 -12.05 -18.95
CA LYS A 34 9.58 -12.04 -20.35
C LYS A 34 10.78 -11.12 -20.55
N ASN A 35 10.87 -10.08 -19.72
CA ASN A 35 11.97 -9.13 -19.80
C ASN A 35 13.08 -9.50 -18.81
N ASP A 36 13.20 -10.79 -18.51
CA ASP A 36 14.22 -11.27 -17.58
C ASP A 36 14.03 -10.64 -16.21
N LEU A 37 12.80 -10.27 -15.89
CA LEU A 37 12.50 -9.66 -14.60
C LEU A 37 11.80 -10.65 -13.68
N ALA A 38 12.37 -10.86 -12.50
CA ALA A 38 11.79 -11.78 -11.53
C ALA A 38 11.16 -11.02 -10.37
N VAL A 39 9.91 -11.37 -10.04
CA VAL A 39 9.20 -10.73 -8.95
C VAL A 39 9.01 -11.68 -7.77
N VAL A 40 9.07 -11.14 -6.56
CA VAL A 40 8.91 -11.94 -5.35
C VAL A 40 7.47 -11.98 -4.92
N ASP A 41 6.72 -10.92 -5.22
CA ASP A 41 5.31 -10.84 -4.86
C ASP A 41 4.62 -9.70 -5.61
N VAL A 42 3.33 -9.85 -5.85
CA VAL A 42 2.55 -8.83 -6.55
C VAL A 42 1.27 -8.51 -5.82
N ARG A 43 0.93 -7.22 -5.75
CA ARG A 43 -0.27 -6.78 -5.07
C ARG A 43 -1.27 -6.16 -6.05
N ILE A 44 -2.55 -6.42 -5.83
CA ILE A 44 -3.59 -5.88 -6.70
C ILE A 44 -4.52 -4.95 -5.94
N GLY A 45 -5.01 -3.92 -6.63
CA GLY A 45 -5.90 -2.96 -5.99
C GLY A 45 -7.31 -3.51 -5.84
N MET A 46 -8.23 -2.66 -5.39
CA MET A 46 -9.61 -3.06 -5.19
C MET A 46 -10.37 -3.06 -6.51
N THR A 47 -10.09 -2.06 -7.35
CA THR A 47 -10.74 -1.95 -8.65
C THR A 47 -10.08 -2.83 -9.68
N ARG A 48 -9.03 -3.53 -9.27
CA ARG A 48 -8.29 -4.41 -10.17
C ARG A 48 -7.76 -3.65 -11.38
N LYS A 49 -7.61 -2.34 -11.22
CA LYS A 49 -7.10 -1.49 -12.29
C LYS A 49 -5.64 -1.11 -12.06
N PHE A 50 -5.18 -1.32 -10.82
CA PHE A 50 -3.81 -1.01 -10.47
C PHE A 50 -3.30 -1.94 -9.36
N GLY A 51 -2.07 -1.73 -8.93
CA GLY A 51 -1.48 -2.55 -7.89
C GLY A 51 -0.01 -2.26 -7.66
N TYR A 52 0.70 -3.24 -7.13
CA TYR A 52 2.13 -3.08 -6.86
C TYR A 52 2.90 -4.33 -7.26
N VAL A 53 4.21 -4.19 -7.41
CA VAL A 53 5.07 -5.31 -7.80
C VAL A 53 6.38 -5.29 -7.02
N ASP A 54 6.71 -6.43 -6.41
CA ASP A 54 7.93 -6.55 -5.63
C ASP A 54 8.99 -7.35 -6.40
N PHE A 55 10.24 -6.89 -6.31
CA PHE A 55 11.34 -7.56 -6.99
C PHE A 55 12.40 -8.02 -6.00
N GLU A 56 13.03 -9.15 -6.29
CA GLU A 56 14.06 -9.69 -5.42
C GLU A 56 15.11 -8.63 -5.08
N SER A 57 15.61 -7.97 -6.13
CA SER A 57 16.63 -6.93 -5.95
C SER A 57 16.24 -5.67 -6.71
N ALA A 58 16.89 -4.56 -6.36
CA ALA A 58 16.63 -3.28 -7.03
C ALA A 58 16.88 -3.38 -8.52
N GLU A 59 17.72 -4.33 -8.92
CA GLU A 59 18.05 -4.52 -10.32
C GLU A 59 16.78 -4.78 -11.15
N ASP A 60 16.06 -5.83 -10.79
CA ASP A 60 14.84 -6.19 -11.50
C ASP A 60 13.79 -5.09 -11.37
N LEU A 61 13.78 -4.42 -10.21
CA LEU A 61 12.82 -3.34 -9.96
C LEU A 61 13.08 -2.16 -10.91
N GLU A 62 14.27 -1.57 -10.80
CA GLU A 62 14.63 -0.43 -11.64
C GLU A 62 14.58 -0.82 -13.12
N LYS A 63 15.02 -2.04 -13.42
CA LYS A 63 15.03 -2.52 -14.80
C LYS A 63 13.65 -2.39 -15.43
N ALA A 64 12.62 -2.78 -14.67
CA ALA A 64 11.24 -2.70 -15.15
C ALA A 64 10.88 -1.28 -15.57
N LEU A 65 11.61 -0.31 -15.02
CA LEU A 65 11.36 1.09 -15.33
C LEU A 65 12.19 1.54 -16.53
N GLU A 66 13.18 0.73 -16.90
CA GLU A 66 14.04 1.04 -18.03
C GLU A 66 13.49 0.43 -19.31
N LEU A 67 13.21 -0.86 -19.28
CA LEU A 67 12.67 -1.57 -20.43
C LEU A 67 11.27 -1.05 -20.79
N THR A 68 10.72 -1.57 -21.88
CA THR A 68 9.39 -1.17 -22.33
C THR A 68 8.64 -2.34 -22.95
N GLY A 69 7.39 -2.10 -23.33
CA GLY A 69 6.58 -3.15 -23.93
C GLY A 69 5.95 -4.07 -22.91
N LEU A 70 5.49 -3.48 -21.81
CA LEU A 70 4.86 -4.25 -20.74
C LEU A 70 3.34 -4.13 -20.80
N LYS A 71 2.67 -5.26 -21.05
CA LYS A 71 1.22 -5.28 -21.13
C LYS A 71 0.66 -6.55 -20.51
N VAL A 72 -0.60 -6.49 -20.07
CA VAL A 72 -1.25 -7.65 -19.47
C VAL A 72 -2.73 -7.68 -19.80
N PHE A 73 -3.21 -8.86 -20.20
CA PHE A 73 -4.62 -9.02 -20.56
C PHE A 73 -5.01 -8.09 -21.70
N GLY A 74 -4.08 -7.89 -22.63
CA GLY A 74 -4.34 -7.02 -23.76
C GLY A 74 -3.97 -5.58 -23.48
N ASN A 75 -4.37 -5.09 -22.31
CA ASN A 75 -4.09 -3.71 -21.93
C ASN A 75 -2.61 -3.53 -21.59
N GLU A 76 -2.15 -2.29 -21.60
CA GLU A 76 -0.75 -1.98 -21.30
C GLU A 76 -0.62 -1.41 -19.89
N ILE A 77 0.02 -2.17 -19.01
CA ILE A 77 0.21 -1.74 -17.63
C ILE A 77 1.14 -0.53 -17.56
N LYS A 78 1.08 0.19 -16.45
CA LYS A 78 1.91 1.36 -16.25
C LYS A 78 2.75 1.25 -14.97
N LEU A 79 4.06 1.34 -15.12
CA LEU A 79 4.97 1.23 -13.99
C LEU A 79 5.27 2.61 -13.40
N GLU A 80 5.26 2.70 -12.07
CA GLU A 80 5.52 3.96 -11.40
C GLU A 80 6.09 3.72 -10.00
N LYS A 81 6.43 4.80 -9.31
CA LYS A 81 6.97 4.71 -7.96
C LYS A 81 6.00 5.26 -6.93
N PRO A 82 5.87 4.55 -5.80
CA PRO A 82 4.96 4.95 -4.71
C PRO A 82 5.45 6.20 -3.99
N LYS A 83 4.75 6.57 -2.92
CA LYS A 83 5.12 7.74 -2.13
C LYS A 83 6.59 7.69 -1.74
N GLY A 84 7.16 8.87 -1.47
CA GLY A 84 8.55 8.94 -1.08
C GLY A 84 8.77 9.80 0.15
N LYS A 85 9.45 10.92 -0.02
CA LYS A 85 9.73 11.82 1.09
C LYS A 85 9.68 13.28 0.62
N ASP A 86 9.49 14.20 1.57
CA ASP A 86 9.42 15.62 1.25
C ASP A 86 9.44 16.46 2.54
N SER A 87 9.58 17.76 2.37
CA SER A 87 9.62 18.68 3.51
C SER A 87 8.21 19.13 3.90
N LYS A 88 7.36 19.28 2.89
CA LYS A 88 5.98 19.71 3.12
C LYS A 88 5.24 18.71 4.00
N LYS A 89 5.76 17.48 4.06
CA LYS A 89 5.15 16.44 4.87
C LYS A 89 5.03 16.88 6.33
N GLU A 90 5.86 17.83 6.73
CA GLU A 90 5.83 18.34 8.09
C GLU A 90 4.42 18.78 8.49
N ARG A 91 3.76 19.49 7.58
CA ARG A 91 2.40 19.97 7.84
C ARG A 91 1.37 18.91 7.48
N ASP A 92 1.63 18.17 6.40
CA ASP A 92 0.72 17.12 5.96
C ASP A 92 0.66 15.99 6.99
N ALA A 93 1.61 15.98 7.92
CA ALA A 93 1.66 14.96 8.95
C ALA A 93 0.55 15.16 9.98
N ARG A 94 -0.14 16.30 9.88
CA ARG A 94 -1.23 16.61 10.80
C ARG A 94 -2.19 15.44 10.92
N THR A 95 -2.79 15.05 9.80
CA THR A 95 -3.74 13.95 9.78
C THR A 95 -3.06 12.64 9.38
N LEU A 96 -3.42 11.56 10.06
CA LEU A 96 -2.84 10.26 9.78
C LEU A 96 -3.84 9.38 9.01
N LEU A 97 -3.30 8.37 8.33
CA LEU A 97 -4.14 7.45 7.56
C LEU A 97 -3.93 6.01 8.00
N ALA A 98 -5.00 5.22 7.95
CA ALA A 98 -4.93 3.82 8.35
C ALA A 98 -5.17 2.90 7.16
N LYS A 99 -4.35 1.86 7.04
CA LYS A 99 -4.47 0.92 5.94
C LYS A 99 -4.37 -0.52 6.45
N ASN A 100 -4.58 -1.48 5.56
CA ASN A 100 -4.51 -2.89 5.92
C ASN A 100 -5.64 -3.26 6.88
N LEU A 101 -6.80 -2.64 6.69
CA LEU A 101 -7.95 -2.90 7.54
C LEU A 101 -8.93 -3.85 6.85
N PRO A 102 -9.67 -4.64 7.65
CA PRO A 102 -10.65 -5.59 7.14
C PRO A 102 -11.88 -4.89 6.55
N TYR A 103 -12.68 -5.64 5.82
CA TYR A 103 -13.89 -5.09 5.20
C TYR A 103 -14.99 -4.89 6.24
N LYS A 104 -14.72 -5.32 7.47
CA LYS A 104 -15.69 -5.18 8.56
C LYS A 104 -15.13 -4.28 9.66
N VAL A 105 -13.97 -3.72 9.42
CA VAL A 105 -13.33 -2.82 10.39
C VAL A 105 -14.25 -1.67 10.76
N THR A 106 -14.03 -1.09 11.94
CA THR A 106 -14.84 0.03 12.41
C THR A 106 -13.97 1.09 13.06
N GLN A 107 -14.58 2.22 13.42
CA GLN A 107 -13.87 3.32 14.06
C GLN A 107 -13.25 2.87 15.38
N ASP A 108 -14.08 2.42 16.30
CA ASP A 108 -13.62 1.95 17.60
C ASP A 108 -12.51 0.92 17.44
N GLU A 109 -12.66 0.04 16.45
CA GLU A 109 -11.66 -1.00 16.20
C GLU A 109 -10.26 -0.40 16.12
N LEU A 110 -10.11 0.65 15.31
CA LEU A 110 -8.83 1.31 15.14
C LEU A 110 -8.56 2.27 16.29
N LYS A 111 -9.62 2.77 16.90
CA LYS A 111 -9.51 3.70 18.02
C LYS A 111 -8.93 3.00 19.25
N GLU A 112 -8.87 1.68 19.20
CA GLU A 112 -8.33 0.89 20.30
C GLU A 112 -6.85 1.18 20.51
N VAL A 113 -6.24 1.80 19.51
CA VAL A 113 -4.81 2.13 19.58
C VAL A 113 -4.61 3.63 19.74
N PHE A 114 -5.29 4.41 18.91
CA PHE A 114 -5.18 5.87 18.97
C PHE A 114 -6.42 6.48 19.63
N GLU A 115 -6.95 5.80 20.64
CA GLU A 115 -8.13 6.28 21.35
C GLU A 115 -7.89 7.67 21.92
N ASP A 116 -6.62 8.03 22.10
CA ASP A 116 -6.26 9.33 22.63
C ASP A 116 -6.24 10.38 21.53
N ALA A 117 -6.24 9.93 20.28
CA ALA A 117 -6.22 10.83 19.14
C ALA A 117 -7.30 11.90 19.27
N ALA A 118 -7.23 12.91 18.41
CA ALA A 118 -8.20 14.00 18.43
C ALA A 118 -9.56 13.52 17.92
N GLU A 119 -9.60 13.08 16.67
CA GLU A 119 -10.84 12.60 16.07
C GLU A 119 -10.59 11.33 15.25
N ILE A 120 -11.67 10.66 14.87
CA ILE A 120 -11.56 9.44 14.08
C ILE A 120 -12.64 9.40 12.99
N ARG A 121 -12.19 9.21 11.74
CA ARG A 121 -13.11 9.15 10.61
C ARG A 121 -12.82 7.93 9.75
N LEU A 122 -13.74 6.97 9.76
CA LEU A 122 -13.59 5.75 8.98
C LEU A 122 -14.21 5.91 7.59
N VAL A 123 -13.77 5.09 6.65
CA VAL A 123 -14.29 5.13 5.29
C VAL A 123 -14.97 3.82 4.91
N SER A 124 -16.30 3.85 4.85
CA SER A 124 -17.07 2.66 4.51
C SER A 124 -18.27 3.02 3.63
N LYS A 125 -18.74 2.05 2.87
CA LYS A 125 -19.88 2.26 1.98
C LYS A 125 -20.91 1.16 2.13
N ASP A 126 -22.17 1.53 2.26
CA ASP A 126 -23.25 0.56 2.41
C ASP A 126 -23.09 -0.23 3.71
N GLY A 127 -22.33 0.32 4.63
CA GLY A 127 -22.10 -0.35 5.91
C GLY A 127 -20.94 -1.31 5.86
N LYS A 128 -20.13 -1.21 4.81
CA LYS A 128 -18.97 -2.09 4.64
C LYS A 128 -17.70 -1.26 4.45
N SER A 129 -16.67 -1.59 5.22
CA SER A 129 -15.40 -0.88 5.13
C SER A 129 -14.78 -1.03 3.74
N LYS A 130 -13.99 -0.04 3.35
CA LYS A 130 -13.33 -0.07 2.05
C LYS A 130 -11.86 -0.44 2.17
N GLY A 131 -11.35 -0.36 3.40
CA GLY A 131 -9.96 -0.70 3.64
C GLY A 131 -9.12 0.52 3.94
N ILE A 132 -9.70 1.49 4.64
CA ILE A 132 -8.99 2.71 4.99
C ILE A 132 -9.63 3.39 6.21
N ALA A 133 -8.92 4.36 6.78
CA ALA A 133 -9.42 5.08 7.94
C ALA A 133 -8.62 6.36 8.17
N TYR A 134 -9.29 7.50 8.04
CA TYR A 134 -8.65 8.80 8.23
C TYR A 134 -8.81 9.27 9.67
N ILE A 135 -7.70 9.65 10.29
CA ILE A 135 -7.72 10.13 11.66
C ILE A 135 -7.01 11.49 11.79
N GLU A 136 -7.71 12.46 12.37
CA GLU A 136 -7.15 13.79 12.54
C GLU A 136 -6.62 13.98 13.97
N PHE A 137 -5.31 13.95 14.11
CA PHE A 137 -4.69 14.12 15.42
C PHE A 137 -4.68 15.58 15.84
N LYS A 138 -4.29 15.84 17.08
CA LYS A 138 -4.24 17.20 17.60
C LYS A 138 -3.08 17.97 16.99
N THR A 139 -1.90 17.35 16.99
CA THR A 139 -0.70 17.98 16.44
C THR A 139 0.16 16.96 15.70
N GLU A 140 0.93 17.45 14.73
CA GLU A 140 1.81 16.58 13.95
C GLU A 140 2.76 15.80 14.85
N ALA A 141 3.03 16.35 16.02
CA ALA A 141 3.93 15.71 16.98
C ALA A 141 3.27 14.47 17.59
N ASP A 142 1.96 14.54 17.80
CA ASP A 142 1.21 13.42 18.37
C ASP A 142 0.84 12.41 17.29
N ALA A 143 0.57 12.90 16.08
CA ALA A 143 0.20 12.03 14.98
C ALA A 143 1.41 11.28 14.44
N GLU A 144 2.41 12.02 13.99
CA GLU A 144 3.62 11.42 13.45
C GLU A 144 4.25 10.47 14.46
N LYS A 145 3.99 10.70 15.74
CA LYS A 145 4.53 9.86 16.80
C LYS A 145 3.61 8.67 17.06
N THR A 146 2.32 8.94 17.22
CA THR A 146 1.35 7.89 17.48
C THR A 146 1.48 6.76 16.46
N PHE A 147 1.94 7.11 15.26
CA PHE A 147 2.10 6.12 14.19
C PHE A 147 2.86 4.90 14.70
N GLU A 148 4.11 5.11 15.15
CA GLU A 148 4.93 4.02 15.65
C GLU A 148 4.59 3.72 17.11
N GLU A 149 3.98 4.69 17.79
CA GLU A 149 3.60 4.51 19.18
C GLU A 149 2.41 3.58 19.31
N LYS A 150 1.69 3.37 18.22
CA LYS A 150 0.53 2.48 18.20
C LYS A 150 0.74 1.33 17.24
N GLN A 151 1.53 1.56 16.19
CA GLN A 151 1.80 0.54 15.20
C GLN A 151 2.21 -0.77 15.86
N GLY A 152 1.66 -1.88 15.38
CA GLY A 152 1.98 -3.18 15.94
C GLY A 152 0.78 -3.85 16.58
N THR A 153 -0.38 -3.19 16.50
CA THR A 153 -1.61 -3.73 17.07
C THR A 153 -2.26 -4.73 16.13
N GLU A 154 -3.18 -5.53 16.67
CA GLU A 154 -3.89 -6.52 15.88
C GLU A 154 -5.40 -6.34 15.98
N ILE A 155 -6.06 -6.31 14.83
CA ILE A 155 -7.51 -6.12 14.78
C ILE A 155 -8.15 -7.07 13.77
N ASP A 156 -9.17 -7.79 14.22
CA ASP A 156 -9.88 -8.73 13.34
C ASP A 156 -8.95 -9.87 12.94
N GLY A 157 -7.89 -10.08 13.70
CA GLY A 157 -6.95 -11.14 13.39
C GLY A 157 -5.75 -10.65 12.59
N ARG A 158 -5.97 -9.58 11.83
CA ARG A 158 -4.90 -9.01 11.01
C ARG A 158 -4.21 -7.86 11.74
N SER A 159 -3.10 -7.39 11.16
CA SER A 159 -2.34 -6.29 11.77
C SER A 159 -2.56 -5.00 10.98
N ILE A 160 -3.21 -4.03 11.63
CA ILE A 160 -3.47 -2.74 11.00
C ILE A 160 -2.26 -1.83 11.06
N SER A 161 -1.96 -1.17 9.96
CA SER A 161 -0.82 -0.26 9.89
C SER A 161 -1.27 1.19 9.78
N LEU A 162 -0.40 2.11 10.16
CA LEU A 162 -0.71 3.53 10.11
C LEU A 162 0.33 4.29 9.30
N TYR A 163 -0.11 5.32 8.58
CA TYR A 163 0.79 6.12 7.77
C TYR A 163 0.30 7.56 7.68
N TYR A 164 1.16 8.49 8.05
CA TYR A 164 0.82 9.92 8.02
C TYR A 164 0.65 10.40 6.58
N THR A 165 -0.35 11.25 6.36
CA THR A 165 -0.61 11.79 5.03
C THR A 165 -1.83 12.69 5.04
N GLY A 166 -1.60 13.99 4.84
CA GLY A 166 -2.69 14.95 4.83
C GLY A 166 -2.62 15.90 3.65
N GLU A 167 -1.62 15.70 2.80
CA GLU A 167 -1.44 16.55 1.62
C GLU A 167 -1.18 17.99 2.03
N PRO A 168 -0.62 18.78 1.10
CA PRO A 168 -0.29 20.18 1.33
C PRO A 168 -1.54 21.05 1.44
N LYS A 169 -1.42 22.20 2.10
CA LYS A 169 -2.53 23.12 2.27
C LYS A 169 -2.87 23.80 0.96
N GLY A 170 -1.94 23.77 0.02
CA GLY A 170 -2.17 24.40 -1.27
C GLY A 170 -0.95 24.33 -2.17
N GLU A 171 -0.92 23.35 -3.07
CA GLU A 171 0.20 23.18 -3.98
C GLU A 171 0.44 24.45 -4.78
N GLY A 172 -0.62 25.20 -5.02
CA GLY A 172 -0.50 26.43 -5.78
C GLY A 172 -0.11 27.62 -4.89
N LEU A 173 0.07 27.36 -3.61
CA LEU A 173 0.45 28.41 -2.67
C LEU A 173 1.81 29.01 -3.03
N GLU A 174 2.85 28.20 -2.94
CA GLU A 174 4.20 28.64 -3.26
C GLU A 174 4.24 29.28 -4.64
N GLY A 1 5.13 5.34 4.66
CA GLY A 1 6.08 4.42 4.08
C GLY A 1 5.81 4.15 2.62
N THR A 2 6.48 4.88 1.74
CA THR A 2 6.31 4.71 0.31
C THR A 2 7.40 3.83 -0.29
N GLU A 3 7.19 2.51 -0.20
CA GLU A 3 8.15 1.56 -0.73
C GLU A 3 8.49 1.87 -2.18
N PRO A 4 7.47 1.84 -3.04
CA PRO A 4 7.63 2.11 -4.47
C PRO A 4 7.94 3.57 -4.75
N THR A 5 7.92 3.95 -6.04
CA THR A 5 8.20 5.32 -6.43
C THR A 5 6.91 6.10 -6.66
N THR A 6 5.86 5.39 -7.05
CA THR A 6 4.56 6.01 -7.31
C THR A 6 3.48 5.43 -6.41
N ALA A 7 2.36 6.14 -6.28
CA ALA A 7 1.26 5.69 -5.45
C ALA A 7 0.42 4.64 -6.18
N PHE A 8 0.70 4.45 -7.46
CA PHE A 8 -0.03 3.47 -8.27
C PHE A 8 0.67 2.12 -8.22
N ASN A 9 0.08 1.18 -7.49
CA ASN A 9 0.64 -0.16 -7.37
C ASN A 9 -0.46 -1.20 -7.09
N LEU A 10 -0.21 -2.43 -7.51
CA LEU A 10 -1.19 -3.51 -7.30
C LEU A 10 -0.49 -4.80 -6.91
N PHE A 11 -1.20 -5.65 -6.18
CA PHE A 11 -0.64 -6.92 -5.73
C PHE A 11 -0.69 -7.96 -6.85
N VAL A 12 0.33 -8.79 -6.93
CA VAL A 12 0.41 -9.83 -7.95
C VAL A 12 0.88 -11.16 -7.36
N GLY A 13 0.53 -12.25 -8.03
CA GLY A 13 0.92 -13.56 -7.55
C GLY A 13 1.13 -14.55 -8.69
N ASN A 14 1.51 -15.78 -8.33
CA ASN A 14 1.74 -16.82 -9.34
C ASN A 14 2.78 -16.37 -10.36
N LEU A 15 3.94 -15.95 -9.87
CA LEU A 15 5.03 -15.49 -10.73
C LEU A 15 6.06 -16.59 -10.92
N ASN A 16 5.77 -17.78 -10.41
CA ASN A 16 6.68 -18.91 -10.52
C ASN A 16 7.96 -18.66 -9.72
N PHE A 17 8.39 -19.69 -8.99
CA PHE A 17 9.59 -19.59 -8.18
C PHE A 17 10.68 -20.53 -8.69
N ASN A 18 11.26 -20.20 -9.85
CA ASN A 18 12.31 -21.01 -10.44
C ASN A 18 13.55 -20.18 -10.71
N LYS A 19 13.36 -18.94 -11.13
CA LYS A 19 14.47 -18.03 -11.42
C LYS A 19 14.84 -17.22 -10.18
N SER A 20 15.70 -16.23 -10.37
CA SER A 20 16.15 -15.37 -9.27
C SER A 20 15.04 -14.41 -8.85
N ALA A 21 15.28 -13.67 -7.78
CA ALA A 21 14.31 -12.72 -7.27
C ALA A 21 14.13 -11.55 -8.24
N PRO A 22 15.22 -10.82 -8.49
CA PRO A 22 15.22 -9.66 -9.39
C PRO A 22 15.05 -10.07 -10.85
N GLU A 23 15.08 -11.38 -11.10
CA GLU A 23 14.93 -11.90 -12.45
C GLU A 23 13.46 -12.02 -12.83
N LEU A 24 12.60 -12.01 -11.82
CA LEU A 24 11.16 -12.13 -12.04
C LEU A 24 10.56 -10.77 -12.42
N LYS A 25 11.09 -9.71 -11.83
CA LYS A 25 10.61 -8.36 -12.11
C LYS A 25 10.57 -8.09 -13.61
N THR A 26 11.55 -8.63 -14.33
CA THR A 26 11.63 -8.46 -15.78
C THR A 26 10.38 -9.02 -16.46
N GLY A 27 10.15 -10.33 -16.28
CA GLY A 27 9.00 -10.95 -16.89
C GLY A 27 7.70 -10.25 -16.56
N ILE A 28 7.53 -9.92 -15.27
CA ILE A 28 6.32 -9.24 -14.83
C ILE A 28 6.09 -7.95 -15.61
N SER A 29 7.13 -7.13 -15.68
CA SER A 29 7.04 -5.86 -16.39
C SER A 29 6.99 -6.08 -17.90
N ASP A 30 7.42 -7.26 -18.34
CA ASP A 30 7.41 -7.61 -19.75
C ASP A 30 5.99 -7.82 -20.26
N VAL A 31 5.29 -8.78 -19.66
CA VAL A 31 3.92 -9.08 -20.05
C VAL A 31 3.07 -7.81 -20.12
N PHE A 32 3.31 -6.90 -19.18
CA PHE A 32 2.57 -5.64 -19.13
C PHE A 32 2.96 -4.73 -20.31
N ALA A 33 4.24 -4.76 -20.66
CA ALA A 33 4.75 -3.95 -21.76
C ALA A 33 4.07 -4.32 -23.07
N LYS A 34 3.51 -5.52 -23.12
CA LYS A 34 2.82 -6.00 -24.32
C LYS A 34 1.39 -5.48 -24.38
N ASN A 35 0.83 -5.15 -23.21
CA ASN A 35 -0.52 -4.64 -23.13
C ASN A 35 -0.53 -3.13 -23.06
N ASP A 36 0.50 -2.51 -23.64
CA ASP A 36 0.61 -1.05 -23.63
C ASP A 36 0.66 -0.51 -22.21
N LEU A 37 1.17 -1.32 -21.30
CA LEU A 37 1.28 -0.93 -19.90
C LEU A 37 2.74 -0.69 -19.51
N ALA A 38 3.00 0.48 -18.90
CA ALA A 38 4.34 0.83 -18.49
C ALA A 38 4.47 0.82 -16.97
N VAL A 39 5.45 0.09 -16.46
CA VAL A 39 5.68 0.00 -15.02
C VAL A 39 6.88 0.84 -14.59
N VAL A 40 6.76 1.47 -13.44
CA VAL A 40 7.84 2.31 -12.91
C VAL A 40 8.77 1.51 -12.02
N ASP A 41 8.23 0.46 -11.40
CA ASP A 41 9.01 -0.39 -10.51
C ASP A 41 8.21 -1.62 -10.10
N VAL A 42 8.87 -2.78 -10.10
CA VAL A 42 8.22 -4.03 -9.72
C VAL A 42 8.86 -4.62 -8.47
N ARG A 43 8.03 -5.18 -7.59
CA ARG A 43 8.51 -5.78 -6.36
C ARG A 43 8.28 -7.30 -6.37
N ILE A 44 9.18 -8.03 -5.72
CA ILE A 44 9.07 -9.48 -5.65
C ILE A 44 9.09 -9.97 -4.21
N GLY A 45 8.34 -11.03 -3.93
CA GLY A 45 8.30 -11.58 -2.59
C GLY A 45 9.54 -12.38 -2.24
N MET A 46 9.55 -12.97 -1.06
CA MET A 46 10.68 -13.78 -0.61
C MET A 46 10.61 -15.19 -1.20
N THR A 47 9.40 -15.62 -1.54
CA THR A 47 9.19 -16.94 -2.11
C THR A 47 9.24 -16.90 -3.63
N ARG A 48 9.36 -15.70 -4.18
CA ARG A 48 9.43 -15.52 -5.63
C ARG A 48 8.18 -16.07 -6.30
N LYS A 49 7.10 -16.20 -5.53
CA LYS A 49 5.84 -16.70 -6.04
C LYS A 49 4.83 -15.57 -6.21
N PHE A 50 5.11 -14.43 -5.60
CA PHE A 50 4.23 -13.27 -5.68
C PHE A 50 5.02 -11.97 -5.54
N GLY A 51 4.32 -10.85 -5.66
CA GLY A 51 4.97 -9.55 -5.55
C GLY A 51 4.03 -8.40 -5.84
N TYR A 52 4.59 -7.27 -6.23
CA TYR A 52 3.79 -6.09 -6.55
C TYR A 52 4.26 -5.43 -7.84
N VAL A 53 3.41 -4.58 -8.40
CA VAL A 53 3.74 -3.88 -9.64
C VAL A 53 3.31 -2.42 -9.58
N ASP A 54 4.24 -1.53 -9.92
CA ASP A 54 3.96 -0.10 -9.91
C ASP A 54 3.87 0.46 -11.32
N PHE A 55 2.95 1.40 -11.53
CA PHE A 55 2.75 2.00 -12.84
C PHE A 55 2.95 3.51 -12.77
N GLU A 56 3.24 4.11 -13.92
CA GLU A 56 3.46 5.56 -14.00
C GLU A 56 2.19 6.31 -13.62
N SER A 57 1.05 5.78 -14.02
CA SER A 57 -0.24 6.41 -13.73
C SER A 57 -1.25 5.38 -13.25
N ALA A 58 -2.43 5.86 -12.84
CA ALA A 58 -3.48 4.97 -12.35
C ALA A 58 -4.15 4.24 -13.50
N GLU A 59 -3.96 4.74 -14.72
CA GLU A 59 -4.55 4.13 -15.90
C GLU A 59 -3.95 2.75 -16.16
N ASP A 60 -2.64 2.71 -16.34
CA ASP A 60 -1.94 1.46 -16.59
C ASP A 60 -2.10 0.50 -15.42
N LEU A 61 -2.42 1.04 -14.25
CA LEU A 61 -2.60 0.24 -13.05
C LEU A 61 -3.95 -0.49 -13.09
N GLU A 62 -5.02 0.28 -13.27
CA GLU A 62 -6.37 -0.29 -13.32
C GLU A 62 -6.57 -1.06 -14.63
N LYS A 63 -5.85 -0.65 -15.67
CA LYS A 63 -5.97 -1.30 -16.97
C LYS A 63 -5.54 -2.76 -16.90
N ALA A 64 -4.45 -3.02 -16.18
CA ALA A 64 -3.94 -4.38 -16.03
C ALA A 64 -5.00 -5.29 -15.41
N LEU A 65 -5.95 -4.69 -14.70
CA LEU A 65 -7.01 -5.46 -14.06
C LEU A 65 -8.17 -5.70 -15.02
N GLU A 66 -8.17 -4.95 -16.13
CA GLU A 66 -9.22 -5.09 -17.14
C GLU A 66 -8.81 -6.08 -18.22
N LEU A 67 -7.63 -5.86 -18.80
CA LEU A 67 -7.12 -6.73 -19.85
C LEU A 67 -7.03 -8.17 -19.37
N THR A 68 -6.65 -9.07 -20.27
CA THR A 68 -6.51 -10.47 -19.93
C THR A 68 -5.35 -11.12 -20.68
N GLY A 69 -4.98 -12.33 -20.29
CA GLY A 69 -3.89 -13.03 -20.94
C GLY A 69 -2.54 -12.64 -20.37
N LEU A 70 -2.46 -12.53 -19.06
CA LEU A 70 -1.21 -12.16 -18.39
C LEU A 70 -0.52 -13.38 -17.81
N LYS A 71 0.68 -13.67 -18.30
CA LYS A 71 1.45 -14.82 -17.84
C LYS A 71 2.95 -14.53 -17.88
N VAL A 72 3.71 -15.25 -17.06
CA VAL A 72 5.15 -15.06 -17.01
C VAL A 72 5.87 -16.38 -16.72
N PHE A 73 6.90 -16.67 -17.50
CA PHE A 73 7.66 -17.89 -17.33
C PHE A 73 6.77 -19.12 -17.50
N GLY A 74 5.83 -19.02 -18.43
CA GLY A 74 4.92 -20.13 -18.68
C GLY A 74 3.69 -20.08 -17.80
N ASN A 75 3.89 -19.81 -16.51
CA ASN A 75 2.78 -19.73 -15.56
C ASN A 75 1.97 -18.47 -15.78
N GLU A 76 0.74 -18.47 -15.28
CA GLU A 76 -0.15 -17.32 -15.42
C GLU A 76 -0.24 -16.54 -14.11
N ILE A 77 0.30 -15.33 -14.11
CA ILE A 77 0.28 -14.48 -12.92
C ILE A 77 -1.14 -14.11 -12.54
N LYS A 78 -1.30 -13.59 -11.33
CA LYS A 78 -2.62 -13.20 -10.82
C LYS A 78 -2.57 -11.79 -10.22
N LEU A 79 -3.40 -10.90 -10.74
CA LEU A 79 -3.45 -9.52 -10.25
C LEU A 79 -4.52 -9.38 -9.17
N GLU A 80 -4.16 -8.71 -8.07
CA GLU A 80 -5.09 -8.51 -6.96
C GLU A 80 -4.77 -7.21 -6.23
N LYS A 81 -5.55 -6.92 -5.18
CA LYS A 81 -5.35 -5.72 -4.39
C LYS A 81 -4.39 -5.99 -3.23
N PRO A 82 -3.54 -4.99 -2.93
CA PRO A 82 -2.56 -5.10 -1.84
C PRO A 82 -3.22 -5.09 -0.46
N LYS A 83 -2.42 -4.87 0.57
CA LYS A 83 -2.92 -4.82 1.94
C LYS A 83 -3.31 -6.22 2.42
N GLY A 84 -2.98 -6.52 3.67
CA GLY A 84 -3.30 -7.82 4.23
C GLY A 84 -2.90 -7.95 5.69
N LYS A 85 -1.83 -8.70 5.94
CA LYS A 85 -1.34 -8.89 7.30
C LYS A 85 -0.10 -9.77 7.31
N ASP A 86 0.73 -9.61 8.35
CA ASP A 86 1.95 -10.39 8.47
C ASP A 86 2.55 -10.24 9.87
N SER A 87 3.64 -10.95 10.12
CA SER A 87 4.31 -10.90 11.41
C SER A 87 5.12 -9.62 11.55
N LYS A 88 5.43 -8.99 10.42
CA LYS A 88 6.20 -7.75 10.42
C LYS A 88 5.48 -6.66 11.21
N LYS A 89 4.18 -6.84 11.40
CA LYS A 89 3.37 -5.87 12.14
C LYS A 89 4.03 -5.52 13.47
N GLU A 90 4.80 -6.46 14.01
CA GLU A 90 5.49 -6.24 15.28
C GLU A 90 6.30 -4.94 15.25
N ARG A 91 7.09 -4.77 14.20
CA ARG A 91 7.92 -3.58 14.05
C ARG A 91 7.14 -2.47 13.37
N ASP A 92 6.31 -2.83 12.39
CA ASP A 92 5.51 -1.86 11.66
C ASP A 92 4.54 -1.15 12.59
N ALA A 93 4.31 -1.74 13.77
CA ALA A 93 3.39 -1.16 14.75
C ALA A 93 3.71 0.32 14.98
N ARG A 94 4.97 0.69 14.76
CA ARG A 94 5.40 2.07 14.96
C ARG A 94 4.42 3.05 14.31
N THR A 95 3.84 2.62 13.19
CA THR A 95 2.89 3.46 12.47
C THR A 95 1.62 2.67 12.13
N LEU A 96 0.47 3.24 12.47
CA LEU A 96 -0.81 2.60 12.20
C LEU A 96 -1.46 3.20 10.95
N LEU A 97 -2.43 2.47 10.40
CA LEU A 97 -3.15 2.93 9.21
C LEU A 97 -4.63 3.07 9.48
N ALA A 98 -5.22 4.16 9.00
CA ALA A 98 -6.64 4.41 9.18
C ALA A 98 -7.42 4.18 7.90
N LYS A 99 -8.53 3.47 7.99
CA LYS A 99 -9.37 3.18 6.83
C LYS A 99 -10.84 3.30 7.18
N ASN A 100 -11.69 3.17 6.16
CA ASN A 100 -13.14 3.26 6.36
C ASN A 100 -13.54 4.66 6.83
N LEU A 101 -13.01 5.68 6.16
CA LEU A 101 -13.31 7.06 6.50
C LEU A 101 -14.01 7.77 5.35
N PRO A 102 -14.82 8.78 5.68
CA PRO A 102 -15.58 9.56 4.69
C PRO A 102 -14.67 10.44 3.84
N TYR A 103 -15.20 10.93 2.73
CA TYR A 103 -14.43 11.79 1.82
C TYR A 103 -14.27 13.18 2.41
N LYS A 104 -14.91 13.42 3.55
CA LYS A 104 -14.83 14.72 4.22
C LYS A 104 -14.11 14.60 5.55
N VAL A 105 -13.74 13.37 5.92
CA VAL A 105 -13.03 13.12 7.17
C VAL A 105 -11.84 14.06 7.32
N THR A 106 -11.41 14.26 8.57
CA THR A 106 -10.28 15.13 8.85
C THR A 106 -9.40 14.54 9.96
N GLN A 107 -8.11 14.88 9.92
CA GLN A 107 -7.16 14.39 10.91
C GLN A 107 -7.76 14.46 12.32
N ASP A 108 -8.29 15.63 12.66
CA ASP A 108 -8.89 15.83 13.98
C ASP A 108 -9.90 14.73 14.30
N GLU A 109 -10.75 14.42 13.32
CA GLU A 109 -11.77 13.40 13.49
C GLU A 109 -11.16 12.13 14.07
N LEU A 110 -10.26 11.52 13.31
CA LEU A 110 -9.60 10.28 13.75
C LEU A 110 -8.81 10.52 15.04
N LYS A 111 -8.35 11.75 15.23
CA LYS A 111 -7.59 12.10 16.41
C LYS A 111 -8.47 12.09 17.66
N GLU A 112 -9.78 12.00 17.45
CA GLU A 112 -10.73 11.98 18.56
C GLU A 112 -10.60 10.69 19.35
N VAL A 113 -9.89 9.72 18.79
CA VAL A 113 -9.68 8.43 19.44
C VAL A 113 -8.23 8.28 19.92
N PHE A 114 -7.30 8.55 19.02
CA PHE A 114 -5.88 8.44 19.33
C PHE A 114 -5.26 9.82 19.52
N GLU A 115 -6.02 10.73 20.14
CA GLU A 115 -5.55 12.09 20.37
C GLU A 115 -4.26 12.07 21.19
N ASP A 116 -4.03 10.97 21.91
CA ASP A 116 -2.83 10.83 22.73
C ASP A 116 -1.65 10.36 21.89
N ALA A 117 -1.95 9.85 20.70
CA ALA A 117 -0.91 9.36 19.80
C ALA A 117 0.20 10.40 19.63
N ALA A 118 1.31 9.99 19.03
CA ALA A 118 2.44 10.88 18.80
C ALA A 118 2.08 11.96 17.79
N GLU A 119 1.79 11.54 16.56
CA GLU A 119 1.44 12.47 15.50
C GLU A 119 0.39 11.87 14.56
N ILE A 120 -0.20 12.71 13.71
CA ILE A 120 -1.21 12.26 12.77
C ILE A 120 -0.93 12.79 11.37
N ARG A 121 -1.23 11.98 10.37
CA ARG A 121 -1.02 12.36 8.97
C ARG A 121 -2.13 11.83 8.08
N LEU A 122 -3.01 12.73 7.64
CA LEU A 122 -4.12 12.36 6.78
C LEU A 122 -3.72 12.41 5.31
N VAL A 123 -4.35 11.57 4.50
CA VAL A 123 -4.06 11.52 3.07
C VAL A 123 -5.24 12.01 2.26
N SER A 124 -4.97 12.91 1.31
CA SER A 124 -6.01 13.46 0.46
C SER A 124 -5.42 14.01 -0.84
N LYS A 125 -6.24 14.03 -1.89
CA LYS A 125 -5.81 14.52 -3.19
C LYS A 125 -6.85 15.45 -3.80
N ASP A 126 -6.38 16.55 -4.40
CA ASP A 126 -7.27 17.52 -5.02
C ASP A 126 -8.18 18.16 -3.99
N GLY A 127 -7.67 18.32 -2.76
CA GLY A 127 -8.45 18.92 -1.71
C GLY A 127 -9.55 18.02 -1.21
N LYS A 128 -9.53 16.76 -1.64
CA LYS A 128 -10.54 15.80 -1.24
C LYS A 128 -9.90 14.58 -0.60
N SER A 129 -10.49 14.11 0.50
CA SER A 129 -9.97 12.94 1.21
C SER A 129 -10.09 11.69 0.35
N LYS A 130 -9.15 10.77 0.52
CA LYS A 130 -9.15 9.51 -0.23
C LYS A 130 -9.75 8.38 0.60
N GLY A 131 -9.89 8.63 1.90
CA GLY A 131 -10.45 7.61 2.79
C GLY A 131 -9.39 6.88 3.58
N ILE A 132 -8.26 7.54 3.79
CA ILE A 132 -7.15 6.94 4.54
C ILE A 132 -6.42 7.99 5.37
N ALA A 133 -5.73 7.53 6.41
CA ALA A 133 -4.99 8.43 7.28
C ALA A 133 -3.94 7.67 8.10
N TYR A 134 -2.67 7.99 7.86
CA TYR A 134 -1.58 7.33 8.57
C TYR A 134 -1.30 8.01 9.90
N ILE A 135 -0.95 7.22 10.91
CA ILE A 135 -0.66 7.75 12.24
C ILE A 135 0.63 7.16 12.79
N GLU A 136 1.52 8.03 13.25
CA GLU A 136 2.80 7.59 13.81
C GLU A 136 2.77 7.65 15.33
N PHE A 137 2.68 6.48 15.97
CA PHE A 137 2.64 6.40 17.42
C PHE A 137 4.04 6.51 18.01
N LYS A 138 4.12 6.61 19.34
CA LYS A 138 5.40 6.73 20.02
C LYS A 138 6.09 5.37 20.11
N THR A 139 5.34 4.36 20.53
CA THR A 139 5.88 3.01 20.66
C THR A 139 4.94 1.99 20.04
N GLU A 140 5.52 0.93 19.47
CA GLU A 140 4.73 -0.12 18.83
C GLU A 140 3.72 -0.70 19.80
N ALA A 141 4.03 -0.65 21.09
CA ALA A 141 3.15 -1.16 22.12
C ALA A 141 1.95 -0.25 22.32
N ASP A 142 2.12 1.03 21.99
CA ASP A 142 1.05 2.01 22.13
C ASP A 142 0.15 2.01 20.92
N ALA A 143 0.73 1.82 19.73
CA ALA A 143 -0.02 1.79 18.50
C ALA A 143 -0.75 0.46 18.33
N GLU A 144 0.02 -0.63 18.31
CA GLU A 144 -0.54 -1.96 18.15
C GLU A 144 -1.64 -2.22 19.18
N LYS A 145 -1.54 -1.53 20.32
CA LYS A 145 -2.52 -1.69 21.38
C LYS A 145 -3.70 -0.74 21.17
N THR A 146 -3.41 0.55 21.01
CA THR A 146 -4.44 1.55 20.80
C THR A 146 -5.40 1.12 19.69
N PHE A 147 -4.90 0.30 18.77
CA PHE A 147 -5.71 -0.17 17.65
C PHE A 147 -7.07 -0.67 18.14
N GLU A 148 -7.05 -1.72 18.96
CA GLU A 148 -8.28 -2.29 19.50
C GLU A 148 -8.73 -1.55 20.75
N GLU A 149 -7.80 -0.81 21.36
CA GLU A 149 -8.10 -0.06 22.57
C GLU A 149 -8.95 1.16 22.24
N LYS A 150 -8.94 1.56 20.98
CA LYS A 150 -9.71 2.73 20.54
C LYS A 150 -10.75 2.31 19.49
N GLN A 151 -10.43 1.27 18.74
CA GLN A 151 -11.34 0.77 17.71
C GLN A 151 -12.77 0.66 18.23
N GLY A 152 -13.73 1.05 17.40
CA GLY A 152 -15.12 0.99 17.80
C GLY A 152 -15.77 2.36 17.84
N THR A 153 -14.99 3.40 17.54
CA THR A 153 -15.50 4.76 17.55
C THR A 153 -16.34 5.04 16.30
N GLU A 154 -17.11 6.12 16.35
CA GLU A 154 -17.96 6.51 15.24
C GLU A 154 -17.68 7.94 14.81
N ILE A 155 -17.45 8.13 13.50
CA ILE A 155 -17.17 9.45 12.96
C ILE A 155 -17.96 9.69 11.68
N ASP A 156 -18.62 10.84 11.61
CA ASP A 156 -19.41 11.19 10.43
C ASP A 156 -20.58 10.24 10.25
N GLY A 157 -20.94 9.53 11.32
CA GLY A 157 -22.03 8.58 11.26
C GLY A 157 -21.56 7.16 11.03
N ARG A 158 -20.41 7.02 10.37
CA ARG A 158 -19.84 5.71 10.10
C ARG A 158 -18.84 5.30 11.17
N SER A 159 -18.42 4.04 11.13
CA SER A 159 -17.47 3.53 12.11
C SER A 159 -16.08 3.35 11.48
N ILE A 160 -15.14 4.18 11.91
CA ILE A 160 -13.78 4.12 11.40
C ILE A 160 -13.00 2.96 12.02
N SER A 161 -12.17 2.31 11.21
CA SER A 161 -11.37 1.18 11.67
C SER A 161 -9.88 1.48 11.54
N LEU A 162 -9.07 0.77 12.32
CA LEU A 162 -7.63 0.96 12.28
C LEU A 162 -6.92 -0.37 12.06
N TYR A 163 -5.79 -0.32 11.35
CA TYR A 163 -5.01 -1.52 11.07
C TYR A 163 -3.52 -1.20 11.01
N TYR A 164 -2.71 -2.24 10.83
CA TYR A 164 -1.26 -2.07 10.76
C TYR A 164 -0.73 -2.52 9.41
N THR A 165 0.16 -1.70 8.83
CA THR A 165 0.74 -2.00 7.54
C THR A 165 2.13 -1.37 7.40
N GLY A 166 3.14 -2.22 7.23
CA GLY A 166 4.49 -1.73 7.08
C GLY A 166 5.42 -2.73 6.43
N GLU A 167 5.10 -3.09 5.18
CA GLU A 167 5.90 -4.06 4.44
C GLU A 167 7.38 -3.68 4.48
N PRO A 168 8.25 -4.67 4.20
CA PRO A 168 9.70 -4.47 4.20
C PRO A 168 10.16 -3.59 3.03
N LYS A 169 11.39 -3.08 3.13
CA LYS A 169 11.94 -2.24 2.09
C LYS A 169 12.78 -3.05 1.11
N GLY A 170 13.17 -4.25 1.53
CA GLY A 170 13.96 -5.12 0.68
C GLY A 170 15.25 -4.46 0.21
N GLU A 171 15.75 -3.53 1.03
CA GLU A 171 16.98 -2.82 0.70
C GLU A 171 18.20 -3.72 0.91
N GLY A 172 18.19 -4.49 1.99
CA GLY A 172 19.29 -5.38 2.29
C GLY A 172 18.82 -6.75 2.73
N LEU A 173 17.56 -7.06 2.45
CA LEU A 173 17.00 -8.36 2.82
C LEU A 173 17.42 -9.44 1.83
N GLU A 174 17.26 -9.15 0.54
CA GLU A 174 17.62 -10.09 -0.51
C GLU A 174 19.09 -10.49 -0.40
N GLY A 1 19.83 -15.84 2.39
CA GLY A 1 18.61 -16.13 1.64
C GLY A 1 17.75 -14.90 1.43
N THR A 2 17.53 -14.54 0.17
CA THR A 2 16.72 -13.38 -0.16
C THR A 2 15.78 -13.67 -1.32
N GLU A 3 14.48 -13.49 -1.09
CA GLU A 3 13.48 -13.75 -2.11
C GLU A 3 13.80 -12.97 -3.39
N PRO A 4 13.85 -11.63 -3.27
CA PRO A 4 14.14 -10.75 -4.39
C PRO A 4 15.59 -10.85 -4.85
N THR A 5 15.86 -10.34 -6.05
CA THR A 5 17.22 -10.38 -6.60
C THR A 5 17.83 -8.98 -6.66
N THR A 6 16.97 -7.97 -6.75
CA THR A 6 17.43 -6.58 -6.81
C THR A 6 16.97 -5.80 -5.59
N ALA A 7 17.52 -4.60 -5.41
CA ALA A 7 17.16 -3.75 -4.29
C ALA A 7 16.08 -2.76 -4.68
N PHE A 8 15.23 -3.15 -5.62
CA PHE A 8 14.15 -2.28 -6.08
C PHE A 8 12.84 -3.06 -6.18
N ASN A 9 12.13 -3.17 -5.07
CA ASN A 9 10.86 -3.88 -5.03
C ASN A 9 9.75 -2.98 -4.50
N LEU A 10 8.51 -3.36 -4.78
CA LEU A 10 7.35 -2.60 -4.34
C LEU A 10 6.23 -3.52 -3.87
N PHE A 11 5.41 -3.03 -2.95
CA PHE A 11 4.29 -3.81 -2.42
C PHE A 11 3.04 -3.63 -3.28
N VAL A 12 2.60 -4.71 -3.90
CA VAL A 12 1.41 -4.67 -4.75
C VAL A 12 0.20 -5.24 -4.03
N GLY A 13 -0.99 -4.84 -4.47
CA GLY A 13 -2.21 -5.32 -3.86
C GLY A 13 -3.35 -5.46 -4.85
N ASN A 14 -4.41 -6.14 -4.44
CA ASN A 14 -5.58 -6.34 -5.31
C ASN A 14 -5.16 -7.00 -6.62
N LEU A 15 -4.60 -8.20 -6.51
CA LEU A 15 -4.16 -8.94 -7.69
C LEU A 15 -5.17 -10.02 -8.06
N ASN A 16 -6.31 -10.01 -7.39
CA ASN A 16 -7.36 -10.99 -7.64
C ASN A 16 -6.91 -12.38 -7.22
N PHE A 17 -7.75 -13.07 -6.44
CA PHE A 17 -7.44 -14.41 -5.98
C PHE A 17 -8.35 -15.44 -6.62
N ASN A 18 -8.16 -15.67 -7.92
CA ASN A 18 -8.98 -16.63 -8.65
C ASN A 18 -8.10 -17.70 -9.30
N LYS A 19 -6.92 -17.29 -9.73
CA LYS A 19 -5.98 -18.22 -10.37
C LYS A 19 -5.03 -18.83 -9.35
N SER A 20 -4.02 -19.54 -9.83
CA SER A 20 -3.05 -20.18 -8.96
C SER A 20 -2.06 -19.15 -8.40
N ALA A 21 -1.27 -19.57 -7.42
CA ALA A 21 -0.28 -18.69 -6.80
C ALA A 21 0.73 -18.20 -7.84
N PRO A 22 1.45 -19.14 -8.47
CA PRO A 22 2.45 -18.83 -9.48
C PRO A 22 1.84 -18.29 -10.76
N GLU A 23 0.52 -18.35 -10.85
CA GLU A 23 -0.19 -17.86 -12.03
C GLU A 23 -0.42 -16.36 -11.95
N LEU A 24 -0.31 -15.82 -10.75
CA LEU A 24 -0.50 -14.39 -10.53
C LEU A 24 0.69 -13.59 -11.06
N LYS A 25 1.89 -14.13 -10.86
CA LYS A 25 3.11 -13.47 -11.32
C LYS A 25 3.00 -13.10 -12.80
N THR A 26 2.54 -14.03 -13.61
CA THR A 26 2.40 -13.80 -15.05
C THR A 26 1.64 -12.50 -15.31
N GLY A 27 0.39 -12.44 -14.87
CA GLY A 27 -0.41 -11.24 -15.08
C GLY A 27 0.26 -10.00 -14.52
N ILE A 28 0.74 -10.08 -13.29
CA ILE A 28 1.41 -8.96 -12.65
C ILE A 28 2.53 -8.42 -13.52
N SER A 29 3.40 -9.31 -13.98
CA SER A 29 4.52 -8.93 -14.82
C SER A 29 4.06 -8.55 -16.22
N ASP A 30 2.85 -8.99 -16.57
CA ASP A 30 2.28 -8.68 -17.88
C ASP A 30 1.90 -7.21 -17.99
N VAL A 31 1.00 -6.77 -17.11
CA VAL A 31 0.56 -5.39 -17.10
C VAL A 31 1.74 -4.43 -17.14
N PHE A 32 2.79 -4.74 -16.38
CA PHE A 32 3.98 -3.91 -16.33
C PHE A 32 4.68 -3.89 -17.68
N ALA A 33 4.72 -5.04 -18.35
CA ALA A 33 5.36 -5.15 -19.64
C ALA A 33 4.68 -4.25 -20.68
N LYS A 34 3.43 -3.88 -20.39
CA LYS A 34 2.68 -3.02 -21.29
C LYS A 34 3.07 -1.55 -21.11
N ASN A 35 3.59 -1.23 -19.93
CA ASN A 35 4.01 0.13 -19.63
C ASN A 35 5.52 0.27 -19.74
N ASP A 36 6.13 -0.57 -20.56
CA ASP A 36 7.57 -0.55 -20.77
C ASP A 36 8.31 -0.77 -19.44
N LEU A 37 7.75 -1.63 -18.60
CA LEU A 37 8.36 -1.93 -17.31
C LEU A 37 8.84 -3.38 -17.26
N ALA A 38 10.11 -3.57 -16.93
CA ALA A 38 10.69 -4.89 -16.85
C ALA A 38 10.85 -5.34 -15.39
N VAL A 39 10.34 -6.51 -15.07
CA VAL A 39 10.42 -7.04 -13.71
C VAL A 39 11.39 -8.22 -13.64
N VAL A 40 12.26 -8.20 -12.64
CA VAL A 40 13.24 -9.27 -12.46
C VAL A 40 12.64 -10.43 -11.68
N ASP A 41 11.73 -10.12 -10.77
CA ASP A 41 11.08 -11.14 -9.96
C ASP A 41 9.74 -10.64 -9.42
N VAL A 42 8.84 -11.58 -9.13
CA VAL A 42 7.53 -11.23 -8.61
C VAL A 42 7.12 -12.17 -7.48
N ARG A 43 6.71 -11.58 -6.36
CA ARG A 43 6.29 -12.35 -5.20
C ARG A 43 4.78 -12.22 -4.95
N ILE A 44 4.15 -13.31 -4.56
CA ILE A 44 2.72 -13.31 -4.30
C ILE A 44 2.41 -13.86 -2.91
N GLY A 45 1.47 -13.23 -2.22
CA GLY A 45 1.09 -13.68 -0.89
C GLY A 45 0.40 -15.02 -0.90
N MET A 46 0.06 -15.53 0.28
CA MET A 46 -0.61 -16.81 0.40
C MET A 46 -2.11 -16.67 0.18
N THR A 47 -2.54 -15.45 -0.13
CA THR A 47 -3.96 -15.18 -0.37
C THR A 47 -4.21 -14.83 -1.85
N ARG A 48 -3.13 -14.80 -2.63
CA ARG A 48 -3.24 -14.48 -4.04
C ARG A 48 -4.01 -13.18 -4.26
N LYS A 49 -3.92 -12.28 -3.28
CA LYS A 49 -4.61 -10.99 -3.36
C LYS A 49 -3.61 -9.84 -3.34
N PHE A 50 -2.38 -10.14 -2.96
CA PHE A 50 -1.32 -9.13 -2.91
C PHE A 50 0.06 -9.76 -3.01
N GLY A 51 1.09 -8.94 -2.97
CA GLY A 51 2.46 -9.44 -3.05
C GLY A 51 3.46 -8.33 -3.29
N TYR A 52 4.56 -8.68 -3.97
CA TYR A 52 5.60 -7.70 -4.26
C TYR A 52 6.13 -7.88 -5.68
N VAL A 53 6.79 -6.85 -6.20
CA VAL A 53 7.35 -6.90 -7.55
C VAL A 53 8.72 -6.23 -7.59
N ASP A 54 9.69 -6.94 -8.14
CA ASP A 54 11.05 -6.41 -8.24
C ASP A 54 11.34 -5.93 -9.66
N PHE A 55 11.89 -4.74 -9.78
CA PHE A 55 12.21 -4.15 -11.08
C PHE A 55 13.72 -4.16 -11.33
N GLU A 56 14.10 -4.08 -12.60
CA GLU A 56 15.52 -4.08 -12.97
C GLU A 56 16.28 -3.04 -12.15
N SER A 57 15.84 -1.79 -12.23
CA SER A 57 16.50 -0.70 -11.51
C SER A 57 15.46 0.24 -10.90
N ALA A 58 15.93 1.15 -10.05
CA ALA A 58 15.05 2.10 -9.39
C ALA A 58 14.16 2.82 -10.40
N GLU A 59 14.69 3.03 -11.61
CA GLU A 59 13.95 3.71 -12.67
C GLU A 59 12.59 3.04 -12.87
N ASP A 60 12.61 1.75 -13.20
CA ASP A 60 11.37 1.01 -13.42
C ASP A 60 10.64 0.76 -12.11
N LEU A 61 11.39 0.78 -11.01
CA LEU A 61 10.81 0.55 -9.69
C LEU A 61 9.86 1.68 -9.31
N GLU A 62 10.33 2.92 -9.45
CA GLU A 62 9.52 4.09 -9.13
C GLU A 62 8.55 4.41 -10.26
N LYS A 63 8.98 4.15 -11.49
CA LYS A 63 8.16 4.41 -12.67
C LYS A 63 6.76 3.82 -12.49
N ALA A 64 6.70 2.56 -12.08
CA ALA A 64 5.43 1.89 -11.87
C ALA A 64 4.55 2.65 -10.90
N LEU A 65 5.18 3.33 -9.96
CA LEU A 65 4.45 4.12 -8.97
C LEU A 65 3.98 5.45 -9.54
N GLU A 66 4.58 5.84 -10.67
CA GLU A 66 4.24 7.09 -11.33
C GLU A 66 3.11 6.89 -12.34
N LEU A 67 3.30 5.92 -13.23
CA LEU A 67 2.30 5.61 -14.25
C LEU A 67 1.00 5.13 -13.61
N THR A 68 -0.02 4.91 -14.45
CA THR A 68 -1.31 4.44 -13.96
C THR A 68 -1.95 3.46 -14.94
N GLY A 69 -3.09 2.91 -14.56
CA GLY A 69 -3.78 1.96 -15.42
C GLY A 69 -3.21 0.56 -15.30
N LEU A 70 -2.88 0.16 -14.07
CA LEU A 70 -2.33 -1.17 -13.83
C LEU A 70 -3.41 -2.12 -13.31
N LYS A 71 -3.72 -3.15 -14.11
CA LYS A 71 -4.73 -4.12 -13.72
C LYS A 71 -4.28 -5.53 -14.08
N VAL A 72 -4.78 -6.52 -13.34
CA VAL A 72 -4.43 -7.91 -13.59
C VAL A 72 -5.62 -8.83 -13.34
N PHE A 73 -5.87 -9.74 -14.28
CA PHE A 73 -6.98 -10.68 -14.15
C PHE A 73 -8.30 -9.93 -14.03
N GLY A 74 -8.33 -8.69 -14.50
CA GLY A 74 -9.55 -7.89 -14.44
C GLY A 74 -9.51 -6.88 -13.31
N ASN A 75 -9.09 -7.32 -12.14
CA ASN A 75 -9.02 -6.44 -10.98
C ASN A 75 -7.83 -5.48 -11.10
N GLU A 76 -8.05 -4.22 -10.71
CA GLU A 76 -7.00 -3.21 -10.78
C GLU A 76 -6.07 -3.30 -9.57
N ILE A 77 -4.83 -3.70 -9.82
CA ILE A 77 -3.85 -3.84 -8.76
C ILE A 77 -3.47 -2.48 -8.18
N LYS A 78 -2.75 -2.50 -7.07
CA LYS A 78 -2.33 -1.26 -6.41
C LYS A 78 -0.87 -1.36 -5.97
N LEU A 79 -0.05 -0.45 -6.47
CA LEU A 79 1.37 -0.43 -6.12
C LEU A 79 1.63 0.48 -4.93
N GLU A 80 2.46 0.02 -4.00
CA GLU A 80 2.79 0.79 -2.80
C GLU A 80 4.22 0.50 -2.34
N LYS A 81 4.59 1.10 -1.22
CA LYS A 81 5.93 0.90 -0.67
C LYS A 81 5.87 0.08 0.62
N PRO A 82 6.78 -0.91 0.74
CA PRO A 82 6.86 -1.77 1.91
C PRO A 82 7.36 -1.04 3.15
N LYS A 83 7.59 -1.79 4.22
CA LYS A 83 8.08 -1.21 5.47
C LYS A 83 9.53 -0.75 5.32
N GLY A 84 9.89 0.28 6.08
CA GLY A 84 11.25 0.80 6.03
C GLY A 84 11.87 0.94 7.40
N LYS A 85 13.16 0.65 7.50
CA LYS A 85 13.88 0.74 8.77
C LYS A 85 15.02 1.75 8.67
N ASP A 86 14.68 2.99 8.38
CA ASP A 86 15.68 4.05 8.26
C ASP A 86 15.33 5.24 9.16
N SER A 87 16.35 6.01 9.54
CA SER A 87 16.15 7.17 10.39
C SER A 87 15.15 8.14 9.78
N LYS A 88 15.04 8.09 8.45
CA LYS A 88 14.11 8.97 7.73
C LYS A 88 12.69 8.81 8.25
N LYS A 89 12.40 7.64 8.82
CA LYS A 89 11.07 7.37 9.36
C LYS A 89 10.67 8.42 10.37
N GLU A 90 11.66 9.03 11.01
CA GLU A 90 11.40 10.06 12.01
C GLU A 90 10.51 11.16 11.44
N ARG A 91 10.88 11.67 10.26
CA ARG A 91 10.11 12.73 9.61
C ARG A 91 8.87 12.15 8.92
N ASP A 92 9.03 11.00 8.28
CA ASP A 92 7.93 10.34 7.59
C ASP A 92 6.81 9.99 8.57
N ALA A 93 7.14 9.95 9.85
CA ALA A 93 6.16 9.62 10.89
C ALA A 93 5.13 10.74 11.04
N ARG A 94 5.41 11.87 10.42
CA ARG A 94 4.50 13.02 10.47
C ARG A 94 3.08 12.61 10.10
N THR A 95 2.97 11.77 9.07
CA THR A 95 1.66 11.30 8.61
C THR A 95 1.65 9.78 8.47
N LEU A 96 0.56 9.16 8.92
CA LEU A 96 0.42 7.71 8.84
C LEU A 96 -0.56 7.31 7.74
N LEU A 97 -0.42 6.09 7.24
CA LEU A 97 -1.30 5.58 6.20
C LEU A 97 -2.04 4.33 6.65
N ALA A 98 -3.28 4.19 6.20
CA ALA A 98 -4.10 3.04 6.55
C ALA A 98 -4.31 2.12 5.35
N LYS A 99 -4.34 0.82 5.61
CA LYS A 99 -4.53 -0.17 4.55
C LYS A 99 -5.45 -1.29 5.01
N ASN A 100 -5.80 -2.19 4.10
CA ASN A 100 -6.68 -3.31 4.42
C ASN A 100 -8.06 -2.82 4.82
N LEU A 101 -8.48 -1.70 4.24
CA LEU A 101 -9.79 -1.14 4.54
C LEU A 101 -10.80 -1.49 3.44
N PRO A 102 -12.07 -1.65 3.84
CA PRO A 102 -13.15 -1.99 2.91
C PRO A 102 -13.49 -0.83 1.98
N TYR A 103 -14.27 -1.11 0.94
CA TYR A 103 -14.67 -0.09 -0.02
C TYR A 103 -15.77 0.79 0.54
N LYS A 104 -16.24 0.46 1.75
CA LYS A 104 -17.30 1.23 2.40
C LYS A 104 -16.75 1.96 3.63
N VAL A 105 -15.49 1.69 3.97
CA VAL A 105 -14.85 2.32 5.11
C VAL A 105 -15.02 3.84 5.06
N THR A 106 -14.95 4.47 6.22
CA THR A 106 -15.09 5.92 6.31
C THR A 106 -14.08 6.51 7.29
N GLN A 107 -14.03 7.83 7.36
CA GLN A 107 -13.10 8.52 8.25
C GLN A 107 -13.37 8.13 9.70
N ASP A 108 -14.58 8.42 10.17
CA ASP A 108 -14.97 8.11 11.54
C ASP A 108 -14.68 6.64 11.87
N GLU A 109 -14.89 5.78 10.88
CA GLU A 109 -14.65 4.35 11.05
C GLU A 109 -13.27 4.09 11.63
N LEU A 110 -12.24 4.47 10.87
CA LEU A 110 -10.86 4.27 11.31
C LEU A 110 -10.53 5.17 12.50
N LYS A 111 -11.28 6.27 12.63
CA LYS A 111 -11.08 7.20 13.72
C LYS A 111 -11.42 6.57 15.06
N GLU A 112 -12.08 5.41 15.00
CA GLU A 112 -12.48 4.70 16.22
C GLU A 112 -11.25 4.25 17.00
N VAL A 113 -10.09 4.29 16.35
CA VAL A 113 -8.84 3.88 16.99
C VAL A 113 -7.94 5.09 17.25
N PHE A 114 -7.75 5.90 16.22
CA PHE A 114 -6.91 7.09 16.34
C PHE A 114 -7.76 8.34 16.43
N GLU A 115 -8.88 8.24 17.14
CA GLU A 115 -9.79 9.38 17.30
C GLU A 115 -9.05 10.57 17.91
N ASP A 116 -7.98 10.28 18.66
CA ASP A 116 -7.20 11.33 19.29
C ASP A 116 -6.25 11.99 18.30
N ALA A 117 -6.03 11.32 17.17
CA ALA A 117 -5.14 11.84 16.14
C ALA A 117 -5.45 13.30 15.84
N ALA A 118 -4.49 13.98 15.21
CA ALA A 118 -4.64 15.39 14.87
C ALA A 118 -5.71 15.57 13.80
N GLU A 119 -5.47 15.01 12.62
CA GLU A 119 -6.41 15.11 11.51
C GLU A 119 -6.56 13.78 10.79
N ILE A 120 -7.69 13.57 10.15
CA ILE A 120 -7.96 12.34 9.41
C ILE A 120 -8.52 12.63 8.03
N ARG A 121 -7.92 12.04 7.00
CA ARG A 121 -8.38 12.24 5.63
C ARG A 121 -8.48 10.90 4.90
N LEU A 122 -9.69 10.53 4.52
CA LEU A 122 -9.92 9.27 3.82
C LEU A 122 -9.85 9.48 2.30
N VAL A 123 -9.63 8.39 1.58
CA VAL A 123 -9.54 8.45 0.12
C VAL A 123 -10.69 7.69 -0.53
N SER A 124 -11.68 8.42 -1.02
CA SER A 124 -12.83 7.81 -1.67
C SER A 124 -13.26 8.62 -2.89
N LYS A 125 -13.75 7.92 -3.92
CA LYS A 125 -14.20 8.57 -5.14
C LYS A 125 -15.61 8.12 -5.51
N ASP A 126 -16.46 9.08 -5.87
CA ASP A 126 -17.83 8.78 -6.25
C ASP A 126 -18.61 8.19 -5.08
N GLY A 127 -18.08 8.40 -3.87
CA GLY A 127 -18.74 7.88 -2.69
C GLY A 127 -18.34 6.44 -2.38
N LYS A 128 -17.09 6.11 -2.68
CA LYS A 128 -16.58 4.76 -2.44
C LYS A 128 -15.11 4.79 -2.07
N SER A 129 -14.76 4.17 -0.94
CA SER A 129 -13.39 4.13 -0.47
C SER A 129 -12.46 3.63 -1.57
N LYS A 130 -11.16 3.87 -1.39
CA LYS A 130 -10.16 3.44 -2.36
C LYS A 130 -9.31 2.30 -1.79
N GLY A 131 -9.44 2.07 -0.50
CA GLY A 131 -8.67 1.01 0.14
C GLY A 131 -7.48 1.55 0.91
N ILE A 132 -7.43 2.85 1.09
CA ILE A 132 -6.33 3.49 1.81
C ILE A 132 -6.77 4.82 2.43
N ALA A 133 -6.29 5.08 3.63
CA ALA A 133 -6.62 6.32 4.33
C ALA A 133 -5.36 7.06 4.77
N TYR A 134 -5.43 8.38 4.76
CA TYR A 134 -4.30 9.21 5.16
C TYR A 134 -4.63 10.02 6.42
N ILE A 135 -3.82 9.83 7.46
CA ILE A 135 -4.01 10.53 8.72
C ILE A 135 -2.76 11.29 9.12
N GLU A 136 -2.92 12.59 9.42
CA GLU A 136 -1.80 13.42 9.82
C GLU A 136 -1.80 13.65 11.33
N PHE A 137 -0.89 12.96 12.03
CA PHE A 137 -0.79 13.08 13.48
C PHE A 137 -0.13 14.40 13.87
N LYS A 138 -0.12 14.68 15.16
CA LYS A 138 0.49 15.91 15.68
C LYS A 138 2.01 15.85 15.60
N THR A 139 2.58 14.74 16.06
CA THR A 139 4.02 14.54 16.03
C THR A 139 4.38 13.12 15.64
N GLU A 140 5.58 12.96 15.09
CA GLU A 140 6.05 11.64 14.66
C GLU A 140 5.94 10.63 15.81
N ALA A 141 6.29 11.07 17.01
CA ALA A 141 6.22 10.21 18.18
C ALA A 141 4.79 9.80 18.49
N ASP A 142 3.84 10.63 18.07
CA ASP A 142 2.43 10.35 18.30
C ASP A 142 1.87 9.42 17.23
N ALA A 143 2.40 9.53 16.02
CA ALA A 143 1.96 8.71 14.90
C ALA A 143 2.66 7.35 14.92
N GLU A 144 3.99 7.37 14.84
CA GLU A 144 4.77 6.14 14.85
C GLU A 144 4.39 5.26 16.04
N LYS A 145 3.93 5.89 17.12
CA LYS A 145 3.52 5.16 18.31
C LYS A 145 2.08 4.66 18.19
N THR A 146 1.17 5.56 17.84
CA THR A 146 -0.23 5.21 17.69
C THR A 146 -0.40 4.01 16.76
N PHE A 147 0.55 3.83 15.86
CA PHE A 147 0.51 2.72 14.91
C PHE A 147 0.23 1.40 15.63
N GLU A 148 1.15 1.02 16.52
CA GLU A 148 1.02 -0.22 17.28
C GLU A 148 0.10 -0.02 18.48
N GLU A 149 -0.07 1.23 18.89
CA GLU A 149 -0.92 1.55 20.03
C GLU A 149 -2.40 1.39 19.67
N LYS A 150 -2.70 1.41 18.38
CA LYS A 150 -4.06 1.26 17.90
C LYS A 150 -4.21 0.01 17.05
N GLN A 151 -3.12 -0.41 16.41
CA GLN A 151 -3.13 -1.60 15.57
C GLN A 151 -3.77 -2.78 16.29
N GLY A 152 -4.53 -3.58 15.56
CA GLY A 152 -5.18 -4.73 16.15
C GLY A 152 -6.68 -4.55 16.26
N THR A 153 -7.18 -3.44 15.74
CA THR A 153 -8.61 -3.14 15.78
C THR A 153 -9.35 -3.83 14.64
N GLU A 154 -10.67 -3.91 14.76
CA GLU A 154 -11.49 -4.55 13.73
C GLU A 154 -12.55 -3.58 13.21
N ILE A 155 -12.64 -3.47 11.89
CA ILE A 155 -13.62 -2.58 11.27
C ILE A 155 -14.30 -3.26 10.09
N ASP A 156 -15.64 -3.21 10.09
CA ASP A 156 -16.41 -3.81 9.01
C ASP A 156 -16.23 -5.33 9.00
N GLY A 157 -15.80 -5.87 10.12
CA GLY A 157 -15.59 -7.31 10.23
C GLY A 157 -14.14 -7.70 9.96
N ARG A 158 -13.45 -6.90 9.17
CA ARG A 158 -12.05 -7.17 8.84
C ARG A 158 -11.11 -6.42 9.79
N SER A 159 -9.83 -6.76 9.72
CA SER A 159 -8.83 -6.12 10.57
C SER A 159 -8.03 -5.09 9.79
N ILE A 160 -8.15 -3.82 10.17
CA ILE A 160 -7.44 -2.74 9.51
C ILE A 160 -6.03 -2.58 10.07
N SER A 161 -5.08 -2.29 9.20
CA SER A 161 -3.69 -2.10 9.61
C SER A 161 -3.22 -0.67 9.35
N LEU A 162 -2.15 -0.28 10.01
CA LEU A 162 -1.60 1.07 9.85
C LEU A 162 -0.12 1.01 9.50
N TYR A 163 0.34 1.97 8.70
CA TYR A 163 1.73 2.03 8.29
C TYR A 163 2.17 3.47 8.07
N TYR A 164 3.24 3.88 8.75
CA TYR A 164 3.76 5.23 8.63
C TYR A 164 4.48 5.42 7.29
N THR A 165 4.38 6.62 6.74
CA THR A 165 5.02 6.94 5.47
C THR A 165 5.12 8.44 5.25
N GLY A 166 6.18 8.88 4.59
CA GLY A 166 6.37 10.29 4.33
C GLY A 166 6.58 10.59 2.85
N GLU A 167 7.20 9.65 2.15
CA GLU A 167 7.47 9.82 0.72
C GLU A 167 8.40 11.00 0.48
N PRO A 168 9.03 11.03 -0.71
CA PRO A 168 9.95 12.09 -1.09
C PRO A 168 9.24 13.42 -1.34
N LYS A 169 9.99 14.51 -1.24
CA LYS A 169 9.43 15.84 -1.44
C LYS A 169 9.28 16.14 -2.93
N GLY A 170 10.39 16.44 -3.59
CA GLY A 170 10.36 16.73 -5.01
C GLY A 170 9.79 18.11 -5.29
N GLU A 171 9.80 18.97 -4.28
CA GLU A 171 9.28 20.32 -4.44
C GLU A 171 10.22 21.18 -5.29
N GLY A 172 11.51 21.03 -5.04
CA GLY A 172 12.50 21.79 -5.78
C GLY A 172 13.76 20.99 -6.07
N LEU A 173 13.65 19.68 -5.97
CA LEU A 173 14.79 18.79 -6.23
C LEU A 173 15.13 18.75 -7.71
N GLU A 174 14.14 18.42 -8.53
CA GLU A 174 14.33 18.34 -9.97
C GLU A 174 14.96 19.63 -10.50
N GLY A 1 21.74 -12.35 -2.18
CA GLY A 1 22.70 -12.47 -3.27
C GLY A 1 22.28 -11.69 -4.50
N THR A 2 21.74 -10.50 -4.29
CA THR A 2 21.30 -9.65 -5.40
C THR A 2 20.20 -10.34 -6.20
N GLU A 3 19.13 -10.73 -5.53
CA GLU A 3 18.02 -11.40 -6.18
C GLU A 3 17.53 -10.60 -7.39
N PRO A 4 17.07 -9.36 -7.12
CA PRO A 4 16.58 -8.46 -8.17
C PRO A 4 17.69 -7.97 -9.09
N THR A 5 17.30 -7.29 -10.17
CA THR A 5 18.26 -6.77 -11.12
C THR A 5 18.33 -5.25 -11.06
N THR A 6 17.18 -4.61 -10.89
CA THR A 6 17.11 -3.16 -10.80
C THR A 6 16.69 -2.71 -9.41
N ALA A 7 16.96 -1.45 -9.10
CA ALA A 7 16.62 -0.89 -7.80
C ALA A 7 15.14 -0.51 -7.73
N PHE A 8 14.50 -0.45 -8.90
CA PHE A 8 13.09 -0.12 -8.98
C PHE A 8 12.21 -1.34 -8.72
N ASN A 9 11.59 -1.37 -7.54
CA ASN A 9 10.72 -2.48 -7.17
C ASN A 9 9.61 -2.01 -6.23
N LEU A 10 8.50 -2.74 -6.22
CA LEU A 10 7.36 -2.41 -5.37
C LEU A 10 6.81 -3.65 -4.70
N PHE A 11 6.19 -3.46 -3.53
CA PHE A 11 5.61 -4.57 -2.78
C PHE A 11 4.19 -4.86 -3.26
N VAL A 12 3.98 -6.08 -3.75
CA VAL A 12 2.67 -6.49 -4.24
C VAL A 12 2.04 -7.53 -3.32
N GLY A 13 0.72 -7.68 -3.42
CA GLY A 13 0.02 -8.64 -2.59
C GLY A 13 -1.23 -9.17 -3.26
N ASN A 14 -1.93 -10.07 -2.57
CA ASN A 14 -3.15 -10.67 -3.11
C ASN A 14 -2.90 -11.27 -4.48
N LEU A 15 -1.93 -12.17 -4.56
CA LEU A 15 -1.59 -12.83 -5.81
C LEU A 15 -2.20 -14.23 -5.89
N ASN A 16 -3.08 -14.53 -4.92
CA ASN A 16 -3.73 -15.83 -4.87
C ASN A 16 -2.73 -16.94 -4.60
N PHE A 17 -3.06 -17.82 -3.67
CA PHE A 17 -2.17 -18.94 -3.32
C PHE A 17 -2.79 -20.27 -3.74
N ASN A 18 -2.80 -20.52 -5.04
CA ASN A 18 -3.36 -21.76 -5.59
C ASN A 18 -2.41 -22.38 -6.61
N LYS A 19 -1.81 -21.53 -7.44
CA LYS A 19 -0.88 -21.99 -8.47
C LYS A 19 0.53 -22.11 -7.91
N SER A 20 1.47 -22.51 -8.76
CA SER A 20 2.86 -22.66 -8.35
C SER A 20 3.49 -21.30 -8.06
N ALA A 21 4.71 -21.33 -7.54
CA ALA A 21 5.42 -20.09 -7.21
C ALA A 21 5.76 -19.30 -8.47
N PRO A 22 6.53 -19.92 -9.37
CA PRO A 22 6.94 -19.29 -10.63
C PRO A 22 5.76 -19.12 -11.60
N GLU A 23 4.62 -19.68 -11.23
CA GLU A 23 3.43 -19.59 -12.07
C GLU A 23 2.69 -18.27 -11.84
N LEU A 24 2.99 -17.63 -10.71
CA LEU A 24 2.36 -16.36 -10.37
C LEU A 24 3.09 -15.20 -11.02
N LYS A 25 4.42 -15.31 -11.12
CA LYS A 25 5.24 -14.27 -11.72
C LYS A 25 4.72 -13.90 -13.12
N THR A 26 4.27 -14.91 -13.86
CA THR A 26 3.75 -14.70 -15.20
C THR A 26 2.56 -13.75 -15.19
N GLY A 27 1.50 -14.16 -14.50
CA GLY A 27 0.31 -13.33 -14.41
C GLY A 27 0.62 -11.92 -13.95
N ILE A 28 1.45 -11.81 -12.92
CA ILE A 28 1.81 -10.51 -12.37
C ILE A 28 2.43 -9.62 -13.45
N SER A 29 3.40 -10.16 -14.18
CA SER A 29 4.07 -9.42 -15.24
C SER A 29 3.16 -9.26 -16.45
N ASP A 30 2.14 -10.10 -16.53
CA ASP A 30 1.19 -10.05 -17.65
C ASP A 30 0.26 -8.85 -17.50
N VAL A 31 -0.47 -8.79 -16.39
CA VAL A 31 -1.40 -7.70 -16.14
C VAL A 31 -0.73 -6.36 -16.38
N PHE A 32 0.50 -6.21 -15.90
CA PHE A 32 1.24 -4.96 -16.06
C PHE A 32 1.51 -4.69 -17.53
N ALA A 33 1.80 -5.74 -18.29
CA ALA A 33 2.07 -5.60 -19.71
C ALA A 33 0.89 -4.99 -20.46
N LYS A 34 -0.30 -5.14 -19.88
CA LYS A 34 -1.52 -4.59 -20.48
C LYS A 34 -1.63 -3.09 -20.22
N ASN A 35 -1.00 -2.65 -19.15
CA ASN A 35 -1.03 -1.23 -18.78
C ASN A 35 0.21 -0.51 -19.30
N ASP A 36 0.78 -1.03 -20.38
CA ASP A 36 1.97 -0.43 -20.98
C ASP A 36 3.13 -0.41 -19.98
N LEU A 37 3.15 -1.40 -19.10
CA LEU A 37 4.20 -1.50 -18.09
C LEU A 37 5.14 -2.66 -18.39
N ALA A 38 6.43 -2.43 -18.23
CA ALA A 38 7.43 -3.48 -18.48
C ALA A 38 8.20 -3.82 -17.20
N VAL A 39 8.23 -5.11 -16.87
CA VAL A 39 8.93 -5.57 -15.68
C VAL A 39 10.21 -6.31 -16.04
N VAL A 40 11.21 -6.19 -15.18
CA VAL A 40 12.49 -6.84 -15.41
C VAL A 40 12.59 -8.16 -14.64
N ASP A 41 11.83 -8.25 -13.55
CA ASP A 41 11.82 -9.46 -12.73
C ASP A 41 10.73 -9.39 -11.66
N VAL A 42 10.12 -10.53 -11.37
CA VAL A 42 9.06 -10.59 -10.37
C VAL A 42 9.37 -11.63 -9.30
N ARG A 43 9.13 -11.27 -8.04
CA ARG A 43 9.39 -12.17 -6.92
C ARG A 43 8.10 -12.47 -6.16
N ILE A 44 7.98 -13.71 -5.70
CA ILE A 44 6.79 -14.14 -4.96
C ILE A 44 7.19 -14.76 -3.62
N GLY A 45 6.47 -14.37 -2.57
CA GLY A 45 6.75 -14.90 -1.24
C GLY A 45 6.57 -16.41 -1.17
N MET A 46 6.67 -16.95 0.03
CA MET A 46 6.52 -18.39 0.23
C MET A 46 5.05 -18.79 0.26
N THR A 47 4.20 -17.87 0.73
CA THR A 47 2.77 -18.12 0.82
C THR A 47 2.10 -17.95 -0.53
N ARG A 48 2.86 -17.45 -1.51
CA ARG A 48 2.33 -17.25 -2.85
C ARG A 48 1.14 -16.31 -2.83
N LYS A 49 1.02 -15.54 -1.76
CA LYS A 49 -0.08 -14.59 -1.62
C LYS A 49 0.39 -13.16 -1.84
N PHE A 50 1.70 -12.98 -1.88
CA PHE A 50 2.29 -11.65 -2.09
C PHE A 50 3.70 -11.77 -2.67
N GLY A 51 4.32 -10.62 -2.92
CA GLY A 51 5.66 -10.61 -3.47
C GLY A 51 6.12 -9.22 -3.88
N TYR A 52 7.02 -9.16 -4.84
CA TYR A 52 7.55 -7.88 -5.32
C TYR A 52 7.65 -7.87 -6.84
N VAL A 53 7.67 -6.67 -7.41
CA VAL A 53 7.77 -6.52 -8.86
C VAL A 53 8.82 -5.47 -9.23
N ASP A 54 9.77 -5.86 -10.08
CA ASP A 54 10.82 -4.95 -10.52
C ASP A 54 10.51 -4.39 -11.91
N PHE A 55 10.83 -3.12 -12.10
CA PHE A 55 10.59 -2.45 -13.38
C PHE A 55 11.89 -1.95 -13.99
N GLU A 56 11.88 -1.72 -15.29
CA GLU A 56 13.06 -1.23 -16.00
C GLU A 56 13.39 0.20 -15.58
N SER A 57 12.35 0.98 -15.33
CA SER A 57 12.53 2.37 -14.92
C SER A 57 11.51 2.77 -13.86
N ALA A 58 11.84 3.79 -13.07
CA ALA A 58 10.94 4.27 -12.03
C ALA A 58 9.58 4.64 -12.59
N GLU A 59 9.55 4.98 -13.89
CA GLU A 59 8.31 5.35 -14.54
C GLU A 59 7.30 4.20 -14.49
N ASP A 60 7.68 3.07 -15.04
CA ASP A 60 6.81 1.89 -15.06
C ASP A 60 6.53 1.40 -13.64
N LEU A 61 7.41 1.76 -12.71
CA LEU A 61 7.26 1.36 -11.32
C LEU A 61 6.18 2.19 -10.63
N GLU A 62 6.32 3.51 -10.69
CA GLU A 62 5.36 4.41 -10.07
C GLU A 62 4.05 4.44 -10.87
N LYS A 63 4.12 4.06 -12.14
CA LYS A 63 2.96 4.04 -13.00
C LYS A 63 1.93 3.02 -12.50
N ALA A 64 2.40 1.83 -12.19
CA ALA A 64 1.52 0.76 -11.70
C ALA A 64 0.73 1.23 -10.48
N LEU A 65 1.30 2.19 -9.75
CA LEU A 65 0.65 2.72 -8.56
C LEU A 65 -0.44 3.72 -8.92
N GLU A 66 -0.29 4.36 -10.08
CA GLU A 66 -1.26 5.34 -10.55
C GLU A 66 -2.45 4.65 -11.22
N LEU A 67 -2.14 3.78 -12.18
CA LEU A 67 -3.19 3.05 -12.90
C LEU A 67 -3.98 2.15 -11.95
N THR A 68 -5.00 1.48 -12.48
CA THR A 68 -5.83 0.59 -11.69
C THR A 68 -6.38 -0.55 -12.54
N GLY A 69 -7.02 -1.52 -11.88
CA GLY A 69 -7.57 -2.66 -12.59
C GLY A 69 -6.56 -3.77 -12.79
N LEU A 70 -5.74 -4.01 -11.76
CA LEU A 70 -4.73 -5.06 -11.83
C LEU A 70 -5.20 -6.32 -11.10
N LYS A 71 -5.28 -7.42 -11.83
CA LYS A 71 -5.71 -8.70 -11.26
C LYS A 71 -5.08 -9.87 -12.00
N VAL A 72 -4.96 -11.00 -11.32
CA VAL A 72 -4.38 -12.19 -11.92
C VAL A 72 -5.03 -13.46 -11.36
N PHE A 73 -5.25 -14.43 -12.23
CA PHE A 73 -5.88 -15.69 -11.84
C PHE A 73 -7.25 -15.46 -11.22
N GLY A 74 -7.85 -14.31 -11.55
CA GLY A 74 -9.16 -13.98 -11.03
C GLY A 74 -9.09 -13.00 -9.88
N ASN A 75 -8.19 -13.26 -8.94
CA ASN A 75 -8.04 -12.39 -7.77
C ASN A 75 -7.36 -11.08 -8.16
N GLU A 76 -7.70 -10.01 -7.44
CA GLU A 76 -7.12 -8.70 -7.70
C GLU A 76 -5.90 -8.45 -6.82
N ILE A 77 -4.75 -8.25 -7.46
CA ILE A 77 -3.51 -8.00 -6.74
C ILE A 77 -3.49 -6.59 -6.15
N LYS A 78 -2.65 -6.39 -5.14
CA LYS A 78 -2.54 -5.09 -4.49
C LYS A 78 -1.11 -4.56 -4.60
N LEU A 79 -0.98 -3.33 -5.08
CA LEU A 79 0.33 -2.71 -5.23
C LEU A 79 0.63 -1.79 -4.05
N GLU A 80 1.85 -1.90 -3.52
CA GLU A 80 2.27 -1.08 -2.39
C GLU A 80 3.77 -0.83 -2.42
N LYS A 81 4.26 -0.07 -1.45
CA LYS A 81 5.68 0.24 -1.36
C LYS A 81 6.30 -0.37 -0.11
N PRO A 82 7.53 -0.88 -0.26
CA PRO A 82 8.27 -1.51 0.85
C PRO A 82 8.69 -0.50 1.92
N LYS A 83 9.41 -0.98 2.91
CA LYS A 83 9.88 -0.12 4.00
C LYS A 83 11.36 -0.36 4.28
N GLY A 84 12.01 0.63 4.89
CA GLY A 84 13.42 0.50 5.21
C GLY A 84 13.68 0.43 6.70
N LYS A 85 14.95 0.50 7.09
CA LYS A 85 15.32 0.44 8.50
C LYS A 85 16.23 1.61 8.87
N ASP A 86 15.75 2.82 8.62
CA ASP A 86 16.53 4.02 8.92
C ASP A 86 16.30 4.44 10.37
N SER A 87 17.28 5.16 10.93
CA SER A 87 17.20 5.64 12.30
C SER A 87 16.18 6.76 12.44
N LYS A 88 16.01 7.53 11.36
CA LYS A 88 15.07 8.64 11.36
C LYS A 88 13.64 8.14 11.49
N LYS A 89 13.42 6.87 11.12
CA LYS A 89 12.10 6.28 11.19
C LYS A 89 11.49 6.44 12.59
N GLU A 90 12.36 6.53 13.59
CA GLU A 90 11.91 6.69 14.96
C GLU A 90 11.03 7.93 15.11
N ARG A 91 11.57 9.08 14.75
CA ARG A 91 10.82 10.34 14.84
C ARG A 91 9.77 10.42 13.75
N ASP A 92 10.09 9.90 12.57
CA ASP A 92 9.15 9.91 11.45
C ASP A 92 7.94 9.03 11.74
N ALA A 93 8.08 8.15 12.72
CA ALA A 93 6.99 7.26 13.10
C ALA A 93 5.89 8.01 13.84
N ARG A 94 6.16 9.27 14.17
CA ARG A 94 5.20 10.10 14.88
C ARG A 94 3.84 10.07 14.19
N THR A 95 3.80 10.50 12.94
CA THR A 95 2.56 10.52 12.17
C THR A 95 2.32 9.19 11.49
N LEU A 96 1.05 8.77 11.46
CA LEU A 96 0.68 7.49 10.83
C LEU A 96 -0.03 7.72 9.51
N LEU A 97 -0.03 6.71 8.66
CA LEU A 97 -0.68 6.80 7.35
C LEU A 97 -1.74 5.71 7.20
N ALA A 98 -2.83 6.05 6.50
CA ALA A 98 -3.91 5.10 6.28
C ALA A 98 -4.00 4.70 4.82
N LYS A 99 -4.17 3.41 4.56
CA LYS A 99 -4.28 2.91 3.20
C LYS A 99 -5.48 1.98 3.05
N ASN A 100 -5.75 1.56 1.81
CA ASN A 100 -6.87 0.67 1.54
C ASN A 100 -8.20 1.35 1.85
N LEU A 101 -8.22 2.68 1.74
CA LEU A 101 -9.42 3.45 2.01
C LEU A 101 -10.26 3.62 0.75
N PRO A 102 -11.59 3.53 0.90
CA PRO A 102 -12.52 3.67 -0.22
C PRO A 102 -12.57 5.10 -0.76
N TYR A 103 -13.10 5.24 -1.98
CA TYR A 103 -13.20 6.54 -2.61
C TYR A 103 -14.28 7.39 -1.94
N LYS A 104 -15.05 6.76 -1.05
CA LYS A 104 -16.11 7.45 -0.34
C LYS A 104 -15.81 7.52 1.16
N VAL A 105 -14.54 7.33 1.51
CA VAL A 105 -14.12 7.38 2.90
C VAL A 105 -14.08 8.80 3.42
N THR A 106 -14.15 8.96 4.75
CA THR A 106 -14.11 10.27 5.37
C THR A 106 -13.24 10.26 6.62
N GLN A 107 -12.99 11.45 7.17
CA GLN A 107 -12.18 11.57 8.38
C GLN A 107 -12.78 10.77 9.53
N ASP A 108 -14.01 11.11 9.91
CA ASP A 108 -14.69 10.43 10.99
C ASP A 108 -14.70 8.92 10.76
N GLU A 109 -14.89 8.52 9.50
CA GLU A 109 -14.93 7.11 9.14
C GLU A 109 -13.71 6.37 9.70
N LEU A 110 -12.53 6.96 9.51
CA LEU A 110 -11.30 6.36 10.00
C LEU A 110 -11.05 6.72 11.47
N LYS A 111 -11.62 7.85 11.89
CA LYS A 111 -11.47 8.30 13.28
C LYS A 111 -12.21 7.37 14.24
N GLU A 112 -13.04 6.49 13.68
CA GLU A 112 -13.80 5.55 14.48
C GLU A 112 -12.88 4.56 15.20
N VAL A 113 -11.63 4.52 14.75
CA VAL A 113 -10.64 3.62 15.34
C VAL A 113 -9.61 4.41 16.15
N PHE A 114 -9.05 5.44 15.54
CA PHE A 114 -8.04 6.26 16.20
C PHE A 114 -8.64 7.58 16.68
N GLU A 115 -9.89 7.53 17.12
CA GLU A 115 -10.59 8.71 17.61
C GLU A 115 -9.81 9.37 18.74
N ASP A 116 -9.01 8.57 19.44
CA ASP A 116 -8.21 9.09 20.55
C ASP A 116 -6.96 9.79 20.03
N ALA A 117 -6.62 9.55 18.78
CA ALA A 117 -5.45 10.16 18.16
C ALA A 117 -5.45 11.68 18.38
N ALA A 118 -4.32 12.30 18.09
CA ALA A 118 -4.17 13.75 18.27
C ALA A 118 -5.06 14.50 17.28
N GLU A 119 -4.77 14.32 15.98
CA GLU A 119 -5.54 14.99 14.93
C GLU A 119 -5.69 14.09 13.72
N ILE A 120 -6.69 14.39 12.89
CA ILE A 120 -6.94 13.60 11.69
C ILE A 120 -6.86 14.47 10.43
N ARG A 121 -6.28 13.93 9.37
CA ARG A 121 -6.15 14.65 8.11
C ARG A 121 -6.35 13.72 6.93
N LEU A 122 -7.50 13.86 6.26
CA LEU A 122 -7.82 13.04 5.11
C LEU A 122 -7.33 13.69 3.82
N VAL A 123 -7.13 12.88 2.78
CA VAL A 123 -6.67 13.37 1.50
C VAL A 123 -7.69 13.10 0.40
N SER A 124 -8.44 14.14 0.03
CA SER A 124 -9.46 14.01 -1.01
C SER A 124 -9.41 15.18 -1.97
N LYS A 125 -9.87 14.96 -3.20
CA LYS A 125 -9.88 16.00 -4.21
C LYS A 125 -11.22 16.06 -4.92
N ASP A 126 -11.74 17.27 -5.12
CA ASP A 126 -13.02 17.46 -5.79
C ASP A 126 -14.16 16.84 -4.98
N GLY A 127 -13.90 16.61 -3.69
CA GLY A 127 -14.91 16.02 -2.83
C GLY A 127 -14.91 14.50 -2.90
N LYS A 128 -13.77 13.92 -3.29
CA LYS A 128 -13.65 12.48 -3.41
C LYS A 128 -12.32 12.01 -2.82
N SER A 129 -12.37 10.95 -2.02
CA SER A 129 -11.18 10.40 -1.40
C SER A 129 -10.20 9.88 -2.47
N LYS A 130 -8.92 9.86 -2.12
CA LYS A 130 -7.89 9.39 -3.05
C LYS A 130 -7.39 8.00 -2.64
N GLY A 131 -7.77 7.57 -1.44
CA GLY A 131 -7.36 6.26 -0.95
C GLY A 131 -6.25 6.37 0.08
N ILE A 132 -6.17 7.50 0.75
CA ILE A 132 -5.15 7.72 1.77
C ILE A 132 -5.63 8.66 2.86
N ALA A 133 -5.06 8.53 4.05
CA ALA A 133 -5.44 9.37 5.18
C ALA A 133 -4.27 9.55 6.14
N TYR A 134 -3.82 10.79 6.30
CA TYR A 134 -2.71 11.09 7.19
C TYR A 134 -3.21 11.48 8.57
N ILE A 135 -2.68 10.82 9.60
CA ILE A 135 -3.07 11.08 10.98
C ILE A 135 -1.86 11.38 11.85
N GLU A 136 -1.87 12.53 12.50
CA GLU A 136 -0.78 12.94 13.37
C GLU A 136 -1.12 12.67 14.83
N PHE A 137 -0.51 11.63 15.40
CA PHE A 137 -0.75 11.27 16.80
C PHE A 137 0.08 12.14 17.73
N LYS A 138 -0.18 12.02 19.02
CA LYS A 138 0.55 12.79 20.03
C LYS A 138 2.01 12.38 20.09
N THR A 139 2.25 11.07 20.14
CA THR A 139 3.61 10.54 20.20
C THR A 139 3.71 9.22 19.46
N GLU A 140 4.93 8.87 19.02
CA GLU A 140 5.15 7.64 18.30
C GLU A 140 4.70 6.43 19.11
N ALA A 141 4.64 6.60 20.44
CA ALA A 141 4.23 5.54 21.33
C ALA A 141 2.75 5.21 21.14
N ASP A 142 1.93 6.24 20.94
CA ASP A 142 0.51 6.07 20.74
C ASP A 142 0.20 5.75 19.28
N ALA A 143 1.00 6.30 18.38
CA ALA A 143 0.81 6.07 16.95
C ALA A 143 1.27 4.68 16.55
N GLU A 144 2.55 4.39 16.78
CA GLU A 144 3.11 3.09 16.44
C GLU A 144 2.33 1.96 17.10
N LYS A 145 1.68 2.28 18.22
CA LYS A 145 0.88 1.30 18.95
C LYS A 145 -0.54 1.23 18.39
N THR A 146 -1.18 2.39 18.26
CA THR A 146 -2.53 2.45 17.74
C THR A 146 -2.67 1.68 16.44
N PHE A 147 -1.57 1.59 15.70
CA PHE A 147 -1.56 0.87 14.43
C PHE A 147 -2.19 -0.50 14.57
N GLU A 148 -1.58 -1.35 15.40
CA GLU A 148 -2.08 -2.70 15.62
C GLU A 148 -3.22 -2.69 16.65
N GLU A 149 -3.27 -1.63 17.45
CA GLU A 149 -4.31 -1.51 18.47
C GLU A 149 -5.66 -1.19 17.84
N LYS A 150 -5.63 -0.72 16.59
CA LYS A 150 -6.86 -0.38 15.88
C LYS A 150 -7.00 -1.23 14.61
N GLN A 151 -5.87 -1.63 14.04
CA GLN A 151 -5.87 -2.44 12.84
C GLN A 151 -6.84 -3.61 12.96
N GLY A 152 -7.65 -3.82 11.93
CA GLY A 152 -8.62 -4.90 11.95
C GLY A 152 -10.06 -4.41 11.94
N THR A 153 -10.23 -3.09 11.82
CA THR A 153 -11.55 -2.49 11.79
C THR A 153 -12.17 -2.58 10.41
N GLU A 154 -13.48 -2.38 10.33
CA GLU A 154 -14.19 -2.44 9.05
C GLU A 154 -14.93 -1.12 8.79
N ILE A 155 -14.66 -0.53 7.63
CA ILE A 155 -15.30 0.73 7.25
C ILE A 155 -15.73 0.70 5.79
N ASP A 156 -16.97 1.11 5.54
CA ASP A 156 -17.52 1.14 4.19
C ASP A 156 -17.64 -0.27 3.63
N GLY A 157 -17.67 -1.26 4.52
CA GLY A 157 -17.77 -2.64 4.08
C GLY A 157 -16.42 -3.32 3.95
N ARG A 158 -15.39 -2.52 3.72
CA ARG A 158 -14.03 -3.04 3.57
C ARG A 158 -13.24 -2.89 4.87
N SER A 159 -11.98 -3.29 4.84
CA SER A 159 -11.12 -3.20 6.01
C SER A 159 -9.97 -2.23 5.77
N ILE A 160 -9.95 -1.15 6.54
CA ILE A 160 -8.90 -0.14 6.40
C ILE A 160 -7.65 -0.56 7.16
N SER A 161 -6.49 -0.27 6.58
CA SER A 161 -5.22 -0.62 7.21
C SER A 161 -4.44 0.64 7.59
N LEU A 162 -3.53 0.50 8.55
CA LEU A 162 -2.73 1.62 9.01
C LEU A 162 -1.24 1.30 8.94
N TYR A 163 -0.43 2.30 8.62
CA TYR A 163 1.02 2.11 8.51
C TYR A 163 1.75 3.40 8.90
N TYR A 164 2.66 3.28 9.85
CA TYR A 164 3.44 4.43 10.31
C TYR A 164 4.43 4.88 9.25
N THR A 165 4.68 6.17 9.18
CA THR A 165 5.61 6.74 8.21
C THR A 165 5.74 8.24 8.39
N GLY A 166 6.86 8.79 7.91
CA GLY A 166 7.09 10.22 8.01
C GLY A 166 8.39 10.65 7.36
N GLU A 167 8.66 10.10 6.18
CA GLU A 167 9.88 10.43 5.45
C GLU A 167 10.03 11.95 5.31
N PRO A 168 11.28 12.39 5.09
CA PRO A 168 11.59 13.81 4.93
C PRO A 168 11.06 14.38 3.62
N LYS A 169 11.30 15.66 3.39
CA LYS A 169 10.85 16.32 2.17
C LYS A 169 12.01 16.51 1.19
N GLY A 170 13.23 16.46 1.71
CA GLY A 170 14.41 16.62 0.88
C GLY A 170 14.71 18.08 0.57
N GLU A 171 13.79 18.73 -0.12
CA GLU A 171 13.96 20.14 -0.48
C GLU A 171 14.36 20.97 0.74
N GLY A 172 13.69 20.73 1.86
CA GLY A 172 13.99 21.45 3.08
C GLY A 172 13.58 20.69 4.32
N LEU A 173 13.94 19.41 4.37
CA LEU A 173 13.61 18.57 5.52
C LEU A 173 13.68 19.37 6.82
N GLU A 174 14.87 19.83 7.17
CA GLU A 174 15.07 20.60 8.38
C GLU A 174 14.18 21.83 8.39
N GLY A 1 20.05 -6.75 -2.35
CA GLY A 1 19.48 -7.79 -3.19
C GLY A 1 19.20 -9.06 -2.43
N THR A 2 18.82 -8.93 -1.16
CA THR A 2 18.54 -10.08 -0.32
C THR A 2 17.29 -10.81 -0.81
N GLU A 3 16.12 -10.20 -0.57
CA GLU A 3 14.85 -10.79 -0.98
C GLU A 3 14.83 -11.04 -2.47
N PRO A 4 14.98 -9.97 -3.26
CA PRO A 4 14.97 -10.05 -4.73
C PRO A 4 16.23 -10.73 -5.26
N THR A 5 16.25 -10.95 -6.57
CA THR A 5 17.39 -11.59 -7.22
C THR A 5 18.43 -10.57 -7.65
N THR A 6 17.97 -9.46 -8.21
CA THR A 6 18.87 -8.40 -8.67
C THR A 6 18.49 -7.06 -8.04
N ALA A 7 19.28 -6.04 -8.34
CA ALA A 7 19.03 -4.70 -7.81
C ALA A 7 18.19 -3.89 -8.78
N PHE A 8 17.21 -4.53 -9.41
CA PHE A 8 16.33 -3.87 -10.36
C PHE A 8 14.88 -4.28 -10.13
N ASN A 9 14.27 -3.71 -9.09
CA ASN A 9 12.88 -4.01 -8.76
C ASN A 9 12.04 -2.73 -8.70
N LEU A 10 10.73 -2.89 -8.78
CA LEU A 10 9.82 -1.75 -8.73
C LEU A 10 8.53 -2.12 -7.99
N PHE A 11 7.91 -1.12 -7.38
CA PHE A 11 6.67 -1.32 -6.64
C PHE A 11 5.47 -1.20 -7.56
N VAL A 12 4.75 -2.32 -7.74
CA VAL A 12 3.56 -2.34 -8.59
C VAL A 12 2.29 -2.31 -7.76
N GLY A 13 1.19 -1.87 -8.38
CA GLY A 13 -0.08 -1.81 -7.68
C GLY A 13 -1.26 -2.00 -8.61
N ASN A 14 -2.45 -2.10 -8.03
CA ASN A 14 -3.67 -2.30 -8.82
C ASN A 14 -3.56 -3.55 -9.68
N LEU A 15 -3.32 -4.69 -9.04
CA LEU A 15 -3.20 -5.95 -9.74
C LEU A 15 -4.49 -6.77 -9.63
N ASN A 16 -5.53 -6.15 -9.06
CA ASN A 16 -6.82 -6.81 -8.90
C ASN A 16 -6.71 -7.96 -7.91
N PHE A 17 -7.67 -8.03 -6.99
CA PHE A 17 -7.68 -9.09 -5.99
C PHE A 17 -8.85 -10.05 -6.22
N ASN A 18 -8.74 -10.86 -7.26
CA ASN A 18 -9.79 -11.83 -7.60
C ASN A 18 -9.20 -13.23 -7.74
N LYS A 19 -8.01 -13.31 -8.31
CA LYS A 19 -7.34 -14.60 -8.51
C LYS A 19 -6.45 -14.93 -7.32
N SER A 20 -5.79 -16.08 -7.39
CA SER A 20 -4.89 -16.52 -6.31
C SER A 20 -3.68 -15.61 -6.21
N ALA A 21 -2.86 -15.83 -5.19
CA ALA A 21 -1.66 -15.04 -4.98
C ALA A 21 -0.64 -15.27 -6.08
N PRO A 22 -0.19 -16.53 -6.22
CA PRO A 22 0.80 -16.91 -7.23
C PRO A 22 0.22 -16.87 -8.65
N GLU A 23 -1.10 -16.65 -8.73
CA GLU A 23 -1.77 -16.59 -10.03
C GLU A 23 -1.67 -15.19 -10.62
N LEU A 24 -1.35 -14.22 -9.78
CA LEU A 24 -1.22 -12.83 -10.22
C LEU A 24 0.15 -12.57 -10.83
N LYS A 25 1.17 -13.23 -10.28
CA LYS A 25 2.54 -13.08 -10.76
C LYS A 25 2.60 -13.32 -12.27
N THR A 26 1.92 -14.37 -12.73
CA THR A 26 1.89 -14.71 -14.14
C THR A 26 1.46 -13.53 -14.99
N GLY A 27 0.23 -13.05 -14.75
CA GLY A 27 -0.28 -11.93 -15.50
C GLY A 27 0.66 -10.73 -15.48
N ILE A 28 1.10 -10.34 -14.28
CA ILE A 28 2.00 -9.21 -14.13
C ILE A 28 3.21 -9.35 -15.06
N SER A 29 3.86 -10.51 -15.00
CA SER A 29 5.03 -10.77 -15.83
C SER A 29 4.64 -10.95 -17.30
N ASP A 30 3.36 -11.25 -17.52
CA ASP A 30 2.86 -11.44 -18.87
C ASP A 30 2.83 -10.13 -19.64
N VAL A 31 2.10 -9.14 -19.12
CA VAL A 31 2.01 -7.84 -19.76
C VAL A 31 3.39 -7.29 -20.09
N PHE A 32 4.36 -7.54 -19.22
CA PHE A 32 5.72 -7.06 -19.42
C PHE A 32 6.40 -7.85 -20.53
N ALA A 33 6.11 -9.14 -20.60
CA ALA A 33 6.70 -10.00 -21.63
C ALA A 33 6.40 -9.47 -23.03
N LYS A 34 5.21 -8.93 -23.21
CA LYS A 34 4.80 -8.39 -24.50
C LYS A 34 5.54 -7.08 -24.79
N ASN A 35 6.05 -6.45 -23.74
CA ASN A 35 6.77 -5.19 -23.88
C ASN A 35 8.27 -5.43 -23.99
N ASP A 36 8.64 -6.63 -24.43
CA ASP A 36 10.04 -6.99 -24.58
C ASP A 36 10.76 -6.92 -23.24
N LEU A 37 10.03 -7.19 -22.16
CA LEU A 37 10.60 -7.15 -20.82
C LEU A 37 10.81 -8.57 -20.28
N ALA A 38 11.85 -8.75 -19.48
CA ALA A 38 12.15 -10.06 -18.89
C ALA A 38 12.28 -9.95 -17.37
N VAL A 39 11.22 -10.35 -16.67
CA VAL A 39 11.23 -10.31 -15.21
C VAL A 39 11.90 -11.54 -14.61
N VAL A 40 12.82 -11.32 -13.68
CA VAL A 40 13.53 -12.42 -13.04
C VAL A 40 12.71 -13.00 -11.89
N ASP A 41 11.96 -12.15 -11.21
CA ASP A 41 11.13 -12.58 -10.09
C ASP A 41 10.02 -11.58 -9.82
N VAL A 42 8.88 -12.07 -9.32
CA VAL A 42 7.75 -11.22 -9.02
C VAL A 42 7.21 -11.50 -7.62
N ARG A 43 6.82 -10.43 -6.92
CA ARG A 43 6.29 -10.57 -5.56
C ARG A 43 4.86 -10.04 -5.49
N ILE A 44 4.02 -10.72 -4.72
CA ILE A 44 2.63 -10.31 -4.55
C ILE A 44 2.29 -10.06 -3.09
N GLY A 45 1.54 -8.99 -2.83
CA GLY A 45 1.16 -8.66 -1.47
C GLY A 45 0.12 -9.61 -0.92
N MET A 46 -0.33 -9.34 0.31
CA MET A 46 -1.33 -10.18 0.95
C MET A 46 -2.73 -9.86 0.45
N THR A 47 -2.94 -8.58 0.10
CA THR A 47 -4.24 -8.14 -0.39
C THR A 47 -4.42 -8.50 -1.86
N ARG A 48 -3.35 -8.99 -2.47
CA ARG A 48 -3.39 -9.38 -3.88
C ARG A 48 -3.78 -8.19 -4.76
N LYS A 49 -3.54 -6.99 -4.25
CA LYS A 49 -3.87 -5.77 -5.00
C LYS A 49 -2.61 -5.04 -5.42
N PHE A 50 -1.47 -5.48 -4.90
CA PHE A 50 -0.19 -4.86 -5.23
C PHE A 50 0.96 -5.84 -4.99
N GLY A 51 2.17 -5.42 -5.35
CA GLY A 51 3.33 -6.27 -5.18
C GLY A 51 4.60 -5.63 -5.72
N TYR A 52 5.53 -6.47 -6.17
CA TYR A 52 6.79 -5.98 -6.72
C TYR A 52 7.19 -6.79 -7.95
N VAL A 53 8.09 -6.22 -8.75
CA VAL A 53 8.56 -6.89 -9.97
C VAL A 53 10.05 -6.64 -10.18
N ASP A 54 10.79 -7.72 -10.42
CA ASP A 54 12.22 -7.63 -10.64
C ASP A 54 12.57 -7.87 -12.11
N PHE A 55 13.42 -7.02 -12.66
CA PHE A 55 13.83 -7.14 -14.06
C PHE A 55 15.28 -7.57 -14.17
N GLU A 56 15.58 -8.34 -15.20
CA GLU A 56 16.94 -8.84 -15.42
C GLU A 56 17.95 -7.69 -15.38
N SER A 57 17.68 -6.64 -16.15
CA SER A 57 18.55 -5.49 -16.21
C SER A 57 17.79 -4.20 -15.91
N ALA A 58 18.51 -3.16 -15.53
CA ALA A 58 17.90 -1.87 -15.21
C ALA A 58 17.12 -1.33 -16.41
N GLU A 59 17.51 -1.77 -17.60
CA GLU A 59 16.85 -1.33 -18.82
C GLU A 59 15.33 -1.49 -18.72
N ASP A 60 14.89 -2.73 -18.51
CA ASP A 60 13.47 -3.03 -18.39
C ASP A 60 12.92 -2.52 -17.05
N LEU A 61 13.81 -2.35 -16.09
CA LEU A 61 13.41 -1.87 -14.76
C LEU A 61 12.88 -0.44 -14.84
N GLU A 62 13.65 0.44 -15.47
CA GLU A 62 13.27 1.83 -15.61
C GLU A 62 12.29 2.01 -16.77
N LYS A 63 12.47 1.23 -17.81
CA LYS A 63 11.61 1.30 -18.99
C LYS A 63 10.15 1.11 -18.60
N ALA A 64 9.88 0.08 -17.81
CA ALA A 64 8.52 -0.20 -17.35
C ALA A 64 7.93 0.99 -16.62
N LEU A 65 8.79 1.85 -16.09
CA LEU A 65 8.35 3.04 -15.37
C LEU A 65 7.81 4.09 -16.33
N GLU A 66 8.16 3.97 -17.61
CA GLU A 66 7.72 4.91 -18.62
C GLU A 66 6.78 4.22 -19.62
N LEU A 67 6.76 2.89 -19.58
CA LEU A 67 5.91 2.12 -20.49
C LEU A 67 4.46 2.58 -20.41
N THR A 68 3.61 2.02 -21.26
CA THR A 68 2.20 2.37 -21.29
C THR A 68 1.34 1.18 -21.69
N GLY A 69 0.06 1.22 -21.33
CA GLY A 69 -0.84 0.14 -21.66
C GLY A 69 -0.58 -1.10 -20.83
N LEU A 70 -0.03 -0.92 -19.64
CA LEU A 70 0.27 -2.03 -18.76
C LEU A 70 -0.92 -2.34 -17.85
N LYS A 71 -1.62 -3.44 -18.15
CA LYS A 71 -2.78 -3.85 -17.36
C LYS A 71 -2.76 -5.35 -17.11
N VAL A 72 -3.54 -5.79 -16.13
CA VAL A 72 -3.61 -7.20 -15.78
C VAL A 72 -4.98 -7.56 -15.21
N PHE A 73 -5.57 -8.62 -15.74
CA PHE A 73 -6.89 -9.07 -15.29
C PHE A 73 -7.93 -7.97 -15.46
N GLY A 74 -7.75 -7.15 -16.49
CA GLY A 74 -8.68 -6.07 -16.75
C GLY A 74 -8.25 -4.78 -16.09
N ASN A 75 -7.88 -4.85 -14.82
CA ASN A 75 -7.44 -3.68 -14.07
C ASN A 75 -6.05 -3.24 -14.51
N GLU A 76 -5.88 -1.94 -14.70
CA GLU A 76 -4.59 -1.39 -15.13
C GLU A 76 -3.66 -1.22 -13.93
N ILE A 77 -2.59 -2.00 -13.91
CA ILE A 77 -1.61 -1.94 -12.82
C ILE A 77 -0.90 -0.60 -12.81
N LYS A 78 -0.15 -0.35 -11.74
CA LYS A 78 0.59 0.90 -11.60
C LYS A 78 2.01 0.64 -11.10
N LEU A 79 3.00 1.05 -11.89
CA LEU A 79 4.39 0.86 -11.53
C LEU A 79 4.95 2.09 -10.81
N GLU A 80 5.68 1.86 -9.73
CA GLU A 80 6.26 2.95 -8.96
C GLU A 80 7.60 2.54 -8.36
N LYS A 81 8.20 3.44 -7.59
CA LYS A 81 9.48 3.16 -6.96
C LYS A 81 9.32 3.01 -5.44
N PRO A 82 9.87 1.89 -4.91
CA PRO A 82 9.80 1.60 -3.48
C PRO A 82 10.67 2.54 -2.65
N LYS A 83 10.86 2.19 -1.38
CA LYS A 83 11.66 3.00 -0.48
C LYS A 83 10.99 4.35 -0.20
N GLY A 84 11.08 4.81 1.03
CA GLY A 84 10.49 6.08 1.40
C GLY A 84 10.53 6.33 2.90
N LYS A 85 11.57 5.83 3.56
CA LYS A 85 11.71 6.00 5.00
C LYS A 85 12.87 6.96 5.31
N ASP A 86 12.66 7.82 6.30
CA ASP A 86 13.69 8.78 6.71
C ASP A 86 13.46 9.22 8.15
N SER A 87 14.44 9.94 8.69
CA SER A 87 14.35 10.44 10.06
C SER A 87 13.18 11.39 10.22
N LYS A 88 12.67 11.90 9.10
CA LYS A 88 11.55 12.82 9.12
C LYS A 88 10.32 12.18 9.79
N LYS A 89 10.32 10.85 9.84
CA LYS A 89 9.22 10.11 10.46
C LYS A 89 8.92 10.64 11.85
N GLU A 90 9.96 11.15 12.52
CA GLU A 90 9.80 11.68 13.87
C GLU A 90 8.78 12.82 13.88
N ARG A 91 8.99 13.81 13.02
CA ARG A 91 8.08 14.95 12.94
C ARG A 91 6.83 14.60 12.14
N ASP A 92 6.97 13.64 11.23
CA ASP A 92 5.84 13.21 10.40
C ASP A 92 4.87 12.35 11.20
N ALA A 93 5.24 12.03 12.43
CA ALA A 93 4.41 11.22 13.29
C ALA A 93 3.15 11.99 13.72
N ARG A 94 3.15 13.29 13.45
CA ARG A 94 2.03 14.14 13.81
C ARG A 94 0.71 13.53 13.33
N THR A 95 0.77 12.80 12.21
CA THR A 95 -0.41 12.18 11.65
C THR A 95 -0.22 10.67 11.53
N LEU A 96 -1.25 9.92 11.91
CA LEU A 96 -1.19 8.45 11.85
C LEU A 96 -2.06 7.93 10.70
N LEU A 97 -1.78 6.69 10.28
CA LEU A 97 -2.54 6.07 9.20
C LEU A 97 -3.13 4.74 9.64
N ALA A 98 -4.32 4.43 9.13
CA ALA A 98 -4.99 3.18 9.47
C ALA A 98 -5.11 2.28 8.25
N LYS A 99 -4.96 0.97 8.46
CA LYS A 99 -5.06 0.00 7.37
C LYS A 99 -5.85 -1.23 7.82
N ASN A 100 -6.12 -2.12 6.87
CA ASN A 100 -6.86 -3.35 7.16
C ASN A 100 -8.30 -3.02 7.55
N LEU A 101 -8.86 -1.98 6.93
CA LEU A 101 -10.23 -1.58 7.20
C LEU A 101 -11.19 -2.11 6.14
N PRO A 102 -12.43 -2.39 6.55
CA PRO A 102 -13.46 -2.91 5.64
C PRO A 102 -13.92 -1.86 4.64
N TYR A 103 -14.60 -2.33 3.59
CA TYR A 103 -15.09 -1.43 2.55
C TYR A 103 -16.32 -0.66 3.03
N LYS A 104 -16.78 -1.01 4.23
CA LYS A 104 -17.95 -0.35 4.81
C LYS A 104 -17.59 0.37 6.10
N VAL A 105 -16.30 0.55 6.32
CA VAL A 105 -15.81 1.23 7.52
C VAL A 105 -16.16 2.72 7.48
N THR A 106 -16.12 3.36 8.66
CA THR A 106 -16.43 4.77 8.77
C THR A 106 -15.48 5.47 9.72
N GLN A 107 -15.57 6.80 9.79
CA GLN A 107 -14.71 7.59 10.67
C GLN A 107 -14.96 7.22 12.12
N ASP A 108 -16.19 7.40 12.58
CA ASP A 108 -16.56 7.09 13.96
C ASP A 108 -16.13 5.68 14.32
N GLU A 109 -16.21 4.77 13.36
CA GLU A 109 -15.83 3.38 13.59
C GLU A 109 -14.45 3.29 14.23
N LEU A 110 -13.44 3.76 13.50
CA LEU A 110 -12.06 3.73 13.99
C LEU A 110 -11.90 4.64 15.20
N LYS A 111 -12.73 5.68 15.26
CA LYS A 111 -12.68 6.63 16.37
C LYS A 111 -13.03 5.95 17.69
N GLU A 112 -13.58 4.74 17.60
CA GLU A 112 -13.94 3.99 18.79
C GLU A 112 -12.72 3.71 19.67
N VAL A 113 -11.54 3.86 19.09
CA VAL A 113 -10.30 3.64 19.82
C VAL A 113 -9.57 4.95 20.09
N PHE A 114 -9.28 5.70 19.03
CA PHE A 114 -8.60 6.98 19.15
C PHE A 114 -9.60 8.13 19.21
N GLU A 115 -10.73 7.89 19.86
CA GLU A 115 -11.77 8.91 19.99
C GLU A 115 -11.21 10.19 20.61
N ASP A 116 -10.12 10.04 21.36
CA ASP A 116 -9.49 11.17 22.03
C ASP A 116 -8.63 11.96 21.04
N ALA A 117 -8.29 11.33 19.92
CA ALA A 117 -7.46 11.97 18.91
C ALA A 117 -8.00 13.36 18.57
N ALA A 118 -7.17 14.14 17.89
CA ALA A 118 -7.55 15.49 17.50
C ALA A 118 -8.68 15.48 16.46
N GLU A 119 -8.39 14.90 15.30
CA GLU A 119 -9.37 14.82 14.23
C GLU A 119 -9.27 13.49 13.48
N ILE A 120 -10.29 13.17 12.70
CA ILE A 120 -10.29 11.93 11.93
C ILE A 120 -10.66 12.19 10.47
N ARG A 121 -9.98 11.50 9.57
CA ARG A 121 -10.23 11.66 8.14
C ARG A 121 -10.22 10.30 7.44
N LEU A 122 -11.38 9.85 6.98
CA LEU A 122 -11.49 8.58 6.28
C LEU A 122 -11.36 8.76 4.78
N VAL A 123 -10.99 7.69 4.09
CA VAL A 123 -10.83 7.73 2.63
C VAL A 123 -11.81 6.79 1.95
N SER A 124 -12.87 7.34 1.38
CA SER A 124 -13.88 6.55 0.69
C SER A 124 -14.32 7.23 -0.60
N LYS A 125 -14.72 6.43 -1.58
CA LYS A 125 -15.16 6.95 -2.87
C LYS A 125 -16.50 6.34 -3.28
N ASP A 126 -17.40 7.17 -3.78
CA ASP A 126 -18.72 6.70 -4.21
C ASP A 126 -19.51 6.15 -3.02
N GLY A 127 -19.09 6.52 -1.81
CA GLY A 127 -19.77 6.06 -0.62
C GLY A 127 -19.26 4.71 -0.15
N LYS A 128 -18.03 4.38 -0.52
CA LYS A 128 -17.43 3.11 -0.14
C LYS A 128 -15.97 3.31 0.27
N SER A 129 -15.58 2.69 1.38
CA SER A 129 -14.22 2.80 1.88
C SER A 129 -13.22 2.25 0.87
N LYS A 130 -11.98 2.69 0.97
CA LYS A 130 -10.92 2.24 0.06
C LYS A 130 -9.94 1.32 0.77
N GLY A 131 -10.00 1.32 2.09
CA GLY A 131 -9.11 0.48 2.88
C GLY A 131 -8.03 1.27 3.58
N ILE A 132 -8.37 2.48 4.01
CA ILE A 132 -7.43 3.34 4.71
C ILE A 132 -8.15 4.40 5.54
N ALA A 133 -7.42 4.99 6.48
CA ALA A 133 -8.00 6.02 7.35
C ALA A 133 -6.90 6.90 7.95
N TYR A 134 -6.88 8.16 7.54
CA TYR A 134 -5.89 9.11 8.03
C TYR A 134 -6.41 9.87 9.25
N ILE A 135 -5.60 9.92 10.29
CA ILE A 135 -5.97 10.61 11.52
C ILE A 135 -4.92 11.64 11.91
N GLU A 136 -5.37 12.86 12.20
CA GLU A 136 -4.47 13.93 12.59
C GLU A 136 -4.51 14.16 14.10
N PHE A 137 -3.46 13.70 14.79
CA PHE A 137 -3.39 13.85 16.23
C PHE A 137 -2.84 15.23 16.61
N LYS A 138 -2.88 15.54 17.91
CA LYS A 138 -2.41 16.82 18.40
C LYS A 138 -0.88 16.91 18.29
N THR A 139 -0.20 15.88 18.77
CA THR A 139 1.25 15.84 18.72
C THR A 139 1.76 14.42 18.44
N GLU A 140 2.97 14.32 17.90
CA GLU A 140 3.56 13.03 17.60
C GLU A 140 3.63 12.15 18.83
N ALA A 141 3.66 12.78 20.01
CA ALA A 141 3.72 12.05 21.26
C ALA A 141 2.44 11.26 21.50
N ASP A 142 1.31 11.86 21.17
CA ASP A 142 0.01 11.21 21.35
C ASP A 142 -0.30 10.30 20.16
N ALA A 143 0.23 10.65 18.99
CA ALA A 143 0.00 9.86 17.79
C ALA A 143 0.85 8.60 17.78
N GLU A 144 2.18 8.79 17.84
CA GLU A 144 3.09 7.66 17.85
C GLU A 144 2.75 6.67 18.96
N LYS A 145 2.12 7.18 20.01
CA LYS A 145 1.73 6.35 21.14
C LYS A 145 0.39 5.66 20.88
N THR A 146 -0.56 6.42 20.33
CA THR A 146 -1.89 5.89 20.03
C THR A 146 -1.79 4.71 19.08
N PHE A 147 -0.71 4.63 18.32
CA PHE A 147 -0.51 3.56 17.37
C PHE A 147 -0.73 2.20 18.04
N GLU A 148 -0.01 1.96 19.13
CA GLU A 148 -0.13 0.70 19.86
C GLU A 148 -1.34 0.73 20.80
N GLU A 149 -1.53 1.87 21.46
CA GLU A 149 -2.65 2.02 22.39
C GLU A 149 -3.96 1.65 21.72
N LYS A 150 -4.10 2.01 20.46
CA LYS A 150 -5.32 1.71 19.70
C LYS A 150 -5.21 0.36 19.01
N GLN A 151 -3.99 0.01 18.59
CA GLN A 151 -3.77 -1.25 17.90
C GLN A 151 -4.31 -2.42 18.72
N GLY A 152 -4.86 -3.41 18.03
CA GLY A 152 -5.42 -4.57 18.71
C GLY A 152 -6.92 -4.52 18.82
N THR A 153 -7.50 -3.38 18.47
CA THR A 153 -8.95 -3.20 18.53
C THR A 153 -9.64 -3.99 17.43
N GLU A 154 -10.94 -4.21 17.61
CA GLU A 154 -11.73 -4.96 16.63
C GLU A 154 -12.85 -4.11 16.06
N ILE A 155 -12.96 -4.08 14.73
CA ILE A 155 -13.99 -3.30 14.07
C ILE A 155 -14.57 -4.05 12.88
N ASP A 156 -15.90 -4.15 12.83
CA ASP A 156 -16.57 -4.84 11.75
C ASP A 156 -16.25 -6.33 11.76
N GLY A 157 -15.81 -6.81 12.91
CA GLY A 157 -15.46 -8.22 13.05
C GLY A 157 -13.99 -8.48 12.80
N ARG A 158 -13.35 -7.61 12.03
CA ARG A 158 -11.93 -7.74 11.72
C ARG A 158 -11.08 -6.87 12.64
N SER A 159 -9.77 -7.07 12.58
CA SER A 159 -8.85 -6.30 13.43
C SER A 159 -8.11 -5.27 12.59
N ILE A 160 -8.38 -4.00 12.87
CA ILE A 160 -7.73 -2.90 12.15
C ILE A 160 -6.35 -2.62 12.71
N SER A 161 -5.42 -2.25 11.83
CA SER A 161 -4.05 -1.95 12.25
C SER A 161 -3.79 -0.44 12.22
N LEU A 162 -2.63 -0.05 12.72
CA LEU A 162 -2.26 1.37 12.76
C LEU A 162 -0.78 1.55 12.41
N TYR A 163 -0.48 2.58 11.64
CA TYR A 163 0.89 2.87 11.24
C TYR A 163 1.11 4.37 11.05
N TYR A 164 2.10 4.91 11.74
CA TYR A 164 2.40 6.33 11.65
C TYR A 164 3.05 6.67 10.31
N THR A 165 2.84 7.90 9.85
CA THR A 165 3.40 8.34 8.58
C THR A 165 3.02 9.79 8.29
N GLY A 166 3.83 10.46 7.48
CA GLY A 166 3.56 11.85 7.14
C GLY A 166 3.49 12.07 5.64
N GLU A 167 4.52 11.66 4.93
CA GLU A 167 4.57 11.82 3.48
C GLU A 167 5.81 11.14 2.90
N PRO A 168 5.71 10.73 1.62
CA PRO A 168 6.81 10.07 0.92
C PRO A 168 7.97 11.01 0.63
N LYS A 169 9.09 10.45 0.18
CA LYS A 169 10.27 11.24 -0.13
C LYS A 169 10.06 12.08 -1.39
N GLY A 170 11.06 12.85 -1.77
CA GLY A 170 10.96 13.69 -2.96
C GLY A 170 10.98 15.16 -2.62
N GLU A 171 11.46 15.50 -1.42
CA GLU A 171 11.54 16.89 -0.99
C GLU A 171 12.58 17.65 -1.78
N GLY A 172 13.72 17.00 -2.04
CA GLY A 172 14.78 17.64 -2.78
C GLY A 172 15.58 16.65 -3.62
N LEU A 173 15.00 15.48 -3.85
CA LEU A 173 15.67 14.44 -4.62
C LEU A 173 15.56 14.73 -6.12
N GLU A 174 14.32 14.88 -6.59
CA GLU A 174 14.08 15.15 -8.00
C GLU A 174 13.48 16.54 -8.19
N GLY A 1 7.32 -14.46 -2.23
CA GLY A 1 8.39 -15.32 -1.74
C GLY A 1 8.58 -16.55 -2.60
N THR A 2 7.71 -17.53 -2.43
CA THR A 2 7.79 -18.78 -3.19
C THR A 2 7.22 -18.60 -4.59
N GLU A 3 6.29 -17.65 -4.74
CA GLU A 3 5.66 -17.38 -6.02
C GLU A 3 6.71 -17.07 -7.09
N PRO A 4 7.50 -15.99 -6.85
CA PRO A 4 8.54 -15.56 -7.77
C PRO A 4 9.72 -16.54 -7.81
N THR A 5 10.60 -16.35 -8.79
CA THR A 5 11.77 -17.21 -8.92
C THR A 5 13.01 -16.57 -8.31
N THR A 6 13.09 -15.24 -8.41
CA THR A 6 14.22 -14.50 -7.87
C THR A 6 13.76 -13.47 -6.84
N ALA A 7 14.72 -12.81 -6.20
CA ALA A 7 14.42 -11.79 -5.19
C ALA A 7 14.32 -10.41 -5.83
N PHE A 8 13.72 -10.34 -7.01
CA PHE A 8 13.57 -9.07 -7.72
C PHE A 8 12.15 -8.91 -8.25
N ASN A 9 11.22 -8.57 -7.36
CA ASN A 9 9.82 -8.39 -7.75
C ASN A 9 9.32 -7.03 -7.32
N LEU A 10 8.34 -6.50 -8.05
CA LEU A 10 7.77 -5.20 -7.74
C LEU A 10 6.24 -5.26 -7.75
N PHE A 11 5.61 -4.44 -6.91
CA PHE A 11 4.16 -4.40 -6.83
C PHE A 11 3.57 -3.53 -7.94
N VAL A 12 2.77 -4.14 -8.80
CA VAL A 12 2.15 -3.42 -9.92
C VAL A 12 0.63 -3.33 -9.73
N GLY A 13 0.02 -2.38 -10.42
CA GLY A 13 -1.42 -2.20 -10.31
C GLY A 13 -2.03 -1.66 -11.60
N ASN A 14 -3.35 -1.44 -11.57
CA ASN A 14 -4.04 -0.93 -12.74
C ASN A 14 -3.77 -1.78 -13.98
N LEU A 15 -4.05 -3.07 -13.86
CA LEU A 15 -3.84 -3.99 -14.97
C LEU A 15 -5.15 -4.32 -15.68
N ASN A 16 -6.16 -3.48 -15.45
CA ASN A 16 -7.46 -3.67 -16.07
C ASN A 16 -8.13 -4.93 -15.55
N PHE A 17 -9.42 -4.83 -15.21
CA PHE A 17 -10.17 -5.96 -14.70
C PHE A 17 -11.27 -6.36 -15.67
N ASN A 18 -10.87 -6.96 -16.80
CA ASN A 18 -11.82 -7.39 -17.81
C ASN A 18 -11.42 -8.75 -18.39
N LYS A 19 -10.12 -8.91 -18.65
CA LYS A 19 -9.61 -10.15 -19.21
C LYS A 19 -9.36 -11.18 -18.11
N SER A 20 -8.91 -12.37 -18.50
CA SER A 20 -8.64 -13.43 -17.54
C SER A 20 -7.43 -13.09 -16.67
N ALA A 21 -7.14 -13.95 -15.71
CA ALA A 21 -6.01 -13.74 -14.81
C ALA A 21 -4.68 -13.87 -15.54
N PRO A 22 -4.44 -15.05 -16.13
CA PRO A 22 -3.22 -15.33 -16.88
C PRO A 22 -3.15 -14.56 -18.19
N GLU A 23 -4.24 -13.88 -18.53
CA GLU A 23 -4.31 -13.11 -19.77
C GLU A 23 -3.67 -11.74 -19.57
N LEU A 24 -3.54 -11.31 -18.32
CA LEU A 24 -2.95 -10.02 -18.00
C LEU A 24 -1.42 -10.11 -17.95
N LYS A 25 -0.92 -11.25 -17.49
CA LYS A 25 0.52 -11.47 -17.39
C LYS A 25 1.21 -11.14 -18.71
N THR A 26 0.56 -11.54 -19.82
CA THR A 26 1.12 -11.29 -21.14
C THR A 26 1.37 -9.80 -21.37
N GLY A 27 0.29 -9.01 -21.30
CA GLY A 27 0.42 -7.58 -21.50
C GLY A 27 1.46 -6.95 -20.59
N ILE A 28 1.44 -7.33 -19.32
CA ILE A 28 2.39 -6.79 -18.35
C ILE A 28 3.82 -7.03 -18.81
N SER A 29 4.13 -8.27 -19.18
CA SER A 29 5.47 -8.63 -19.62
C SER A 29 5.74 -8.05 -21.01
N ASP A 30 4.68 -7.72 -21.72
CA ASP A 30 4.80 -7.16 -23.07
C ASP A 30 5.33 -5.73 -23.02
N VAL A 31 4.60 -4.86 -22.32
CA VAL A 31 5.00 -3.47 -22.20
C VAL A 31 6.46 -3.35 -21.77
N PHE A 32 6.87 -4.21 -20.86
CA PHE A 32 8.24 -4.21 -20.36
C PHE A 32 9.21 -4.69 -21.44
N ALA A 33 8.77 -5.65 -22.24
CA ALA A 33 9.60 -6.19 -23.32
C ALA A 33 9.95 -5.11 -24.33
N LYS A 34 9.14 -4.06 -24.38
CA LYS A 34 9.38 -2.96 -25.31
C LYS A 34 10.39 -1.97 -24.74
N ASN A 35 10.53 -1.97 -23.42
CA ASN A 35 11.46 -1.06 -22.75
C ASN A 35 12.79 -1.76 -22.49
N ASP A 36 13.08 -2.78 -23.29
CA ASP A 36 14.32 -3.53 -23.14
C ASP A 36 14.37 -4.25 -21.79
N LEU A 37 13.20 -4.59 -21.27
CA LEU A 37 13.11 -5.27 -19.98
C LEU A 37 12.64 -6.71 -20.17
N ALA A 38 13.28 -7.64 -19.45
CA ALA A 38 12.92 -9.05 -19.53
C ALA A 38 12.45 -9.57 -18.18
N VAL A 39 11.17 -9.89 -18.09
CA VAL A 39 10.59 -10.42 -16.85
C VAL A 39 10.74 -11.93 -16.77
N VAL A 40 11.01 -12.43 -15.56
CA VAL A 40 11.17 -13.86 -15.35
C VAL A 40 9.85 -14.52 -14.99
N ASP A 41 8.96 -13.75 -14.37
CA ASP A 41 7.65 -14.25 -13.98
C ASP A 41 6.73 -13.11 -13.56
N VAL A 42 5.45 -13.23 -13.90
CA VAL A 42 4.47 -12.21 -13.55
C VAL A 42 3.27 -12.82 -12.83
N ARG A 43 2.86 -12.18 -11.74
CA ARG A 43 1.73 -12.66 -10.95
C ARG A 43 0.62 -11.60 -10.90
N ILE A 44 -0.62 -12.06 -10.88
CA ILE A 44 -1.77 -11.16 -10.82
C ILE A 44 -2.70 -11.52 -9.67
N GLY A 45 -3.13 -10.51 -8.92
CA GLY A 45 -4.02 -10.74 -7.80
C GLY A 45 -5.32 -11.41 -8.21
N MET A 46 -6.25 -11.54 -7.27
CA MET A 46 -7.54 -12.16 -7.55
C MET A 46 -8.48 -11.19 -8.23
N THR A 47 -8.36 -9.91 -7.88
CA THR A 47 -9.20 -8.87 -8.45
C THR A 47 -8.83 -8.59 -9.90
N ARG A 48 -7.69 -9.14 -10.33
CA ARG A 48 -7.22 -8.95 -11.70
C ARG A 48 -7.00 -7.47 -12.00
N LYS A 49 -6.81 -6.69 -10.95
CA LYS A 49 -6.60 -5.25 -11.10
C LYS A 49 -5.16 -4.88 -10.73
N PHE A 50 -4.47 -5.78 -10.06
CA PHE A 50 -3.08 -5.55 -9.66
C PHE A 50 -2.32 -6.86 -9.58
N GLY A 51 -1.02 -6.77 -9.30
CA GLY A 51 -0.19 -7.95 -9.20
C GLY A 51 1.27 -7.62 -8.94
N TYR A 52 2.16 -8.51 -9.37
CA TYR A 52 3.59 -8.31 -9.18
C TYR A 52 4.36 -8.71 -10.43
N VAL A 53 5.59 -8.20 -10.55
CA VAL A 53 6.43 -8.49 -11.70
C VAL A 53 7.86 -8.84 -11.26
N ASP A 54 8.32 -10.03 -11.62
CA ASP A 54 9.67 -10.46 -11.27
C ASP A 54 10.63 -10.24 -12.43
N PHE A 55 11.78 -9.65 -12.13
CA PHE A 55 12.79 -9.37 -13.14
C PHE A 55 14.04 -10.22 -12.92
N GLU A 56 14.78 -10.47 -13.99
CA GLU A 56 16.00 -11.27 -13.91
C GLU A 56 16.89 -10.79 -12.77
N SER A 57 17.24 -9.50 -12.80
CA SER A 57 18.09 -8.92 -11.78
C SER A 57 17.53 -7.57 -11.32
N ALA A 58 18.03 -7.09 -10.18
CA ALA A 58 17.58 -5.82 -9.64
C ALA A 58 17.67 -4.71 -10.68
N GLU A 59 18.62 -4.85 -11.60
CA GLU A 59 18.80 -3.86 -12.65
C GLU A 59 17.50 -3.64 -13.43
N ASP A 60 17.00 -4.72 -14.02
CA ASP A 60 15.76 -4.65 -14.79
C ASP A 60 14.60 -4.19 -13.92
N LEU A 61 14.55 -4.69 -12.69
CA LEU A 61 13.49 -4.32 -11.76
C LEU A 61 13.46 -2.82 -11.52
N GLU A 62 14.61 -2.25 -11.16
CA GLU A 62 14.73 -0.83 -10.90
C GLU A 62 14.54 -0.03 -12.19
N LYS A 63 14.99 -0.60 -13.30
CA LYS A 63 14.87 0.06 -14.59
C LYS A 63 13.44 0.51 -14.85
N ALA A 64 12.49 -0.39 -14.63
CA ALA A 64 11.09 -0.09 -14.85
C ALA A 64 10.67 1.13 -14.02
N LEU A 65 11.30 1.31 -12.88
CA LEU A 65 10.99 2.44 -12.00
C LEU A 65 11.56 3.73 -12.56
N GLU A 66 12.53 3.62 -13.45
CA GLU A 66 13.15 4.79 -14.07
C GLU A 66 12.40 5.20 -15.33
N LEU A 67 12.21 4.24 -16.23
CA LEU A 67 11.50 4.50 -17.48
C LEU A 67 10.05 4.92 -17.22
N THR A 68 9.34 5.26 -18.29
CA THR A 68 7.95 5.67 -18.17
C THR A 68 7.15 5.24 -19.39
N GLY A 69 5.84 5.45 -19.34
CA GLY A 69 4.98 5.08 -20.46
C GLY A 69 4.64 3.61 -20.46
N LEU A 70 4.28 3.08 -19.29
CA LEU A 70 3.93 1.67 -19.16
C LEU A 70 2.41 1.49 -19.14
N LYS A 71 1.90 0.78 -20.14
CA LYS A 71 0.46 0.53 -20.24
C LYS A 71 0.19 -0.78 -20.97
N VAL A 72 -0.95 -1.40 -20.66
CA VAL A 72 -1.33 -2.65 -21.29
C VAL A 72 -2.84 -2.73 -21.52
N PHE A 73 -3.24 -3.24 -22.68
CA PHE A 73 -4.65 -3.36 -23.01
C PHE A 73 -5.33 -2.00 -22.99
N GLY A 74 -4.54 -0.95 -23.16
CA GLY A 74 -5.08 0.40 -23.16
C GLY A 74 -4.89 1.11 -21.84
N ASN A 75 -5.17 0.41 -20.74
CA ASN A 75 -5.02 0.98 -19.41
C ASN A 75 -3.55 1.10 -19.03
N GLU A 76 -3.22 2.16 -18.29
CA GLU A 76 -1.86 2.39 -17.86
C GLU A 76 -1.60 1.76 -16.49
N ILE A 77 -0.70 0.77 -16.46
CA ILE A 77 -0.36 0.09 -15.22
C ILE A 77 0.41 1.01 -14.28
N LYS A 78 0.42 0.65 -12.99
CA LYS A 78 1.12 1.45 -11.99
C LYS A 78 2.17 0.61 -11.28
N LEU A 79 3.41 1.08 -11.29
CA LEU A 79 4.52 0.39 -10.63
C LEU A 79 4.74 0.92 -9.22
N GLU A 80 4.95 0.01 -8.28
CA GLU A 80 5.19 0.38 -6.90
C GLU A 80 6.02 -0.67 -6.18
N LYS A 81 6.50 -0.33 -4.98
CA LYS A 81 7.31 -1.25 -4.18
C LYS A 81 6.48 -1.89 -3.08
N PRO A 82 6.62 -3.21 -2.91
CA PRO A 82 5.90 -3.97 -1.89
C PRO A 82 6.37 -3.64 -0.48
N LYS A 83 5.94 -4.44 0.49
CA LYS A 83 6.32 -4.24 1.88
C LYS A 83 7.83 -4.09 2.01
N GLY A 84 8.27 -3.20 2.90
CA GLY A 84 9.69 -2.99 3.11
C GLY A 84 9.99 -1.62 3.68
N LYS A 85 10.66 -0.78 2.89
CA LYS A 85 11.01 0.56 3.32
C LYS A 85 11.13 1.49 2.12
N ASP A 86 9.99 1.95 1.61
CA ASP A 86 9.97 2.86 0.47
C ASP A 86 10.21 4.30 0.91
N SER A 87 10.32 5.20 -0.06
CA SER A 87 10.55 6.60 0.23
C SER A 87 9.23 7.34 0.44
N LYS A 88 8.14 6.73 0.01
CA LYS A 88 6.81 7.33 0.15
C LYS A 88 6.49 7.59 1.62
N LYS A 89 7.19 6.89 2.51
CA LYS A 89 6.98 7.05 3.94
C LYS A 89 7.00 8.52 4.34
N GLU A 90 7.81 9.31 3.63
CA GLU A 90 7.92 10.73 3.90
C GLU A 90 6.55 11.39 3.95
N ARG A 91 5.65 10.94 3.07
CA ARG A 91 4.30 11.48 3.00
C ARG A 91 3.42 10.89 4.09
N ASP A 92 3.77 9.69 4.54
CA ASP A 92 3.01 9.00 5.59
C ASP A 92 3.12 9.75 6.91
N ALA A 93 4.08 10.68 6.99
CA ALA A 93 4.28 11.47 8.20
C ALA A 93 2.99 12.16 8.64
N ARG A 94 2.12 12.42 7.67
CA ARG A 94 0.85 13.08 7.95
C ARG A 94 -0.27 12.06 8.11
N THR A 95 0.09 10.87 8.58
CA THR A 95 -0.88 9.80 8.79
C THR A 95 -0.56 9.00 10.04
N LEU A 96 -1.59 8.58 10.76
CA LEU A 96 -1.43 7.80 11.98
C LEU A 96 -1.86 6.35 11.76
N LEU A 97 -1.31 5.45 12.56
CA LEU A 97 -1.64 4.03 12.47
C LEU A 97 -2.35 3.55 13.72
N ALA A 98 -3.29 2.62 13.55
CA ALA A 98 -4.04 2.07 14.68
C ALA A 98 -3.66 0.62 14.92
N LYS A 99 -3.32 0.29 16.17
CA LYS A 99 -2.94 -1.07 16.53
C LYS A 99 -3.76 -1.55 17.72
N ASN A 100 -3.59 -2.83 18.07
CA ASN A 100 -4.33 -3.41 19.19
C ASN A 100 -5.82 -3.44 18.92
N LEU A 101 -6.18 -3.42 17.64
CA LEU A 101 -7.58 -3.44 17.24
C LEU A 101 -8.09 -4.87 17.10
N PRO A 102 -9.34 -5.11 17.54
CA PRO A 102 -9.97 -6.43 17.46
C PRO A 102 -10.29 -6.84 16.03
N TYR A 103 -10.55 -8.13 15.84
CA TYR A 103 -10.87 -8.65 14.51
C TYR A 103 -12.28 -8.24 14.09
N LYS A 104 -13.00 -7.61 15.00
CA LYS A 104 -14.37 -7.16 14.72
C LYS A 104 -14.45 -5.64 14.78
N VAL A 105 -13.30 -4.98 14.76
CA VAL A 105 -13.25 -3.53 14.80
C VAL A 105 -13.77 -2.91 13.51
N THR A 106 -14.18 -1.65 13.57
CA THR A 106 -14.69 -0.95 12.40
C THR A 106 -14.22 0.49 12.37
N GLN A 107 -14.11 1.05 11.17
CA GLN A 107 -13.66 2.43 11.01
C GLN A 107 -14.37 3.35 12.00
N ASP A 108 -15.67 3.15 12.16
CA ASP A 108 -16.46 3.96 13.07
C ASP A 108 -16.00 3.77 14.51
N GLU A 109 -15.82 2.51 14.91
CA GLU A 109 -15.37 2.20 16.27
C GLU A 109 -14.18 3.07 16.66
N LEU A 110 -13.24 3.23 15.74
CA LEU A 110 -12.05 4.03 15.99
C LEU A 110 -12.33 5.51 15.77
N LYS A 111 -13.31 5.80 14.92
CA LYS A 111 -13.69 7.18 14.62
C LYS A 111 -14.30 7.85 15.85
N GLU A 112 -14.63 7.04 16.85
CA GLU A 112 -15.22 7.56 18.07
C GLU A 112 -14.26 8.50 18.79
N VAL A 113 -12.99 8.44 18.41
CA VAL A 113 -11.97 9.30 19.01
C VAL A 113 -11.52 10.38 18.04
N PHE A 114 -11.23 9.98 16.81
CA PHE A 114 -10.79 10.93 15.79
C PHE A 114 -11.91 11.21 14.79
N GLU A 115 -13.14 11.33 15.30
CA GLU A 115 -14.29 11.59 14.46
C GLU A 115 -14.13 12.91 13.71
N ASP A 116 -13.38 13.83 14.30
CA ASP A 116 -13.15 15.13 13.69
C ASP A 116 -11.86 15.13 12.88
N ALA A 117 -11.41 13.93 12.51
CA ALA A 117 -10.19 13.79 11.72
C ALA A 117 -10.46 14.07 10.24
N ALA A 118 -9.40 14.04 9.44
CA ALA A 118 -9.52 14.30 8.01
C ALA A 118 -10.21 13.13 7.30
N GLU A 119 -9.58 11.96 7.34
CA GLU A 119 -10.14 10.77 6.71
C GLU A 119 -9.77 9.52 7.50
N ILE A 120 -10.49 8.43 7.23
CA ILE A 120 -10.24 7.16 7.90
C ILE A 120 -10.15 6.02 6.91
N ARG A 121 -9.20 5.11 7.15
CA ARG A 121 -9.00 3.96 6.27
C ARG A 121 -8.69 2.71 7.08
N LEU A 122 -9.65 1.79 7.14
CA LEU A 122 -9.47 0.55 7.88
C LEU A 122 -8.93 -0.55 6.98
N VAL A 123 -8.15 -1.45 7.57
CA VAL A 123 -7.57 -2.57 6.81
C VAL A 123 -8.28 -3.88 7.12
N SER A 124 -8.80 -4.52 6.08
CA SER A 124 -9.51 -5.78 6.24
C SER A 124 -9.48 -6.58 4.93
N LYS A 125 -9.71 -7.89 5.05
CA LYS A 125 -9.71 -8.77 3.89
C LYS A 125 -10.94 -9.68 3.90
N ASP A 126 -11.73 -9.60 2.82
CA ASP A 126 -12.93 -10.41 2.71
C ASP A 126 -13.94 -10.05 3.79
N GLY A 127 -13.81 -8.84 4.34
CA GLY A 127 -14.72 -8.40 5.37
C GLY A 127 -14.18 -8.64 6.76
N LYS A 128 -13.06 -9.36 6.84
CA LYS A 128 -12.44 -9.67 8.13
C LYS A 128 -11.36 -8.65 8.47
N SER A 129 -11.39 -8.15 9.70
CA SER A 129 -10.41 -7.17 10.16
C SER A 129 -9.06 -7.81 10.42
N LYS A 130 -7.99 -7.11 10.08
CA LYS A 130 -6.64 -7.62 10.28
C LYS A 130 -6.10 -7.21 11.65
N GLY A 131 -6.71 -6.18 12.23
CA GLY A 131 -6.28 -5.70 13.53
C GLY A 131 -5.55 -4.37 13.45
N ILE A 132 -5.72 -3.66 12.34
CA ILE A 132 -5.08 -2.38 12.15
C ILE A 132 -5.99 -1.41 11.39
N ALA A 133 -5.72 -0.12 11.54
CA ALA A 133 -6.51 0.90 10.87
C ALA A 133 -5.71 2.18 10.66
N TYR A 134 -5.55 2.58 9.40
CA TYR A 134 -4.79 3.79 9.08
C TYR A 134 -5.70 5.00 9.03
N ILE A 135 -5.22 6.12 9.58
CA ILE A 135 -5.99 7.35 9.60
C ILE A 135 -5.16 8.53 9.09
N GLU A 136 -5.68 9.22 8.08
CA GLU A 136 -4.98 10.38 7.51
C GLU A 136 -5.52 11.68 8.09
N PHE A 137 -4.75 12.29 8.97
CA PHE A 137 -5.15 13.55 9.59
C PHE A 137 -4.85 14.73 8.68
N LYS A 138 -5.33 15.91 9.05
CA LYS A 138 -5.12 17.12 8.27
C LYS A 138 -3.67 17.57 8.35
N THR A 139 -3.07 17.41 9.53
CA THR A 139 -1.69 17.80 9.75
C THR A 139 -1.06 17.00 10.88
N GLU A 140 0.26 16.82 10.83
CA GLU A 140 0.99 16.07 11.85
C GLU A 140 0.72 16.65 13.23
N ALA A 141 0.37 17.94 13.27
CA ALA A 141 0.09 18.60 14.54
C ALA A 141 -1.19 18.08 15.17
N ASP A 142 -2.17 17.78 14.33
CA ASP A 142 -3.45 17.27 14.79
C ASP A 142 -3.39 15.76 15.02
N ALA A 143 -2.58 15.09 14.22
CA ALA A 143 -2.43 13.64 14.33
C ALA A 143 -1.52 13.28 15.50
N GLU A 144 -0.29 13.76 15.46
CA GLU A 144 0.67 13.48 16.52
C GLU A 144 0.12 13.88 17.88
N LYS A 145 -0.81 14.83 17.88
CA LYS A 145 -1.42 15.30 19.12
C LYS A 145 -2.62 14.44 19.49
N THR A 146 -3.56 14.30 18.55
CA THR A 146 -4.75 13.50 18.78
C THR A 146 -4.40 12.12 19.32
N PHE A 147 -3.21 11.64 18.97
CA PHE A 147 -2.75 10.33 19.41
C PHE A 147 -2.93 10.18 20.92
N GLU A 148 -2.24 11.02 21.68
CA GLU A 148 -2.33 10.98 23.13
C GLU A 148 -3.57 11.71 23.63
N GLU A 149 -4.09 12.61 22.80
CA GLU A 149 -5.28 13.38 23.15
C GLU A 149 -6.51 12.50 23.16
N LYS A 150 -6.44 11.37 22.46
CA LYS A 150 -7.56 10.44 22.39
C LYS A 150 -7.19 9.08 22.98
N GLN A 151 -5.89 8.76 22.95
CA GLN A 151 -5.41 7.50 23.48
C GLN A 151 -6.04 7.20 24.83
N GLY A 152 -6.50 5.95 25.00
CA GLY A 152 -7.12 5.56 26.24
C GLY A 152 -8.56 5.16 26.06
N THR A 153 -9.09 5.33 24.85
CA THR A 153 -10.47 4.98 24.55
C THR A 153 -10.69 3.47 24.63
N GLU A 154 -11.95 3.07 24.71
CA GLU A 154 -12.29 1.66 24.79
C GLU A 154 -13.17 1.24 23.62
N ILE A 155 -12.72 0.23 22.87
CA ILE A 155 -13.47 -0.26 21.72
C ILE A 155 -13.58 -1.78 21.75
N ASP A 156 -14.81 -2.28 21.64
CA ASP A 156 -15.05 -3.72 21.65
C ASP A 156 -14.67 -4.33 23.00
N GLY A 157 -14.60 -3.48 24.02
CA GLY A 157 -14.26 -3.95 25.35
C GLY A 157 -12.79 -3.75 25.67
N ARG A 158 -11.96 -3.73 24.64
CA ARG A 158 -10.52 -3.55 24.81
C ARG A 158 -10.13 -2.09 24.62
N SER A 159 -8.83 -1.80 24.71
CA SER A 159 -8.34 -0.45 24.55
C SER A 159 -7.45 -0.34 23.32
N ILE A 160 -7.92 0.44 22.33
CA ILE A 160 -7.17 0.63 21.10
C ILE A 160 -6.07 1.67 21.27
N SER A 161 -4.94 1.44 20.62
CA SER A 161 -3.81 2.35 20.70
C SER A 161 -3.43 2.90 19.32
N LEU A 162 -2.92 4.12 19.30
CA LEU A 162 -2.52 4.75 18.04
C LEU A 162 -1.02 5.02 18.02
N TYR A 163 -0.44 5.01 16.82
CA TYR A 163 0.98 5.24 16.65
C TYR A 163 1.28 5.92 15.31
N TYR A 164 1.96 7.05 15.36
CA TYR A 164 2.30 7.79 14.16
C TYR A 164 3.44 7.11 13.41
N THR A 165 3.37 7.13 12.09
CA THR A 165 4.39 6.52 11.25
C THR A 165 4.56 7.28 9.94
N GLY A 166 5.80 7.35 9.46
CA GLY A 166 6.08 8.05 8.22
C GLY A 166 7.33 8.90 8.30
N GLU A 167 7.72 9.27 9.52
CA GLU A 167 8.91 10.09 9.73
C GLU A 167 8.82 11.38 8.93
N PRO A 168 9.55 12.41 9.39
CA PRO A 168 9.58 13.72 8.74
C PRO A 168 10.28 13.69 7.39
N LYS A 169 10.53 14.86 6.82
CA LYS A 169 11.20 14.97 5.53
C LYS A 169 12.53 15.69 5.67
N GLY A 170 13.50 15.28 4.85
CA GLY A 170 14.82 15.90 4.90
C GLY A 170 15.91 14.91 5.26
N GLU A 171 15.61 13.62 5.10
CA GLU A 171 16.58 12.58 5.41
C GLU A 171 17.48 12.30 4.22
N GLY A 172 16.90 12.32 3.02
CA GLY A 172 17.67 12.07 1.82
C GLY A 172 17.50 13.17 0.79
N LEU A 173 17.00 14.32 1.22
CA LEU A 173 16.78 15.45 0.32
C LEU A 173 18.10 16.16 0.02
N GLU A 174 18.81 16.56 1.06
CA GLU A 174 20.08 17.25 0.91
C GLU A 174 21.02 16.47 -0.01
N GLY A 1 7.23 -26.56 -7.58
CA GLY A 1 8.37 -25.93 -6.93
C GLY A 1 8.17 -24.44 -6.72
N THR A 2 9.09 -23.65 -7.25
CA THR A 2 9.01 -22.20 -7.11
C THR A 2 9.00 -21.51 -8.48
N GLU A 3 7.88 -20.89 -8.81
CA GLU A 3 7.74 -20.20 -10.09
C GLU A 3 8.82 -19.13 -10.25
N PRO A 4 8.82 -18.16 -9.33
CA PRO A 4 9.80 -17.06 -9.35
C PRO A 4 11.20 -17.53 -9.00
N THR A 5 12.19 -16.66 -9.23
CA THR A 5 13.58 -16.98 -8.94
C THR A 5 14.14 -16.10 -7.84
N THR A 6 13.65 -14.85 -7.80
CA THR A 6 14.10 -13.90 -6.79
C THR A 6 12.99 -13.54 -5.82
N ALA A 7 13.35 -13.02 -4.66
CA ALA A 7 12.37 -12.64 -3.64
C ALA A 7 11.79 -11.26 -3.93
N PHE A 8 12.23 -10.67 -5.04
CA PHE A 8 11.75 -9.34 -5.43
C PHE A 8 10.71 -9.44 -6.54
N ASN A 9 9.46 -9.72 -6.15
CA ASN A 9 8.37 -9.85 -7.10
C ASN A 9 7.22 -8.93 -6.74
N LEU A 10 6.37 -8.62 -7.71
CA LEU A 10 5.23 -7.75 -7.49
C LEU A 10 4.00 -8.27 -8.24
N PHE A 11 2.82 -7.90 -7.75
CA PHE A 11 1.57 -8.32 -8.37
C PHE A 11 1.10 -7.30 -9.40
N VAL A 12 1.05 -7.72 -10.66
CA VAL A 12 0.62 -6.84 -11.74
C VAL A 12 -0.82 -7.14 -12.15
N GLY A 13 -1.46 -6.15 -12.78
CA GLY A 13 -2.83 -6.32 -13.20
C GLY A 13 -3.14 -5.57 -14.49
N ASN A 14 -4.31 -5.83 -15.06
CA ASN A 14 -4.72 -5.17 -16.30
C ASN A 14 -3.69 -5.40 -17.40
N LEU A 15 -3.43 -6.67 -17.70
CA LEU A 15 -2.46 -7.02 -18.73
C LEU A 15 -3.17 -7.38 -20.03
N ASN A 16 -4.43 -6.97 -20.15
CA ASN A 16 -5.22 -7.25 -21.35
C ASN A 16 -5.49 -8.74 -21.48
N PHE A 17 -6.76 -9.09 -21.70
CA PHE A 17 -7.15 -10.48 -21.85
C PHE A 17 -7.56 -10.79 -23.28
N ASN A 18 -6.58 -10.82 -24.17
CA ASN A 18 -6.82 -11.11 -25.58
C ASN A 18 -5.71 -11.95 -26.17
N LYS A 19 -4.46 -11.63 -25.80
CA LYS A 19 -3.31 -12.37 -26.30
C LYS A 19 -3.12 -13.67 -25.54
N SER A 20 -2.08 -14.41 -25.89
CA SER A 20 -1.78 -15.68 -25.24
C SER A 20 -1.16 -15.46 -23.87
N ALA A 21 -1.01 -16.54 -23.10
CA ALA A 21 -0.42 -16.46 -21.78
C ALA A 21 1.03 -15.99 -21.84
N PRO A 22 1.87 -16.75 -22.56
CA PRO A 22 3.29 -16.44 -22.73
C PRO A 22 3.51 -15.20 -23.59
N GLU A 23 2.44 -14.70 -24.21
CA GLU A 23 2.51 -13.53 -25.06
C GLU A 23 2.41 -12.25 -24.23
N LEU A 24 1.91 -12.38 -23.01
CA LEU A 24 1.75 -11.24 -22.12
C LEU A 24 3.05 -10.95 -21.38
N LYS A 25 3.78 -12.01 -21.03
CA LYS A 25 5.04 -11.87 -20.32
C LYS A 25 6.01 -10.98 -21.09
N THR A 26 6.07 -11.18 -22.41
CA THR A 26 6.96 -10.39 -23.25
C THR A 26 6.70 -8.89 -23.08
N GLY A 27 5.49 -8.46 -23.44
CA GLY A 27 5.14 -7.06 -23.31
C GLY A 27 5.39 -6.52 -21.92
N ILE A 28 4.90 -7.25 -20.91
CA ILE A 28 5.07 -6.83 -19.52
C ILE A 28 6.52 -6.52 -19.22
N SER A 29 7.41 -7.45 -19.56
CA SER A 29 8.84 -7.28 -19.32
C SER A 29 9.43 -6.26 -20.29
N ASP A 30 8.72 -6.02 -21.39
CA ASP A 30 9.19 -5.07 -22.39
C ASP A 30 9.11 -3.64 -21.85
N VAL A 31 7.92 -3.21 -21.47
CA VAL A 31 7.72 -1.86 -20.94
C VAL A 31 8.73 -1.55 -19.83
N PHE A 32 8.97 -2.54 -18.97
CA PHE A 32 9.91 -2.38 -17.87
C PHE A 32 11.32 -2.12 -18.39
N ALA A 33 11.65 -2.77 -19.51
CA ALA A 33 12.97 -2.61 -20.11
C ALA A 33 13.23 -1.16 -20.52
N LYS A 34 12.17 -0.47 -20.92
CA LYS A 34 12.28 0.92 -21.33
C LYS A 34 12.46 1.84 -20.12
N ASN A 35 12.05 1.35 -18.96
CA ASN A 35 12.17 2.12 -17.73
C ASN A 35 13.44 1.74 -16.97
N ASP A 36 14.42 1.22 -17.69
CA ASP A 36 15.68 0.82 -17.09
C ASP A 36 15.46 -0.25 -16.02
N LEU A 37 14.46 -1.10 -16.23
CA LEU A 37 14.14 -2.15 -15.28
C LEU A 37 14.38 -3.53 -15.90
N ALA A 38 15.30 -4.28 -15.32
CA ALA A 38 15.62 -5.62 -15.80
C ALA A 38 14.92 -6.68 -14.97
N VAL A 39 13.96 -7.37 -15.58
CA VAL A 39 13.21 -8.42 -14.88
C VAL A 39 13.81 -9.79 -15.17
N VAL A 40 13.84 -10.63 -14.15
CA VAL A 40 14.39 -11.98 -14.29
C VAL A 40 13.34 -12.94 -14.85
N ASP A 41 12.08 -12.68 -14.54
CA ASP A 41 10.99 -13.53 -15.02
C ASP A 41 9.64 -13.01 -14.51
N VAL A 42 8.59 -13.25 -15.29
CA VAL A 42 7.25 -12.81 -14.92
C VAL A 42 6.24 -13.94 -15.11
N ARG A 43 5.23 -13.96 -14.24
CA ARG A 43 4.20 -14.99 -14.30
C ARG A 43 2.87 -14.38 -14.73
N ILE A 44 2.05 -15.19 -15.40
CA ILE A 44 0.75 -14.73 -15.87
C ILE A 44 -0.38 -15.59 -15.30
N GLY A 45 -1.46 -14.93 -14.87
CA GLY A 45 -2.58 -15.67 -14.31
C GLY A 45 -3.32 -16.48 -15.35
N MET A 46 -4.39 -17.15 -14.93
CA MET A 46 -5.19 -17.97 -15.83
C MET A 46 -6.14 -17.11 -16.66
N THR A 47 -6.64 -16.03 -16.06
CA THR A 47 -7.56 -15.13 -16.74
C THR A 47 -6.83 -14.27 -17.77
N ARG A 48 -5.50 -14.27 -17.69
CA ARG A 48 -4.69 -13.50 -18.62
C ARG A 48 -4.94 -12.01 -18.46
N LYS A 49 -5.40 -11.62 -17.27
CA LYS A 49 -5.69 -10.22 -16.98
C LYS A 49 -4.75 -9.68 -15.91
N PHE A 50 -4.04 -10.58 -15.24
CA PHE A 50 -3.10 -10.19 -14.19
C PHE A 50 -1.98 -11.22 -14.06
N GLY A 51 -1.01 -10.93 -13.19
CA GLY A 51 0.09 -11.84 -12.98
C GLY A 51 1.12 -11.28 -12.00
N TYR A 52 2.38 -11.63 -12.21
CA TYR A 52 3.45 -11.18 -11.34
C TYR A 52 4.72 -10.89 -12.13
N VAL A 53 5.63 -10.13 -11.54
CA VAL A 53 6.89 -9.78 -12.18
C VAL A 53 8.05 -9.79 -11.20
N ASP A 54 9.11 -10.49 -11.56
CA ASP A 54 10.29 -10.59 -10.71
C ASP A 54 11.43 -9.74 -11.25
N PHE A 55 12.05 -8.96 -10.37
CA PHE A 55 13.16 -8.09 -10.77
C PHE A 55 14.48 -8.61 -10.20
N GLU A 56 15.58 -8.22 -10.84
CA GLU A 56 16.91 -8.65 -10.41
C GLU A 56 17.10 -8.38 -8.91
N SER A 57 16.80 -7.16 -8.49
CA SER A 57 16.95 -6.77 -7.09
C SER A 57 15.77 -5.90 -6.65
N ALA A 58 15.62 -5.75 -5.33
CA ALA A 58 14.55 -4.94 -4.78
C ALA A 58 14.55 -3.54 -5.39
N GLU A 59 15.72 -3.08 -5.81
CA GLU A 59 15.86 -1.76 -6.41
C GLU A 59 14.93 -1.62 -7.61
N ASP A 60 15.08 -2.51 -8.58
CA ASP A 60 14.27 -2.48 -9.79
C ASP A 60 12.78 -2.64 -9.44
N LEU A 61 12.49 -3.53 -8.51
CA LEU A 61 11.12 -3.78 -8.09
C LEU A 61 10.49 -2.51 -7.52
N GLU A 62 11.15 -1.91 -6.54
CA GLU A 62 10.65 -0.69 -5.92
C GLU A 62 10.53 0.43 -6.95
N LYS A 63 11.49 0.51 -7.86
CA LYS A 63 11.49 1.53 -8.89
C LYS A 63 10.18 1.52 -9.67
N ALA A 64 9.71 0.33 -10.01
CA ALA A 64 8.46 0.18 -10.74
C ALA A 64 7.26 0.61 -9.89
N LEU A 65 7.47 0.65 -8.58
CA LEU A 65 6.41 1.04 -7.65
C LEU A 65 6.38 2.55 -7.46
N GLU A 66 7.38 3.22 -8.00
CA GLU A 66 7.47 4.68 -7.89
C GLU A 66 7.33 5.34 -9.26
N LEU A 67 8.09 4.85 -10.23
CA LEU A 67 8.06 5.38 -11.59
C LEU A 67 6.67 5.21 -12.21
N THR A 68 6.49 5.74 -13.41
CA THR A 68 5.23 5.63 -14.11
C THR A 68 5.43 5.34 -15.59
N GLY A 69 4.34 5.30 -16.34
CA GLY A 69 4.43 5.02 -17.77
C GLY A 69 4.53 3.54 -18.07
N LEU A 70 3.66 2.75 -17.45
CA LEU A 70 3.65 1.30 -17.65
C LEU A 70 2.36 0.85 -18.33
N LYS A 71 2.49 0.36 -19.56
CA LYS A 71 1.34 -0.12 -20.32
C LYS A 71 1.71 -1.28 -21.22
N VAL A 72 0.75 -2.14 -21.51
CA VAL A 72 0.98 -3.30 -22.36
C VAL A 72 -0.23 -3.58 -23.24
N PHE A 73 0.01 -3.70 -24.55
CA PHE A 73 -1.06 -3.98 -25.50
C PHE A 73 -2.12 -2.89 -25.45
N GLY A 74 -1.70 -1.66 -25.17
CA GLY A 74 -2.62 -0.55 -25.09
C GLY A 74 -3.14 -0.32 -23.69
N ASN A 75 -3.50 -1.41 -23.01
CA ASN A 75 -4.02 -1.33 -21.65
C ASN A 75 -2.90 -1.02 -20.66
N GLU A 76 -3.13 -0.04 -19.80
CA GLU A 76 -2.15 0.36 -18.80
C GLU A 76 -2.15 -0.61 -17.62
N ILE A 77 -1.08 -1.37 -17.48
CA ILE A 77 -0.96 -2.33 -16.39
C ILE A 77 -0.92 -1.64 -15.04
N LYS A 78 -1.10 -2.41 -13.98
CA LYS A 78 -1.09 -1.87 -12.62
C LYS A 78 -0.23 -2.72 -11.70
N LEU A 79 0.79 -2.10 -11.11
CA LEU A 79 1.70 -2.80 -10.21
C LEU A 79 1.21 -2.69 -8.76
N GLU A 80 1.31 -3.80 -8.03
CA GLU A 80 0.88 -3.82 -6.63
C GLU A 80 1.72 -4.80 -5.83
N LYS A 81 1.38 -4.96 -4.55
CA LYS A 81 2.10 -5.87 -3.67
C LYS A 81 1.21 -7.00 -3.19
N PRO A 82 1.72 -8.23 -3.27
CA PRO A 82 0.98 -9.42 -2.85
C PRO A 82 0.81 -9.49 -1.33
N LYS A 83 0.34 -10.63 -0.85
CA LYS A 83 0.13 -10.83 0.59
C LYS A 83 1.29 -11.59 1.21
N GLY A 84 1.67 -11.22 2.43
CA GLY A 84 2.76 -11.87 3.11
C GLY A 84 3.71 -10.89 3.76
N LYS A 85 5.01 -11.10 3.57
CA LYS A 85 6.02 -10.22 4.14
C LYS A 85 7.13 -9.93 3.13
N ASP A 86 7.34 -8.65 2.85
CA ASP A 86 8.36 -8.23 1.89
C ASP A 86 8.69 -6.76 2.07
N SER A 87 9.45 -6.20 1.12
CA SER A 87 9.84 -4.80 1.17
C SER A 87 8.63 -3.90 0.94
N LYS A 88 7.55 -4.48 0.45
CA LYS A 88 6.33 -3.73 0.18
C LYS A 88 5.86 -3.00 1.43
N LYS A 89 6.29 -3.49 2.59
CA LYS A 89 5.90 -2.88 3.87
C LYS A 89 6.11 -1.37 3.83
N GLU A 90 7.13 -0.93 3.10
CA GLU A 90 7.43 0.49 2.99
C GLU A 90 6.20 1.28 2.57
N ARG A 91 5.42 0.71 1.66
CA ARG A 91 4.20 1.36 1.18
C ARG A 91 3.05 1.15 2.16
N ASP A 92 3.17 0.12 2.99
CA ASP A 92 2.14 -0.19 3.98
C ASP A 92 2.12 0.85 5.09
N ALA A 93 3.13 1.70 5.10
CA ALA A 93 3.23 2.75 6.12
C ALA A 93 1.99 3.65 6.11
N ARG A 94 1.28 3.65 4.99
CA ARG A 94 0.08 4.47 4.84
C ARG A 94 -0.88 4.23 6.00
N THR A 95 -0.85 3.02 6.56
CA THR A 95 -1.71 2.65 7.66
C THR A 95 -1.41 3.50 8.89
N LEU A 96 -2.46 3.88 9.62
CA LEU A 96 -2.30 4.70 10.81
C LEU A 96 -2.68 3.92 12.06
N LEU A 97 -2.11 4.29 13.20
CA LEU A 97 -2.38 3.63 14.46
C LEU A 97 -3.01 4.59 15.47
N ALA A 98 -4.05 4.13 16.16
CA ALA A 98 -4.73 4.95 17.15
C ALA A 98 -4.45 4.45 18.56
N LYS A 99 -4.27 5.38 19.49
CA LYS A 99 -4.01 5.03 20.88
C LYS A 99 -4.80 5.91 21.83
N ASN A 100 -4.72 5.61 23.13
CA ASN A 100 -5.44 6.38 24.14
C ASN A 100 -6.94 6.21 23.98
N LEU A 101 -7.36 5.03 23.52
CA LEU A 101 -8.77 4.74 23.33
C LEU A 101 -9.34 4.03 24.55
N PRO A 102 -10.58 4.40 24.93
CA PRO A 102 -11.26 3.80 26.07
C PRO A 102 -11.68 2.36 25.81
N TYR A 103 -11.88 1.60 26.89
CA TYR A 103 -12.28 0.21 26.77
C TYR A 103 -13.67 0.08 26.16
N LYS A 104 -14.39 1.20 26.11
CA LYS A 104 -15.73 1.22 25.54
C LYS A 104 -15.73 1.90 24.17
N VAL A 105 -14.54 2.06 23.60
CA VAL A 105 -14.41 2.70 22.28
C VAL A 105 -14.88 1.76 21.18
N THR A 106 -15.21 2.34 20.03
CA THR A 106 -15.67 1.56 18.89
C THR A 106 -15.08 2.09 17.59
N GLN A 107 -15.30 1.35 16.50
CA GLN A 107 -14.80 1.76 15.19
C GLN A 107 -15.34 3.13 14.79
N ASP A 108 -16.66 3.23 14.69
CA ASP A 108 -17.30 4.49 14.32
C ASP A 108 -16.84 5.62 15.23
N GLU A 109 -16.62 5.31 16.50
CA GLU A 109 -16.19 6.31 17.47
C GLU A 109 -14.96 7.05 16.96
N LEU A 110 -14.01 6.31 16.40
CA LEU A 110 -12.79 6.91 15.87
C LEU A 110 -12.99 7.38 14.43
N LYS A 111 -13.95 6.78 13.75
CA LYS A 111 -14.25 7.13 12.37
C LYS A 111 -14.80 8.55 12.27
N GLU A 112 -15.15 9.12 13.42
CA GLU A 112 -15.69 10.47 13.48
C GLU A 112 -14.66 11.48 12.99
N VAL A 113 -13.40 11.06 12.94
CA VAL A 113 -12.31 11.93 12.50
C VAL A 113 -11.80 11.52 11.12
N PHE A 114 -11.53 10.23 10.96
CA PHE A 114 -11.04 9.71 9.69
C PHE A 114 -12.15 8.98 8.93
N GLU A 115 -13.35 9.51 9.02
CA GLU A 115 -14.50 8.91 8.35
C GLU A 115 -14.26 8.79 6.84
N ASP A 116 -13.31 9.59 6.34
CA ASP A 116 -12.98 9.58 4.92
C ASP A 116 -11.94 8.50 4.62
N ALA A 117 -11.30 7.99 5.66
CA ALA A 117 -10.28 6.96 5.51
C ALA A 117 -10.80 5.82 4.65
N ALA A 118 -9.89 4.95 4.20
CA ALA A 118 -10.25 3.81 3.37
C ALA A 118 -11.02 2.77 4.17
N GLU A 119 -10.37 2.21 5.19
CA GLU A 119 -11.00 1.20 6.02
C GLU A 119 -10.66 1.42 7.50
N ILE A 120 -11.37 0.74 8.37
CA ILE A 120 -11.15 0.85 9.81
C ILE A 120 -11.11 -0.52 10.48
N ARG A 121 -10.11 -0.71 11.35
CA ARG A 121 -9.97 -1.98 12.05
C ARG A 121 -9.66 -1.75 13.53
N LEU A 122 -10.63 -2.01 14.39
CA LEU A 122 -10.46 -1.81 15.82
C LEU A 122 -9.90 -3.08 16.48
N VAL A 123 -9.28 -2.92 17.64
CA VAL A 123 -8.70 -4.04 18.36
C VAL A 123 -9.37 -4.22 19.73
N SER A 124 -10.22 -5.23 19.83
CA SER A 124 -10.93 -5.51 21.08
C SER A 124 -11.00 -7.01 21.35
N LYS A 125 -11.12 -7.37 22.61
CA LYS A 125 -11.20 -8.77 23.01
C LYS A 125 -12.38 -9.00 23.96
N ASP A 126 -13.15 -10.05 23.68
CA ASP A 126 -14.30 -10.39 24.51
C ASP A 126 -15.34 -9.28 24.47
N GLY A 127 -15.27 -8.43 23.44
CA GLY A 127 -16.20 -7.34 23.29
C GLY A 127 -15.75 -6.09 24.01
N LYS A 128 -14.50 -6.08 24.46
CA LYS A 128 -13.94 -4.93 25.17
C LYS A 128 -12.67 -4.44 24.48
N SER A 129 -12.62 -3.15 24.19
CA SER A 129 -11.45 -2.56 23.53
C SER A 129 -10.18 -2.85 24.33
N LYS A 130 -9.04 -2.72 23.66
CA LYS A 130 -7.75 -2.97 24.30
C LYS A 130 -6.95 -1.67 24.42
N GLY A 131 -7.45 -0.61 23.79
CA GLY A 131 -6.77 0.67 23.85
C GLY A 131 -5.98 0.97 22.58
N ILE A 132 -6.49 0.49 21.45
CA ILE A 132 -5.83 0.71 20.17
C ILE A 132 -6.82 0.62 19.02
N ALA A 133 -6.40 1.07 17.84
CA ALA A 133 -7.25 1.04 16.66
C ALA A 133 -6.43 1.25 15.40
N TYR A 134 -6.38 0.23 14.54
CA TYR A 134 -5.63 0.31 13.30
C TYR A 134 -6.54 0.72 12.14
N ILE A 135 -6.06 1.65 11.32
CA ILE A 135 -6.82 2.13 10.18
C ILE A 135 -5.96 2.18 8.93
N GLU A 136 -6.48 1.64 7.83
CA GLU A 136 -5.76 1.62 6.57
C GLU A 136 -6.28 2.70 5.62
N PHE A 137 -5.52 3.78 5.49
CA PHE A 137 -5.91 4.88 4.62
C PHE A 137 -5.69 4.53 3.15
N LYS A 138 -6.17 5.39 2.27
CA LYS A 138 -6.02 5.17 0.83
C LYS A 138 -4.61 5.51 0.37
N THR A 139 -4.01 6.51 1.00
CA THR A 139 -2.66 6.94 0.66
C THR A 139 -1.96 7.56 1.86
N GLU A 140 -0.64 7.35 1.95
CA GLU A 140 0.15 7.89 3.05
C GLU A 140 -0.06 9.39 3.18
N ALA A 141 -0.40 10.03 2.06
CA ALA A 141 -0.63 11.48 2.05
C ALA A 141 -1.91 11.84 2.77
N ASP A 142 -2.90 10.96 2.68
CA ASP A 142 -4.19 11.19 3.32
C ASP A 142 -4.15 10.74 4.78
N ALA A 143 -3.32 9.75 5.08
CA ALA A 143 -3.19 9.23 6.43
C ALA A 143 -2.22 10.09 7.25
N GLU A 144 -0.98 10.18 6.78
CA GLU A 144 0.04 10.96 7.48
C GLU A 144 -0.45 12.38 7.72
N LYS A 145 -1.34 12.85 6.86
CA LYS A 145 -1.89 14.21 6.98
C LYS A 145 -3.05 14.23 7.97
N THR A 146 -4.03 13.35 7.75
CA THR A 146 -5.20 13.26 8.61
C THR A 146 -4.80 13.16 10.08
N PHE A 147 -3.59 12.62 10.32
CA PHE A 147 -3.09 12.46 11.68
C PHE A 147 -3.22 13.77 12.46
N GLU A 148 -2.54 14.80 11.99
CA GLU A 148 -2.57 16.11 12.64
C GLU A 148 -3.80 16.89 12.22
N GLU A 149 -4.40 16.50 11.09
CA GLU A 149 -5.59 17.17 10.59
C GLU A 149 -6.82 16.83 11.42
N LYS A 150 -6.72 15.73 12.18
CA LYS A 150 -7.82 15.29 13.03
C LYS A 150 -7.39 15.23 14.49
N GLN A 151 -6.10 15.02 14.71
CA GLN A 151 -5.56 14.95 16.07
C GLN A 151 -6.14 16.06 16.95
N GLY A 152 -6.68 15.66 18.09
CA GLY A 152 -7.26 16.63 19.01
C GLY A 152 -8.75 16.41 19.22
N THR A 153 -9.28 15.36 18.61
CA THR A 153 -10.69 15.04 18.74
C THR A 153 -11.02 14.51 20.13
N GLU A 154 -12.31 14.51 20.47
CA GLU A 154 -12.76 14.04 21.77
C GLU A 154 -13.75 12.90 21.62
N ILE A 155 -13.47 11.77 22.28
CA ILE A 155 -14.35 10.61 22.22
C ILE A 155 -14.50 9.97 23.59
N ASP A 156 -15.75 9.70 23.97
CA ASP A 156 -16.04 9.08 25.26
C ASP A 156 -15.63 10.00 26.41
N GLY A 157 -15.54 11.30 26.12
CA GLY A 157 -15.15 12.26 27.13
C GLY A 157 -13.66 12.56 27.13
N ARG A 158 -12.88 11.59 26.67
CA ARG A 158 -11.43 11.74 26.62
C ARG A 158 -10.98 12.17 25.22
N SER A 159 -9.67 12.28 25.04
CA SER A 159 -9.10 12.69 23.75
C SER A 159 -8.23 11.58 23.17
N ILE A 160 -8.60 11.09 22.00
CA ILE A 160 -7.85 10.03 21.34
C ILE A 160 -6.75 10.62 20.45
N SER A 161 -5.63 9.90 20.36
CA SER A 161 -4.51 10.35 19.55
C SER A 161 -4.30 9.43 18.35
N LEU A 162 -3.43 9.84 17.43
CA LEU A 162 -3.14 9.05 16.25
C LEU A 162 -1.65 9.11 15.90
N TYR A 163 -1.12 8.01 15.40
CA TYR A 163 0.29 7.94 15.02
C TYR A 163 0.50 6.99 13.84
N TYR A 164 1.13 7.49 12.80
CA TYR A 164 1.39 6.68 11.60
C TYR A 164 2.49 5.65 11.87
N THR A 165 2.22 4.41 11.50
CA THR A 165 3.19 3.34 11.69
C THR A 165 2.97 2.21 10.68
N GLY A 166 4.06 1.54 10.31
CA GLY A 166 3.96 0.45 9.36
C GLY A 166 5.31 0.09 8.76
N GLU A 167 6.23 1.04 8.75
CA GLU A 167 7.55 0.81 8.19
C GLU A 167 8.30 -0.26 8.98
N PRO A 168 9.34 -0.84 8.36
CA PRO A 168 10.14 -1.89 8.97
C PRO A 168 11.00 -1.37 10.11
N LYS A 169 11.91 -2.20 10.61
CA LYS A 169 12.79 -1.82 11.71
C LYS A 169 13.75 -0.72 11.27
N GLY A 170 13.88 -0.53 9.96
CA GLY A 170 14.77 0.49 9.44
C GLY A 170 14.91 0.42 7.93
N GLU A 171 14.16 1.25 7.22
CA GLU A 171 14.20 1.28 5.77
C GLU A 171 15.63 1.52 5.28
N GLY A 172 16.42 2.23 6.07
CA GLY A 172 17.79 2.50 5.70
C GLY A 172 18.74 1.39 6.10
N LEU A 173 18.19 0.34 6.71
CA LEU A 173 18.99 -0.80 7.14
C LEU A 173 19.66 -1.47 5.96
N GLU A 174 18.91 -1.65 4.87
CA GLU A 174 19.44 -2.28 3.67
C GLU A 174 19.43 -1.30 2.49
N GLY A 1 7.83 -25.58 -9.39
CA GLY A 1 8.67 -25.29 -8.24
C GLY A 1 8.54 -23.86 -7.78
N THR A 2 8.45 -22.93 -8.72
CA THR A 2 8.33 -21.52 -8.39
C THR A 2 8.01 -20.69 -9.64
N GLU A 3 7.17 -19.68 -9.48
CA GLU A 3 6.79 -18.82 -10.60
C GLU A 3 7.98 -17.98 -11.06
N PRO A 4 8.51 -17.15 -10.15
CA PRO A 4 9.66 -16.28 -10.45
C PRO A 4 10.94 -17.07 -10.63
N THR A 5 11.89 -16.49 -11.38
CA THR A 5 13.17 -17.13 -11.63
C THR A 5 14.30 -16.40 -10.92
N THR A 6 14.13 -15.10 -10.74
CA THR A 6 15.15 -14.28 -10.07
C THR A 6 14.64 -13.77 -8.72
N ALA A 7 15.55 -13.22 -7.93
CA ALA A 7 15.20 -12.69 -6.63
C ALA A 7 14.74 -11.24 -6.72
N PHE A 8 14.98 -10.63 -7.88
CA PHE A 8 14.58 -9.24 -8.11
C PHE A 8 13.13 -9.16 -8.60
N ASN A 9 12.26 -8.63 -7.75
CA ASN A 9 10.85 -8.49 -8.09
C ASN A 9 10.23 -7.31 -7.35
N LEU A 10 9.19 -6.73 -7.96
CA LEU A 10 8.51 -5.59 -7.35
C LEU A 10 6.99 -5.80 -7.36
N PHE A 11 6.31 -5.19 -6.40
CA PHE A 11 4.86 -5.31 -6.29
C PHE A 11 4.16 -4.30 -7.21
N VAL A 12 3.37 -4.82 -8.15
CA VAL A 12 2.65 -3.97 -9.08
C VAL A 12 1.14 -4.05 -8.84
N GLY A 13 0.41 -3.05 -9.35
CA GLY A 13 -1.03 -3.04 -9.18
C GLY A 13 -1.73 -2.32 -10.32
N ASN A 14 -3.05 -2.25 -10.24
CA ASN A 14 -3.85 -1.60 -11.27
C ASN A 14 -3.51 -2.14 -12.65
N LEU A 15 -3.65 -3.45 -12.82
CA LEU A 15 -3.35 -4.10 -14.08
C LEU A 15 -4.64 -4.42 -14.85
N ASN A 16 -5.76 -3.90 -14.33
CA ASN A 16 -7.06 -4.13 -14.97
C ASN A 16 -7.46 -5.61 -14.89
N PHE A 17 -8.69 -5.85 -14.48
CA PHE A 17 -9.20 -7.22 -14.36
C PHE A 17 -10.35 -7.46 -15.33
N ASN A 18 -10.01 -7.55 -16.61
CA ASN A 18 -11.03 -7.79 -17.64
C ASN A 18 -10.59 -8.91 -18.58
N LYS A 19 -9.28 -8.99 -18.83
CA LYS A 19 -8.73 -10.02 -19.71
C LYS A 19 -8.34 -11.26 -18.92
N SER A 20 -7.75 -12.23 -19.61
CA SER A 20 -7.32 -13.47 -18.96
C SER A 20 -6.19 -13.21 -17.98
N ALA A 21 -5.88 -14.21 -17.17
CA ALA A 21 -4.81 -14.11 -16.18
C ALA A 21 -3.45 -13.94 -16.86
N PRO A 22 -3.08 -14.92 -17.68
CA PRO A 22 -1.81 -14.90 -18.41
C PRO A 22 -1.77 -13.85 -19.50
N GLU A 23 -2.91 -13.21 -19.74
CA GLU A 23 -3.01 -12.17 -20.76
C GLU A 23 -2.54 -10.83 -20.21
N LEU A 24 -2.49 -10.71 -18.89
CA LEU A 24 -2.05 -9.48 -18.25
C LEU A 24 -0.52 -9.39 -18.21
N LYS A 25 0.12 -10.52 -17.93
CA LYS A 25 1.57 -10.57 -17.88
C LYS A 25 2.19 -9.97 -19.13
N THR A 26 1.56 -10.23 -20.27
CA THR A 26 2.05 -9.71 -21.55
C THR A 26 2.14 -8.19 -21.53
N GLY A 27 0.99 -7.53 -21.33
CA GLY A 27 0.96 -6.08 -21.29
C GLY A 27 1.95 -5.51 -20.29
N ILE A 28 1.94 -6.06 -19.09
CA ILE A 28 2.84 -5.60 -18.04
C ILE A 28 4.29 -5.59 -18.50
N SER A 29 4.74 -6.72 -19.05
CA SER A 29 6.10 -6.85 -19.54
C SER A 29 6.29 -6.04 -20.82
N ASP A 30 5.19 -5.74 -21.48
CA ASP A 30 5.23 -4.96 -22.72
C ASP A 30 5.64 -3.52 -22.46
N VAL A 31 4.83 -2.83 -21.66
CA VAL A 31 5.10 -1.44 -21.32
C VAL A 31 6.55 -1.25 -20.88
N PHE A 32 7.05 -2.20 -20.11
CA PHE A 32 8.42 -2.14 -19.60
C PHE A 32 9.42 -2.27 -20.75
N ALA A 33 9.12 -3.14 -21.71
CA ALA A 33 9.98 -3.34 -22.86
C ALA A 33 10.16 -2.05 -23.65
N LYS A 34 9.23 -1.12 -23.48
CA LYS A 34 9.28 0.15 -24.18
C LYS A 34 10.21 1.13 -23.46
N ASN A 35 10.39 0.91 -22.15
CA ASN A 35 11.24 1.77 -21.36
C ASN A 35 12.63 1.15 -21.19
N ASP A 36 13.04 0.37 -22.18
CA ASP A 36 14.35 -0.28 -22.15
C ASP A 36 14.47 -1.19 -20.94
N LEU A 37 13.34 -1.71 -20.47
CA LEU A 37 13.32 -2.60 -19.32
C LEU A 37 13.05 -4.04 -19.74
N ALA A 38 13.78 -4.97 -19.13
CA ALA A 38 13.62 -6.39 -19.44
C ALA A 38 13.16 -7.17 -18.21
N VAL A 39 12.11 -7.97 -18.37
CA VAL A 39 11.58 -8.77 -17.28
C VAL A 39 11.86 -10.25 -17.51
N VAL A 40 12.15 -10.97 -16.42
CA VAL A 40 12.43 -12.40 -16.50
C VAL A 40 11.16 -13.22 -16.30
N ASP A 41 10.20 -12.64 -15.58
CA ASP A 41 8.94 -13.31 -15.30
C ASP A 41 7.97 -12.39 -14.57
N VAL A 42 6.70 -12.44 -14.95
CA VAL A 42 5.68 -11.61 -14.34
C VAL A 42 4.62 -12.46 -13.65
N ARG A 43 4.21 -12.04 -12.46
CA ARG A 43 3.19 -12.76 -11.69
C ARG A 43 1.89 -11.96 -11.63
N ILE A 44 0.77 -12.68 -11.65
CA ILE A 44 -0.54 -12.04 -11.59
C ILE A 44 -1.35 -12.56 -10.41
N GLY A 45 -2.03 -11.64 -9.72
CA GLY A 45 -2.83 -12.02 -8.57
C GLY A 45 -4.08 -12.80 -8.97
N MET A 46 -4.90 -13.13 -7.98
CA MET A 46 -6.13 -13.87 -8.24
C MET A 46 -7.24 -12.95 -8.74
N THR A 47 -7.09 -11.65 -8.45
CA THR A 47 -8.07 -10.66 -8.88
C THR A 47 -7.71 -10.06 -10.23
N ARG A 48 -6.52 -10.40 -10.71
CA ARG A 48 -6.04 -9.88 -11.99
C ARG A 48 -5.96 -8.35 -11.97
N LYS A 49 -5.94 -7.78 -10.77
CA LYS A 49 -5.87 -6.33 -10.61
C LYS A 49 -4.48 -5.91 -10.13
N PHE A 50 -3.67 -6.88 -9.73
CA PHE A 50 -2.32 -6.61 -9.25
C PHE A 50 -1.44 -7.85 -9.38
N GLY A 51 -0.16 -7.68 -9.08
CA GLY A 51 0.78 -8.79 -9.16
C GLY A 51 2.20 -8.37 -8.87
N TYR A 52 3.16 -9.06 -9.50
CA TYR A 52 4.57 -8.75 -9.31
C TYR A 52 5.33 -8.85 -10.62
N VAL A 53 6.46 -8.16 -10.70
CA VAL A 53 7.28 -8.16 -11.90
C VAL A 53 8.73 -8.47 -11.57
N ASP A 54 9.26 -9.52 -12.18
CA ASP A 54 10.64 -9.94 -11.95
C ASP A 54 11.57 -9.36 -13.02
N PHE A 55 12.72 -8.85 -12.58
CA PHE A 55 13.69 -8.27 -13.50
C PHE A 55 15.02 -9.00 -13.43
N GLU A 56 15.71 -9.07 -14.58
CA GLU A 56 16.99 -9.75 -14.65
C GLU A 56 17.94 -9.24 -13.56
N SER A 57 18.02 -7.92 -13.42
CA SER A 57 18.88 -7.30 -12.42
C SER A 57 18.17 -6.15 -11.71
N ALA A 58 18.68 -5.79 -10.54
CA ALA A 58 18.10 -4.70 -9.76
C ALA A 58 18.00 -3.42 -10.60
N GLU A 59 18.88 -3.30 -11.58
CA GLU A 59 18.89 -2.12 -12.45
C GLU A 59 17.53 -1.92 -13.11
N ASP A 60 17.09 -2.93 -13.85
CA ASP A 60 15.80 -2.86 -14.54
C ASP A 60 14.66 -2.74 -13.54
N LEU A 61 14.77 -3.47 -12.43
CA LEU A 61 13.74 -3.44 -11.39
C LEU A 61 13.56 -2.03 -10.84
N GLU A 62 14.62 -1.49 -10.24
CA GLU A 62 14.57 -0.15 -9.67
C GLU A 62 14.29 0.89 -10.75
N LYS A 63 14.74 0.60 -11.97
CA LYS A 63 14.53 1.51 -13.09
C LYS A 63 13.05 1.82 -13.28
N ALA A 64 12.23 0.77 -13.26
CA ALA A 64 10.80 0.92 -13.42
C ALA A 64 10.23 1.92 -12.42
N LEU A 65 10.85 1.99 -11.25
CA LEU A 65 10.41 2.90 -10.20
C LEU A 65 10.88 4.32 -10.48
N GLU A 66 11.95 4.44 -11.25
CA GLU A 66 12.51 5.75 -11.60
C GLU A 66 11.73 6.38 -12.75
N LEU A 67 11.58 5.63 -13.83
CA LEU A 67 10.85 6.12 -15.00
C LEU A 67 9.36 6.24 -14.70
N THR A 68 8.60 6.75 -15.68
CA THR A 68 7.17 6.91 -15.52
C THR A 68 6.44 6.67 -16.84
N GLY A 69 5.11 6.64 -16.78
CA GLY A 69 4.32 6.41 -17.98
C GLY A 69 4.09 4.94 -18.24
N LEU A 70 3.73 4.20 -17.19
CA LEU A 70 3.47 2.77 -17.32
C LEU A 70 1.98 2.48 -17.23
N LYS A 71 1.43 1.92 -18.30
CA LYS A 71 0.02 1.58 -18.35
C LYS A 71 -0.23 0.40 -19.29
N VAL A 72 -1.30 -0.35 -19.02
CA VAL A 72 -1.64 -1.49 -19.85
C VAL A 72 -3.15 -1.67 -19.95
N PHE A 73 -3.63 -2.07 -21.11
CA PHE A 73 -5.05 -2.28 -21.33
C PHE A 73 -5.83 -0.99 -21.09
N GLY A 74 -5.13 0.14 -21.17
CA GLY A 74 -5.77 1.42 -20.94
C GLY A 74 -5.52 1.97 -19.55
N ASN A 75 -5.65 1.10 -18.55
CA ASN A 75 -5.44 1.50 -17.16
C ASN A 75 -3.95 1.70 -16.88
N GLU A 76 -3.66 2.54 -15.88
CA GLU A 76 -2.27 2.81 -15.52
C GLU A 76 -1.85 1.96 -14.32
N ILE A 77 -0.87 1.09 -14.55
CA ILE A 77 -0.37 0.21 -13.50
C ILE A 77 0.38 1.00 -12.43
N LYS A 78 0.46 0.44 -11.23
CA LYS A 78 1.16 1.09 -10.13
C LYS A 78 2.31 0.23 -9.62
N LEU A 79 3.51 0.80 -9.62
CA LEU A 79 4.70 0.08 -9.17
C LEU A 79 4.96 0.36 -7.70
N GLU A 80 5.28 -0.68 -6.94
CA GLU A 80 5.57 -0.55 -5.52
C GLU A 80 6.51 -1.65 -5.04
N LYS A 81 6.94 -1.56 -3.79
CA LYS A 81 7.85 -2.55 -3.21
C LYS A 81 7.13 -3.36 -2.14
N PRO A 82 7.42 -4.67 -2.10
CA PRO A 82 6.82 -5.59 -1.12
C PRO A 82 7.33 -5.35 0.28
N LYS A 83 6.96 -6.22 1.21
CA LYS A 83 7.38 -6.10 2.60
C LYS A 83 8.89 -6.23 2.72
N GLY A 84 9.51 -5.28 3.42
CA GLY A 84 10.95 -5.31 3.60
C GLY A 84 11.48 -4.03 4.24
N LYS A 85 12.81 -3.92 4.31
CA LYS A 85 13.44 -2.74 4.90
C LYS A 85 14.31 -2.04 3.87
N ASP A 86 14.10 -0.74 3.71
CA ASP A 86 14.87 0.06 2.76
C ASP A 86 14.58 1.55 2.94
N SER A 87 15.08 2.36 2.01
CA SER A 87 14.88 3.81 2.07
C SER A 87 13.40 4.16 1.86
N LYS A 88 12.66 3.22 1.27
CA LYS A 88 11.24 3.43 1.02
C LYS A 88 10.49 3.68 2.32
N LYS A 89 11.08 3.26 3.44
CA LYS A 89 10.46 3.44 4.74
C LYS A 89 10.03 4.88 4.95
N GLU A 90 10.77 5.80 4.35
CA GLU A 90 10.46 7.23 4.47
C GLU A 90 9.01 7.50 4.09
N ARG A 91 8.51 6.74 3.12
CA ARG A 91 7.13 6.90 2.67
C ARG A 91 6.17 6.11 3.54
N ASP A 92 6.70 5.09 4.22
CA ASP A 92 5.88 4.26 5.09
C ASP A 92 5.47 5.01 6.34
N ALA A 93 6.05 6.18 6.54
CA ALA A 93 5.75 7.01 7.71
C ALA A 93 4.33 7.57 7.62
N ARG A 94 3.71 7.44 6.45
CA ARG A 94 2.36 7.93 6.23
C ARG A 94 1.33 6.92 6.71
N THR A 95 1.46 6.50 7.96
CA THR A 95 0.54 5.54 8.55
C THR A 95 0.38 5.76 10.05
N LEU A 96 -0.86 5.63 10.53
CA LEU A 96 -1.14 5.82 11.95
C LEU A 96 -1.62 4.51 12.58
N LEU A 97 -1.53 4.44 13.91
CA LEU A 97 -1.95 3.25 14.63
C LEU A 97 -3.00 3.59 15.69
N ALA A 98 -3.94 2.69 15.89
CA ALA A 98 -5.01 2.90 16.88
C ALA A 98 -4.87 1.94 18.04
N LYS A 99 -5.23 2.42 19.24
CA LYS A 99 -5.14 1.60 20.44
C LYS A 99 -6.37 1.80 21.32
N ASN A 100 -6.48 0.99 22.37
CA ASN A 100 -7.60 1.09 23.30
C ASN A 100 -8.91 0.76 22.60
N LEU A 101 -8.84 -0.12 21.61
CA LEU A 101 -10.01 -0.53 20.86
C LEU A 101 -10.60 -1.82 21.42
N PRO A 102 -11.94 -1.88 21.49
CA PRO A 102 -12.65 -3.05 22.02
C PRO A 102 -12.55 -4.25 21.08
N TYR A 103 -12.89 -5.43 21.61
CA TYR A 103 -12.84 -6.66 20.82
C TYR A 103 -14.00 -6.73 19.84
N LYS A 104 -14.91 -5.76 19.93
CA LYS A 104 -16.07 -5.71 19.06
C LYS A 104 -15.99 -4.52 18.11
N VAL A 105 -14.80 -3.93 18.00
CA VAL A 105 -14.59 -2.78 17.13
C VAL A 105 -14.44 -3.22 15.67
N THR A 106 -14.66 -2.29 14.76
CA THR A 106 -14.54 -2.58 13.33
C THR A 106 -13.88 -1.42 12.59
N GLN A 107 -13.62 -1.63 11.30
CA GLN A 107 -12.99 -0.60 10.48
C GLN A 107 -13.85 0.66 10.43
N ASP A 108 -15.06 0.53 9.93
CA ASP A 108 -15.99 1.65 9.83
C ASP A 108 -16.10 2.38 11.17
N GLU A 109 -16.06 1.61 12.26
CA GLU A 109 -16.17 2.19 13.60
C GLU A 109 -15.16 3.31 13.78
N LEU A 110 -13.88 2.99 13.70
CA LEU A 110 -12.82 3.97 13.86
C LEU A 110 -12.87 5.00 12.73
N LYS A 111 -13.38 4.59 11.58
CA LYS A 111 -13.48 5.48 10.43
C LYS A 111 -14.46 6.61 10.69
N GLU A 112 -15.23 6.49 11.78
CA GLU A 112 -16.20 7.51 12.14
C GLU A 112 -15.50 8.82 12.47
N VAL A 113 -14.19 8.76 12.70
CA VAL A 113 -13.41 9.95 13.02
C VAL A 113 -12.51 10.35 11.85
N PHE A 114 -11.76 9.38 11.33
CA PHE A 114 -10.86 9.63 10.21
C PHE A 114 -11.46 9.12 8.91
N GLU A 115 -12.78 9.27 8.77
CA GLU A 115 -13.47 8.82 7.57
C GLU A 115 -12.88 9.47 6.32
N ASP A 116 -12.22 10.61 6.50
CA ASP A 116 -11.60 11.33 5.40
C ASP A 116 -10.24 10.75 5.05
N ALA A 117 -9.71 9.94 5.97
CA ALA A 117 -8.40 9.32 5.77
C ALA A 117 -8.33 8.62 4.42
N ALA A 118 -7.12 8.24 4.02
CA ALA A 118 -6.92 7.56 2.75
C ALA A 118 -7.53 6.17 2.75
N GLU A 119 -7.04 5.31 3.63
CA GLU A 119 -7.54 3.95 3.74
C GLU A 119 -7.51 3.47 5.19
N ILE A 120 -8.23 2.38 5.46
CA ILE A 120 -8.29 1.83 6.80
C ILE A 120 -7.97 0.34 6.79
N ARG A 121 -7.23 -0.12 7.80
CA ARG A 121 -6.85 -1.51 7.91
C ARG A 121 -6.92 -1.99 9.36
N LEU A 122 -7.94 -2.78 9.67
CA LEU A 122 -8.12 -3.31 11.02
C LEU A 122 -7.40 -4.64 11.19
N VAL A 123 -7.09 -4.99 12.44
CA VAL A 123 -6.41 -6.24 12.73
C VAL A 123 -7.28 -7.14 13.61
N SER A 124 -7.77 -8.22 13.01
CA SER A 124 -8.62 -9.16 13.73
C SER A 124 -8.38 -10.58 13.25
N LYS A 125 -8.65 -11.56 14.12
CA LYS A 125 -8.46 -12.96 13.77
C LYS A 125 -9.68 -13.78 14.19
N ASP A 126 -10.16 -14.64 13.29
CA ASP A 126 -11.32 -15.48 13.58
C ASP A 126 -12.56 -14.64 13.82
N GLY A 127 -12.53 -13.39 13.36
CA GLY A 127 -13.66 -12.50 13.54
C GLY A 127 -13.61 -11.77 14.86
N LYS A 128 -12.42 -11.68 15.45
CA LYS A 128 -12.25 -11.00 16.72
C LYS A 128 -11.13 -9.97 16.64
N SER A 129 -11.42 -8.74 17.06
CA SER A 129 -10.44 -7.67 17.03
C SER A 129 -9.25 -8.00 17.93
N LYS A 130 -8.13 -7.32 17.68
CA LYS A 130 -6.91 -7.53 18.46
C LYS A 130 -6.71 -6.40 19.45
N GLY A 131 -7.38 -5.28 19.23
CA GLY A 131 -7.26 -4.14 20.12
C GLY A 131 -6.56 -2.97 19.46
N ILE A 132 -6.11 -3.18 18.22
CA ILE A 132 -5.42 -2.12 17.48
C ILE A 132 -6.01 -1.96 16.09
N ALA A 133 -5.66 -0.86 15.43
CA ALA A 133 -6.15 -0.58 14.08
C ALA A 133 -5.15 0.26 13.30
N TYR A 134 -4.71 -0.25 12.15
CA TYR A 134 -3.75 0.46 11.32
C TYR A 134 -4.46 1.25 10.23
N ILE A 135 -4.04 2.51 10.05
CA ILE A 135 -4.64 3.38 9.04
C ILE A 135 -3.58 4.03 8.19
N GLU A 136 -3.78 4.00 6.87
CA GLU A 136 -2.83 4.61 5.94
C GLU A 136 -3.36 5.92 5.39
N PHE A 137 -2.81 7.03 5.89
CA PHE A 137 -3.24 8.35 5.45
C PHE A 137 -2.56 8.73 4.14
N LYS A 138 -3.00 9.85 3.56
CA LYS A 138 -2.44 10.32 2.29
C LYS A 138 -1.04 10.88 2.51
N THR A 139 -0.79 11.44 3.68
CA THR A 139 0.50 12.02 4.02
C THR A 139 0.69 12.11 5.52
N GLU A 140 1.94 12.04 5.96
CA GLU A 140 2.26 12.13 7.39
C GLU A 140 1.68 13.41 8.00
N ALA A 141 1.52 14.43 7.16
CA ALA A 141 0.97 15.70 7.61
C ALA A 141 -0.51 15.59 7.93
N ASP A 142 -1.22 14.82 7.11
CA ASP A 142 -2.66 14.62 7.30
C ASP A 142 -2.92 13.55 8.36
N ALA A 143 -1.96 12.67 8.56
CA ALA A 143 -2.08 11.60 9.53
C ALA A 143 -1.72 12.09 10.92
N GLU A 144 -0.49 12.55 11.08
CA GLU A 144 -0.02 13.04 12.37
C GLU A 144 -0.91 14.16 12.89
N LYS A 145 -1.59 14.84 11.97
CA LYS A 145 -2.49 15.94 12.33
C LYS A 145 -3.88 15.41 12.67
N THR A 146 -4.42 14.60 11.78
CA THR A 146 -5.76 14.03 11.98
C THR A 146 -5.86 13.37 13.35
N PHE A 147 -4.75 12.86 13.85
CA PHE A 147 -4.72 12.20 15.16
C PHE A 147 -5.20 13.16 16.25
N GLU A 148 -4.68 14.39 16.22
CA GLU A 148 -5.05 15.39 17.21
C GLU A 148 -6.37 16.07 16.84
N GLU A 149 -6.75 15.95 15.56
CA GLU A 149 -7.99 16.55 15.08
C GLU A 149 -9.17 15.60 15.28
N LYS A 150 -8.86 14.33 15.52
CA LYS A 150 -9.90 13.32 15.72
C LYS A 150 -9.87 12.80 17.15
N GLN A 151 -8.68 12.75 17.74
CA GLN A 151 -8.51 12.27 19.10
C GLN A 151 -9.57 12.87 20.02
N GLY A 152 -10.16 12.03 20.87
CA GLY A 152 -11.19 12.50 21.78
C GLY A 152 -12.55 11.91 21.48
N THR A 153 -12.59 11.00 20.51
CA THR A 153 -13.85 10.36 20.13
C THR A 153 -14.15 9.16 21.02
N GLU A 154 -15.40 8.72 20.99
CA GLU A 154 -15.82 7.57 21.80
C GLU A 154 -16.42 6.48 20.93
N ILE A 155 -15.96 5.25 21.13
CA ILE A 155 -16.46 4.12 20.36
C ILE A 155 -16.77 2.93 21.27
N ASP A 156 -17.96 2.36 21.10
CA ASP A 156 -18.39 1.22 21.90
C ASP A 156 -18.53 1.61 23.37
N GLY A 157 -18.75 2.90 23.60
CA GLY A 157 -18.91 3.39 24.97
C GLY A 157 -17.61 3.87 25.56
N ARG A 158 -16.50 3.36 25.04
CA ARG A 158 -15.18 3.74 25.53
C ARG A 158 -14.56 4.82 24.65
N SER A 159 -13.32 5.19 24.97
CA SER A 159 -12.62 6.23 24.21
C SER A 159 -11.39 5.64 23.51
N ILE A 160 -11.39 5.71 22.19
CA ILE A 160 -10.28 5.20 21.40
C ILE A 160 -9.19 6.25 21.22
N SER A 161 -7.94 5.81 21.22
CA SER A 161 -6.80 6.72 21.08
C SER A 161 -6.02 6.39 19.81
N LEU A 162 -5.28 7.37 19.31
CA LEU A 162 -4.47 7.19 18.10
C LEU A 162 -3.01 7.54 18.36
N TYR A 163 -2.12 6.87 17.66
CA TYR A 163 -0.69 7.11 17.81
C TYR A 163 0.06 6.84 16.50
N TYR A 164 0.81 7.82 16.05
CA TYR A 164 1.57 7.70 14.81
C TYR A 164 2.77 6.77 15.00
N THR A 165 3.12 6.04 13.93
CA THR A 165 4.24 5.12 13.98
C THR A 165 4.65 4.68 12.59
N GLY A 166 5.86 5.03 12.19
CA GLY A 166 6.35 4.65 10.87
C GLY A 166 7.56 3.74 10.94
N GLU A 167 8.41 3.94 11.93
CA GLU A 167 9.61 3.13 12.11
C GLU A 167 10.24 3.38 13.46
N PRO A 168 10.98 2.38 13.97
CA PRO A 168 11.65 2.47 15.26
C PRO A 168 12.84 3.44 15.24
N LYS A 169 13.31 3.81 16.42
CA LYS A 169 14.44 4.73 16.53
C LYS A 169 15.75 3.97 16.66
N GLY A 170 16.85 4.61 16.27
CA GLY A 170 18.16 3.98 16.35
C GLY A 170 18.47 3.16 15.13
N GLU A 171 19.05 1.98 15.33
CA GLU A 171 19.42 1.09 14.23
C GLU A 171 19.90 1.90 13.03
N GLY A 172 20.70 2.93 13.30
CA GLY A 172 21.22 3.75 12.23
C GLY A 172 21.17 5.23 12.56
N LEU A 173 20.13 5.64 13.29
CA LEU A 173 19.97 7.03 13.68
C LEU A 173 21.05 7.45 14.68
N GLU A 174 21.13 6.73 15.80
CA GLU A 174 22.12 7.02 16.83
C GLU A 174 23.52 7.08 16.24
N GLY A 1 13.35 -18.70 -0.78
CA GLY A 1 12.67 -18.34 -2.01
C GLY A 1 13.57 -18.43 -3.22
N THR A 2 13.50 -19.54 -3.93
CA THR A 2 14.33 -19.75 -5.11
C THR A 2 13.71 -19.07 -6.33
N GLU A 3 12.39 -18.92 -6.32
CA GLU A 3 11.68 -18.29 -7.42
C GLU A 3 12.27 -16.91 -7.73
N PRO A 4 12.23 -16.02 -6.74
CA PRO A 4 12.76 -14.65 -6.88
C PRO A 4 14.28 -14.62 -6.97
N THR A 5 14.83 -13.44 -7.23
CA THR A 5 16.27 -13.28 -7.35
C THR A 5 16.79 -12.28 -6.33
N THR A 6 16.08 -11.16 -6.18
CA THR A 6 16.48 -10.12 -5.24
C THR A 6 15.38 -9.87 -4.21
N ALA A 7 15.62 -8.89 -3.34
CA ALA A 7 14.65 -8.55 -2.30
C ALA A 7 13.70 -7.46 -2.78
N PHE A 8 13.78 -7.15 -4.07
CA PHE A 8 12.92 -6.12 -4.66
C PHE A 8 11.82 -6.75 -5.52
N ASN A 9 10.60 -6.78 -4.99
CA ASN A 9 9.47 -7.35 -5.71
C ASN A 9 8.17 -6.64 -5.32
N LEU A 10 7.18 -6.71 -6.22
CA LEU A 10 5.89 -6.07 -5.98
C LEU A 10 4.76 -6.99 -6.40
N PHE A 11 3.61 -6.85 -5.73
CA PHE A 11 2.44 -7.67 -6.04
C PHE A 11 1.65 -7.06 -7.20
N VAL A 12 1.49 -7.84 -8.26
CA VAL A 12 0.75 -7.39 -9.44
C VAL A 12 -0.54 -8.16 -9.61
N GLY A 13 -1.47 -7.61 -10.38
CA GLY A 13 -2.74 -8.26 -10.60
C GLY A 13 -3.35 -7.91 -11.94
N ASN A 14 -4.53 -8.44 -12.22
CA ASN A 14 -5.22 -8.17 -13.48
C ASN A 14 -4.29 -8.45 -14.66
N LEU A 15 -3.76 -9.67 -14.74
CA LEU A 15 -2.87 -10.05 -15.83
C LEU A 15 -3.62 -10.85 -16.89
N ASN A 16 -4.93 -10.93 -16.76
CA ASN A 16 -5.76 -11.66 -17.70
C ASN A 16 -5.46 -13.15 -17.65
N PHE A 17 -6.51 -13.96 -17.56
CA PHE A 17 -6.37 -15.40 -17.49
C PHE A 17 -6.85 -16.05 -18.78
N ASN A 18 -6.08 -15.89 -19.85
CA ASN A 18 -6.42 -16.46 -21.15
C ASN A 18 -5.25 -17.25 -21.72
N LYS A 19 -4.04 -16.71 -21.56
CA LYS A 19 -2.84 -17.36 -22.06
C LYS A 19 -2.24 -18.29 -21.01
N SER A 20 -1.13 -18.92 -21.35
CA SER A 20 -0.47 -19.85 -20.45
C SER A 20 0.14 -19.09 -19.26
N ALA A 21 0.66 -19.85 -18.30
CA ALA A 21 1.28 -19.26 -17.11
C ALA A 21 2.54 -18.49 -17.47
N PRO A 22 3.52 -19.20 -18.05
CA PRO A 22 4.80 -18.60 -18.45
C PRO A 22 4.65 -17.66 -19.65
N GLU A 23 3.46 -17.65 -20.23
CA GLU A 23 3.19 -16.80 -21.38
C GLU A 23 2.81 -15.39 -20.93
N LEU A 24 2.43 -15.26 -19.68
CA LEU A 24 2.04 -13.97 -19.12
C LEU A 24 3.26 -13.19 -18.64
N LYS A 25 4.26 -13.90 -18.15
CA LYS A 25 5.49 -13.29 -17.66
C LYS A 25 6.05 -12.33 -18.69
N THR A 26 6.10 -12.77 -19.95
CA THR A 26 6.62 -11.94 -21.03
C THR A 26 5.92 -10.59 -21.09
N GLY A 27 4.60 -10.63 -21.24
CA GLY A 27 3.83 -9.41 -21.31
C GLY A 27 4.09 -8.49 -20.13
N ILE A 28 4.06 -9.06 -18.93
CA ILE A 28 4.30 -8.28 -17.71
C ILE A 28 5.61 -7.51 -17.80
N SER A 29 6.68 -8.22 -18.16
CA SER A 29 8.00 -7.61 -18.28
C SER A 29 8.08 -6.72 -19.51
N ASP A 30 7.16 -6.94 -20.45
CA ASP A 30 7.13 -6.16 -21.69
C ASP A 30 6.69 -4.73 -21.41
N VAL A 31 5.49 -4.58 -20.84
CA VAL A 31 4.96 -3.26 -20.53
C VAL A 31 5.97 -2.43 -19.74
N PHE A 32 6.69 -3.09 -18.83
CA PHE A 32 7.68 -2.42 -18.01
C PHE A 32 8.89 -1.99 -18.85
N ALA A 33 9.27 -2.84 -19.80
CA ALA A 33 10.40 -2.56 -20.67
C ALA A 33 10.17 -1.28 -21.46
N LYS A 34 8.90 -0.90 -21.60
CA LYS A 34 8.54 0.30 -22.34
C LYS A 34 8.70 1.55 -21.47
N ASN A 35 8.60 1.36 -20.16
CA ASN A 35 8.74 2.47 -19.23
C ASN A 35 10.16 2.55 -18.67
N ASP A 36 11.12 2.09 -19.47
CA ASP A 36 12.52 2.11 -19.07
C ASP A 36 12.72 1.31 -17.78
N LEU A 37 11.93 0.27 -17.61
CA LEU A 37 12.02 -0.57 -16.41
C LEU A 37 12.57 -1.94 -16.77
N ALA A 38 13.50 -2.44 -15.95
CA ALA A 38 14.10 -3.74 -16.18
C ALA A 38 13.75 -4.71 -15.04
N VAL A 39 13.19 -5.86 -15.42
CA VAL A 39 12.81 -6.87 -14.43
C VAL A 39 13.80 -8.02 -14.42
N VAL A 40 14.04 -8.57 -13.24
CA VAL A 40 14.97 -9.68 -13.08
C VAL A 40 14.25 -11.02 -13.10
N ASP A 41 12.99 -11.00 -12.68
CA ASP A 41 12.18 -12.22 -12.65
C ASP A 41 10.70 -11.88 -12.44
N VAL A 42 9.83 -12.64 -13.09
CA VAL A 42 8.40 -12.42 -12.97
C VAL A 42 7.67 -13.73 -12.64
N ARG A 43 6.77 -13.66 -11.66
CA ARG A 43 6.01 -14.83 -11.24
C ARG A 43 4.51 -14.61 -11.44
N ILE A 44 3.80 -15.68 -11.77
CA ILE A 44 2.36 -15.60 -11.99
C ILE A 44 1.61 -16.63 -11.15
N GLY A 45 0.49 -16.21 -10.58
CA GLY A 45 -0.30 -17.12 -9.76
C GLY A 45 -0.84 -18.29 -10.55
N MET A 46 -1.68 -19.10 -9.90
CA MET A 46 -2.26 -20.27 -10.55
C MET A 46 -3.46 -19.87 -11.41
N THR A 47 -4.16 -18.82 -11.00
CA THR A 47 -5.32 -18.33 -11.72
C THR A 47 -4.90 -17.53 -12.95
N ARG A 48 -3.61 -17.24 -13.06
CA ARG A 48 -3.09 -16.48 -14.18
C ARG A 48 -3.74 -15.10 -14.26
N LYS A 49 -4.21 -14.62 -13.13
CA LYS A 49 -4.86 -13.31 -13.07
C LYS A 49 -4.03 -12.33 -12.26
N PHE A 50 -2.96 -12.83 -11.64
CA PHE A 50 -2.08 -11.99 -10.83
C PHE A 50 -0.70 -12.62 -10.70
N GLY A 51 0.19 -11.93 -10.00
CA GLY A 51 1.54 -12.45 -9.81
C GLY A 51 2.45 -11.44 -9.13
N TYR A 52 3.75 -11.62 -9.31
CA TYR A 52 4.74 -10.72 -8.70
C TYR A 52 5.83 -10.36 -9.71
N VAL A 53 6.42 -9.18 -9.53
CA VAL A 53 7.47 -8.72 -10.43
C VAL A 53 8.71 -8.30 -9.63
N ASP A 54 9.86 -8.84 -10.01
CA ASP A 54 11.11 -8.53 -9.34
C ASP A 54 11.95 -7.57 -10.17
N PHE A 55 12.65 -6.65 -9.50
CA PHE A 55 13.49 -5.67 -10.18
C PHE A 55 14.92 -5.75 -9.67
N GLU A 56 15.86 -5.31 -10.51
CA GLU A 56 17.27 -5.32 -10.14
C GLU A 56 17.52 -4.49 -8.89
N SER A 57 16.74 -3.42 -8.73
CA SER A 57 16.88 -2.54 -7.57
C SER A 57 15.52 -2.05 -7.09
N ALA A 58 15.52 -1.16 -6.12
CA ALA A 58 14.29 -0.61 -5.57
C ALA A 58 13.76 0.54 -6.43
N GLU A 59 14.67 1.18 -7.15
CA GLU A 59 14.31 2.30 -8.02
C GLU A 59 13.27 1.88 -9.06
N ASP A 60 13.65 0.89 -9.87
CA ASP A 60 12.75 0.38 -10.90
C ASP A 60 11.52 -0.27 -10.30
N LEU A 61 11.65 -0.73 -9.06
CA LEU A 61 10.54 -1.37 -8.36
C LEU A 61 9.49 -0.35 -7.95
N GLU A 62 9.91 0.68 -7.23
CA GLU A 62 9.01 1.73 -6.78
C GLU A 62 8.58 2.61 -7.94
N LYS A 63 9.38 2.63 -8.99
CA LYS A 63 9.10 3.44 -10.17
C LYS A 63 7.81 2.95 -10.86
N ALA A 64 7.68 1.64 -10.99
CA ALA A 64 6.51 1.06 -11.62
C ALA A 64 5.23 1.48 -10.90
N LEU A 65 5.36 1.85 -9.63
CA LEU A 65 4.22 2.27 -8.83
C LEU A 65 3.94 3.75 -9.02
N GLU A 66 4.87 4.45 -9.67
CA GLU A 66 4.72 5.87 -9.92
C GLU A 66 4.17 6.13 -11.33
N LEU A 67 4.83 5.55 -12.32
CA LEU A 67 4.41 5.71 -13.71
C LEU A 67 2.97 5.25 -13.90
N THR A 68 2.45 5.43 -15.11
CA THR A 68 1.08 5.04 -15.42
C THR A 68 0.97 4.52 -16.85
N GLY A 69 -0.14 3.85 -17.15
CA GLY A 69 -0.34 3.31 -18.48
C GLY A 69 0.19 1.90 -18.63
N LEU A 70 0.04 1.10 -17.58
CA LEU A 70 0.52 -0.28 -17.59
C LEU A 70 -0.60 -1.25 -17.95
N LYS A 71 -0.43 -1.95 -19.07
CA LYS A 71 -1.43 -2.92 -19.52
C LYS A 71 -0.77 -4.09 -20.23
N VAL A 72 -1.43 -5.25 -20.19
CA VAL A 72 -0.89 -6.44 -20.84
C VAL A 72 -2.02 -7.27 -21.45
N PHE A 73 -1.81 -7.70 -22.70
CA PHE A 73 -2.81 -8.49 -23.41
C PHE A 73 -4.14 -7.75 -23.51
N GLY A 74 -4.07 -6.42 -23.45
CA GLY A 74 -5.26 -5.61 -23.53
C GLY A 74 -5.76 -5.15 -22.18
N ASN A 75 -5.79 -6.08 -21.22
CA ASN A 75 -6.24 -5.76 -19.87
C ASN A 75 -5.19 -4.95 -19.11
N GLU A 76 -5.65 -3.97 -18.35
CA GLU A 76 -4.75 -3.13 -17.57
C GLU A 76 -4.33 -3.82 -16.28
N ILE A 77 -3.05 -4.14 -16.16
CA ILE A 77 -2.52 -4.81 -14.99
C ILE A 77 -2.48 -3.85 -13.79
N LYS A 78 -2.55 -4.41 -12.58
CA LYS A 78 -2.52 -3.61 -11.37
C LYS A 78 -1.21 -3.83 -10.61
N LEU A 79 -0.69 -2.75 -10.04
CA LEU A 79 0.56 -2.82 -9.28
C LEU A 79 0.32 -2.50 -7.81
N GLU A 80 0.91 -3.33 -6.94
CA GLU A 80 0.77 -3.14 -5.50
C GLU A 80 1.97 -3.70 -4.76
N LYS A 81 1.96 -3.57 -3.44
CA LYS A 81 3.04 -4.06 -2.60
C LYS A 81 2.54 -5.11 -1.61
N PRO A 82 3.33 -6.18 -1.42
CA PRO A 82 2.99 -7.27 -0.51
C PRO A 82 3.06 -6.83 0.96
N LYS A 83 2.96 -7.80 1.86
CA LYS A 83 3.02 -7.53 3.30
C LYS A 83 4.24 -8.18 3.93
N GLY A 84 4.96 -7.40 4.73
CA GLY A 84 6.15 -7.93 5.40
C GLY A 84 7.27 -6.92 5.48
N LYS A 85 8.22 -7.15 6.37
CA LYS A 85 9.35 -6.24 6.54
C LYS A 85 10.09 -6.04 5.22
N ASP A 86 10.23 -4.79 4.81
CA ASP A 86 10.92 -4.46 3.57
C ASP A 86 11.01 -2.95 3.37
N SER A 87 11.34 -2.53 2.17
CA SER A 87 11.46 -1.11 1.85
C SER A 87 10.12 -0.40 2.04
N LYS A 88 9.05 -1.18 2.11
CA LYS A 88 7.71 -0.63 2.28
C LYS A 88 7.66 0.33 3.46
N LYS A 89 8.58 0.14 4.41
CA LYS A 89 8.65 0.98 5.60
C LYS A 89 8.66 2.45 5.21
N GLU A 90 9.34 2.77 4.12
CA GLU A 90 9.43 4.15 3.64
C GLU A 90 8.04 4.77 3.49
N ARG A 91 7.06 3.92 3.18
CA ARG A 91 5.69 4.39 3.00
C ARG A 91 5.04 4.68 4.35
N ASP A 92 5.38 3.87 5.35
CA ASP A 92 4.83 4.04 6.69
C ASP A 92 5.34 5.32 7.33
N ALA A 93 6.34 5.93 6.71
CA ALA A 93 6.92 7.17 7.21
C ALA A 93 5.84 8.22 7.44
N ARG A 94 4.72 8.09 6.73
CA ARG A 94 3.62 9.03 6.85
C ARG A 94 2.42 8.37 7.51
N THR A 95 2.68 7.57 8.55
CA THR A 95 1.62 6.87 9.26
C THR A 95 0.61 7.85 9.83
N LEU A 96 -0.66 7.46 9.83
CA LEU A 96 -1.73 8.30 10.34
C LEU A 96 -1.98 8.01 11.83
N LEU A 97 -2.41 9.03 12.56
CA LEU A 97 -2.69 8.90 13.98
C LEU A 97 -4.15 9.23 14.29
N ALA A 98 -4.73 8.52 15.25
CA ALA A 98 -6.11 8.74 15.65
C ALA A 98 -6.19 9.53 16.94
N LYS A 99 -7.08 10.52 16.98
CA LYS A 99 -7.25 11.35 18.16
C LYS A 99 -8.74 11.64 18.41
N ASN A 100 -9.03 12.27 19.55
CA ASN A 100 -10.41 12.61 19.89
C ASN A 100 -11.27 11.35 19.99
N LEU A 101 -10.65 10.25 20.41
CA LEU A 101 -11.37 8.99 20.55
C LEU A 101 -11.72 8.71 22.01
N PRO A 102 -12.83 7.99 22.23
CA PRO A 102 -13.30 7.65 23.57
C PRO A 102 -12.40 6.63 24.26
N TYR A 103 -12.59 6.47 25.56
CA TYR A 103 -11.79 5.53 26.33
C TYR A 103 -12.24 4.09 26.09
N LYS A 104 -13.30 3.94 25.31
CA LYS A 104 -13.84 2.63 24.99
C LYS A 104 -13.74 2.35 23.50
N VAL A 105 -13.17 3.29 22.76
CA VAL A 105 -13.01 3.15 21.31
C VAL A 105 -12.34 1.83 20.97
N THR A 106 -12.55 1.37 19.73
CA THR A 106 -11.96 0.12 19.27
C THR A 106 -11.47 0.23 17.83
N GLN A 107 -10.45 -0.54 17.50
CA GLN A 107 -9.88 -0.53 16.16
C GLN A 107 -10.98 -0.51 15.11
N ASP A 108 -11.91 -1.45 15.23
CA ASP A 108 -13.02 -1.56 14.29
C ASP A 108 -13.70 -0.20 14.10
N GLU A 109 -13.96 0.48 15.20
CA GLU A 109 -14.60 1.79 15.17
C GLU A 109 -13.93 2.71 14.15
N LEU A 110 -12.66 3.00 14.39
CA LEU A 110 -11.89 3.87 13.49
C LEU A 110 -11.75 3.23 12.12
N LYS A 111 -11.85 1.91 12.07
CA LYS A 111 -11.73 1.18 10.81
C LYS A 111 -12.91 1.46 9.90
N GLU A 112 -13.95 2.07 10.47
CA GLU A 112 -15.15 2.40 9.70
C GLU A 112 -14.84 3.44 8.63
N VAL A 113 -13.68 4.07 8.74
CA VAL A 113 -13.26 5.09 7.77
C VAL A 113 -12.12 4.59 6.90
N PHE A 114 -11.10 4.03 7.54
CA PHE A 114 -9.93 3.51 6.82
C PHE A 114 -9.97 1.97 6.77
N GLU A 115 -11.16 1.42 6.61
CA GLU A 115 -11.33 -0.03 6.56
C GLU A 115 -10.54 -0.62 5.39
N ASP A 116 -10.17 0.24 4.44
CA ASP A 116 -9.41 -0.20 3.27
C ASP A 116 -7.91 -0.04 3.50
N ALA A 117 -7.56 0.71 4.54
CA ALA A 117 -6.15 0.95 4.87
C ALA A 117 -5.37 -0.37 4.94
N ALA A 118 -4.05 -0.27 5.05
CA ALA A 118 -3.20 -1.45 5.12
C ALA A 118 -3.44 -2.21 6.42
N GLU A 119 -3.16 -1.56 7.55
CA GLU A 119 -3.34 -2.19 8.86
C GLU A 119 -3.78 -1.16 9.90
N ILE A 120 -4.21 -1.64 11.05
CA ILE A 120 -4.66 -0.77 12.13
C ILE A 120 -4.05 -1.19 13.47
N ARG A 121 -3.62 -0.22 14.26
CA ARG A 121 -3.03 -0.50 15.56
C ARG A 121 -3.57 0.47 16.61
N LEU A 122 -4.42 -0.05 17.50
CA LEU A 122 -5.00 0.75 18.57
C LEU A 122 -4.15 0.69 19.83
N VAL A 123 -4.05 1.82 20.52
CA VAL A 123 -3.28 1.90 21.75
C VAL A 123 -4.17 1.81 22.98
N SER A 124 -4.08 0.69 23.68
CA SER A 124 -4.89 0.47 24.88
C SER A 124 -4.09 -0.28 25.95
N LYS A 125 -4.35 0.05 27.20
CA LYS A 125 -3.67 -0.60 28.32
C LYS A 125 -4.65 -0.99 29.42
N ASP A 126 -4.41 -2.13 30.04
CA ASP A 126 -5.27 -2.61 31.12
C ASP A 126 -6.67 -2.90 30.59
N GLY A 127 -6.76 -3.24 29.31
CA GLY A 127 -8.05 -3.55 28.70
C GLY A 127 -8.87 -2.31 28.45
N LYS A 128 -8.23 -1.14 28.56
CA LYS A 128 -8.92 0.12 28.34
C LYS A 128 -8.18 0.97 27.30
N SER A 129 -8.93 1.74 26.52
CA SER A 129 -8.35 2.58 25.49
C SER A 129 -7.61 3.76 26.11
N LYS A 130 -6.56 4.23 25.43
CA LYS A 130 -5.77 5.35 25.91
C LYS A 130 -6.24 6.66 25.28
N GLY A 131 -6.98 6.56 24.19
CA GLY A 131 -7.49 7.74 23.52
C GLY A 131 -6.77 8.01 22.21
N ILE A 132 -6.05 7.01 21.72
CA ILE A 132 -5.30 7.15 20.47
C ILE A 132 -5.26 5.83 19.71
N ALA A 133 -4.97 5.90 18.42
CA ALA A 133 -4.88 4.71 17.58
C ALA A 133 -4.08 4.99 16.32
N TYR A 134 -2.96 4.30 16.18
CA TYR A 134 -2.09 4.46 15.01
C TYR A 134 -2.50 3.52 13.88
N ILE A 135 -2.35 3.98 12.65
CA ILE A 135 -2.71 3.17 11.48
C ILE A 135 -1.60 3.22 10.43
N GLU A 136 -1.16 2.04 9.99
CA GLU A 136 -0.11 1.95 8.99
C GLU A 136 -0.70 1.81 7.59
N PHE A 137 -0.64 2.89 6.82
CA PHE A 137 -1.17 2.91 5.46
C PHE A 137 -0.20 2.25 4.49
N LYS A 138 -0.64 2.04 3.26
CA LYS A 138 0.19 1.43 2.24
C LYS A 138 1.15 2.44 1.64
N THR A 139 0.68 3.66 1.42
CA THR A 139 1.50 4.72 0.86
C THR A 139 1.21 6.06 1.52
N GLU A 140 2.24 6.89 1.66
CA GLU A 140 2.09 8.20 2.27
C GLU A 140 0.98 9.00 1.59
N ALA A 141 0.69 8.65 0.34
CA ALA A 141 -0.35 9.34 -0.42
C ALA A 141 -1.74 8.92 0.06
N ASP A 142 -1.94 7.62 0.21
CA ASP A 142 -3.23 7.10 0.65
C ASP A 142 -3.52 7.53 2.09
N ALA A 143 -2.46 7.61 2.89
CA ALA A 143 -2.61 8.02 4.29
C ALA A 143 -2.89 9.51 4.41
N GLU A 144 -2.01 10.32 3.82
CA GLU A 144 -2.17 11.77 3.85
C GLU A 144 -3.47 12.20 3.19
N LYS A 145 -3.96 11.36 2.27
CA LYS A 145 -5.20 11.65 1.57
C LYS A 145 -6.41 11.16 2.35
N THR A 146 -6.40 9.87 2.69
CA THR A 146 -7.50 9.27 3.45
C THR A 146 -7.87 10.12 4.65
N PHE A 147 -6.88 10.84 5.19
CA PHE A 147 -7.11 11.70 6.34
C PHE A 147 -8.33 12.59 6.12
N GLU A 148 -8.25 13.47 5.13
CA GLU A 148 -9.34 14.38 4.82
C GLU A 148 -10.40 13.68 3.96
N GLU A 149 -10.03 12.58 3.34
CA GLU A 149 -10.94 11.82 2.50
C GLU A 149 -11.98 11.08 3.35
N LYS A 150 -11.66 10.88 4.62
CA LYS A 150 -12.56 10.20 5.55
C LYS A 150 -12.92 11.10 6.73
N GLN A 151 -12.05 12.06 7.02
CA GLN A 151 -12.29 12.98 8.12
C GLN A 151 -13.73 13.46 8.13
N GLY A 152 -14.35 13.46 9.31
CA GLY A 152 -15.73 13.90 9.43
C GLY A 152 -16.65 12.79 9.90
N THR A 153 -16.08 11.62 10.15
CA THR A 153 -16.87 10.48 10.60
C THR A 153 -17.23 10.61 12.07
N GLU A 154 -18.20 9.82 12.51
CA GLU A 154 -18.64 9.85 13.91
C GLU A 154 -18.55 8.47 14.54
N ILE A 155 -17.92 8.40 15.70
CA ILE A 155 -17.76 7.14 16.42
C ILE A 155 -18.09 7.29 17.90
N ASP A 156 -18.94 6.41 18.42
CA ASP A 156 -19.32 6.46 19.82
C ASP A 156 -20.10 7.73 20.14
N GLY A 157 -20.64 8.36 19.09
CA GLY A 157 -21.39 9.59 19.28
C GLY A 157 -20.56 10.83 19.04
N ARG A 158 -19.26 10.72 19.26
CA ARG A 158 -18.34 11.84 19.06
C ARG A 158 -17.72 11.79 17.66
N SER A 159 -17.05 12.87 17.30
CA SER A 159 -16.41 12.96 15.99
C SER A 159 -14.90 12.73 16.11
N ILE A 160 -14.43 11.63 15.54
CA ILE A 160 -13.01 11.30 15.57
C ILE A 160 -12.25 12.02 14.46
N SER A 161 -11.00 12.40 14.76
CA SER A 161 -10.17 13.09 13.79
C SER A 161 -8.87 12.33 13.53
N LEU A 162 -8.32 12.49 12.34
CA LEU A 162 -7.09 11.82 11.97
C LEU A 162 -5.94 12.81 11.81
N TYR A 163 -4.71 12.33 11.96
CA TYR A 163 -3.54 13.18 11.84
C TYR A 163 -2.39 12.42 11.18
N TYR A 164 -1.30 13.14 10.91
CA TYR A 164 -0.13 12.54 10.27
C TYR A 164 1.14 12.87 11.05
N THR A 165 1.61 11.92 11.84
CA THR A 165 2.82 12.11 12.64
C THR A 165 3.87 11.06 12.29
N GLY A 166 3.49 10.09 11.46
CA GLY A 166 4.42 9.05 11.07
C GLY A 166 5.16 8.46 12.25
N GLU A 167 4.42 7.85 13.16
CA GLU A 167 5.03 7.24 14.35
C GLU A 167 6.19 6.33 13.97
N PRO A 168 7.11 6.10 14.92
CA PRO A 168 8.28 5.25 14.70
C PRO A 168 7.91 3.77 14.57
N LYS A 169 8.84 2.99 14.04
CA LYS A 169 8.61 1.56 13.86
C LYS A 169 9.58 0.74 14.70
N GLY A 170 10.67 1.38 15.12
CA GLY A 170 11.66 0.70 15.93
C GLY A 170 12.45 -0.34 15.15
N GLU A 171 12.44 -0.19 13.82
CA GLU A 171 13.15 -1.13 12.96
C GLU A 171 14.66 -0.96 13.09
N GLY A 172 15.11 0.29 13.14
CA GLY A 172 16.52 0.57 13.27
C GLY A 172 16.80 1.92 13.89
N LEU A 173 15.81 2.45 14.61
CA LEU A 173 15.95 3.75 15.26
C LEU A 173 16.91 3.67 16.43
N GLU A 174 16.65 2.74 17.35
CA GLU A 174 17.49 2.56 18.52
C GLU A 174 18.91 2.17 18.12
N GLY A 1 22.63 -15.35 -4.65
CA GLY A 1 22.90 -13.96 -4.97
C GLY A 1 21.79 -13.03 -4.52
N THR A 2 20.88 -12.73 -5.43
CA THR A 2 19.76 -11.85 -5.13
C THR A 2 18.67 -11.94 -6.19
N GLU A 3 17.41 -11.97 -5.76
CA GLU A 3 16.29 -12.05 -6.68
C GLU A 3 16.14 -10.77 -7.48
N PRO A 4 15.93 -9.65 -6.78
CA PRO A 4 15.77 -8.34 -7.41
C PRO A 4 17.07 -7.82 -8.01
N THR A 5 16.95 -7.10 -9.13
CA THR A 5 18.12 -6.56 -9.80
C THR A 5 18.36 -5.10 -9.40
N THR A 6 17.27 -4.38 -9.14
CA THR A 6 17.36 -2.98 -8.74
C THR A 6 16.66 -2.74 -7.42
N ALA A 7 16.91 -1.59 -6.81
CA ALA A 7 16.30 -1.23 -5.53
C ALA A 7 14.94 -0.58 -5.75
N PHE A 8 14.17 -1.12 -6.68
CA PHE A 8 12.85 -0.58 -6.99
C PHE A 8 11.82 -1.70 -7.10
N ASN A 9 11.40 -2.23 -5.96
CA ASN A 9 10.43 -3.32 -5.93
C ASN A 9 9.22 -2.94 -5.05
N LEU A 10 8.06 -3.48 -5.41
CA LEU A 10 6.84 -3.19 -4.66
C LEU A 10 6.13 -4.49 -4.27
N PHE A 11 5.44 -4.46 -3.14
CA PHE A 11 4.72 -5.64 -2.65
C PHE A 11 3.33 -5.71 -3.27
N VAL A 12 3.10 -6.75 -4.07
CA VAL A 12 1.81 -6.94 -4.73
C VAL A 12 1.00 -8.02 -4.03
N GLY A 13 -0.32 -7.95 -4.20
CA GLY A 13 -1.20 -8.93 -3.58
C GLY A 13 -2.40 -9.26 -4.45
N ASN A 14 -3.20 -10.21 -4.00
CA ASN A 14 -4.40 -10.62 -4.73
C ASN A 14 -4.06 -10.94 -6.18
N LEU A 15 -3.14 -11.89 -6.37
CA LEU A 15 -2.72 -12.30 -7.71
C LEU A 15 -3.42 -13.58 -8.13
N ASN A 16 -4.44 -13.97 -7.38
CA ASN A 16 -5.19 -15.19 -7.67
C ASN A 16 -4.32 -16.42 -7.49
N PHE A 17 -4.79 -17.36 -6.68
CA PHE A 17 -4.06 -18.59 -6.42
C PHE A 17 -4.74 -19.79 -7.11
N ASN A 18 -4.65 -19.82 -8.43
CA ASN A 18 -5.25 -20.90 -9.21
C ASN A 18 -4.28 -21.42 -10.26
N LYS A 19 -3.56 -20.51 -10.90
CA LYS A 19 -2.60 -20.87 -11.92
C LYS A 19 -1.25 -21.22 -11.31
N SER A 20 -0.26 -21.48 -12.16
CA SER A 20 1.08 -21.82 -11.69
C SER A 20 1.77 -20.60 -11.11
N ALA A 21 2.86 -20.85 -10.36
CA ALA A 21 3.61 -19.77 -9.74
C ALA A 21 4.18 -18.82 -10.79
N PRO A 22 4.98 -19.36 -11.71
CA PRO A 22 5.61 -18.57 -12.79
C PRO A 22 4.59 -18.11 -13.82
N GLU A 23 3.35 -18.59 -13.70
CA GLU A 23 2.29 -18.23 -14.62
C GLU A 23 1.63 -16.92 -14.21
N LEU A 24 1.84 -16.53 -12.95
CA LEU A 24 1.27 -15.30 -12.42
C LEU A 24 2.11 -14.10 -12.81
N LYS A 25 3.42 -14.30 -12.86
CA LYS A 25 4.35 -13.22 -13.22
C LYS A 25 3.96 -12.62 -14.57
N THR A 26 3.54 -13.47 -15.50
CA THR A 26 3.15 -13.01 -16.83
C THR A 26 2.05 -11.95 -16.74
N GLY A 27 0.89 -12.33 -16.20
CA GLY A 27 -0.21 -11.41 -16.07
C GLY A 27 0.18 -10.16 -15.30
N ILE A 28 0.88 -10.33 -14.19
CA ILE A 28 1.31 -9.20 -13.37
C ILE A 28 2.10 -8.19 -14.19
N SER A 29 3.09 -8.68 -14.93
CA SER A 29 3.93 -7.83 -15.76
C SER A 29 3.16 -7.33 -16.98
N ASP A 30 2.09 -8.05 -17.33
CA ASP A 30 1.27 -7.69 -18.48
C ASP A 30 0.48 -6.41 -18.20
N VAL A 31 -0.34 -6.44 -17.14
CA VAL A 31 -1.15 -5.29 -16.77
C VAL A 31 -0.29 -4.02 -16.68
N PHE A 32 0.93 -4.17 -16.20
CA PHE A 32 1.84 -3.04 -16.06
C PHE A 32 2.31 -2.56 -17.43
N ALA A 33 2.55 -3.51 -18.34
CA ALA A 33 3.01 -3.18 -19.68
C ALA A 33 2.06 -2.19 -20.36
N LYS A 34 0.77 -2.38 -20.13
CA LYS A 34 -0.24 -1.50 -20.72
C LYS A 34 -0.19 -0.12 -20.09
N ASN A 35 0.37 -0.04 -18.88
CA ASN A 35 0.48 1.23 -18.18
C ASN A 35 1.83 1.89 -18.45
N ASP A 36 2.44 1.52 -19.57
CA ASP A 36 3.73 2.08 -19.94
C ASP A 36 4.80 1.75 -18.91
N LEU A 37 4.60 0.65 -18.19
CA LEU A 37 5.55 0.21 -17.17
C LEU A 37 6.40 -0.93 -17.67
N ALA A 38 7.69 -0.89 -17.35
CA ALA A 38 8.62 -1.93 -17.76
C ALA A 38 9.24 -2.62 -16.55
N VAL A 39 8.74 -3.80 -16.23
CA VAL A 39 9.25 -4.57 -15.10
C VAL A 39 10.53 -5.32 -15.47
N VAL A 40 11.47 -5.37 -14.54
CA VAL A 40 12.73 -6.06 -14.76
C VAL A 40 12.68 -7.50 -14.25
N ASP A 41 11.94 -7.70 -13.17
CA ASP A 41 11.80 -9.03 -12.58
C ASP A 41 10.61 -9.08 -11.62
N VAL A 42 9.82 -10.14 -11.71
CA VAL A 42 8.66 -10.31 -10.86
C VAL A 42 8.82 -11.53 -9.95
N ARG A 43 8.36 -11.39 -8.71
CA ARG A 43 8.45 -12.48 -7.73
C ARG A 43 7.06 -12.89 -7.26
N ILE A 44 6.85 -14.20 -7.12
CA ILE A 44 5.57 -14.73 -6.67
C ILE A 44 5.73 -15.52 -5.37
N GLY A 45 4.78 -15.34 -4.46
CA GLY A 45 4.83 -16.04 -3.19
C GLY A 45 4.53 -17.51 -3.34
N MET A 46 4.48 -18.22 -2.20
CA MET A 46 4.20 -19.65 -2.21
C MET A 46 2.71 -19.91 -2.34
N THR A 47 1.90 -19.03 -1.76
CA THR A 47 0.45 -19.17 -1.82
C THR A 47 -0.10 -18.73 -3.17
N ARG A 48 0.77 -18.16 -3.99
CA ARG A 48 0.38 -17.69 -5.31
C ARG A 48 -0.73 -16.65 -5.22
N LYS A 49 -0.79 -15.96 -4.09
CA LYS A 49 -1.80 -14.93 -3.86
C LYS A 49 -1.16 -13.55 -3.75
N PHE A 50 0.16 -13.51 -3.64
CA PHE A 50 0.88 -12.25 -3.53
C PHE A 50 2.32 -12.42 -4.01
N GLY A 51 3.08 -11.32 -3.98
CA GLY A 51 4.46 -11.36 -4.42
C GLY A 51 5.09 -9.98 -4.49
N TYR A 52 6.02 -9.81 -5.42
CA TYR A 52 6.70 -8.53 -5.60
C TYR A 52 6.97 -8.25 -7.07
N VAL A 53 7.21 -6.98 -7.39
CA VAL A 53 7.49 -6.58 -8.76
C VAL A 53 8.61 -5.55 -8.81
N ASP A 54 9.65 -5.85 -9.58
CA ASP A 54 10.79 -4.95 -9.72
C ASP A 54 10.69 -4.15 -11.02
N PHE A 55 10.92 -2.85 -10.93
CA PHE A 55 10.86 -1.98 -12.09
C PHE A 55 12.23 -1.42 -12.43
N GLU A 56 12.45 -1.12 -13.71
CA GLU A 56 13.73 -0.58 -14.16
C GLU A 56 14.18 0.58 -13.27
N SER A 57 13.32 1.58 -13.14
CA SER A 57 13.62 2.75 -12.33
C SER A 57 12.50 3.03 -11.34
N ALA A 58 12.80 3.85 -10.34
CA ALA A 58 11.82 4.20 -9.31
C ALA A 58 10.57 4.81 -9.94
N GLU A 59 10.74 5.39 -11.13
CA GLU A 59 9.62 6.01 -11.83
C GLU A 59 8.44 5.05 -11.94
N ASP A 60 8.67 3.92 -12.59
CA ASP A 60 7.63 2.91 -12.77
C ASP A 60 7.33 2.20 -11.45
N LEU A 61 8.28 2.26 -10.53
CA LEU A 61 8.12 1.62 -9.23
C LEU A 61 7.02 2.30 -8.42
N GLU A 62 7.10 3.62 -8.31
CA GLU A 62 6.12 4.39 -7.57
C GLU A 62 4.87 4.64 -8.41
N LYS A 63 5.08 4.81 -9.71
CA LYS A 63 3.97 5.04 -10.64
C LYS A 63 2.88 4.00 -10.47
N ALA A 64 3.28 2.73 -10.46
CA ALA A 64 2.33 1.63 -10.31
C ALA A 64 1.49 1.81 -9.04
N LEU A 65 2.11 2.38 -8.00
CA LEU A 65 1.42 2.60 -6.74
C LEU A 65 0.33 3.66 -6.89
N GLU A 66 0.35 4.37 -8.01
CA GLU A 66 -0.64 5.41 -8.27
C GLU A 66 -1.62 4.97 -9.35
N LEU A 67 -1.18 4.05 -10.20
CA LEU A 67 -2.02 3.54 -11.28
C LEU A 67 -3.35 3.02 -10.74
N THR A 68 -4.24 2.62 -11.64
CA THR A 68 -5.55 2.11 -11.24
C THR A 68 -6.07 1.11 -12.26
N GLY A 69 -6.98 0.24 -11.83
CA GLY A 69 -7.55 -0.76 -12.72
C GLY A 69 -6.55 -1.85 -13.07
N LEU A 70 -5.62 -2.12 -12.16
CA LEU A 70 -4.61 -3.15 -12.38
C LEU A 70 -5.10 -4.51 -11.90
N LYS A 71 -5.37 -5.39 -12.85
CA LYS A 71 -5.85 -6.74 -12.52
C LYS A 71 -5.21 -7.78 -13.44
N VAL A 72 -5.28 -9.04 -13.02
CA VAL A 72 -4.70 -10.13 -13.80
C VAL A 72 -5.47 -11.42 -13.59
N PHE A 73 -5.67 -12.18 -14.67
CA PHE A 73 -6.39 -13.44 -14.60
C PHE A 73 -7.81 -13.22 -14.08
N GLY A 74 -8.29 -11.99 -14.17
CA GLY A 74 -9.62 -11.67 -13.69
C GLY A 74 -9.61 -10.96 -12.36
N ASN A 75 -8.83 -11.46 -11.42
CA ASN A 75 -8.73 -10.86 -10.10
C ASN A 75 -7.95 -9.56 -10.15
N GLU A 76 -8.29 -8.64 -9.25
CA GLU A 76 -7.62 -7.35 -9.20
C GLU A 76 -6.51 -7.35 -8.14
N ILE A 77 -5.26 -7.28 -8.60
CA ILE A 77 -4.13 -7.27 -7.69
C ILE A 77 -4.07 -5.98 -6.88
N LYS A 78 -3.18 -5.95 -5.89
CA LYS A 78 -3.03 -4.78 -5.04
C LYS A 78 -1.56 -4.44 -4.83
N LEU A 79 -1.17 -3.24 -5.25
CA LEU A 79 0.22 -2.80 -5.11
C LEU A 79 0.43 -2.08 -3.78
N GLU A 80 1.53 -2.40 -3.11
CA GLU A 80 1.85 -1.80 -1.83
C GLU A 80 3.37 -1.68 -1.64
N LYS A 81 3.77 -1.18 -0.48
CA LYS A 81 5.19 -1.02 -0.18
C LYS A 81 5.63 -2.00 0.91
N PRO A 82 6.78 -2.65 0.69
CA PRO A 82 7.33 -3.62 1.64
C PRO A 82 7.84 -2.96 2.92
N LYS A 83 8.49 -3.74 3.77
CA LYS A 83 9.02 -3.24 5.02
C LYS A 83 10.55 -3.31 5.04
N GLY A 84 11.16 -2.61 6.00
CA GLY A 84 12.61 -2.62 6.10
C GLY A 84 13.09 -2.55 7.54
N LYS A 85 14.32 -2.10 7.73
CA LYS A 85 14.89 -1.99 9.06
C LYS A 85 16.08 -1.03 9.07
N ASP A 86 15.99 0.02 9.88
CA ASP A 86 17.07 1.01 9.98
C ASP A 86 16.81 1.96 11.14
N SER A 87 17.79 2.84 11.39
CA SER A 87 17.67 3.81 12.48
C SER A 87 16.83 5.01 12.04
N LYS A 88 16.93 5.36 10.75
CA LYS A 88 16.19 6.49 10.21
C LYS A 88 14.68 6.29 10.38
N LYS A 89 14.28 5.03 10.56
CA LYS A 89 12.87 4.69 10.74
C LYS A 89 12.24 5.56 11.83
N GLU A 90 13.05 5.95 12.82
CA GLU A 90 12.58 6.77 13.91
C GLU A 90 11.83 8.00 13.39
N ARG A 91 12.24 8.47 12.23
CA ARG A 91 11.61 9.64 11.63
C ARG A 91 10.39 9.24 10.80
N ASP A 92 10.51 8.13 10.08
CA ASP A 92 9.42 7.64 9.25
C ASP A 92 8.17 7.37 10.09
N ALA A 93 8.38 7.11 11.38
CA ALA A 93 7.28 6.84 12.29
C ALA A 93 6.43 8.09 12.52
N ARG A 94 6.98 9.24 12.15
CA ARG A 94 6.27 10.51 12.32
C ARG A 94 4.87 10.43 11.72
N THR A 95 4.74 9.68 10.63
CA THR A 95 3.45 9.53 9.97
C THR A 95 2.99 8.08 9.97
N LEU A 96 1.71 7.85 10.22
CA LEU A 96 1.16 6.50 10.25
C LEU A 96 0.32 6.23 9.00
N LEU A 97 0.14 4.96 8.67
CA LEU A 97 -0.64 4.57 7.51
C LEU A 97 -1.82 3.69 7.91
N ALA A 98 -2.93 3.84 7.21
CA ALA A 98 -4.13 3.05 7.49
C ALA A 98 -4.41 2.05 6.37
N LYS A 99 -4.87 0.87 6.74
CA LYS A 99 -5.19 -0.18 5.77
C LYS A 99 -6.44 -0.93 6.17
N ASN A 100 -6.90 -1.81 5.28
CA ASN A 100 -8.10 -2.61 5.54
C ASN A 100 -9.34 -1.72 5.62
N LEU A 101 -9.37 -0.70 4.76
CA LEU A 101 -10.50 0.23 4.73
C LEU A 101 -11.36 -0.01 3.49
N PRO A 102 -12.66 0.30 3.61
CA PRO A 102 -13.61 0.13 2.51
C PRO A 102 -13.38 1.15 1.39
N TYR A 103 -14.03 0.91 0.25
CA TYR A 103 -13.90 1.80 -0.89
C TYR A 103 -14.70 3.07 -0.71
N LYS A 104 -15.46 3.13 0.40
CA LYS A 104 -16.28 4.30 0.70
C LYS A 104 -15.80 4.97 1.98
N VAL A 105 -14.74 4.44 2.57
CA VAL A 105 -14.17 5.00 3.80
C VAL A 105 -13.88 6.48 3.64
N THR A 106 -13.80 7.19 4.77
CA THR A 106 -13.53 8.62 4.75
C THR A 106 -12.57 9.01 5.87
N GLN A 107 -12.14 10.27 5.86
CA GLN A 107 -11.21 10.76 6.88
C GLN A 107 -11.81 10.63 8.27
N ASP A 108 -12.94 11.29 8.50
CA ASP A 108 -13.61 11.25 9.79
C ASP A 108 -13.83 9.81 10.24
N GLU A 109 -14.10 8.92 9.28
CA GLU A 109 -14.33 7.52 9.59
C GLU A 109 -13.19 6.95 10.43
N LEU A 110 -11.97 7.24 10.02
CA LEU A 110 -10.78 6.76 10.73
C LEU A 110 -10.42 7.71 11.87
N LYS A 111 -10.83 8.96 11.74
CA LYS A 111 -10.55 9.97 12.77
C LYS A 111 -11.30 9.67 14.05
N GLU A 112 -12.25 8.74 13.98
CA GLU A 112 -13.06 8.36 15.13
C GLU A 112 -12.18 7.69 16.19
N VAL A 113 -10.98 7.30 15.80
CA VAL A 113 -10.04 6.65 16.72
C VAL A 113 -8.89 7.56 17.07
N PHE A 114 -8.28 8.16 16.04
CA PHE A 114 -7.15 9.06 16.23
C PHE A 114 -7.57 10.51 16.05
N GLU A 115 -8.79 10.83 16.50
CA GLU A 115 -9.31 12.18 16.39
C GLU A 115 -8.38 13.19 17.06
N ASP A 116 -7.60 12.71 18.02
CA ASP A 116 -6.67 13.57 18.75
C ASP A 116 -5.38 13.77 17.94
N ALA A 117 -5.19 12.93 16.94
CA ALA A 117 -4.00 13.02 16.09
C ALA A 117 -3.78 14.44 15.60
N ALA A 118 -2.59 14.70 15.05
CA ALA A 118 -2.26 16.02 14.54
C ALA A 118 -3.11 16.37 13.32
N GLU A 119 -2.96 15.59 12.25
CA GLU A 119 -3.70 15.82 11.03
C GLU A 119 -4.09 14.49 10.38
N ILE A 120 -5.01 14.56 9.42
CA ILE A 120 -5.47 13.37 8.71
C ILE A 120 -5.51 13.60 7.21
N ARG A 121 -5.09 12.60 6.45
CA ARG A 121 -5.08 12.69 4.99
C ARG A 121 -5.47 11.36 4.36
N LEU A 122 -6.66 11.33 3.75
CA LEU A 122 -7.15 10.11 3.12
C LEU A 122 -6.74 10.07 1.64
N VAL A 123 -6.76 8.88 1.06
CA VAL A 123 -6.39 8.70 -0.34
C VAL A 123 -7.57 8.17 -1.15
N SER A 124 -8.15 9.04 -1.98
CA SER A 124 -9.29 8.67 -2.80
C SER A 124 -9.26 9.40 -4.14
N LYS A 125 -9.73 8.74 -5.19
CA LYS A 125 -9.76 9.32 -6.52
C LYS A 125 -11.17 9.28 -7.11
N ASP A 126 -11.58 10.40 -7.71
CA ASP A 126 -12.90 10.49 -8.31
C ASP A 126 -13.99 10.37 -7.26
N GLY A 127 -13.60 10.54 -6.00
CA GLY A 127 -14.56 10.44 -4.91
C GLY A 127 -14.72 9.02 -4.40
N LYS A 128 -13.69 8.21 -4.59
CA LYS A 128 -13.72 6.82 -4.15
C LYS A 128 -12.41 6.43 -3.48
N SER A 129 -12.51 5.83 -2.29
CA SER A 129 -11.33 5.41 -1.55
C SER A 129 -10.49 4.43 -2.36
N LYS A 130 -9.24 4.25 -1.96
CA LYS A 130 -8.34 3.34 -2.64
C LYS A 130 -7.95 2.17 -1.74
N GLY A 131 -8.34 2.26 -0.47
CA GLY A 131 -8.03 1.21 0.48
C GLY A 131 -6.78 1.50 1.29
N ILE A 132 -6.46 2.79 1.43
CA ILE A 132 -5.28 3.21 2.18
C ILE A 132 -5.40 4.67 2.62
N ALA A 133 -5.10 4.93 3.89
CA ALA A 133 -5.16 6.28 4.43
C ALA A 133 -3.84 6.69 5.04
N TYR A 134 -3.65 7.99 5.22
CA TYR A 134 -2.42 8.52 5.80
C TYR A 134 -2.72 9.51 6.91
N ILE A 135 -1.98 9.39 8.02
CA ILE A 135 -2.17 10.28 9.16
C ILE A 135 -0.83 10.80 9.67
N GLU A 136 -0.74 12.12 9.84
CA GLU A 136 0.49 12.74 10.32
C GLU A 136 0.35 13.13 11.78
N PHE A 137 1.00 12.36 12.66
CA PHE A 137 0.94 12.62 14.10
C PHE A 137 1.95 13.71 14.49
N LYS A 138 1.87 14.16 15.73
CA LYS A 138 2.77 15.19 16.23
C LYS A 138 4.17 14.62 16.48
N THR A 139 4.21 13.41 17.03
CA THR A 139 5.48 12.75 17.33
C THR A 139 5.36 11.23 17.21
N GLU A 140 6.48 10.57 16.95
CA GLU A 140 6.49 9.12 16.82
C GLU A 140 5.97 8.45 18.09
N ALA A 141 6.13 9.14 19.22
CA ALA A 141 5.67 8.61 20.50
C ALA A 141 4.15 8.52 20.55
N ASP A 142 3.49 9.47 19.91
CA ASP A 142 2.03 9.51 19.88
C ASP A 142 1.49 8.62 18.76
N ALA A 143 2.21 8.59 17.64
CA ALA A 143 1.80 7.78 16.50
C ALA A 143 2.05 6.30 16.76
N GLU A 144 3.31 5.95 17.00
CA GLU A 144 3.68 4.56 17.27
C GLU A 144 2.85 3.98 18.41
N LYS A 145 2.39 4.86 19.30
CA LYS A 145 1.59 4.44 20.44
C LYS A 145 0.11 4.37 20.07
N THR A 146 -0.42 5.45 19.49
CA THR A 146 -1.81 5.50 19.08
C THR A 146 -2.19 4.30 18.24
N PHE A 147 -1.20 3.75 17.53
CA PHE A 147 -1.43 2.59 16.68
C PHE A 147 -2.18 1.49 17.44
N GLU A 148 -1.56 0.99 18.50
CA GLU A 148 -2.16 -0.07 19.31
C GLU A 148 -3.15 0.52 20.32
N GLU A 149 -3.01 1.82 20.60
CA GLU A 149 -3.88 2.50 21.53
C GLU A 149 -5.27 2.70 20.94
N LYS A 150 -5.35 2.64 19.61
CA LYS A 150 -6.61 2.82 18.91
C LYS A 150 -6.99 1.56 18.14
N GLN A 151 -5.98 0.79 17.74
CA GLN A 151 -6.20 -0.44 16.98
C GLN A 151 -7.29 -1.29 17.63
N GLY A 152 -8.15 -1.87 16.81
CA GLY A 152 -9.22 -2.70 17.33
C GLY A 152 -10.59 -2.10 17.10
N THR A 153 -10.62 -0.92 16.47
CA THR A 153 -11.87 -0.23 16.20
C THR A 153 -12.57 -0.83 14.98
N GLU A 154 -13.85 -0.52 14.83
CA GLU A 154 -14.63 -1.03 13.70
C GLU A 154 -15.25 0.12 12.91
N ILE A 155 -15.09 0.08 11.59
CA ILE A 155 -15.64 1.11 10.72
C ILE A 155 -16.27 0.50 9.48
N ASP A 156 -17.50 0.92 9.17
CA ASP A 156 -18.21 0.41 8.00
C ASP A 156 -18.49 -1.07 8.14
N GLY A 157 -18.45 -1.57 9.37
CA GLY A 157 -18.71 -2.98 9.61
C GLY A 157 -17.43 -3.79 9.71
N ARG A 158 -16.38 -3.33 9.04
CA ARG A 158 -15.09 -4.02 9.05
C ARG A 158 -14.17 -3.43 10.11
N SER A 159 -13.01 -4.06 10.30
CA SER A 159 -12.04 -3.60 11.29
C SER A 159 -10.84 -2.95 10.60
N ILE A 160 -10.67 -1.66 10.84
CA ILE A 160 -9.56 -0.92 10.26
C ILE A 160 -8.29 -1.09 11.07
N SER A 161 -7.16 -1.24 10.39
CA SER A 161 -5.88 -1.42 11.05
C SER A 161 -4.95 -0.25 10.77
N LEU A 162 -3.94 -0.07 11.63
CA LEU A 162 -2.98 1.02 11.47
C LEU A 162 -1.56 0.49 11.46
N TYR A 163 -0.71 1.11 10.65
CA TYR A 163 0.69 0.71 10.55
C TYR A 163 1.59 1.90 10.25
N TYR A 164 2.59 2.11 11.09
CA TYR A 164 3.52 3.21 10.91
C TYR A 164 4.39 3.01 9.68
N THR A 165 4.62 4.08 8.93
CA THR A 165 5.43 4.00 7.71
C THR A 165 5.57 5.38 7.07
N GLY A 166 6.80 5.82 6.87
CA GLY A 166 7.05 7.10 6.26
C GLY A 166 7.96 7.01 5.05
N GLU A 167 8.51 5.83 4.82
CA GLU A 167 9.40 5.61 3.69
C GLU A 167 10.56 6.59 3.72
N PRO A 168 11.68 6.22 3.06
CA PRO A 168 12.88 7.05 2.99
C PRO A 168 12.68 8.29 2.13
N LYS A 169 13.49 9.32 2.37
CA LYS A 169 13.41 10.55 1.62
C LYS A 169 13.71 10.33 0.14
N GLY A 170 14.97 10.02 -0.17
CA GLY A 170 15.36 9.77 -1.54
C GLY A 170 15.82 11.04 -2.25
N GLU A 171 15.49 12.19 -1.67
CA GLU A 171 15.88 13.47 -2.26
C GLU A 171 17.37 13.50 -2.55
N GLY A 172 18.18 13.02 -1.60
CA GLY A 172 19.62 13.00 -1.78
C GLY A 172 20.28 11.88 -1.00
N LEU A 173 19.51 10.85 -0.68
CA LEU A 173 20.02 9.71 0.07
C LEU A 173 20.94 8.86 -0.81
N GLU A 174 20.55 8.69 -2.07
CA GLU A 174 21.33 7.90 -3.01
C GLU A 174 22.25 8.78 -3.83
N GLY A 1 -2.29 -13.37 5.71
CA GLY A 1 -1.70 -12.34 6.54
C GLY A 1 -1.18 -11.18 5.74
N THR A 2 -0.92 -11.40 4.46
CA THR A 2 -0.41 -10.36 3.58
C THR A 2 -0.66 -10.71 2.11
N GLU A 3 -1.18 -9.74 1.37
CA GLU A 3 -1.47 -9.94 -0.05
C GLU A 3 -0.23 -10.43 -0.79
N PRO A 4 0.83 -9.61 -0.76
CA PRO A 4 2.09 -9.94 -1.43
C PRO A 4 2.84 -11.08 -0.74
N THR A 5 3.98 -11.46 -1.30
CA THR A 5 4.78 -12.54 -0.73
C THR A 5 6.07 -12.01 -0.13
N THR A 6 6.74 -11.11 -0.85
CA THR A 6 7.99 -10.52 -0.37
C THR A 6 7.85 -9.02 -0.18
N ALA A 7 8.90 -8.39 0.35
CA ALA A 7 8.89 -6.95 0.57
C ALA A 7 9.19 -6.20 -0.71
N PHE A 8 9.77 -6.90 -1.69
CA PHE A 8 10.10 -6.29 -2.98
C PHE A 8 8.87 -6.20 -3.87
N ASN A 9 8.33 -4.99 -4.00
CA ASN A 9 7.15 -4.77 -4.83
C ASN A 9 7.13 -3.35 -5.38
N LEU A 10 6.59 -3.19 -6.58
CA LEU A 10 6.50 -1.88 -7.22
C LEU A 10 5.12 -1.65 -7.82
N PHE A 11 4.70 -0.39 -7.85
CA PHE A 11 3.39 -0.04 -8.40
C PHE A 11 3.42 -0.06 -9.93
N VAL A 12 2.35 -0.56 -10.53
CA VAL A 12 2.24 -0.64 -11.97
C VAL A 12 0.91 -0.10 -12.46
N GLY A 13 0.85 0.25 -13.74
CA GLY A 13 -0.39 0.78 -14.31
C GLY A 13 -0.54 0.42 -15.78
N ASN A 14 -1.66 0.84 -16.37
CA ASN A 14 -1.94 0.56 -17.78
C ASN A 14 -1.81 -0.94 -18.06
N LEU A 15 -2.57 -1.74 -17.33
CA LEU A 15 -2.55 -3.19 -17.50
C LEU A 15 -3.74 -3.66 -18.34
N ASN A 16 -4.35 -2.72 -19.07
CA ASN A 16 -5.49 -3.03 -19.91
C ASN A 16 -6.68 -3.46 -19.08
N PHE A 17 -7.82 -2.81 -19.29
CA PHE A 17 -9.04 -3.13 -18.54
C PHE A 17 -10.12 -3.68 -19.48
N ASN A 18 -9.93 -4.93 -19.91
CA ASN A 18 -10.88 -5.57 -20.81
C ASN A 18 -10.99 -7.06 -20.50
N LYS A 19 -9.85 -7.69 -20.24
CA LYS A 19 -9.81 -9.12 -19.92
C LYS A 19 -10.21 -9.37 -18.47
N SER A 20 -9.96 -10.58 -18.00
CA SER A 20 -10.30 -10.96 -16.63
C SER A 20 -9.25 -10.44 -15.65
N ALA A 21 -9.61 -10.39 -14.38
CA ALA A 21 -8.70 -9.92 -13.35
C ALA A 21 -7.44 -10.78 -13.29
N PRO A 22 -7.62 -12.08 -13.07
CA PRO A 22 -6.51 -13.04 -13.00
C PRO A 22 -5.84 -13.26 -14.34
N GLU A 23 -6.43 -12.69 -15.40
CA GLU A 23 -5.89 -12.82 -16.74
C GLU A 23 -4.80 -11.78 -16.99
N LEU A 24 -4.78 -10.74 -16.17
CA LEU A 24 -3.79 -9.68 -16.31
C LEU A 24 -2.48 -10.05 -15.63
N LYS A 25 -2.58 -10.69 -14.46
CA LYS A 25 -1.41 -11.11 -13.71
C LYS A 25 -0.45 -11.89 -14.60
N THR A 26 -0.99 -12.82 -15.38
CA THR A 26 -0.17 -13.63 -16.28
C THR A 26 0.67 -12.75 -17.19
N GLY A 27 0.00 -11.91 -17.97
CA GLY A 27 0.72 -11.02 -18.89
C GLY A 27 1.80 -10.22 -18.19
N ILE A 28 1.44 -9.58 -17.08
CA ILE A 28 2.38 -8.77 -16.32
C ILE A 28 3.65 -9.56 -16.01
N SER A 29 3.47 -10.76 -15.46
CA SER A 29 4.60 -11.60 -15.11
C SER A 29 5.26 -12.17 -16.36
N ASP A 30 4.52 -12.17 -17.47
CA ASP A 30 5.04 -12.68 -18.74
C ASP A 30 6.04 -11.70 -19.35
N VAL A 31 5.59 -10.48 -19.62
CA VAL A 31 6.44 -9.46 -20.21
C VAL A 31 7.77 -9.38 -19.46
N PHE A 32 7.72 -9.40 -18.14
CA PHE A 32 8.92 -9.32 -17.32
C PHE A 32 9.82 -10.53 -17.55
N ALA A 33 9.20 -11.69 -17.72
CA ALA A 33 9.94 -12.92 -17.96
C ALA A 33 10.82 -12.81 -19.20
N LYS A 34 10.41 -11.95 -20.12
CA LYS A 34 11.15 -11.74 -21.36
C LYS A 34 12.38 -10.87 -21.13
N ASN A 35 12.32 -10.05 -20.08
CA ASN A 35 13.43 -9.16 -19.74
C ASN A 35 14.33 -9.79 -18.68
N ASP A 36 14.36 -11.12 -18.66
CA ASP A 36 15.18 -11.84 -17.69
C ASP A 36 14.77 -11.50 -16.26
N LEU A 37 13.50 -11.14 -16.08
CA LEU A 37 12.99 -10.79 -14.76
C LEU A 37 12.14 -11.92 -14.19
N ALA A 38 12.27 -12.15 -12.89
CA ALA A 38 11.52 -13.20 -12.22
C ALA A 38 10.64 -12.62 -11.11
N VAL A 39 9.32 -12.74 -11.28
CA VAL A 39 8.38 -12.23 -10.30
C VAL A 39 7.79 -13.36 -9.46
N VAL A 40 7.49 -13.06 -8.20
CA VAL A 40 6.93 -14.05 -7.29
C VAL A 40 5.41 -14.00 -7.30
N ASP A 41 4.86 -12.81 -7.53
CA ASP A 41 3.42 -12.63 -7.57
C ASP A 41 3.06 -11.17 -7.84
N VAL A 42 2.01 -10.96 -8.62
CA VAL A 42 1.56 -9.62 -8.96
C VAL A 42 0.11 -9.40 -8.54
N ARG A 43 -0.21 -8.16 -8.15
CA ARG A 43 -1.56 -7.82 -7.73
C ARG A 43 -2.27 -7.00 -8.80
N ILE A 44 -3.59 -7.15 -8.87
CA ILE A 44 -4.39 -6.42 -9.84
C ILE A 44 -5.45 -5.57 -9.17
N GLY A 45 -5.58 -4.33 -9.61
CA GLY A 45 -6.57 -3.43 -9.03
C GLY A 45 -7.99 -3.88 -9.31
N MET A 46 -8.96 -3.12 -8.81
CA MET A 46 -10.37 -3.44 -9.00
C MET A 46 -10.85 -2.97 -10.36
N THR A 47 -10.00 -2.21 -11.06
CA THR A 47 -10.34 -1.69 -12.37
C THR A 47 -9.54 -2.39 -13.47
N ARG A 48 -8.63 -3.27 -13.06
CA ARG A 48 -7.80 -4.01 -14.00
C ARG A 48 -6.97 -3.06 -14.85
N LYS A 49 -6.84 -1.82 -14.38
CA LYS A 49 -6.06 -0.81 -15.10
C LYS A 49 -4.68 -0.64 -14.46
N PHE A 50 -4.55 -1.07 -13.21
CA PHE A 50 -3.28 -0.97 -12.50
C PHE A 50 -3.13 -2.09 -11.48
N GLY A 51 -2.02 -2.09 -10.76
CA GLY A 51 -1.78 -3.11 -9.76
C GLY A 51 -0.38 -3.04 -9.18
N TYR A 52 0.17 -4.19 -8.80
CA TYR A 52 1.51 -4.25 -8.22
C TYR A 52 2.26 -5.48 -8.71
N VAL A 53 3.58 -5.44 -8.59
CA VAL A 53 4.42 -6.55 -9.02
C VAL A 53 5.48 -6.88 -7.97
N ASP A 54 5.48 -8.13 -7.51
CA ASP A 54 6.44 -8.57 -6.50
C ASP A 54 7.57 -9.36 -7.14
N PHE A 55 8.79 -9.13 -6.66
CA PHE A 55 9.96 -9.82 -7.19
C PHE A 55 10.69 -10.57 -6.08
N GLU A 56 11.29 -11.71 -6.44
CA GLU A 56 12.02 -12.52 -5.48
C GLU A 56 13.03 -11.68 -4.70
N SER A 57 13.75 -10.82 -5.42
CA SER A 57 14.75 -9.96 -4.80
C SER A 57 14.53 -8.50 -5.19
N ALA A 58 15.42 -7.63 -4.72
CA ALA A 58 15.32 -6.21 -5.03
C ALA A 58 15.93 -5.89 -6.38
N GLU A 59 16.78 -6.79 -6.87
CA GLU A 59 17.44 -6.60 -8.16
C GLU A 59 16.41 -6.60 -9.29
N ASP A 60 15.68 -7.71 -9.41
CA ASP A 60 14.67 -7.85 -10.45
C ASP A 60 13.58 -6.79 -10.29
N LEU A 61 13.45 -6.26 -9.08
CA LEU A 61 12.45 -5.24 -8.81
C LEU A 61 12.86 -3.89 -9.41
N GLU A 62 14.05 -3.44 -9.06
CA GLU A 62 14.56 -2.16 -9.57
C GLU A 62 14.93 -2.28 -11.05
N LYS A 63 15.23 -3.49 -11.48
CA LYS A 63 15.60 -3.74 -12.87
C LYS A 63 14.47 -3.36 -13.81
N ALA A 64 13.25 -3.74 -13.45
CA ALA A 64 12.07 -3.44 -14.25
C ALA A 64 11.96 -1.94 -14.51
N LEU A 65 12.44 -1.15 -13.57
CA LEU A 65 12.39 0.31 -13.69
C LEU A 65 13.51 0.81 -14.60
N GLU A 66 14.55 -0.01 -14.76
CA GLU A 66 15.68 0.36 -15.60
C GLU A 66 15.41 0.01 -17.06
N LEU A 67 15.02 -1.24 -17.30
CA LEU A 67 14.73 -1.71 -18.65
C LEU A 67 13.50 -1.00 -19.22
N THR A 68 13.19 -1.29 -20.48
CA THR A 68 12.04 -0.68 -21.14
C THR A 68 11.39 -1.65 -22.11
N GLY A 69 10.25 -1.25 -22.67
CA GLY A 69 9.55 -2.10 -23.62
C GLY A 69 8.67 -3.12 -22.92
N LEU A 70 7.91 -2.68 -21.93
CA LEU A 70 7.02 -3.56 -21.19
C LEU A 70 5.56 -3.32 -21.56
N LYS A 71 4.92 -4.32 -22.15
CA LYS A 71 3.52 -4.22 -22.55
C LYS A 71 2.83 -5.57 -22.45
N VAL A 72 1.52 -5.55 -22.26
CA VAL A 72 0.74 -6.77 -22.17
C VAL A 72 -0.67 -6.57 -22.72
N PHE A 73 -1.21 -7.61 -23.36
CA PHE A 73 -2.54 -7.55 -23.94
C PHE A 73 -2.63 -6.43 -24.97
N GLY A 74 -1.48 -6.01 -25.49
CA GLY A 74 -1.46 -4.96 -26.48
C GLY A 74 -1.07 -3.61 -25.88
N ASN A 75 -1.65 -3.29 -24.73
CA ASN A 75 -1.36 -2.03 -24.06
C ASN A 75 0.02 -2.06 -23.41
N GLU A 76 0.58 -0.88 -23.16
CA GLU A 76 1.89 -0.78 -22.54
C GLU A 76 1.77 -0.43 -21.06
N ILE A 77 2.15 -1.39 -20.21
CA ILE A 77 2.08 -1.19 -18.76
C ILE A 77 3.11 -0.17 -18.31
N LYS A 78 2.83 0.49 -17.18
CA LYS A 78 3.73 1.49 -16.63
C LYS A 78 4.24 1.06 -15.26
N LEU A 79 5.49 1.41 -14.96
CA LEU A 79 6.10 1.07 -13.67
C LEU A 79 6.34 2.32 -12.84
N GLU A 80 6.00 2.23 -11.55
CA GLU A 80 6.18 3.35 -10.64
C GLU A 80 6.36 2.86 -9.20
N LYS A 81 6.90 3.73 -8.35
CA LYS A 81 7.13 3.39 -6.95
C LYS A 81 5.95 3.82 -6.09
N PRO A 82 5.59 2.99 -5.11
CA PRO A 82 4.47 3.26 -4.20
C PRO A 82 4.78 4.41 -3.25
N LYS A 83 3.90 4.60 -2.26
CA LYS A 83 4.08 5.66 -1.28
C LYS A 83 5.42 5.54 -0.57
N GLY A 84 5.88 6.64 0.02
CA GLY A 84 7.15 6.63 0.72
C GLY A 84 7.24 7.74 1.76
N LYS A 85 7.58 8.95 1.29
CA LYS A 85 7.71 10.09 2.19
C LYS A 85 7.86 11.39 1.39
N ASP A 86 7.55 12.51 2.04
CA ASP A 86 7.66 13.81 1.39
C ASP A 86 7.48 14.94 2.40
N SER A 87 7.64 16.17 1.94
CA SER A 87 7.51 17.33 2.81
C SER A 87 6.05 17.73 2.98
N LYS A 88 5.23 17.32 2.01
CA LYS A 88 3.80 17.63 2.05
C LYS A 88 3.16 17.06 3.31
N LYS A 89 3.81 16.08 3.91
CA LYS A 89 3.29 15.45 5.13
C LYS A 89 2.97 16.50 6.19
N GLU A 90 3.70 17.61 6.15
CA GLU A 90 3.49 18.69 7.11
C GLU A 90 2.02 19.12 7.14
N ARG A 91 1.50 19.51 5.97
CA ARG A 91 0.11 19.93 5.88
C ARG A 91 -0.83 18.73 5.81
N ASP A 92 -0.33 17.63 5.26
CA ASP A 92 -1.12 16.41 5.15
C ASP A 92 -1.32 15.75 6.51
N ALA A 93 -0.61 16.26 7.51
CA ALA A 93 -0.71 15.72 8.86
C ALA A 93 -2.04 16.09 9.51
N ARG A 94 -2.79 16.97 8.84
CA ARG A 94 -4.09 17.41 9.35
C ARG A 94 -4.95 16.22 9.74
N THR A 95 -4.77 15.10 9.04
CA THR A 95 -5.53 13.89 9.32
C THR A 95 -4.65 12.66 9.26
N LEU A 96 -4.95 11.69 10.12
CA LEU A 96 -4.17 10.45 10.16
C LEU A 96 -4.99 9.27 9.61
N LEU A 97 -4.29 8.27 9.09
CA LEU A 97 -4.95 7.09 8.55
C LEU A 97 -4.55 5.83 9.31
N ALA A 98 -5.48 4.90 9.43
CA ALA A 98 -5.22 3.64 10.12
C ALA A 98 -5.23 2.46 9.16
N LYS A 99 -4.28 1.55 9.35
CA LYS A 99 -4.19 0.37 8.50
C LYS A 99 -3.85 -0.87 9.33
N ASN A 100 -3.86 -2.04 8.68
CA ASN A 100 -3.54 -3.29 9.34
C ASN A 100 -4.61 -3.62 10.40
N LEU A 101 -5.87 -3.52 10.01
CA LEU A 101 -6.98 -3.80 10.92
C LEU A 101 -7.85 -4.92 10.37
N PRO A 102 -8.34 -5.78 11.28
CA PRO A 102 -9.21 -6.90 10.91
C PRO A 102 -10.59 -6.46 10.45
N TYR A 103 -11.38 -7.40 9.96
CA TYR A 103 -12.72 -7.11 9.47
C TYR A 103 -13.70 -6.94 10.64
N LYS A 104 -13.36 -7.53 11.77
CA LYS A 104 -14.20 -7.46 12.97
C LYS A 104 -13.72 -6.33 13.89
N VAL A 105 -13.00 -5.37 13.32
CA VAL A 105 -12.50 -4.24 14.09
C VAL A 105 -13.43 -3.03 13.97
N THR A 106 -13.39 -2.17 14.97
CA THR A 106 -14.22 -0.98 14.99
C THR A 106 -13.43 0.25 15.41
N GLN A 107 -13.86 1.43 14.95
CA GLN A 107 -13.19 2.67 15.29
C GLN A 107 -12.77 2.69 16.75
N ASP A 108 -13.65 2.20 17.62
CA ASP A 108 -13.37 2.16 19.05
C ASP A 108 -12.00 1.55 19.32
N GLU A 109 -11.73 0.42 18.68
CA GLU A 109 -10.47 -0.28 18.85
C GLU A 109 -9.29 0.68 18.65
N LEU A 110 -9.47 1.65 17.76
CA LEU A 110 -8.43 2.63 17.47
C LEU A 110 -8.53 3.82 18.42
N LYS A 111 -9.72 4.07 18.93
CA LYS A 111 -9.95 5.18 19.86
C LYS A 111 -9.34 4.87 21.22
N GLU A 112 -8.90 3.63 21.41
CA GLU A 112 -8.29 3.22 22.67
C GLU A 112 -6.87 3.78 22.79
N VAL A 113 -6.35 4.30 21.70
CA VAL A 113 -5.02 4.87 21.68
C VAL A 113 -5.06 6.39 21.56
N PHE A 114 -5.87 6.87 20.63
CA PHE A 114 -6.00 8.32 20.41
C PHE A 114 -7.35 8.81 20.91
N GLU A 115 -7.80 8.25 22.03
CA GLU A 115 -9.08 8.64 22.61
C GLU A 115 -9.14 10.15 22.85
N ASP A 116 -7.96 10.77 22.94
CA ASP A 116 -7.87 12.21 23.15
C ASP A 116 -7.78 12.95 21.82
N ALA A 117 -8.18 12.28 20.75
CA ALA A 117 -8.15 12.88 19.43
C ALA A 117 -9.33 13.82 19.22
N ALA A 118 -9.34 14.52 18.08
CA ALA A 118 -10.42 15.44 17.76
C ALA A 118 -11.66 14.70 17.26
N GLU A 119 -11.51 14.02 16.13
CA GLU A 119 -12.62 13.28 15.54
C GLU A 119 -12.15 11.90 15.08
N ILE A 120 -13.10 10.98 14.97
CA ILE A 120 -12.79 9.62 14.54
C ILE A 120 -13.82 9.10 13.54
N ARG A 121 -13.35 8.41 12.51
CA ARG A 121 -14.22 7.87 11.48
C ARG A 121 -13.58 6.67 10.80
N LEU A 122 -14.25 5.51 10.88
CA LEU A 122 -13.75 4.29 10.28
C LEU A 122 -14.27 4.14 8.85
N VAL A 123 -13.53 3.40 8.03
CA VAL A 123 -13.90 3.17 6.64
C VAL A 123 -14.43 1.77 6.43
N SER A 124 -15.75 1.63 6.35
CA SER A 124 -16.38 0.33 6.14
C SER A 124 -17.61 0.45 5.26
N LYS A 125 -17.70 -0.41 4.25
CA LYS A 125 -18.82 -0.41 3.33
C LYS A 125 -19.51 -1.77 3.29
N ASP A 126 -20.77 -1.78 2.88
CA ASP A 126 -21.53 -3.02 2.81
C ASP A 126 -21.72 -3.64 4.18
N GLY A 127 -21.49 -2.84 5.22
CA GLY A 127 -21.63 -3.33 6.58
C GLY A 127 -20.47 -4.20 7.02
N LYS A 128 -19.27 -3.83 6.59
CA LYS A 128 -18.08 -4.60 6.93
C LYS A 128 -16.82 -3.76 6.75
N SER A 129 -15.87 -3.90 7.66
CA SER A 129 -14.62 -3.14 7.59
C SER A 129 -13.82 -3.53 6.35
N LYS A 130 -13.11 -2.56 5.79
CA LYS A 130 -12.31 -2.80 4.60
C LYS A 130 -10.82 -2.88 4.96
N GLY A 131 -10.50 -2.57 6.21
CA GLY A 131 -9.13 -2.62 6.65
C GLY A 131 -8.47 -1.25 6.67
N ILE A 132 -9.26 -0.21 6.91
CA ILE A 132 -8.76 1.15 6.95
C ILE A 132 -9.63 2.04 7.83
N ALA A 133 -9.10 3.20 8.20
CA ALA A 133 -9.83 4.14 9.04
C ALA A 133 -9.21 5.53 8.97
N TYR A 134 -10.04 6.55 9.18
CA TYR A 134 -9.57 7.93 9.15
C TYR A 134 -9.77 8.62 10.50
N ILE A 135 -8.87 9.54 10.81
CA ILE A 135 -8.94 10.27 12.08
C ILE A 135 -8.37 11.67 11.93
N GLU A 136 -9.24 12.67 12.11
CA GLU A 136 -8.82 14.06 12.01
C GLU A 136 -8.41 14.62 13.36
N PHE A 137 -7.11 14.83 13.54
CA PHE A 137 -6.58 15.35 14.80
C PHE A 137 -6.79 16.86 14.88
N LYS A 138 -6.50 17.42 16.06
CA LYS A 138 -6.65 18.87 16.26
C LYS A 138 -5.63 19.65 15.44
N THR A 139 -4.37 19.23 15.52
CA THR A 139 -3.31 19.89 14.78
C THR A 139 -2.29 18.88 14.25
N GLU A 140 -1.61 19.23 13.17
CA GLU A 140 -0.62 18.35 12.57
C GLU A 140 0.45 17.97 13.59
N ALA A 141 0.61 18.80 14.62
CA ALA A 141 1.60 18.54 15.66
C ALA A 141 1.21 17.33 16.49
N ASP A 142 -0.08 17.20 16.78
CA ASP A 142 -0.59 16.09 17.56
C ASP A 142 -0.82 14.86 16.70
N ALA A 143 -1.17 15.10 15.43
CA ALA A 143 -1.41 14.00 14.50
C ALA A 143 -0.11 13.35 14.05
N GLU A 144 0.76 14.15 13.45
CA GLU A 144 2.05 13.66 12.97
C GLU A 144 2.83 12.98 14.10
N LYS A 145 2.55 13.41 15.33
CA LYS A 145 3.22 12.84 16.50
C LYS A 145 2.50 11.59 16.99
N THR A 146 1.18 11.71 17.17
CA THR A 146 0.38 10.59 17.64
C THR A 146 0.61 9.34 16.79
N PHE A 147 1.03 9.56 15.55
CA PHE A 147 1.29 8.46 14.62
C PHE A 147 2.15 7.39 15.29
N GLU A 148 3.36 7.77 15.69
CA GLU A 148 4.28 6.83 16.34
C GLU A 148 4.02 6.78 17.83
N GLU A 149 3.49 7.86 18.38
CA GLU A 149 3.20 7.93 19.81
C GLU A 149 2.17 6.88 20.21
N LYS A 150 1.05 6.86 19.51
CA LYS A 150 -0.01 5.90 19.80
C LYS A 150 0.32 4.53 19.21
N GLN A 151 1.01 4.53 18.08
CA GLN A 151 1.40 3.30 17.41
C GLN A 151 2.09 2.34 18.38
N GLY A 152 1.87 1.05 18.19
CA GLY A 152 2.47 0.06 19.07
C GLY A 152 1.44 -0.75 19.83
N THR A 153 0.18 -0.38 19.67
CA THR A 153 -0.91 -1.08 20.35
C THR A 153 -1.27 -2.38 19.64
N GLU A 154 -1.98 -3.26 20.33
CA GLU A 154 -2.39 -4.53 19.77
C GLU A 154 -3.90 -4.69 19.81
N ILE A 155 -4.46 -5.34 18.79
CA ILE A 155 -5.90 -5.55 18.71
C ILE A 155 -6.23 -6.79 17.88
N ASP A 156 -7.12 -7.63 18.40
CA ASP A 156 -7.52 -8.85 17.70
C ASP A 156 -6.34 -9.80 17.55
N GLY A 157 -5.35 -9.65 18.42
CA GLY A 157 -4.18 -10.49 18.36
C GLY A 157 -3.10 -9.94 17.44
N ARG A 158 -3.48 -8.97 16.61
CA ARG A 158 -2.55 -8.36 15.68
C ARG A 158 -2.14 -6.96 16.13
N SER A 159 -1.35 -6.28 15.32
CA SER A 159 -0.89 -4.94 15.64
C SER A 159 -1.34 -3.93 14.58
N ILE A 160 -2.19 -3.00 14.99
CA ILE A 160 -2.70 -1.98 14.07
C ILE A 160 -1.64 -0.93 13.78
N SER A 161 -1.50 -0.57 12.51
CA SER A 161 -0.52 0.43 12.10
C SER A 161 -1.20 1.74 11.74
N LEU A 162 -0.50 2.85 11.96
CA LEU A 162 -1.04 4.17 11.67
C LEU A 162 -0.10 4.95 10.76
N TYR A 163 -0.67 5.77 9.88
CA TYR A 163 0.12 6.57 8.96
C TYR A 163 -0.59 7.89 8.64
N TYR A 164 0.12 9.00 8.85
CA TYR A 164 -0.43 10.32 8.60
C TYR A 164 -0.67 10.52 7.10
N THR A 165 -1.82 11.11 6.76
CA THR A 165 -2.16 11.37 5.37
C THR A 165 -3.53 12.01 5.25
N GLY A 166 -3.56 13.28 4.89
CA GLY A 166 -4.82 14.00 4.74
C GLY A 166 -5.08 14.42 3.32
N GLU A 167 -4.23 13.97 2.40
CA GLU A 167 -4.38 14.31 0.99
C GLU A 167 -4.25 15.82 0.78
N PRO A 168 -3.97 16.21 -0.48
CA PRO A 168 -3.82 17.62 -0.85
C PRO A 168 -5.15 18.38 -0.79
N LYS A 169 -5.06 19.70 -0.64
CA LYS A 169 -6.25 20.55 -0.59
C LYS A 169 -6.72 20.91 -1.98
N GLY A 170 -7.81 21.69 -2.05
CA GLY A 170 -8.34 22.11 -3.33
C GLY A 170 -9.65 21.43 -3.65
N GLU A 171 -10.26 20.80 -2.65
CA GLU A 171 -11.53 20.10 -2.84
C GLU A 171 -12.64 21.08 -3.22
N GLY A 172 -12.56 22.29 -2.67
CA GLY A 172 -13.56 23.31 -2.95
C GLY A 172 -13.01 24.71 -2.83
N LEU A 173 -11.69 24.84 -2.85
CA LEU A 173 -11.04 26.14 -2.74
C LEU A 173 -11.02 26.84 -4.09
N GLU A 174 -10.31 26.25 -5.05
CA GLU A 174 -10.20 26.83 -6.38
C GLU A 174 -11.59 27.13 -6.95
N GLY A 1 4.55 1.43 6.49
CA GLY A 1 3.69 0.26 6.56
C GLY A 1 4.41 -1.02 6.14
N THR A 2 5.50 -0.86 5.41
CA THR A 2 6.28 -2.00 4.93
C THR A 2 5.38 -3.01 4.22
N GLU A 3 4.69 -2.56 3.19
CA GLU A 3 3.80 -3.43 2.42
C GLU A 3 4.60 -4.49 1.68
N PRO A 4 5.60 -4.06 0.91
CA PRO A 4 6.46 -4.96 0.13
C PRO A 4 7.36 -5.81 1.01
N THR A 5 8.12 -6.71 0.39
CA THR A 5 9.02 -7.59 1.12
C THR A 5 10.46 -7.08 1.05
N THR A 6 10.87 -6.67 -0.15
CA THR A 6 12.23 -6.16 -0.36
C THR A 6 12.20 -4.67 -0.65
N ALA A 7 13.39 -4.07 -0.75
CA ALA A 7 13.52 -2.65 -1.02
C ALA A 7 13.33 -2.35 -2.51
N PHE A 8 13.42 -3.40 -3.32
CA PHE A 8 13.27 -3.25 -4.77
C PHE A 8 11.81 -3.33 -5.17
N ASN A 9 11.22 -2.19 -5.49
CA ASN A 9 9.82 -2.12 -5.89
C ASN A 9 9.58 -0.97 -6.86
N LEU A 10 8.57 -1.12 -7.71
CA LEU A 10 8.23 -0.10 -8.69
C LEU A 10 6.72 0.12 -8.76
N PHE A 11 6.32 1.30 -9.21
CA PHE A 11 4.90 1.63 -9.33
C PHE A 11 4.37 1.26 -10.71
N VAL A 12 3.42 0.32 -10.74
CA VAL A 12 2.83 -0.12 -12.01
C VAL A 12 1.46 0.50 -12.21
N GLY A 13 1.05 0.60 -13.46
CA GLY A 13 -0.26 1.18 -13.78
C GLY A 13 -0.90 0.53 -14.99
N ASN A 14 -2.16 0.88 -15.24
CA ASN A 14 -2.90 0.32 -16.37
C ASN A 14 -2.90 -1.21 -16.31
N LEU A 15 -3.39 -1.76 -15.20
CA LEU A 15 -3.45 -3.20 -15.03
C LEU A 15 -4.86 -3.73 -15.29
N ASN A 16 -5.71 -2.87 -15.85
CA ASN A 16 -7.09 -3.25 -16.15
C ASN A 16 -7.87 -3.52 -14.88
N PHE A 17 -9.04 -2.90 -14.76
CA PHE A 17 -9.89 -3.07 -13.60
C PHE A 17 -11.15 -3.85 -13.95
N ASN A 18 -10.99 -5.15 -14.20
CA ASN A 18 -12.11 -6.00 -14.55
C ASN A 18 -12.17 -7.23 -13.64
N LYS A 19 -11.00 -7.77 -13.31
CA LYS A 19 -10.91 -8.94 -12.45
C LYS A 19 -10.81 -8.53 -10.99
N SER A 20 -10.70 -9.52 -10.11
CA SER A 20 -10.59 -9.27 -8.68
C SER A 20 -9.27 -8.57 -8.35
N ALA A 21 -9.13 -8.14 -7.10
CA ALA A 21 -7.92 -7.47 -6.64
C ALA A 21 -6.73 -8.42 -6.65
N PRO A 22 -6.84 -9.50 -5.87
CA PRO A 22 -5.78 -10.51 -5.77
C PRO A 22 -5.63 -11.33 -7.05
N GLU A 23 -6.56 -11.13 -7.98
CA GLU A 23 -6.53 -11.85 -9.25
C GLU A 23 -5.61 -11.16 -10.25
N LEU A 24 -5.30 -9.89 -9.98
CA LEU A 24 -4.42 -9.12 -10.86
C LEU A 24 -2.95 -9.43 -10.57
N LYS A 25 -2.64 -9.69 -9.31
CA LYS A 25 -1.28 -10.01 -8.90
C LYS A 25 -0.69 -11.10 -9.78
N THR A 26 -1.49 -12.12 -10.07
CA THR A 26 -1.05 -13.23 -10.90
C THR A 26 -0.55 -12.74 -12.26
N GLY A 27 -1.45 -12.11 -13.02
CA GLY A 27 -1.09 -11.60 -14.32
C GLY A 27 0.15 -10.72 -14.29
N ILE A 28 0.15 -9.76 -13.36
CA ILE A 28 1.28 -8.84 -13.23
C ILE A 28 2.59 -9.60 -13.11
N SER A 29 2.64 -10.57 -12.20
CA SER A 29 3.84 -11.37 -11.99
C SER A 29 4.05 -12.34 -13.14
N ASP A 30 2.99 -12.60 -13.90
CA ASP A 30 3.06 -13.51 -15.04
C ASP A 30 3.91 -12.90 -16.16
N VAL A 31 3.48 -11.74 -16.65
CA VAL A 31 4.20 -11.06 -17.73
C VAL A 31 5.69 -10.95 -17.41
N PHE A 32 6.00 -10.68 -16.14
CA PHE A 32 7.38 -10.54 -15.71
C PHE A 32 8.07 -11.91 -15.65
N ALA A 33 7.30 -12.94 -15.31
CA ALA A 33 7.84 -14.29 -15.22
C ALA A 33 8.44 -14.73 -16.54
N LYS A 34 7.86 -14.27 -17.64
CA LYS A 34 8.34 -14.62 -18.97
C LYS A 34 9.60 -13.82 -19.31
N ASN A 35 9.79 -12.71 -18.62
CA ASN A 35 10.96 -11.85 -18.85
C ASN A 35 12.10 -12.22 -17.90
N ASP A 36 12.09 -13.46 -17.43
CA ASP A 36 13.12 -13.94 -16.51
C ASP A 36 13.14 -13.12 -15.23
N LEU A 37 11.99 -12.53 -14.90
CA LEU A 37 11.88 -11.71 -13.69
C LEU A 37 11.13 -12.45 -12.60
N ALA A 38 11.73 -12.54 -11.42
CA ALA A 38 11.11 -13.22 -10.29
C ALA A 38 10.65 -12.21 -9.24
N VAL A 39 9.35 -11.94 -9.23
CA VAL A 39 8.78 -11.00 -8.27
C VAL A 39 8.54 -11.67 -6.92
N VAL A 40 8.98 -11.00 -5.85
CA VAL A 40 8.81 -11.52 -4.51
C VAL A 40 7.41 -11.26 -3.98
N ASP A 41 6.77 -10.22 -4.50
CA ASP A 41 5.43 -9.85 -4.08
C ASP A 41 4.83 -8.80 -5.01
N VAL A 42 3.50 -8.70 -5.01
CA VAL A 42 2.81 -7.74 -5.86
C VAL A 42 1.63 -7.12 -5.13
N ARG A 43 1.46 -5.81 -5.28
CA ARG A 43 0.35 -5.10 -4.64
C ARG A 43 -0.52 -4.40 -5.68
N ILE A 44 -1.82 -4.35 -5.41
CA ILE A 44 -2.76 -3.70 -6.31
C ILE A 44 -3.59 -2.65 -5.58
N GLY A 45 -3.80 -1.51 -6.24
CA GLY A 45 -4.58 -0.44 -5.64
C GLY A 45 -6.03 -0.84 -5.41
N MET A 46 -6.84 0.10 -4.92
CA MET A 46 -8.24 -0.16 -4.66
C MET A 46 -9.06 -0.05 -5.93
N THR A 47 -8.45 0.47 -6.99
CA THR A 47 -9.13 0.64 -8.27
C THR A 47 -8.81 -0.52 -9.21
N ARG A 48 -7.85 -1.36 -8.82
CA ARG A 48 -7.45 -2.49 -9.62
C ARG A 48 -6.93 -2.04 -10.98
N LYS A 49 -6.52 -0.78 -11.07
CA LYS A 49 -6.00 -0.22 -12.31
C LYS A 49 -4.50 0.05 -12.20
N PHE A 50 -3.98 -0.07 -10.98
CA PHE A 50 -2.56 0.18 -10.74
C PHE A 50 -2.09 -0.55 -9.48
N GLY A 51 -0.80 -0.44 -9.18
CA GLY A 51 -0.26 -1.09 -8.00
C GLY A 51 1.26 -1.03 -7.96
N TYR A 52 1.88 -2.00 -7.28
CA TYR A 52 3.32 -2.04 -7.17
C TYR A 52 3.84 -3.46 -7.36
N VAL A 53 5.13 -3.58 -7.65
CA VAL A 53 5.75 -4.89 -7.87
C VAL A 53 7.12 -4.95 -7.21
N ASP A 54 7.34 -5.99 -6.40
CA ASP A 54 8.61 -6.17 -5.70
C ASP A 54 9.44 -7.24 -6.38
N PHE A 55 10.72 -6.93 -6.60
CA PHE A 55 11.64 -7.88 -7.25
C PHE A 55 12.67 -8.39 -6.26
N GLU A 56 13.07 -9.65 -6.42
CA GLU A 56 14.06 -10.25 -5.54
C GLU A 56 15.31 -9.39 -5.44
N SER A 57 15.68 -8.77 -6.55
CA SER A 57 16.85 -7.90 -6.58
C SER A 57 16.54 -6.59 -7.29
N ALA A 58 17.55 -5.73 -7.41
CA ALA A 58 17.39 -4.44 -8.05
C ALA A 58 17.50 -4.56 -9.57
N GLU A 59 18.19 -5.60 -10.02
CA GLU A 59 18.38 -5.84 -11.45
C GLU A 59 17.04 -6.06 -12.14
N ASP A 60 16.30 -7.06 -11.70
CA ASP A 60 15.00 -7.38 -12.28
C ASP A 60 14.05 -6.18 -12.16
N LEU A 61 14.35 -5.29 -11.23
CA LEU A 61 13.53 -4.10 -11.01
C LEU A 61 13.80 -3.05 -12.09
N GLU A 62 15.07 -2.69 -12.24
CA GLU A 62 15.47 -1.70 -13.24
C GLU A 62 15.21 -2.21 -14.66
N LYS A 63 15.56 -3.47 -14.89
CA LYS A 63 15.36 -4.08 -16.20
C LYS A 63 13.93 -3.92 -16.67
N ALA A 64 12.98 -4.20 -15.78
CA ALA A 64 11.56 -4.07 -16.11
C ALA A 64 11.23 -2.66 -16.57
N LEU A 65 12.07 -1.71 -16.20
CA LEU A 65 11.87 -0.31 -16.57
C LEU A 65 12.24 -0.07 -18.03
N GLU A 66 12.99 -1.01 -18.60
CA GLU A 66 13.42 -0.90 -19.99
C GLU A 66 12.81 -2.02 -20.83
N LEU A 67 12.26 -3.02 -20.16
CA LEU A 67 11.65 -4.15 -20.84
C LEU A 67 10.62 -3.68 -21.87
N THR A 68 10.07 -4.62 -22.63
CA THR A 68 9.08 -4.30 -23.65
C THR A 68 8.03 -5.40 -23.76
N GLY A 69 6.87 -5.06 -24.30
CA GLY A 69 5.80 -6.03 -24.46
C GLY A 69 5.21 -6.46 -23.13
N LEU A 70 5.24 -5.56 -22.15
CA LEU A 70 4.71 -5.86 -20.82
C LEU A 70 3.23 -5.49 -20.75
N LYS A 71 2.37 -6.50 -20.91
CA LYS A 71 0.92 -6.29 -20.84
C LYS A 71 0.26 -7.34 -19.96
N VAL A 72 -0.96 -7.05 -19.52
CA VAL A 72 -1.70 -7.96 -18.67
C VAL A 72 -3.20 -7.82 -18.88
N PHE A 73 -3.88 -8.96 -19.03
CA PHE A 73 -5.33 -8.95 -19.25
C PHE A 73 -5.68 -8.18 -20.51
N GLY A 74 -4.83 -8.29 -21.53
CA GLY A 74 -5.08 -7.59 -22.77
C GLY A 74 -4.50 -6.18 -22.78
N ASN A 75 -4.73 -5.46 -21.70
CA ASN A 75 -4.22 -4.09 -21.58
C ASN A 75 -2.71 -4.08 -21.36
N GLU A 76 -2.09 -2.94 -21.65
CA GLU A 76 -0.65 -2.80 -21.48
C GLU A 76 -0.32 -1.99 -20.23
N ILE A 77 0.27 -2.67 -19.24
CA ILE A 77 0.64 -2.01 -17.99
C ILE A 77 1.77 -1.02 -18.20
N LYS A 78 2.05 -0.22 -17.18
CA LYS A 78 3.12 0.78 -17.25
C LYS A 78 3.92 0.80 -15.95
N LEU A 79 5.23 0.58 -16.06
CA LEU A 79 6.11 0.59 -14.90
C LEU A 79 6.69 1.98 -14.66
N GLU A 80 6.67 2.41 -13.40
CA GLU A 80 7.19 3.72 -13.04
C GLU A 80 7.87 3.68 -11.68
N LYS A 81 8.31 4.84 -11.20
CA LYS A 81 8.97 4.94 -9.91
C LYS A 81 8.11 5.72 -8.92
N PRO A 82 7.99 5.19 -7.69
CA PRO A 82 7.20 5.82 -6.62
C PRO A 82 7.84 7.11 -6.11
N LYS A 83 7.28 7.66 -5.04
CA LYS A 83 7.80 8.89 -4.45
C LYS A 83 7.24 9.09 -3.05
N GLY A 84 8.05 9.70 -2.18
CA GLY A 84 7.61 9.95 -0.82
C GLY A 84 8.64 10.72 -0.02
N LYS A 85 8.50 12.04 0.01
CA LYS A 85 9.42 12.90 0.73
C LYS A 85 9.02 14.36 0.62
N ASP A 86 8.66 14.96 1.74
CA ASP A 86 8.25 16.37 1.76
C ASP A 86 8.17 16.89 3.19
N SER A 87 8.41 18.18 3.36
CA SER A 87 8.37 18.80 4.68
C SER A 87 6.95 19.25 5.02
N LYS A 88 6.12 19.43 4.00
CA LYS A 88 4.75 19.86 4.18
C LYS A 88 3.99 18.87 5.05
N LYS A 89 4.48 17.64 5.11
CA LYS A 89 3.86 16.60 5.92
C LYS A 89 3.77 17.00 7.38
N GLU A 90 4.63 17.94 7.78
CA GLU A 90 4.65 18.43 9.15
C GLU A 90 3.26 18.86 9.60
N ARG A 91 2.70 19.85 8.91
CA ARG A 91 1.38 20.36 9.24
C ARG A 91 0.31 19.31 8.96
N ASP A 92 0.54 18.49 7.94
CA ASP A 92 -0.40 17.44 7.57
C ASP A 92 -0.43 16.34 8.61
N ALA A 93 0.53 16.38 9.54
CA ALA A 93 0.61 15.38 10.59
C ALA A 93 -0.51 15.56 11.60
N ARG A 94 -1.23 16.66 11.50
CA ARG A 94 -2.33 16.96 12.41
C ARG A 94 -3.29 15.77 12.49
N THR A 95 -3.77 15.32 11.34
CA THR A 95 -4.70 14.19 11.28
C THR A 95 -4.06 13.00 10.58
N LEU A 96 -4.20 11.83 11.19
CA LEU A 96 -3.65 10.60 10.62
C LEU A 96 -4.69 9.88 9.77
N LEU A 97 -4.22 9.04 8.86
CA LEU A 97 -5.10 8.27 7.99
C LEU A 97 -4.75 6.79 8.01
N ALA A 98 -5.77 5.94 7.90
CA ALA A 98 -5.56 4.50 7.91
C ALA A 98 -5.81 3.90 6.53
N LYS A 99 -4.97 2.96 6.13
CA LYS A 99 -5.11 2.31 4.84
C LYS A 99 -4.93 0.79 4.97
N ASN A 100 -5.16 0.08 3.86
CA ASN A 100 -5.04 -1.38 3.86
C ASN A 100 -6.05 -2.01 4.79
N LEU A 101 -7.08 -1.25 5.15
CA LEU A 101 -8.13 -1.75 6.03
C LEU A 101 -9.11 -2.63 5.28
N PRO A 102 -9.61 -3.69 5.95
CA PRO A 102 -10.55 -4.62 5.37
C PRO A 102 -11.93 -4.01 5.15
N TYR A 103 -12.76 -4.67 4.36
CA TYR A 103 -14.11 -4.18 4.08
C TYR A 103 -15.04 -4.41 5.27
N LYS A 104 -14.53 -5.08 6.29
CA LYS A 104 -15.30 -5.37 7.49
C LYS A 104 -14.69 -4.69 8.71
N VAL A 105 -13.79 -3.75 8.47
CA VAL A 105 -13.12 -3.03 9.55
C VAL A 105 -14.10 -2.10 10.27
N THR A 106 -13.75 -1.72 11.50
CA THR A 106 -14.59 -0.84 12.30
C THR A 106 -13.75 0.17 13.06
N GLN A 107 -14.37 1.31 13.40
CA GLN A 107 -13.67 2.36 14.14
C GLN A 107 -12.91 1.78 15.32
N ASP A 108 -13.62 1.04 16.17
CA ASP A 108 -13.02 0.42 17.34
C ASP A 108 -11.86 -0.50 16.94
N GLU A 109 -12.08 -1.27 15.89
CA GLU A 109 -11.05 -2.20 15.41
C GLU A 109 -9.70 -1.51 15.28
N LEU A 110 -9.73 -0.26 14.80
CA LEU A 110 -8.50 0.51 14.62
C LEU A 110 -8.13 1.23 15.91
N LYS A 111 -9.13 1.54 16.72
CA LYS A 111 -8.91 2.23 17.98
C LYS A 111 -8.16 1.34 18.96
N GLU A 112 -8.05 0.05 18.64
CA GLU A 112 -7.35 -0.90 19.48
C GLU A 112 -5.87 -0.56 19.58
N VAL A 113 -5.41 0.28 18.68
CA VAL A 113 -4.00 0.69 18.65
C VAL A 113 -3.85 2.14 19.10
N PHE A 114 -4.62 3.03 18.50
CA PHE A 114 -4.58 4.45 18.85
C PHE A 114 -5.73 4.83 19.75
N GLU A 115 -6.10 3.93 20.66
CA GLU A 115 -7.20 4.17 21.58
C GLU A 115 -6.95 5.44 22.39
N ASP A 116 -5.69 5.85 22.49
CA ASP A 116 -5.33 7.04 23.24
C ASP A 116 -5.50 8.29 22.38
N ALA A 117 -5.61 8.09 21.07
CA ALA A 117 -5.78 9.21 20.14
C ALA A 117 -6.91 10.13 20.61
N ALA A 118 -6.98 11.31 19.99
CA ALA A 118 -8.02 12.28 20.34
C ALA A 118 -9.40 11.79 19.93
N GLU A 119 -9.59 11.60 18.63
CA GLU A 119 -10.87 11.13 18.11
C GLU A 119 -10.67 10.13 16.97
N ILE A 120 -11.73 9.41 16.62
CA ILE A 120 -11.67 8.43 15.56
C ILE A 120 -12.84 8.56 14.60
N ARG A 121 -12.55 8.59 13.31
CA ARG A 121 -13.59 8.72 12.28
C ARG A 121 -13.34 7.73 11.14
N LEU A 122 -14.18 6.70 11.09
CA LEU A 122 -14.06 5.68 10.05
C LEU A 122 -14.99 5.99 8.88
N VAL A 123 -14.53 5.68 7.66
CA VAL A 123 -15.32 5.92 6.46
C VAL A 123 -16.03 4.66 6.01
N SER A 124 -17.36 4.70 6.01
CA SER A 124 -18.16 3.55 5.60
C SER A 124 -19.53 4.00 5.11
N LYS A 125 -19.94 3.47 3.96
CA LYS A 125 -21.23 3.81 3.37
C LYS A 125 -21.98 2.56 2.91
N ASP A 126 -23.29 2.66 2.79
CA ASP A 126 -24.11 1.54 2.35
C ASP A 126 -24.02 0.37 3.34
N GLY A 127 -23.54 0.67 4.55
CA GLY A 127 -23.42 -0.36 5.56
C GLY A 127 -22.19 -1.23 5.35
N LYS A 128 -21.12 -0.64 4.83
CA LYS A 128 -19.89 -1.36 4.58
C LYS A 128 -18.68 -0.43 4.64
N SER A 129 -17.51 -1.00 4.90
CA SER A 129 -16.29 -0.21 4.97
C SER A 129 -15.72 0.06 3.58
N LYS A 130 -15.06 1.21 3.43
CA LYS A 130 -14.47 1.59 2.16
C LYS A 130 -12.99 1.25 2.12
N GLY A 131 -12.40 1.05 3.29
CA GLY A 131 -10.99 0.72 3.37
C GLY A 131 -10.14 1.91 3.79
N ILE A 132 -10.71 2.77 4.63
CA ILE A 132 -9.99 3.95 5.10
C ILE A 132 -10.54 4.42 6.44
N ALA A 133 -9.65 4.85 7.33
CA ALA A 133 -10.05 5.33 8.65
C ALA A 133 -9.30 6.60 9.02
N TYR A 134 -10.02 7.71 9.12
CA TYR A 134 -9.41 8.99 9.46
C TYR A 134 -9.41 9.21 10.97
N ILE A 135 -8.25 9.55 11.52
CA ILE A 135 -8.12 9.79 12.95
C ILE A 135 -7.52 11.16 13.23
N GLU A 136 -8.20 11.93 14.07
CA GLU A 136 -7.75 13.27 14.42
C GLU A 136 -7.05 13.27 15.78
N PHE A 137 -5.72 13.36 15.77
CA PHE A 137 -4.95 13.37 17.00
C PHE A 137 -4.94 14.75 17.64
N LYS A 138 -4.41 14.84 18.86
CA LYS A 138 -4.35 16.11 19.57
C LYS A 138 -3.27 17.01 18.98
N THR A 139 -2.08 16.46 18.79
CA THR A 139 -0.97 17.21 18.23
C THR A 139 -0.16 16.36 17.26
N GLU A 140 0.48 17.01 16.29
CA GLU A 140 1.29 16.32 15.30
C GLU A 140 2.35 15.46 15.97
N ALA A 141 2.74 15.84 17.19
CA ALA A 141 3.74 15.10 17.94
C ALA A 141 3.23 13.72 18.33
N ASP A 142 1.95 13.66 18.68
CA ASP A 142 1.34 12.40 19.09
C ASP A 142 0.88 11.60 17.86
N ALA A 143 0.44 12.31 16.83
CA ALA A 143 -0.02 11.66 15.61
C ALA A 143 1.15 11.12 14.79
N GLU A 144 2.05 12.02 14.41
CA GLU A 144 3.22 11.64 13.62
C GLU A 144 4.02 10.54 14.34
N LYS A 145 3.90 10.50 15.65
CA LYS A 145 4.60 9.51 16.45
C LYS A 145 3.80 8.21 16.55
N THR A 146 2.57 8.32 17.02
CA THR A 146 1.69 7.16 17.16
C THR A 146 1.70 6.31 15.90
N PHE A 147 1.91 6.96 14.75
CA PHE A 147 1.95 6.26 13.48
C PHE A 147 2.83 5.02 13.56
N GLU A 148 4.12 5.21 13.80
CA GLU A 148 5.06 4.11 13.91
C GLU A 148 5.05 3.51 15.31
N GLU A 149 4.54 4.28 16.27
CA GLU A 149 4.47 3.83 17.66
C GLU A 149 3.39 2.77 17.83
N LYS A 150 2.48 2.70 16.87
CA LYS A 150 1.38 1.73 16.91
C LYS A 150 1.42 0.82 15.68
N GLN A 151 1.95 1.35 14.58
CA GLN A 151 2.03 0.58 13.34
C GLN A 151 2.59 -0.81 13.60
N GLY A 152 2.03 -1.80 12.91
CA GLY A 152 2.48 -3.17 13.08
C GLY A 152 1.42 -4.05 13.70
N THR A 153 0.24 -3.49 13.94
CA THR A 153 -0.86 -4.24 14.54
C THR A 153 -1.57 -5.09 13.51
N GLU A 154 -2.36 -6.05 13.99
CA GLU A 154 -3.10 -6.94 13.10
C GLU A 154 -4.59 -6.86 13.38
N ILE A 155 -5.38 -6.61 12.33
CA ILE A 155 -6.83 -6.52 12.46
C ILE A 155 -7.54 -7.28 11.36
N ASP A 156 -8.49 -8.11 11.74
CA ASP A 156 -9.25 -8.90 10.77
C ASP A 156 -8.35 -9.90 10.06
N GLY A 157 -7.20 -10.20 10.68
CA GLY A 157 -6.27 -11.14 10.08
C GLY A 157 -5.17 -10.44 9.30
N ARG A 158 -5.46 -9.25 8.78
CA ARG A 158 -4.50 -8.49 8.01
C ARG A 158 -3.81 -7.44 8.88
N SER A 159 -2.94 -6.65 8.27
CA SER A 159 -2.22 -5.60 8.98
C SER A 159 -2.61 -4.23 8.47
N ILE A 160 -3.12 -3.38 9.37
CA ILE A 160 -3.53 -2.03 9.01
C ILE A 160 -2.35 -1.06 9.10
N SER A 161 -2.24 -0.20 8.09
CA SER A 161 -1.16 0.78 8.05
C SER A 161 -1.69 2.20 8.28
N LEU A 162 -0.86 3.06 8.83
CA LEU A 162 -1.25 4.44 9.10
C LEU A 162 -0.35 5.42 8.35
N TYR A 163 -0.87 6.61 8.08
CA TYR A 163 -0.11 7.63 7.36
C TYR A 163 -0.52 9.03 7.81
N TYR A 164 0.17 10.04 7.31
CA TYR A 164 -0.12 11.43 7.65
C TYR A 164 -0.56 12.21 6.41
N THR A 165 -1.86 12.41 6.29
CA THR A 165 -2.40 13.16 5.15
C THR A 165 -3.42 14.20 5.62
N GLY A 166 -3.33 14.59 6.87
CA GLY A 166 -4.24 15.58 7.42
C GLY A 166 -3.90 16.99 6.99
N GLU A 167 -3.89 17.22 5.67
CA GLU A 167 -3.56 18.54 5.13
C GLU A 167 -4.44 19.61 5.76
N PRO A 168 -3.96 20.86 5.73
CA PRO A 168 -4.67 22.00 6.29
C PRO A 168 -5.91 22.36 5.48
N LYS A 169 -6.81 23.13 6.08
CA LYS A 169 -8.04 23.55 5.42
C LYS A 169 -7.73 24.35 4.15
N GLY A 170 -8.78 24.68 3.40
CA GLY A 170 -8.59 25.43 2.18
C GLY A 170 -8.92 24.62 0.94
N GLU A 171 -9.03 23.30 1.10
CA GLU A 171 -9.34 22.42 0.00
C GLU A 171 -10.66 22.80 -0.66
N GLY A 172 -11.64 23.15 0.16
CA GLY A 172 -12.94 23.54 -0.36
C GLY A 172 -13.37 24.92 0.12
N LEU A 173 -12.39 25.76 0.44
CA LEU A 173 -12.68 27.11 0.91
C LEU A 173 -12.48 28.13 -0.20
N GLU A 174 -11.33 28.07 -0.85
CA GLU A 174 -11.02 29.00 -1.95
C GLU A 174 -11.33 28.36 -3.30
N GLY A 1 0.38 -19.86 -4.79
CA GLY A 1 1.11 -20.02 -3.54
C GLY A 1 1.61 -18.71 -2.98
N THR A 2 1.70 -17.70 -3.84
CA THR A 2 2.15 -16.38 -3.42
C THR A 2 3.57 -16.45 -2.86
N GLU A 3 4.52 -16.85 -3.70
CA GLU A 3 5.91 -16.97 -3.28
C GLU A 3 6.80 -16.03 -4.10
N PRO A 4 7.35 -15.01 -3.44
CA PRO A 4 8.22 -14.03 -4.10
C PRO A 4 9.58 -14.62 -4.49
N THR A 5 10.11 -14.17 -5.62
CA THR A 5 11.39 -14.66 -6.10
C THR A 5 12.55 -13.92 -5.44
N THR A 6 12.43 -12.60 -5.34
CA THR A 6 13.46 -11.78 -4.72
C THR A 6 12.89 -10.91 -3.61
N ALA A 7 13.76 -10.19 -2.91
CA ALA A 7 13.34 -9.32 -1.83
C ALA A 7 12.78 -8.01 -2.37
N PHE A 8 13.09 -7.70 -3.62
CA PHE A 8 12.63 -6.47 -4.24
C PHE A 8 11.20 -6.64 -4.75
N ASN A 9 10.26 -5.94 -4.11
CA ASN A 9 8.86 -6.01 -4.50
C ASN A 9 8.10 -4.76 -4.05
N LEU A 10 6.88 -4.61 -4.53
CA LEU A 10 6.05 -3.47 -4.17
C LEU A 10 4.57 -3.81 -4.24
N PHE A 11 3.77 -3.16 -3.42
CA PHE A 11 2.32 -3.40 -3.40
C PHE A 11 1.62 -2.55 -4.44
N VAL A 12 0.89 -3.21 -5.34
CA VAL A 12 0.15 -2.51 -6.39
C VAL A 12 -1.35 -2.63 -6.18
N GLY A 13 -2.10 -1.74 -6.82
CA GLY A 13 -3.55 -1.76 -6.70
C GLY A 13 -4.24 -1.24 -7.95
N ASN A 14 -5.57 -1.26 -7.92
CA ASN A 14 -6.36 -0.80 -9.07
C ASN A 14 -5.87 -1.45 -10.36
N LEU A 15 -5.92 -2.77 -10.40
CA LEU A 15 -5.48 -3.50 -11.58
C LEU A 15 -6.68 -3.96 -12.42
N ASN A 16 -7.86 -3.53 -12.01
CA ASN A 16 -9.09 -3.89 -12.73
C ASN A 16 -9.35 -5.39 -12.63
N PHE A 17 -10.63 -5.75 -12.57
CA PHE A 17 -11.02 -7.16 -12.48
C PHE A 17 -12.03 -7.52 -13.58
N ASN A 18 -11.56 -7.55 -14.82
CA ASN A 18 -12.42 -7.87 -15.95
C ASN A 18 -11.91 -9.11 -16.68
N LYS A 19 -10.63 -9.41 -16.50
CA LYS A 19 -10.02 -10.57 -17.14
C LYS A 19 -9.65 -11.63 -16.11
N SER A 20 -8.98 -12.68 -16.56
CA SER A 20 -8.57 -13.77 -15.68
C SER A 20 -7.52 -13.28 -14.67
N ALA A 21 -7.28 -14.08 -13.64
CA ALA A 21 -6.31 -13.73 -12.61
C ALA A 21 -4.91 -13.62 -13.20
N PRO A 22 -4.42 -14.72 -13.80
CA PRO A 22 -3.10 -14.78 -14.42
C PRO A 22 -3.01 -13.93 -15.68
N GLU A 23 -4.15 -13.40 -16.12
CA GLU A 23 -4.19 -12.58 -17.32
C GLU A 23 -3.83 -11.13 -16.99
N LEU A 24 -3.89 -10.79 -15.71
CA LEU A 24 -3.57 -9.43 -15.27
C LEU A 24 -2.06 -9.25 -15.10
N LYS A 25 -1.40 -10.32 -14.68
CA LYS A 25 0.04 -10.29 -14.48
C LYS A 25 0.75 -9.72 -15.71
N THR A 26 0.34 -10.16 -16.88
CA THR A 26 0.92 -9.70 -18.14
C THR A 26 0.86 -8.17 -18.24
N GLY A 27 -0.35 -7.63 -18.17
CA GLY A 27 -0.52 -6.19 -18.26
C GLY A 27 0.34 -5.45 -17.25
N ILE A 28 0.32 -5.90 -16.00
CA ILE A 28 1.10 -5.27 -14.95
C ILE A 28 2.57 -5.17 -15.33
N SER A 29 3.14 -6.29 -15.76
CA SER A 29 4.55 -6.32 -16.17
C SER A 29 4.76 -5.60 -17.49
N ASP A 30 3.67 -5.42 -18.24
CA ASP A 30 3.73 -4.75 -19.52
C ASP A 30 3.99 -3.25 -19.34
N VAL A 31 3.11 -2.59 -18.60
CA VAL A 31 3.24 -1.15 -18.36
C VAL A 31 4.64 -0.82 -17.84
N PHE A 32 5.22 -1.74 -17.07
CA PHE A 32 6.55 -1.54 -16.53
C PHE A 32 7.62 -1.73 -17.60
N ALA A 33 7.37 -2.66 -18.51
CA ALA A 33 8.30 -2.94 -19.59
C ALA A 33 8.51 -1.72 -20.47
N LYS A 34 7.50 -0.85 -20.52
CA LYS A 34 7.57 0.36 -21.32
C LYS A 34 8.34 1.46 -20.60
N ASN A 35 8.44 1.33 -19.28
CA ASN A 35 9.15 2.31 -18.46
C ASN A 35 10.58 1.85 -18.17
N ASP A 36 11.12 1.04 -19.08
CA ASP A 36 12.48 0.53 -18.93
C ASP A 36 12.62 -0.27 -17.63
N LEU A 37 11.52 -0.86 -17.19
CA LEU A 37 11.51 -1.64 -15.96
C LEU A 37 11.35 -3.13 -16.26
N ALA A 38 12.12 -3.96 -15.56
CA ALA A 38 12.06 -5.40 -15.76
C ALA A 38 11.63 -6.11 -14.48
N VAL A 39 10.49 -6.80 -14.55
CA VAL A 39 9.96 -7.52 -13.39
C VAL A 39 10.31 -9.01 -13.47
N VAL A 40 10.46 -9.64 -12.31
CA VAL A 40 10.80 -11.05 -12.25
C VAL A 40 9.54 -11.89 -12.02
N ASP A 41 8.55 -11.31 -11.37
CA ASP A 41 7.29 -12.01 -11.09
C ASP A 41 6.21 -11.04 -10.64
N VAL A 42 4.96 -11.37 -10.92
CA VAL A 42 3.84 -10.53 -10.55
C VAL A 42 2.73 -11.34 -9.89
N ARG A 43 2.27 -10.89 -8.74
CA ARG A 43 1.21 -11.59 -8.01
C ARG A 43 -0.08 -10.77 -8.01
N ILE A 44 -1.21 -11.46 -8.06
CA ILE A 44 -2.52 -10.79 -8.07
C ILE A 44 -3.41 -11.33 -6.95
N GLY A 45 -4.13 -10.42 -6.29
CA GLY A 45 -5.02 -10.82 -5.22
C GLY A 45 -6.17 -11.67 -5.71
N MET A 46 -7.12 -11.97 -4.82
CA MET A 46 -8.27 -12.78 -5.17
C MET A 46 -9.34 -11.94 -5.87
N THR A 47 -9.35 -10.64 -5.57
CA THR A 47 -10.32 -9.73 -6.17
C THR A 47 -9.82 -9.23 -7.52
N ARG A 48 -8.57 -9.53 -7.84
CA ARG A 48 -7.97 -9.11 -9.10
C ARG A 48 -7.95 -7.59 -9.21
N LYS A 49 -8.12 -6.91 -8.08
CA LYS A 49 -8.12 -5.45 -8.04
C LYS A 49 -6.79 -4.93 -7.55
N PHE A 50 -5.96 -5.82 -7.01
CA PHE A 50 -4.65 -5.43 -6.50
C PHE A 50 -3.70 -6.63 -6.52
N GLY A 51 -2.45 -6.38 -6.12
CA GLY A 51 -1.46 -7.44 -6.10
C GLY A 51 -0.07 -6.93 -5.74
N TYR A 52 0.96 -7.64 -6.20
CA TYR A 52 2.33 -7.26 -5.92
C TYR A 52 3.20 -7.43 -7.16
N VAL A 53 4.31 -6.69 -7.21
CA VAL A 53 5.23 -6.76 -8.33
C VAL A 53 6.67 -6.92 -7.85
N ASP A 54 7.35 -7.94 -8.37
CA ASP A 54 8.73 -8.19 -8.00
C ASP A 54 9.69 -7.72 -9.09
N PHE A 55 10.84 -7.20 -8.68
CA PHE A 55 11.84 -6.70 -9.61
C PHE A 55 13.19 -7.39 -9.39
N GLU A 56 13.94 -7.56 -10.46
CA GLU A 56 15.26 -8.20 -10.39
C GLU A 56 16.11 -7.56 -9.30
N SER A 57 16.13 -6.23 -9.28
CA SER A 57 16.92 -5.49 -8.30
C SER A 57 16.07 -4.40 -7.64
N ALA A 58 16.70 -3.63 -6.76
CA ALA A 58 16.01 -2.55 -6.07
C ALA A 58 15.89 -1.31 -6.95
N GLU A 59 16.83 -1.17 -7.87
CA GLU A 59 16.83 -0.02 -8.78
C GLU A 59 15.50 0.08 -9.53
N ASP A 60 15.17 -0.98 -10.26
CA ASP A 60 13.93 -1.00 -11.03
C ASP A 60 12.72 -0.95 -10.10
N LEU A 61 12.84 -1.59 -8.94
CA LEU A 61 11.75 -1.61 -7.97
C LEU A 61 11.35 -0.21 -7.55
N GLU A 62 12.30 0.51 -6.93
CA GLU A 62 12.04 1.87 -6.48
C GLU A 62 11.80 2.80 -7.68
N LYS A 63 12.41 2.47 -8.81
CA LYS A 63 12.27 3.26 -10.02
C LYS A 63 10.79 3.39 -10.42
N ALA A 64 10.09 2.26 -10.38
CA ALA A 64 8.68 2.23 -10.74
C ALA A 64 7.86 3.18 -9.86
N LEU A 65 8.40 3.47 -8.66
CA LEU A 65 7.72 4.36 -7.72
C LEU A 65 8.14 5.81 -7.96
N GLU A 66 9.12 6.01 -8.83
CA GLU A 66 9.60 7.35 -9.14
C GLU A 66 8.98 7.85 -10.44
N LEU A 67 9.07 7.05 -11.49
CA LEU A 67 8.53 7.42 -12.79
C LEU A 67 7.01 7.58 -12.72
N THR A 68 6.41 7.98 -13.83
CA THR A 68 4.97 8.17 -13.90
C THR A 68 4.38 7.53 -15.15
N GLY A 69 3.08 7.68 -15.33
CA GLY A 69 2.42 7.12 -16.50
C GLY A 69 2.33 5.60 -16.44
N LEU A 70 1.82 5.09 -15.32
CA LEU A 70 1.68 3.65 -15.13
C LEU A 70 0.21 3.24 -15.11
N LYS A 71 -0.24 2.61 -16.18
CA LYS A 71 -1.63 2.17 -16.29
C LYS A 71 -1.70 0.80 -16.96
N VAL A 72 -2.82 0.11 -16.75
CA VAL A 72 -3.02 -1.21 -17.33
C VAL A 72 -4.50 -1.46 -17.64
N PHE A 73 -4.77 -2.11 -18.76
CA PHE A 73 -6.13 -2.41 -19.17
C PHE A 73 -6.97 -1.13 -19.22
N GLY A 74 -6.31 -0.01 -19.51
CA GLY A 74 -7.02 1.26 -19.58
C GLY A 74 -7.03 2.00 -18.26
N ASN A 75 -7.28 1.27 -17.18
CA ASN A 75 -7.32 1.86 -15.85
C ASN A 75 -5.91 2.15 -15.34
N GLU A 76 -5.79 3.14 -14.46
CA GLU A 76 -4.51 3.52 -13.91
C GLU A 76 -4.22 2.75 -12.62
N ILE A 77 -3.21 1.88 -12.67
CA ILE A 77 -2.83 1.08 -11.51
C ILE A 77 -2.12 1.93 -10.47
N LYS A 78 -2.12 1.45 -9.22
CA LYS A 78 -1.47 2.16 -8.14
C LYS A 78 -0.22 1.43 -7.68
N LEU A 79 0.81 2.18 -7.30
CA LEU A 79 2.06 1.60 -6.84
C LEU A 79 2.38 2.06 -5.42
N GLU A 80 2.70 1.10 -4.56
CA GLU A 80 3.03 1.40 -3.16
C GLU A 80 4.01 0.38 -2.60
N LYS A 81 4.36 0.54 -1.33
CA LYS A 81 5.29 -0.36 -0.67
C LYS A 81 4.64 -1.03 0.54
N PRO A 82 4.94 -2.32 0.73
CA PRO A 82 4.40 -3.11 1.85
C PRO A 82 4.98 -2.68 3.18
N LYS A 83 4.70 -3.45 4.23
CA LYS A 83 5.21 -3.16 5.56
C LYS A 83 6.71 -2.95 5.54
N GLY A 84 7.25 -2.41 6.63
CA GLY A 84 8.67 -2.17 6.71
C GLY A 84 9.06 -1.32 7.91
N LYS A 85 10.33 -0.95 8.00
CA LYS A 85 10.81 -0.14 9.10
C LYS A 85 12.28 0.23 8.90
N ASP A 86 12.57 1.53 8.84
CA ASP A 86 13.93 2.01 8.66
C ASP A 86 13.99 3.53 8.74
N SER A 87 15.14 4.09 8.37
CA SER A 87 15.32 5.53 8.41
C SER A 87 14.42 6.22 7.39
N LYS A 88 13.98 5.47 6.37
CA LYS A 88 13.12 6.01 5.33
C LYS A 88 11.81 6.51 5.93
N LYS A 89 11.49 6.03 7.13
CA LYS A 89 10.26 6.43 7.80
C LYS A 89 10.14 7.95 7.87
N GLU A 90 11.29 8.63 7.83
CA GLU A 90 11.31 10.09 7.88
C GLU A 90 10.34 10.68 6.86
N ARG A 91 10.59 10.40 5.58
CA ARG A 91 9.74 10.91 4.52
C ARG A 91 8.55 9.99 4.27
N ASP A 92 8.72 8.71 4.59
CA ASP A 92 7.67 7.72 4.41
C ASP A 92 6.58 7.89 5.47
N ALA A 93 6.84 8.78 6.43
CA ALA A 93 5.87 9.03 7.50
C ALA A 93 4.54 9.50 6.93
N ARG A 94 4.55 9.98 5.70
CA ARG A 94 3.34 10.46 5.05
C ARG A 94 2.19 9.48 5.26
N THR A 95 2.51 8.19 5.25
CA THR A 95 1.50 7.15 5.43
C THR A 95 1.60 6.53 6.82
N LEU A 96 0.48 6.03 7.31
CA LEU A 96 0.45 5.40 8.63
C LEU A 96 -0.10 3.97 8.55
N LEU A 97 0.38 3.10 9.42
CA LEU A 97 -0.06 1.71 9.44
C LEU A 97 -0.93 1.44 10.67
N ALA A 98 -2.01 0.70 10.46
CA ALA A 98 -2.92 0.36 11.55
C ALA A 98 -2.82 -1.12 11.91
N LYS A 99 -2.79 -1.41 13.21
CA LYS A 99 -2.70 -2.79 13.68
C LYS A 99 -3.62 -3.02 14.86
N ASN A 100 -3.69 -4.27 15.32
CA ASN A 100 -4.54 -4.62 16.46
C ASN A 100 -6.01 -4.50 16.08
N LEU A 101 -6.29 -4.43 14.79
CA LEU A 101 -7.66 -4.31 14.30
C LEU A 101 -8.33 -5.68 14.23
N PRO A 102 -9.63 -5.73 14.58
CA PRO A 102 -10.41 -6.95 14.55
C PRO A 102 -10.67 -7.46 13.14
N TYR A 103 -10.95 -8.75 13.02
CA TYR A 103 -11.21 -9.36 11.72
C TYR A 103 -12.49 -8.80 11.10
N LYS A 104 -13.27 -8.10 11.92
CA LYS A 104 -14.53 -7.50 11.46
C LYS A 104 -14.41 -5.99 11.40
N VAL A 105 -13.19 -5.48 11.44
CA VAL A 105 -12.94 -4.04 11.39
C VAL A 105 -13.25 -3.49 10.00
N THR A 106 -13.48 -2.19 9.94
CA THR A 106 -13.80 -1.53 8.68
C THR A 106 -13.13 -0.16 8.57
N GLN A 107 -12.83 0.27 7.36
CA GLN A 107 -12.18 1.55 7.13
C GLN A 107 -12.82 2.64 7.99
N ASP A 108 -14.15 2.68 7.99
CA ASP A 108 -14.88 3.67 8.78
C ASP A 108 -14.56 3.53 10.26
N GLU A 109 -14.57 2.30 10.75
CA GLU A 109 -14.29 2.03 12.16
C GLU A 109 -13.02 2.76 12.60
N LEU A 110 -12.01 2.76 11.74
CA LEU A 110 -10.75 3.43 12.05
C LEU A 110 -10.80 4.91 11.68
N LYS A 111 -11.67 5.24 10.72
CA LYS A 111 -11.82 6.63 10.28
C LYS A 111 -12.47 7.47 11.38
N GLU A 112 -12.99 6.81 12.41
CA GLU A 112 -13.62 7.50 13.51
C GLU A 112 -12.61 8.34 14.30
N VAL A 113 -11.33 8.08 14.06
CA VAL A 113 -10.27 8.81 14.74
C VAL A 113 -9.55 9.74 13.78
N PHE A 114 -9.19 9.23 12.61
CA PHE A 114 -8.49 10.03 11.60
C PHE A 114 -9.43 10.39 10.46
N GLU A 115 -10.68 10.67 10.79
CA GLU A 115 -11.68 11.04 9.79
C GLU A 115 -11.22 12.27 9.01
N ASP A 116 -10.31 13.02 9.58
CA ASP A 116 -9.79 14.22 8.93
C ASP A 116 -8.63 13.89 8.00
N ALA A 117 -8.09 12.68 8.15
CA ALA A 117 -6.98 12.23 7.32
C ALA A 117 -7.28 12.45 5.83
N ALA A 118 -6.25 12.31 5.01
CA ALA A 118 -6.40 12.50 3.56
C ALA A 118 -7.23 11.37 2.95
N GLU A 119 -6.72 10.16 3.05
CA GLU A 119 -7.41 8.99 2.50
C GLU A 119 -7.24 7.78 3.42
N ILE A 120 -8.03 6.74 3.16
CA ILE A 120 -7.96 5.52 3.95
C ILE A 120 -7.94 4.28 3.06
N ARG A 121 -7.14 3.29 3.44
CA ARG A 121 -7.03 2.05 2.68
C ARG A 121 -6.94 0.84 3.60
N LEU A 122 -8.03 0.08 3.67
CA LEU A 122 -8.07 -1.11 4.52
C LEU A 122 -7.60 -2.35 3.75
N VAL A 123 -6.95 -3.26 4.46
CA VAL A 123 -6.46 -4.49 3.85
C VAL A 123 -7.30 -5.69 4.28
N SER A 124 -7.66 -6.52 3.31
CA SER A 124 -8.47 -7.70 3.58
C SER A 124 -8.27 -8.75 2.49
N LYS A 125 -8.16 -10.01 2.89
CA LYS A 125 -7.97 -11.12 1.97
C LYS A 125 -8.91 -12.28 2.29
N ASP A 126 -9.17 -13.11 1.30
CA ASP A 126 -10.05 -14.26 1.48
C ASP A 126 -11.45 -13.83 1.85
N GLY A 127 -11.79 -12.58 1.54
CA GLY A 127 -13.10 -12.05 1.85
C GLY A 127 -13.24 -11.67 3.30
N LYS A 128 -12.12 -11.49 3.98
CA LYS A 128 -12.12 -11.11 5.39
C LYS A 128 -10.96 -10.17 5.71
N SER A 129 -11.05 -9.47 6.84
CA SER A 129 -10.02 -8.54 7.25
C SER A 129 -8.80 -9.29 7.79
N LYS A 130 -7.61 -8.76 7.52
CA LYS A 130 -6.38 -9.37 7.98
C LYS A 130 -5.97 -8.81 9.34
N GLY A 131 -6.50 -7.65 9.68
CA GLY A 131 -6.17 -7.02 10.95
C GLY A 131 -5.26 -5.82 10.80
N ILE A 132 -5.22 -5.28 9.60
CA ILE A 132 -4.38 -4.11 9.31
C ILE A 132 -5.08 -3.14 8.37
N ALA A 133 -4.70 -1.87 8.45
CA ALA A 133 -5.29 -0.85 7.60
C ALA A 133 -4.32 0.32 7.39
N TYR A 134 -3.97 0.58 6.14
CA TYR A 134 -3.06 1.66 5.80
C TYR A 134 -3.81 2.96 5.56
N ILE A 135 -3.23 4.07 6.01
CA ILE A 135 -3.85 5.38 5.84
C ILE A 135 -2.85 6.39 5.31
N GLU A 136 -3.24 7.10 4.25
CA GLU A 136 -2.37 8.11 3.65
C GLU A 136 -2.76 9.51 4.12
N PHE A 137 -1.96 10.07 5.01
CA PHE A 137 -2.22 11.40 5.55
C PHE A 137 -1.77 12.48 4.56
N LYS A 138 -2.11 13.72 4.85
CA LYS A 138 -1.74 14.84 3.99
C LYS A 138 -0.29 15.24 4.21
N THR A 139 0.19 15.07 5.44
CA THR A 139 1.57 15.41 5.78
C THR A 139 2.08 14.55 6.94
N GLU A 140 3.37 14.22 6.90
CA GLU A 140 3.97 13.40 7.95
C GLU A 140 3.74 14.03 9.32
N ALA A 141 3.56 15.35 9.35
CA ALA A 141 3.33 16.07 10.59
C ALA A 141 1.93 15.79 11.13
N ASP A 142 0.98 15.60 10.22
CA ASP A 142 -0.40 15.33 10.62
C ASP A 142 -0.61 13.84 10.90
N ALA A 143 0.22 13.01 10.27
CA ALA A 143 0.13 11.56 10.46
C ALA A 143 0.88 11.13 11.71
N GLU A 144 2.18 11.41 11.75
CA GLU A 144 3.01 11.05 12.89
C GLU A 144 2.45 11.62 14.18
N LYS A 145 1.71 12.72 14.06
CA LYS A 145 1.10 13.37 15.21
C LYS A 145 -0.23 12.73 15.57
N THR A 146 -1.12 12.63 14.57
CA THR A 146 -2.43 12.03 14.79
C THR A 146 -2.31 10.67 15.45
N PHE A 147 -1.19 10.01 15.24
CA PHE A 147 -0.95 8.68 15.82
C PHE A 147 -1.27 8.69 17.31
N GLU A 148 -0.55 9.50 18.06
CA GLU A 148 -0.76 9.59 19.51
C GLU A 148 -1.90 10.54 19.83
N GLU A 149 -2.25 11.39 18.87
CA GLU A 149 -3.33 12.35 19.06
C GLU A 149 -4.69 11.66 19.00
N LYS A 150 -4.71 10.45 18.44
CA LYS A 150 -5.95 9.68 18.32
C LYS A 150 -5.81 8.33 19.04
N GLN A 151 -4.59 7.83 19.13
CA GLN A 151 -4.33 6.56 19.78
C GLN A 151 -5.07 6.47 21.11
N GLY A 152 -5.73 5.34 21.35
CA GLY A 152 -6.47 5.15 22.59
C GLY A 152 -7.96 4.98 22.36
N THR A 153 -8.36 5.02 21.08
CA THR A 153 -9.77 4.88 20.73
C THR A 153 -10.22 3.43 20.89
N GLU A 154 -11.53 3.22 20.92
CA GLU A 154 -12.09 1.89 21.07
C GLU A 154 -12.93 1.52 19.85
N ILE A 155 -12.69 0.32 19.32
CA ILE A 155 -13.42 -0.16 18.15
C ILE A 155 -13.70 -1.66 18.26
N ASP A 156 -14.97 -2.02 18.08
CA ASP A 156 -15.37 -3.42 18.14
C ASP A 156 -15.15 -3.99 19.55
N GLY A 157 -15.06 -3.09 20.52
CA GLY A 157 -14.84 -3.51 21.90
C GLY A 157 -13.39 -3.46 22.30
N ARG A 158 -12.49 -3.61 21.33
CA ARG A 158 -11.06 -3.58 21.58
C ARG A 158 -10.49 -2.18 21.32
N SER A 159 -9.17 -2.06 21.48
CA SER A 159 -8.51 -0.77 21.27
C SER A 159 -7.53 -0.85 20.11
N ILE A 160 -7.88 -0.19 19.01
CA ILE A 160 -7.03 -0.18 17.83
C ILE A 160 -5.80 0.70 18.03
N SER A 161 -4.67 0.24 17.50
CA SER A 161 -3.41 0.98 17.63
C SER A 161 -2.92 1.46 16.27
N LEU A 162 -2.10 2.50 16.28
CA LEU A 162 -1.56 3.06 15.05
C LEU A 162 -0.04 3.20 15.13
N TYR A 163 0.63 2.97 14.01
CA TYR A 163 2.08 3.07 13.94
C TYR A 163 2.54 3.54 12.57
N TYR A 164 3.85 3.73 12.42
CA TYR A 164 4.42 4.18 11.16
C TYR A 164 5.41 3.16 10.62
N THR A 165 5.51 3.08 9.29
CA THR A 165 6.42 2.15 8.64
C THR A 165 6.81 2.64 7.26
N GLY A 166 8.10 2.56 6.96
CA GLY A 166 8.60 3.01 5.67
C GLY A 166 9.89 2.34 5.27
N GLU A 167 9.80 1.11 4.76
CA GLU A 167 10.97 0.36 4.34
C GLU A 167 11.89 1.22 3.49
N PRO A 168 13.18 0.83 3.43
CA PRO A 168 14.18 1.55 2.65
C PRO A 168 13.97 1.39 1.14
N LYS A 169 14.58 2.29 0.38
CA LYS A 169 14.45 2.25 -1.07
C LYS A 169 15.77 1.83 -1.72
N GLY A 170 16.38 0.78 -1.19
CA GLY A 170 17.64 0.29 -1.73
C GLY A 170 18.68 1.38 -1.83
N GLU A 171 18.59 2.38 -0.95
CA GLU A 171 19.53 3.49 -0.94
C GLU A 171 20.92 3.02 -0.49
N GLY A 172 20.94 2.19 0.55
CA GLY A 172 22.20 1.68 1.05
C GLY A 172 22.12 0.22 1.47
N LEU A 173 21.14 -0.48 0.93
CA LEU A 173 20.95 -1.90 1.24
C LEU A 173 22.01 -2.76 0.55
N GLU A 174 22.15 -2.58 -0.76
CA GLU A 174 23.13 -3.33 -1.53
C GLU A 174 24.55 -3.01 -1.07
N GLY A 1 -12.49 0.89 -9.82
CA GLY A 1 -13.12 0.23 -8.70
C GLY A 1 -12.33 -0.97 -8.23
N THR A 2 -11.13 -0.74 -7.73
CA THR A 2 -10.28 -1.82 -7.25
C THR A 2 -9.97 -2.82 -8.35
N GLU A 3 -9.43 -2.32 -9.46
CA GLU A 3 -9.10 -3.18 -10.60
C GLU A 3 -8.08 -4.25 -10.20
N PRO A 4 -6.90 -3.79 -9.75
CA PRO A 4 -5.82 -4.69 -9.33
C PRO A 4 -6.15 -5.42 -8.02
N THR A 5 -5.16 -6.13 -7.48
CA THR A 5 -5.34 -6.87 -6.25
C THR A 5 -4.46 -6.31 -5.13
N THR A 6 -3.29 -5.79 -5.52
CA THR A 6 -2.35 -5.22 -4.55
C THR A 6 -2.15 -3.73 -4.80
N ALA A 7 -1.53 -3.06 -3.83
CA ALA A 7 -1.27 -1.63 -3.95
C ALA A 7 0.14 -1.37 -4.46
N PHE A 8 0.65 -2.29 -5.28
CA PHE A 8 1.99 -2.16 -5.84
C PHE A 8 1.99 -2.51 -7.32
N ASN A 9 1.66 -1.53 -8.15
CA ASN A 9 1.62 -1.73 -9.60
C ASN A 9 2.55 -0.76 -10.31
N LEU A 10 3.03 -1.14 -11.49
CA LEU A 10 3.93 -0.30 -12.27
C LEU A 10 3.46 -0.19 -13.72
N PHE A 11 3.71 0.95 -14.34
CA PHE A 11 3.30 1.17 -15.72
C PHE A 11 4.33 0.57 -16.68
N VAL A 12 3.89 -0.37 -17.50
CA VAL A 12 4.77 -1.03 -18.46
C VAL A 12 4.38 -0.67 -19.89
N GLY A 13 5.32 -0.85 -20.82
CA GLY A 13 5.05 -0.54 -22.21
C GLY A 13 5.87 -1.39 -23.16
N ASN A 14 5.68 -1.18 -24.46
CA ASN A 14 6.41 -1.93 -25.47
C ASN A 14 6.23 -3.44 -25.26
N LEU A 15 4.98 -3.88 -25.23
CA LEU A 15 4.67 -5.29 -25.04
C LEU A 15 4.34 -5.96 -26.37
N ASN A 16 4.53 -5.23 -27.46
CA ASN A 16 4.25 -5.75 -28.79
C ASN A 16 2.76 -6.00 -28.98
N PHE A 17 2.24 -5.58 -30.13
CA PHE A 17 0.82 -5.76 -30.43
C PHE A 17 0.64 -6.76 -31.57
N ASN A 18 0.89 -8.03 -31.28
CA ASN A 18 0.74 -9.08 -32.28
C ASN A 18 -0.11 -10.23 -31.75
N LYS A 19 0.11 -10.58 -30.48
CA LYS A 19 -0.63 -11.67 -29.85
C LYS A 19 -1.90 -11.14 -29.19
N SER A 20 -2.67 -12.04 -28.59
CA SER A 20 -3.92 -11.67 -27.93
C SER A 20 -3.64 -10.80 -26.71
N ALA A 21 -4.70 -10.30 -26.09
CA ALA A 21 -4.57 -9.45 -24.91
C ALA A 21 -4.00 -10.24 -23.74
N PRO A 22 -4.72 -11.30 -23.33
CA PRO A 22 -4.30 -12.15 -22.21
C PRO A 22 -3.06 -12.98 -22.55
N GLU A 23 -2.63 -12.92 -23.80
CA GLU A 23 -1.46 -13.66 -24.24
C GLU A 23 -0.17 -12.90 -23.92
N LEU A 24 -0.31 -11.60 -23.68
CA LEU A 24 0.83 -10.76 -23.36
C LEU A 24 1.18 -10.84 -21.88
N LYS A 25 0.14 -10.93 -21.05
CA LYS A 25 0.33 -11.01 -19.60
C LYS A 25 1.29 -12.14 -19.25
N THR A 26 1.11 -13.29 -19.89
CA THR A 26 1.96 -14.45 -19.63
C THR A 26 3.43 -14.08 -19.74
N GLY A 27 3.85 -13.66 -20.93
CA GLY A 27 5.24 -13.28 -21.14
C GLY A 27 5.71 -12.24 -20.14
N ILE A 28 4.93 -11.18 -19.98
CA ILE A 28 5.27 -10.10 -19.05
C ILE A 28 5.59 -10.67 -17.67
N SER A 29 4.71 -11.51 -17.15
CA SER A 29 4.90 -12.11 -15.84
C SER A 29 6.00 -13.16 -15.87
N ASP A 30 6.28 -13.67 -17.07
CA ASP A 30 7.31 -14.69 -17.25
C ASP A 30 8.70 -14.09 -17.09
N VAL A 31 9.01 -13.11 -17.94
CA VAL A 31 10.31 -12.44 -17.89
C VAL A 31 10.68 -12.04 -16.47
N PHE A 32 9.70 -11.47 -15.75
CA PHE A 32 9.92 -11.05 -14.38
C PHE A 32 10.31 -12.22 -13.49
N ALA A 33 9.69 -13.37 -13.74
CA ALA A 33 9.97 -14.57 -12.96
C ALA A 33 11.45 -14.94 -13.03
N LYS A 34 12.07 -14.63 -14.16
CA LYS A 34 13.48 -14.93 -14.36
C LYS A 34 14.35 -14.01 -13.51
N ASN A 35 13.82 -12.85 -13.17
CA ASN A 35 14.55 -11.88 -12.36
C ASN A 35 14.19 -12.03 -10.88
N ASP A 36 13.74 -13.21 -10.51
CA ASP A 36 13.36 -13.48 -9.13
C ASP A 36 12.22 -12.58 -8.69
N LEU A 37 11.40 -12.14 -9.65
CA LEU A 37 10.27 -11.27 -9.36
C LEU A 37 8.97 -12.05 -9.37
N ALA A 38 8.04 -11.67 -8.50
CA ALA A 38 6.75 -12.33 -8.42
C ALA A 38 5.61 -11.35 -8.64
N VAL A 39 4.76 -11.65 -9.62
CA VAL A 39 3.63 -10.78 -9.94
C VAL A 39 2.32 -11.39 -9.45
N VAL A 40 1.43 -10.53 -8.94
CA VAL A 40 0.14 -10.99 -8.44
C VAL A 40 -0.94 -10.87 -9.52
N ASP A 41 -0.81 -9.87 -10.38
CA ASP A 41 -1.76 -9.65 -11.45
C ASP A 41 -1.20 -8.70 -12.51
N VAL A 42 -1.39 -9.05 -13.77
CA VAL A 42 -0.90 -8.23 -14.87
C VAL A 42 -2.05 -7.66 -15.69
N ARG A 43 -1.91 -6.40 -16.11
CA ARG A 43 -2.94 -5.74 -16.89
C ARG A 43 -2.40 -5.34 -18.26
N ILE A 44 -3.25 -5.43 -19.27
CA ILE A 44 -2.87 -5.08 -20.64
C ILE A 44 -3.80 -4.02 -21.22
N GLY A 45 -3.23 -3.07 -21.96
CA GLY A 45 -4.02 -2.02 -22.56
C GLY A 45 -4.86 -2.51 -23.72
N MET A 46 -5.53 -1.59 -24.41
CA MET A 46 -6.36 -1.94 -25.55
C MET A 46 -5.52 -2.15 -26.80
N THR A 47 -4.44 -1.38 -26.91
CA THR A 47 -3.55 -1.48 -28.06
C THR A 47 -2.59 -2.65 -27.92
N ARG A 48 -2.61 -3.29 -26.75
CA ARG A 48 -1.74 -4.43 -26.49
C ARG A 48 -0.28 -4.04 -26.63
N LYS A 49 0.00 -2.74 -26.57
CA LYS A 49 1.35 -2.24 -26.68
C LYS A 49 1.90 -1.80 -25.32
N PHE A 50 1.00 -1.71 -24.34
CA PHE A 50 1.40 -1.31 -22.99
C PHE A 50 0.42 -1.86 -21.95
N GLY A 51 0.73 -1.64 -20.68
CA GLY A 51 -0.12 -2.13 -19.61
C GLY A 51 0.46 -1.87 -18.25
N TYR A 52 0.04 -2.67 -17.26
CA TYR A 52 0.53 -2.53 -15.89
C TYR A 52 0.86 -3.89 -15.29
N VAL A 53 1.67 -3.88 -14.24
CA VAL A 53 2.06 -5.11 -13.56
C VAL A 53 2.01 -4.94 -12.04
N ASP A 54 1.26 -5.81 -11.38
CA ASP A 54 1.13 -5.76 -9.93
C ASP A 54 2.05 -6.79 -9.28
N PHE A 55 2.69 -6.37 -8.19
CA PHE A 55 3.61 -7.24 -7.46
C PHE A 55 3.11 -7.50 -6.04
N GLU A 56 3.52 -8.62 -5.47
CA GLU A 56 3.12 -8.98 -4.11
C GLU A 56 3.36 -7.82 -3.15
N SER A 57 4.59 -7.34 -3.10
CA SER A 57 4.95 -6.24 -2.22
C SER A 57 5.72 -5.17 -2.98
N ALA A 58 6.06 -4.08 -2.28
CA ALA A 58 6.80 -2.98 -2.88
C ALA A 58 8.18 -3.44 -3.34
N GLU A 59 8.76 -4.38 -2.60
CA GLU A 59 10.09 -4.90 -2.93
C GLU A 59 10.16 -5.33 -4.39
N ASP A 60 9.29 -6.27 -4.76
CA ASP A 60 9.25 -6.77 -6.13
C ASP A 60 8.69 -5.71 -7.08
N LEU A 61 7.91 -4.79 -6.53
CA LEU A 61 7.31 -3.73 -7.33
C LEU A 61 8.39 -2.78 -7.87
N GLU A 62 9.23 -2.29 -6.97
CA GLU A 62 10.30 -1.37 -7.34
C GLU A 62 11.49 -2.13 -7.93
N LYS A 63 11.65 -3.38 -7.50
CA LYS A 63 12.75 -4.22 -7.98
C LYS A 63 12.82 -4.20 -9.50
N ALA A 64 11.69 -4.48 -10.14
CA ALA A 64 11.62 -4.50 -11.60
C ALA A 64 12.05 -3.16 -12.18
N LEU A 65 11.80 -2.09 -11.44
CA LEU A 65 12.16 -0.75 -11.88
C LEU A 65 13.66 -0.50 -11.72
N GLU A 66 14.34 -1.43 -11.05
CA GLU A 66 15.77 -1.31 -10.84
C GLU A 66 16.54 -2.23 -11.78
N LEU A 67 16.17 -3.50 -11.79
CA LEU A 67 16.82 -4.49 -12.65
C LEU A 67 16.64 -4.13 -14.12
N THR A 68 17.26 -4.91 -15.00
CA THR A 68 17.18 -4.68 -16.43
C THR A 68 17.22 -5.99 -17.21
N GLY A 69 17.03 -5.90 -18.51
CA GLY A 69 17.04 -7.09 -19.35
C GLY A 69 15.69 -7.77 -19.42
N LEU A 70 14.64 -6.97 -19.46
CA LEU A 70 13.27 -7.49 -19.54
C LEU A 70 12.70 -7.35 -20.95
N LYS A 71 12.31 -8.47 -21.54
CA LYS A 71 11.74 -8.46 -22.88
C LYS A 71 10.77 -9.63 -23.07
N VAL A 72 9.84 -9.47 -24.01
CA VAL A 72 8.87 -10.52 -24.29
C VAL A 72 8.48 -10.53 -25.76
N PHE A 73 8.26 -11.72 -26.30
CA PHE A 73 7.89 -11.88 -27.70
C PHE A 73 8.95 -11.27 -28.61
N GLY A 74 10.19 -11.20 -28.12
CA GLY A 74 11.28 -10.65 -28.90
C GLY A 74 11.51 -9.18 -28.60
N ASN A 75 10.44 -8.41 -28.48
CA ASN A 75 10.54 -6.99 -28.18
C ASN A 75 10.92 -6.75 -26.72
N GLU A 76 11.51 -5.60 -26.44
CA GLU A 76 11.92 -5.25 -25.08
C GLU A 76 10.91 -4.33 -24.42
N ILE A 77 10.25 -4.82 -23.38
CA ILE A 77 9.26 -4.04 -22.66
C ILE A 77 9.91 -2.87 -21.92
N LYS A 78 9.09 -1.90 -21.53
CA LYS A 78 9.58 -0.73 -20.82
C LYS A 78 8.86 -0.55 -19.49
N LEU A 79 9.64 -0.53 -18.41
CA LEU A 79 9.07 -0.37 -17.07
C LEU A 79 9.08 1.10 -16.64
N GLU A 80 7.97 1.56 -16.08
CA GLU A 80 7.86 2.94 -15.62
C GLU A 80 6.86 3.05 -14.47
N LYS A 81 6.77 4.25 -13.89
CA LYS A 81 5.85 4.49 -12.79
C LYS A 81 4.69 5.37 -13.23
N PRO A 82 3.48 5.06 -12.74
CA PRO A 82 2.27 5.81 -13.07
C PRO A 82 2.26 7.20 -12.45
N LYS A 83 1.17 7.92 -12.63
CA LYS A 83 1.03 9.27 -12.08
C LYS A 83 -0.40 9.77 -12.22
N GLY A 84 -0.77 10.71 -11.36
CA GLY A 84 -2.12 11.26 -11.40
C GLY A 84 -2.82 11.18 -10.06
N LYS A 85 -3.97 11.84 -9.95
CA LYS A 85 -4.74 11.83 -8.71
C LYS A 85 -5.74 10.68 -8.69
N ASP A 86 -5.59 9.78 -7.74
CA ASP A 86 -6.48 8.64 -7.61
C ASP A 86 -6.67 8.26 -6.14
N SER A 87 -7.54 7.29 -5.89
CA SER A 87 -7.82 6.84 -4.53
C SER A 87 -6.56 6.25 -3.89
N LYS A 88 -5.59 5.91 -4.72
CA LYS A 88 -4.34 5.33 -4.24
C LYS A 88 -3.71 6.23 -3.18
N LYS A 89 -3.96 7.54 -3.30
CA LYS A 89 -3.41 8.51 -2.35
C LYS A 89 -3.88 8.20 -0.93
N GLU A 90 -4.97 7.47 -0.81
CA GLU A 90 -5.52 7.11 0.49
C GLU A 90 -4.45 6.49 1.38
N ARG A 91 -3.82 5.43 0.88
CA ARG A 91 -2.77 4.76 1.64
C ARG A 91 -1.56 5.66 1.82
N ASP A 92 -1.31 6.52 0.85
CA ASP A 92 -0.18 7.45 0.91
C ASP A 92 -0.39 8.49 1.99
N ALA A 93 -1.62 8.59 2.48
CA ALA A 93 -1.96 9.54 3.53
C ALA A 93 -1.39 9.12 4.88
N ARG A 94 -0.86 7.89 4.93
CA ARG A 94 -0.29 7.36 6.16
C ARG A 94 -1.26 7.53 7.32
N THR A 95 -2.54 7.30 7.06
CA THR A 95 -3.57 7.43 8.09
C THR A 95 -3.25 6.56 9.29
N LEU A 96 -3.74 6.97 10.46
CA LEU A 96 -3.51 6.21 11.69
C LEU A 96 -4.61 5.18 11.91
N LEU A 97 -4.26 4.08 12.58
CA LEU A 97 -5.21 3.02 12.86
C LEU A 97 -5.24 2.69 14.35
N ALA A 98 -6.42 2.34 14.85
CA ALA A 98 -6.59 2.00 16.25
C ALA A 98 -6.79 0.50 16.44
N LYS A 99 -6.11 -0.07 17.43
CA LYS A 99 -6.21 -1.50 17.70
C LYS A 99 -6.41 -1.75 19.20
N ASN A 100 -6.69 -3.00 19.56
CA ASN A 100 -6.89 -3.37 20.95
C ASN A 100 -8.12 -2.67 21.52
N LEU A 101 -9.19 -2.61 20.73
CA LEU A 101 -10.42 -1.97 21.16
C LEU A 101 -11.51 -3.01 21.41
N PRO A 102 -12.35 -2.77 22.43
CA PRO A 102 -13.45 -3.67 22.79
C PRO A 102 -14.56 -3.66 21.75
N TYR A 103 -15.55 -4.52 21.94
CA TYR A 103 -16.68 -4.61 21.02
C TYR A 103 -17.75 -3.59 21.37
N LYS A 104 -17.54 -2.87 22.48
CA LYS A 104 -18.49 -1.86 22.92
C LYS A 104 -17.86 -0.47 22.85
N VAL A 105 -16.81 -0.34 22.05
CA VAL A 105 -16.13 0.95 21.89
C VAL A 105 -16.76 1.77 20.78
N THR A 106 -16.63 3.09 20.88
CA THR A 106 -17.19 3.99 19.88
C THR A 106 -16.16 5.03 19.43
N GLN A 107 -16.35 5.57 18.24
CA GLN A 107 -15.44 6.57 17.69
C GLN A 107 -15.06 7.59 18.75
N ASP A 108 -16.05 8.06 19.50
CA ASP A 108 -15.83 9.05 20.55
C ASP A 108 -14.68 8.62 21.46
N GLU A 109 -14.71 7.36 21.89
CA GLU A 109 -13.67 6.83 22.77
C GLU A 109 -12.28 7.14 22.22
N LEU A 110 -12.17 7.15 20.89
CA LEU A 110 -10.90 7.43 20.24
C LEU A 110 -10.73 8.92 19.98
N LYS A 111 -11.86 9.61 19.81
CA LYS A 111 -11.83 11.05 19.57
C LYS A 111 -11.48 11.81 20.83
N GLU A 112 -11.46 11.11 21.96
CA GLU A 112 -11.14 11.73 23.24
C GLU A 112 -9.64 12.00 23.35
N VAL A 113 -8.88 11.48 22.40
CA VAL A 113 -7.44 11.67 22.38
C VAL A 113 -7.02 12.55 21.20
N PHE A 114 -7.54 12.25 20.02
CA PHE A 114 -7.22 13.01 18.82
C PHE A 114 -8.40 13.86 18.39
N GLU A 115 -9.12 14.41 19.36
CA GLU A 115 -10.28 15.25 19.07
C GLU A 115 -9.90 16.41 18.15
N ASP A 116 -8.62 16.74 18.13
CA ASP A 116 -8.12 17.83 17.29
C ASP A 116 -7.87 17.35 15.87
N ALA A 117 -7.82 16.03 15.69
CA ALA A 117 -7.60 15.44 14.37
C ALA A 117 -8.56 16.03 13.34
N ALA A 118 -8.31 15.71 12.08
CA ALA A 118 -9.15 16.20 10.99
C ALA A 118 -10.51 15.50 11.00
N GLU A 119 -10.50 14.19 10.77
CA GLU A 119 -11.74 13.41 10.75
C GLU A 119 -11.53 12.07 11.44
N ILE A 120 -12.64 11.39 11.73
CA ILE A 120 -12.59 10.09 12.39
C ILE A 120 -13.53 9.10 11.72
N ARG A 121 -13.14 7.83 11.71
CA ARG A 121 -13.94 6.78 11.10
C ARG A 121 -13.73 5.44 11.80
N LEU A 122 -14.78 4.93 12.45
CA LEU A 122 -14.70 3.66 13.16
C LEU A 122 -15.11 2.51 12.26
N VAL A 123 -14.70 1.30 12.64
CA VAL A 123 -15.02 0.11 11.86
C VAL A 123 -15.90 -0.85 12.67
N SER A 124 -17.17 -0.92 12.32
CA SER A 124 -18.11 -1.80 13.01
C SER A 124 -19.03 -2.51 12.02
N LYS A 125 -19.38 -3.76 12.33
CA LYS A 125 -20.24 -4.54 11.47
C LYS A 125 -21.33 -5.24 12.28
N ASP A 126 -22.50 -5.41 11.69
CA ASP A 126 -23.62 -6.06 12.36
C ASP A 126 -24.07 -5.27 13.58
N GLY A 127 -23.82 -3.96 13.54
CA GLY A 127 -24.21 -3.10 14.64
C GLY A 127 -23.29 -3.23 15.83
N LYS A 128 -22.17 -3.91 15.63
CA LYS A 128 -21.19 -4.11 16.70
C LYS A 128 -19.79 -3.73 16.23
N SER A 129 -18.99 -3.18 17.15
CA SER A 129 -17.63 -2.76 16.83
C SER A 129 -16.79 -3.96 16.41
N LYS A 130 -15.80 -3.72 15.56
CA LYS A 130 -14.91 -4.77 15.07
C LYS A 130 -13.66 -4.85 15.92
N GLY A 131 -13.38 -3.80 16.67
CA GLY A 131 -12.20 -3.78 17.53
C GLY A 131 -11.09 -2.91 16.96
N ILE A 132 -11.38 -2.21 15.87
CA ILE A 132 -10.41 -1.33 15.23
C ILE A 132 -10.99 0.04 14.95
N ALA A 133 -10.16 0.94 14.44
CA ALA A 133 -10.60 2.30 14.13
C ALA A 133 -9.65 2.97 13.12
N TYR A 134 -10.20 3.87 12.32
CA TYR A 134 -9.40 4.57 11.33
C TYR A 134 -9.57 6.08 11.47
N ILE A 135 -8.45 6.81 11.43
CA ILE A 135 -8.47 8.26 11.56
C ILE A 135 -7.73 8.91 10.39
N GLU A 136 -8.33 9.94 9.82
CA GLU A 136 -7.73 10.66 8.71
C GLU A 136 -7.32 12.07 9.12
N PHE A 137 -6.01 12.27 9.29
CA PHE A 137 -5.48 13.56 9.69
C PHE A 137 -5.33 14.49 8.49
N LYS A 138 -5.03 15.75 8.76
CA LYS A 138 -4.87 16.75 7.70
C LYS A 138 -3.56 16.51 6.93
N THR A 139 -2.61 15.85 7.59
CA THR A 139 -1.32 15.56 6.98
C THR A 139 -0.65 14.36 7.63
N GLU A 140 0.03 13.55 6.82
CA GLU A 140 0.71 12.37 7.33
C GLU A 140 1.60 12.72 8.52
N ALA A 141 2.11 13.95 8.52
CA ALA A 141 2.98 14.41 9.60
C ALA A 141 2.21 14.54 10.91
N ASP A 142 0.97 14.98 10.82
CA ASP A 142 0.12 15.15 12.00
C ASP A 142 -0.34 13.80 12.53
N ALA A 143 -0.70 12.91 11.62
CA ALA A 143 -1.16 11.57 12.00
C ALA A 143 -0.05 10.77 12.67
N GLU A 144 1.05 10.57 11.94
CA GLU A 144 2.18 9.82 12.47
C GLU A 144 2.65 10.41 13.80
N LYS A 145 2.41 11.70 13.98
CA LYS A 145 2.80 12.39 15.20
C LYS A 145 1.82 12.11 16.34
N THR A 146 0.53 12.07 15.99
CA THR A 146 -0.51 11.80 16.98
C THR A 146 -0.41 10.38 17.52
N PHE A 147 0.28 9.52 16.78
CA PHE A 147 0.45 8.13 17.19
C PHE A 147 0.83 8.04 18.65
N GLU A 148 1.98 8.62 19.00
CA GLU A 148 2.47 8.60 20.37
C GLU A 148 1.81 9.71 21.20
N GLU A 149 1.62 10.86 20.58
CA GLU A 149 0.99 12.00 21.26
C GLU A 149 -0.37 11.62 21.80
N LYS A 150 -1.01 10.64 21.16
CA LYS A 150 -2.33 10.18 21.59
C LYS A 150 -2.22 8.87 22.34
N GLN A 151 -1.21 8.07 22.03
CA GLN A 151 -1.01 6.79 22.68
C GLN A 151 -0.81 6.97 24.18
N GLY A 152 -1.37 6.05 24.96
CA GLY A 152 -1.25 6.13 26.41
C GLY A 152 -2.59 6.28 27.10
N THR A 153 -3.65 6.48 26.31
CA THR A 153 -4.98 6.64 26.84
C THR A 153 -5.60 5.30 27.23
N GLU A 154 -6.59 5.34 28.11
CA GLU A 154 -7.25 4.12 28.56
C GLU A 154 -8.75 4.18 28.30
N ILE A 155 -9.33 3.04 27.94
CA ILE A 155 -10.76 2.96 27.65
C ILE A 155 -11.29 1.56 27.91
N ASP A 156 -12.45 1.49 28.58
CA ASP A 156 -13.06 0.21 28.89
C ASP A 156 -12.19 -0.62 29.81
N GLY A 157 -11.28 0.05 30.52
CA GLY A 157 -10.39 -0.64 31.44
C GLY A 157 -9.06 -0.97 30.80
N ARG A 158 -9.06 -1.15 29.49
CA ARG A 158 -7.84 -1.48 28.76
C ARG A 158 -7.22 -0.23 28.15
N SER A 159 -6.12 -0.42 27.41
CA SER A 159 -5.42 0.70 26.79
C SER A 159 -5.41 0.52 25.27
N ILE A 160 -6.03 1.47 24.57
CA ILE A 160 -6.08 1.44 23.12
C ILE A 160 -4.75 1.87 22.51
N SER A 161 -4.28 1.13 21.51
CA SER A 161 -3.03 1.43 20.84
C SER A 161 -3.27 1.95 19.42
N LEU A 162 -2.37 2.79 18.94
CA LEU A 162 -2.48 3.35 17.60
C LEU A 162 -1.29 2.95 16.73
N TYR A 163 -1.54 2.77 15.44
CA TYR A 163 -0.49 2.39 14.50
C TYR A 163 -0.76 2.97 13.11
N TYR A 164 0.21 3.70 12.58
CA TYR A 164 0.08 4.30 11.26
C TYR A 164 0.11 3.24 10.16
N THR A 165 -0.72 3.42 9.15
CA THR A 165 -0.80 2.48 8.04
C THR A 165 -1.45 3.12 6.81
N GLY A 166 -1.15 2.56 5.64
CA GLY A 166 -1.71 3.10 4.41
C GLY A 166 -2.81 2.23 3.84
N GLU A 167 -2.46 0.99 3.50
CA GLU A 167 -3.43 0.06 2.93
C GLU A 167 -4.19 -0.66 4.04
N PRO A 168 -5.43 -1.10 3.73
CA PRO A 168 -6.29 -1.79 4.69
C PRO A 168 -5.77 -3.19 5.01
N LYS A 169 -6.22 -3.74 6.13
CA LYS A 169 -5.80 -5.07 6.56
C LYS A 169 -6.98 -6.05 6.53
N GLY A 170 -6.70 -7.31 6.82
CA GLY A 170 -7.75 -8.32 6.82
C GLY A 170 -8.46 -8.42 5.49
N GLU A 171 -7.79 -7.99 4.43
CA GLU A 171 -8.37 -8.03 3.09
C GLU A 171 -8.18 -9.40 2.46
N GLY A 172 -7.00 -9.98 2.67
CA GLY A 172 -6.71 -11.28 2.11
C GLY A 172 -5.78 -12.10 2.99
N LEU A 173 -5.65 -11.69 4.25
CA LEU A 173 -4.80 -12.39 5.19
C LEU A 173 -5.39 -13.73 5.58
N GLU A 174 -6.64 -13.72 6.01
CA GLU A 174 -7.33 -14.94 6.41
C GLU A 174 -8.64 -15.11 5.63
N GLY A 1 21.45 -11.35 -3.32
CA GLY A 1 21.89 -10.06 -3.84
C GLY A 1 20.76 -9.08 -4.01
N THR A 2 20.73 -8.37 -5.13
CA THR A 2 19.69 -7.40 -5.40
C THR A 2 18.87 -7.79 -6.63
N GLU A 3 17.80 -8.53 -6.40
CA GLU A 3 16.93 -8.97 -7.48
C GLU A 3 16.44 -7.79 -8.30
N PRO A 4 15.71 -6.87 -7.64
CA PRO A 4 15.18 -5.67 -8.29
C PRO A 4 16.26 -4.67 -8.68
N THR A 5 15.90 -3.70 -9.50
CA THR A 5 16.85 -2.68 -9.95
C THR A 5 16.66 -1.38 -9.18
N THR A 6 15.41 -1.08 -8.83
CA THR A 6 15.09 0.13 -8.10
C THR A 6 14.57 -0.18 -6.71
N ALA A 7 14.32 0.87 -5.93
CA ALA A 7 13.81 0.70 -4.57
C ALA A 7 12.29 0.77 -4.53
N PHE A 8 11.65 0.21 -5.55
CA PHE A 8 10.20 0.20 -5.64
C PHE A 8 9.67 -1.17 -6.03
N ASN A 9 9.42 -2.02 -5.03
CA ASN A 9 8.92 -3.36 -5.27
C ASN A 9 7.84 -3.73 -4.25
N LEU A 10 6.92 -4.60 -4.67
CA LEU A 10 5.84 -5.02 -3.80
C LEU A 10 5.63 -6.53 -3.90
N PHE A 11 5.15 -7.14 -2.81
CA PHE A 11 4.90 -8.57 -2.77
C PHE A 11 3.58 -8.91 -3.46
N VAL A 12 3.65 -9.79 -4.46
CA VAL A 12 2.46 -10.19 -5.19
C VAL A 12 2.13 -11.65 -4.93
N GLY A 13 0.89 -12.05 -5.21
CA GLY A 13 0.47 -13.42 -4.99
C GLY A 13 -0.65 -13.82 -5.93
N ASN A 14 -1.03 -15.10 -5.87
CA ASN A 14 -2.10 -15.62 -6.72
C ASN A 14 -1.76 -15.42 -8.19
N LEU A 15 -0.60 -15.93 -8.61
CA LEU A 15 -0.17 -15.81 -9.99
C LEU A 15 -0.40 -17.11 -10.74
N ASN A 16 -1.13 -18.03 -10.12
CA ASN A 16 -1.42 -19.32 -10.74
C ASN A 16 -0.14 -20.14 -10.92
N PHE A 17 -0.24 -21.44 -10.65
CA PHE A 17 0.91 -22.34 -10.78
C PHE A 17 0.66 -23.39 -11.86
N ASN A 18 0.66 -22.95 -13.12
CA ASN A 18 0.44 -23.84 -14.24
C ASN A 18 1.51 -23.66 -15.30
N LYS A 19 1.88 -22.41 -15.57
CA LYS A 19 2.89 -22.10 -16.56
C LYS A 19 4.28 -22.14 -15.94
N SER A 20 5.29 -21.84 -16.76
CA SER A 20 6.67 -21.84 -16.29
C SER A 20 6.92 -20.68 -15.32
N ALA A 21 8.10 -20.68 -14.70
CA ALA A 21 8.47 -19.63 -13.76
C ALA A 21 8.59 -18.28 -14.47
N PRO A 22 9.51 -18.20 -15.44
CA PRO A 22 9.75 -16.97 -16.20
C PRO A 22 8.58 -16.63 -17.13
N GLU A 23 7.62 -17.55 -17.23
CA GLU A 23 6.46 -17.33 -18.08
C GLU A 23 5.39 -16.53 -17.35
N LEU A 24 5.50 -16.46 -16.03
CA LEU A 24 4.54 -15.72 -15.22
C LEU A 24 4.89 -14.23 -15.20
N LYS A 25 6.18 -13.93 -15.18
CA LYS A 25 6.65 -12.55 -15.17
C LYS A 25 6.03 -11.76 -16.31
N THR A 26 5.87 -12.41 -17.46
CA THR A 26 5.29 -11.76 -18.63
C THR A 26 3.88 -11.26 -18.35
N GLY A 27 2.98 -12.18 -18.04
CA GLY A 27 1.61 -11.82 -17.74
C GLY A 27 1.51 -10.78 -16.64
N ILE A 28 2.28 -10.98 -15.57
CA ILE A 28 2.27 -10.07 -14.44
C ILE A 28 2.61 -8.65 -14.89
N SER A 29 3.68 -8.52 -15.66
CA SER A 29 4.11 -7.22 -16.15
C SER A 29 3.18 -6.71 -17.25
N ASP A 30 2.44 -7.63 -17.86
CA ASP A 30 1.52 -7.28 -18.93
C ASP A 30 0.27 -6.58 -18.36
N VAL A 31 -0.41 -7.26 -17.43
CA VAL A 31 -1.60 -6.71 -16.82
C VAL A 31 -1.35 -5.31 -16.27
N PHE A 32 -0.21 -5.14 -15.61
CA PHE A 32 0.14 -3.84 -15.04
C PHE A 32 0.41 -2.82 -16.15
N ALA A 33 0.77 -3.30 -17.32
CA ALA A 33 1.04 -2.43 -18.45
C ALA A 33 -0.24 -1.78 -18.97
N LYS A 34 -1.37 -2.42 -18.71
CA LYS A 34 -2.66 -1.90 -19.13
C LYS A 34 -3.19 -0.86 -18.15
N ASN A 35 -2.68 -0.92 -16.92
CA ASN A 35 -3.10 0.03 -15.89
C ASN A 35 -2.15 1.22 -15.80
N ASP A 36 -1.49 1.51 -16.92
CA ASP A 36 -0.55 2.63 -16.97
C ASP A 36 0.59 2.42 -15.98
N LEU A 37 0.94 1.16 -15.73
CA LEU A 37 2.01 0.84 -14.81
C LEU A 37 3.20 0.22 -15.53
N ALA A 38 4.37 0.83 -15.36
CA ALA A 38 5.58 0.33 -16.01
C ALA A 38 6.48 -0.39 -15.01
N VAL A 39 6.66 -1.69 -15.21
CA VAL A 39 7.49 -2.49 -14.33
C VAL A 39 8.92 -2.60 -14.87
N VAL A 40 9.89 -2.49 -13.98
CA VAL A 40 11.30 -2.58 -14.36
C VAL A 40 11.80 -4.02 -14.28
N ASP A 41 11.17 -4.81 -13.42
CA ASP A 41 11.54 -6.21 -13.24
C ASP A 41 10.52 -6.95 -12.41
N VAL A 42 10.38 -8.25 -12.65
CA VAL A 42 9.43 -9.08 -11.92
C VAL A 42 10.07 -10.37 -11.44
N ARG A 43 9.72 -10.79 -10.23
CA ARG A 43 10.26 -12.01 -9.65
C ARG A 43 9.15 -12.95 -9.22
N ILE A 44 9.39 -14.25 -9.37
CA ILE A 44 8.41 -15.26 -8.99
C ILE A 44 9.01 -16.29 -8.03
N GLY A 45 8.25 -16.65 -7.01
CA GLY A 45 8.71 -17.62 -6.04
C GLY A 45 8.93 -18.99 -6.65
N MET A 46 9.23 -19.98 -5.81
CA MET A 46 9.46 -21.34 -6.27
C MET A 46 8.13 -22.06 -6.52
N THR A 47 7.13 -21.74 -5.70
CA THR A 47 5.81 -22.36 -5.82
C THR A 47 5.08 -21.85 -7.06
N ARG A 48 5.62 -20.81 -7.67
CA ARG A 48 5.02 -20.23 -8.87
C ARG A 48 3.61 -19.74 -8.58
N LYS A 49 3.35 -19.43 -7.31
CA LYS A 49 2.02 -18.94 -6.91
C LYS A 49 2.10 -17.50 -6.43
N PHE A 50 3.31 -17.03 -6.14
CA PHE A 50 3.52 -15.67 -5.68
C PHE A 50 4.88 -15.14 -6.11
N GLY A 51 5.17 -13.89 -5.76
CA GLY A 51 6.44 -13.29 -6.13
C GLY A 51 6.50 -11.82 -5.80
N TYR A 52 7.28 -11.07 -6.58
CA TYR A 52 7.43 -9.64 -6.36
C TYR A 52 7.40 -8.89 -7.70
N VAL A 53 7.09 -7.60 -7.64
CA VAL A 53 7.04 -6.76 -8.84
C VAL A 53 7.71 -5.42 -8.60
N ASP A 54 8.66 -5.08 -9.46
CA ASP A 54 9.37 -3.81 -9.35
C ASP A 54 8.82 -2.79 -10.33
N PHE A 55 8.60 -1.57 -9.84
CA PHE A 55 8.07 -0.50 -10.68
C PHE A 55 9.09 0.64 -10.82
N GLU A 56 9.01 1.35 -11.94
CA GLU A 56 9.93 2.45 -12.20
C GLU A 56 9.99 3.40 -11.01
N SER A 57 8.83 3.88 -10.58
CA SER A 57 8.74 4.80 -9.46
C SER A 57 7.68 4.35 -8.46
N ALA A 58 7.74 4.89 -7.24
CA ALA A 58 6.78 4.53 -6.21
C ALA A 58 5.35 4.76 -6.68
N GLU A 59 5.18 5.68 -7.63
CA GLU A 59 3.87 5.98 -8.17
C GLU A 59 3.20 4.72 -8.73
N ASP A 60 3.86 4.08 -9.68
CA ASP A 60 3.33 2.87 -10.29
C ASP A 60 3.14 1.77 -9.24
N LEU A 61 4.09 1.66 -8.33
CA LEU A 61 4.02 0.65 -7.28
C LEU A 61 2.77 0.84 -6.42
N GLU A 62 2.67 2.00 -5.76
CA GLU A 62 1.53 2.29 -4.91
C GLU A 62 0.23 2.22 -5.71
N LYS A 63 0.29 2.61 -6.98
CA LYS A 63 -0.87 2.59 -7.84
C LYS A 63 -1.48 1.19 -7.91
N ALA A 64 -0.62 0.18 -8.02
CA ALA A 64 -1.06 -1.20 -8.09
C ALA A 64 -1.68 -1.65 -6.77
N LEU A 65 -1.39 -0.90 -5.70
CA LEU A 65 -1.91 -1.21 -4.38
C LEU A 65 -3.27 -0.56 -4.16
N GLU A 66 -3.66 0.29 -5.10
CA GLU A 66 -4.95 0.99 -5.01
C GLU A 66 -5.87 0.56 -6.14
N LEU A 67 -5.36 0.61 -7.37
CA LEU A 67 -6.14 0.23 -8.55
C LEU A 67 -6.63 -1.21 -8.43
N THR A 68 -7.42 -1.64 -9.41
CA THR A 68 -7.95 -3.00 -9.42
C THR A 68 -8.02 -3.56 -10.84
N GLY A 69 -8.57 -4.76 -10.98
CA GLY A 69 -8.68 -5.38 -12.28
C GLY A 69 -7.36 -5.96 -12.75
N LEU A 70 -6.73 -6.76 -11.90
CA LEU A 70 -5.45 -7.38 -12.24
C LEU A 70 -5.54 -8.90 -12.13
N LYS A 71 -5.37 -9.58 -13.26
CA LYS A 71 -5.43 -11.04 -13.29
C LYS A 71 -4.58 -11.59 -14.44
N VAL A 72 -4.03 -12.78 -14.23
CA VAL A 72 -3.20 -13.42 -15.25
C VAL A 72 -3.47 -14.92 -15.30
N PHE A 73 -3.53 -15.46 -16.52
CA PHE A 73 -3.78 -16.89 -16.71
C PHE A 73 -5.15 -17.28 -16.14
N GLY A 74 -6.03 -16.30 -16.02
CA GLY A 74 -7.35 -16.57 -15.48
C GLY A 74 -7.48 -16.18 -14.02
N ASN A 75 -6.48 -16.52 -13.23
CA ASN A 75 -6.49 -16.21 -11.80
C ASN A 75 -6.23 -14.72 -11.57
N GLU A 76 -6.74 -14.20 -10.46
CA GLU A 76 -6.56 -12.80 -10.12
C GLU A 76 -5.43 -12.62 -9.11
N ILE A 77 -4.35 -11.97 -9.55
CA ILE A 77 -3.20 -11.73 -8.68
C ILE A 77 -3.56 -10.78 -7.55
N LYS A 78 -2.74 -10.78 -6.50
CA LYS A 78 -2.96 -9.92 -5.35
C LYS A 78 -1.67 -9.23 -4.93
N LEU A 79 -1.73 -7.91 -4.78
CA LEU A 79 -0.56 -7.12 -4.38
C LEU A 79 -0.55 -6.91 -2.87
N GLU A 80 0.65 -6.87 -2.29
CA GLU A 80 0.81 -6.67 -0.86
C GLU A 80 2.16 -6.05 -0.55
N LYS A 81 2.33 -5.60 0.70
CA LYS A 81 3.58 -4.99 1.13
C LYS A 81 4.39 -5.97 2.00
N PRO A 82 5.66 -6.16 1.62
CA PRO A 82 6.56 -7.06 2.35
C PRO A 82 6.94 -6.51 3.72
N LYS A 83 7.90 -7.17 4.37
CA LYS A 83 8.35 -6.76 5.69
C LYS A 83 9.65 -5.97 5.60
N GLY A 84 9.89 -5.09 6.57
CA GLY A 84 11.09 -4.29 6.58
C GLY A 84 11.47 -3.83 7.97
N LYS A 85 12.74 -3.47 8.16
CA LYS A 85 13.22 -3.01 9.45
C LYS A 85 14.54 -2.25 9.29
N ASP A 86 14.54 -1.25 8.43
CA ASP A 86 15.73 -0.44 8.20
C ASP A 86 15.79 0.75 9.16
N SER A 87 16.94 1.41 9.19
CA SER A 87 17.13 2.55 10.08
C SER A 87 16.07 3.63 9.81
N LYS A 88 15.54 3.62 8.60
CA LYS A 88 14.52 4.59 8.22
C LYS A 88 13.30 4.49 9.13
N LYS A 89 13.15 3.34 9.77
CA LYS A 89 12.02 3.11 10.67
C LYS A 89 11.92 4.22 11.70
N GLU A 90 13.06 4.83 12.02
CA GLU A 90 13.10 5.91 13.00
C GLU A 90 12.07 6.98 12.67
N ARG A 91 12.19 7.55 11.49
CA ARG A 91 11.26 8.60 11.05
C ARG A 91 10.01 7.99 10.43
N ASP A 92 10.15 6.79 9.88
CA ASP A 92 9.03 6.10 9.25
C ASP A 92 7.93 5.81 10.26
N ALA A 93 8.27 5.91 11.54
CA ALA A 93 7.31 5.67 12.61
C ALA A 93 6.63 6.96 13.05
N ARG A 94 7.34 8.08 12.88
CA ARG A 94 6.80 9.38 13.25
C ARG A 94 5.42 9.60 12.64
N THR A 95 5.33 9.47 11.32
CA THR A 95 4.07 9.65 10.62
C THR A 95 3.37 8.32 10.38
N LEU A 96 2.05 8.32 10.50
CA LEU A 96 1.26 7.11 10.29
C LEU A 96 0.38 7.23 9.06
N LEU A 97 -0.10 6.10 8.56
CA LEU A 97 -0.97 6.08 7.39
C LEU A 97 -2.25 5.33 7.67
N ALA A 98 -3.36 5.82 7.10
CA ALA A 98 -4.66 5.19 7.28
C ALA A 98 -5.11 4.47 6.02
N LYS A 99 -5.37 3.17 6.14
CA LYS A 99 -5.81 2.37 5.01
C LYS A 99 -7.11 1.65 5.32
N ASN A 100 -7.67 0.99 4.32
CA ASN A 100 -8.93 0.26 4.50
C ASN A 100 -10.07 1.22 4.80
N LEU A 101 -10.13 2.33 4.08
CA LEU A 101 -11.18 3.33 4.28
C LEU A 101 -12.05 3.46 3.04
N PRO A 102 -13.34 3.73 3.25
CA PRO A 102 -14.30 3.88 2.15
C PRO A 102 -14.07 5.16 1.35
N TYR A 103 -14.69 5.25 0.18
CA TYR A 103 -14.53 6.42 -0.68
C TYR A 103 -15.38 7.58 -0.17
N LYS A 104 -16.16 7.33 0.88
CA LYS A 104 -17.01 8.35 1.47
C LYS A 104 -16.59 8.66 2.90
N VAL A 105 -15.35 8.32 3.22
CA VAL A 105 -14.81 8.55 4.56
C VAL A 105 -14.17 9.94 4.66
N THR A 106 -14.11 10.48 5.87
CA THR A 106 -13.52 11.79 6.10
C THR A 106 -12.57 11.77 7.29
N GLN A 107 -11.71 12.79 7.37
CA GLN A 107 -10.76 12.88 8.47
C GLN A 107 -11.43 12.58 9.80
N ASP A 108 -12.58 13.19 10.04
CA ASP A 108 -13.32 12.99 11.28
C ASP A 108 -13.45 11.50 11.59
N GLU A 109 -13.68 10.70 10.56
CA GLU A 109 -13.83 9.25 10.73
C GLU A 109 -12.66 8.68 11.52
N LEU A 110 -11.48 9.25 11.32
CA LEU A 110 -10.29 8.79 12.02
C LEU A 110 -10.12 9.52 13.36
N LYS A 111 -10.54 10.78 13.39
CA LYS A 111 -10.45 11.58 14.60
C LYS A 111 -11.33 11.00 15.71
N GLU A 112 -12.19 10.06 15.35
CA GLU A 112 -13.09 9.42 16.31
C GLU A 112 -12.33 8.40 17.15
N VAL A 113 -11.07 8.17 16.80
CA VAL A 113 -10.24 7.21 17.51
C VAL A 113 -8.98 7.86 18.05
N PHE A 114 -8.07 8.20 17.14
CA PHE A 114 -6.81 8.83 17.52
C PHE A 114 -6.95 10.36 17.51
N GLU A 115 -8.03 10.85 18.11
CA GLU A 115 -8.27 12.28 18.18
C GLU A 115 -7.14 13.01 18.91
N ASP A 116 -6.38 12.25 19.69
CA ASP A 116 -5.26 12.80 20.44
C ASP A 116 -4.06 13.04 19.54
N ALA A 117 -4.07 12.44 18.36
CA ALA A 117 -2.98 12.59 17.41
C ALA A 117 -2.58 14.05 17.26
N ALA A 118 -1.37 14.27 16.76
CA ALA A 118 -0.86 15.62 16.57
C ALA A 118 -1.64 16.36 15.47
N GLU A 119 -1.53 15.85 14.25
CA GLU A 119 -2.22 16.45 13.11
C GLU A 119 -2.80 15.37 12.20
N ILE A 120 -3.91 15.70 11.54
CA ILE A 120 -4.56 14.77 10.64
C ILE A 120 -4.66 15.35 9.23
N ARG A 121 -4.41 14.51 8.23
CA ARG A 121 -4.48 14.94 6.84
C ARG A 121 -5.01 13.82 5.94
N LEU A 122 -6.23 13.99 5.45
CA LEU A 122 -6.86 13.01 4.59
C LEU A 122 -6.52 13.27 3.12
N VAL A 123 -6.45 12.20 2.33
CA VAL A 123 -6.13 12.31 0.92
C VAL A 123 -7.36 12.04 0.06
N SER A 124 -7.97 13.11 -0.44
CA SER A 124 -9.17 12.99 -1.28
C SER A 124 -9.03 13.83 -2.54
N LYS A 125 -9.76 13.44 -3.59
CA LYS A 125 -9.72 14.15 -4.85
C LYS A 125 -11.12 14.44 -5.37
N ASP A 126 -11.38 15.68 -5.74
CA ASP A 126 -12.69 16.08 -6.24
C ASP A 126 -13.76 15.93 -5.16
N GLY A 127 -13.32 15.83 -3.92
CA GLY A 127 -14.25 15.68 -2.81
C GLY A 127 -14.54 14.23 -2.50
N LYS A 128 -13.65 13.34 -2.92
CA LYS A 128 -13.82 11.91 -2.67
C LYS A 128 -12.55 11.31 -2.06
N SER A 129 -12.73 10.55 -0.98
CA SER A 129 -11.60 9.93 -0.30
C SER A 129 -11.00 8.82 -1.16
N LYS A 130 -9.83 9.10 -1.75
CA LYS A 130 -9.15 8.14 -2.60
C LYS A 130 -9.03 6.78 -1.89
N GLY A 131 -9.04 6.82 -0.56
CA GLY A 131 -8.94 5.59 0.20
C GLY A 131 -7.70 5.57 1.09
N ILE A 132 -7.26 6.74 1.52
CA ILE A 132 -6.09 6.85 2.38
C ILE A 132 -6.12 8.15 3.19
N ALA A 133 -5.24 8.24 4.18
CA ALA A 133 -5.16 9.42 5.02
C ALA A 133 -3.88 9.44 5.83
N TYR A 134 -3.05 10.47 5.60
CA TYR A 134 -1.79 10.59 6.30
C TYR A 134 -1.96 11.37 7.61
N ILE A 135 -1.24 10.94 8.64
CA ILE A 135 -1.31 11.60 9.94
C ILE A 135 0.07 11.73 10.57
N GLU A 136 0.39 12.94 11.03
CA GLU A 136 1.68 13.20 11.66
C GLU A 136 1.54 13.28 13.17
N PHE A 137 1.97 12.23 13.86
CA PHE A 137 1.89 12.17 15.31
C PHE A 137 3.00 13.00 15.95
N LYS A 138 2.94 13.17 17.26
CA LYS A 138 3.93 13.95 17.99
C LYS A 138 5.28 13.23 18.01
N THR A 139 5.22 11.90 17.99
CA THR A 139 6.44 11.09 18.01
C THR A 139 6.13 9.64 17.63
N GLU A 140 7.13 8.96 17.07
CA GLU A 140 6.97 7.56 16.66
C GLU A 140 6.41 6.72 17.81
N ALA A 141 6.90 6.99 19.02
CA ALA A 141 6.45 6.26 20.20
C ALA A 141 4.97 6.48 20.45
N ASP A 142 4.48 7.65 20.05
CA ASP A 142 3.07 7.99 20.23
C ASP A 142 2.22 7.43 19.09
N ALA A 143 2.76 7.46 17.88
CA ALA A 143 2.06 6.96 16.71
C ALA A 143 2.07 5.43 16.67
N GLU A 144 3.27 4.85 16.63
CA GLU A 144 3.41 3.41 16.59
C GLU A 144 2.62 2.75 17.73
N LYS A 145 2.44 3.49 18.82
CA LYS A 145 1.70 2.98 19.97
C LYS A 145 0.20 3.18 19.78
N THR A 146 -0.19 4.40 19.44
CA THR A 146 -1.60 4.72 19.24
C THR A 146 -2.21 3.84 18.17
N PHE A 147 -1.38 3.35 17.26
CA PHE A 147 -1.84 2.49 16.18
C PHE A 147 -2.71 1.35 16.73
N GLU A 148 -2.12 0.55 17.61
CA GLU A 148 -2.83 -0.58 18.20
C GLU A 148 -3.70 -0.11 19.37
N GLU A 149 -3.38 1.05 19.92
CA GLU A 149 -4.13 1.60 21.05
C GLU A 149 -5.49 2.11 20.59
N LYS A 150 -5.61 2.35 19.29
CA LYS A 150 -6.87 2.83 18.71
C LYS A 150 -7.44 1.82 17.72
N GLN A 151 -6.56 1.07 17.08
CA GLN A 151 -6.97 0.07 16.11
C GLN A 151 -8.10 -0.80 16.67
N GLY A 152 -9.06 -1.14 15.81
CA GLY A 152 -10.17 -1.96 16.23
C GLY A 152 -11.51 -1.23 16.13
N THR A 153 -11.47 -0.02 15.60
CA THR A 153 -12.68 0.77 15.45
C THR A 153 -13.43 0.40 14.17
N GLU A 154 -14.70 0.80 14.09
CA GLU A 154 -15.52 0.50 12.93
C GLU A 154 -16.11 1.79 12.35
N ILE A 155 -16.04 1.90 11.02
CA ILE A 155 -16.57 3.08 10.33
C ILE A 155 -17.18 2.70 8.99
N ASP A 156 -18.37 3.22 8.72
CA ASP A 156 -19.06 2.94 7.46
C ASP A 156 -19.39 1.45 7.34
N GLY A 157 -19.43 0.77 8.48
CA GLY A 157 -19.73 -0.65 8.49
C GLY A 157 -18.49 -1.51 8.47
N ARG A 158 -17.40 -0.97 7.92
CA ARG A 158 -16.15 -1.71 7.85
C ARG A 158 -15.23 -1.32 9.00
N SER A 159 -14.02 -1.89 9.01
CA SER A 159 -13.05 -1.62 10.05
C SER A 159 -11.80 -0.97 9.47
N ILE A 160 -11.52 0.26 9.89
CA ILE A 160 -10.35 0.98 9.41
C ILE A 160 -9.09 0.52 10.12
N SER A 161 -8.01 0.38 9.36
CA SER A 161 -6.73 -0.06 9.92
C SER A 161 -5.65 1.00 9.71
N LEU A 162 -4.74 1.10 10.67
CA LEU A 162 -3.66 2.07 10.60
C LEU A 162 -2.31 1.38 10.37
N TYR A 163 -1.41 2.05 9.67
CA TYR A 163 -0.10 1.49 9.39
C TYR A 163 0.95 2.60 9.30
N TYR A 164 2.00 2.47 10.10
CA TYR A 164 3.07 3.45 10.12
C TYR A 164 3.88 3.41 8.83
N THR A 165 4.21 4.59 8.30
CA THR A 165 4.98 4.68 7.07
C THR A 165 5.20 6.14 6.67
N GLY A 166 6.35 6.69 7.04
CA GLY A 166 6.66 8.07 6.72
C GLY A 166 8.00 8.21 6.01
N GLU A 167 8.11 7.62 4.84
CA GLU A 167 9.35 7.67 4.07
C GLU A 167 9.80 9.12 3.88
N PRO A 168 11.10 9.31 3.56
CA PRO A 168 11.68 10.64 3.35
C PRO A 168 11.17 11.29 2.07
N LYS A 169 11.39 12.60 1.96
CA LYS A 169 10.96 13.34 0.78
C LYS A 169 12.11 13.53 -0.20
N GLY A 170 13.34 13.31 0.28
CA GLY A 170 14.51 13.46 -0.56
C GLY A 170 15.27 14.73 -0.28
N GLU A 171 15.04 15.31 0.89
CA GLU A 171 15.71 16.55 1.27
C GLU A 171 17.21 16.32 1.42
N GLY A 172 17.57 15.16 1.95
CA GLY A 172 18.98 14.84 2.14
C GLY A 172 19.32 13.42 1.74
N LEU A 173 18.44 12.82 0.93
CA LEU A 173 18.64 11.44 0.47
C LEU A 173 19.75 11.39 -0.57
N GLU A 174 19.72 12.32 -1.52
CA GLU A 174 20.72 12.37 -2.58
C GLU A 174 22.08 12.76 -2.02
N GLY A 1 20.64 -4.89 -3.49
CA GLY A 1 19.56 -5.67 -4.08
C GLY A 1 19.86 -7.15 -4.12
N THR A 2 18.90 -7.96 -3.68
CA THR A 2 19.07 -9.41 -3.67
C THR A 2 18.14 -10.08 -4.67
N GLU A 3 16.85 -10.07 -4.36
CA GLU A 3 15.84 -10.67 -5.23
C GLU A 3 15.72 -9.91 -6.54
N PRO A 4 15.34 -8.62 -6.44
CA PRO A 4 15.18 -7.75 -7.60
C PRO A 4 16.51 -7.41 -8.27
N THR A 5 16.45 -6.72 -9.40
CA THR A 5 17.64 -6.33 -10.13
C THR A 5 17.89 -4.84 -10.02
N THR A 6 16.82 -4.05 -9.94
CA THR A 6 16.92 -2.61 -9.83
C THR A 6 16.24 -2.10 -8.57
N ALA A 7 16.37 -0.80 -8.30
CA ALA A 7 15.76 -0.19 -7.12
C ALA A 7 14.36 0.34 -7.45
N PHE A 8 13.61 -0.42 -8.22
CA PHE A 8 12.25 -0.03 -8.60
C PHE A 8 11.28 -1.19 -8.46
N ASN A 9 10.89 -1.49 -7.22
CA ASN A 9 9.97 -2.58 -6.95
C ASN A 9 8.78 -2.09 -6.14
N LEU A 10 7.65 -2.79 -6.27
CA LEU A 10 6.43 -2.42 -5.55
C LEU A 10 5.79 -3.66 -4.92
N PHE A 11 5.14 -3.46 -3.78
CA PHE A 11 4.48 -4.55 -3.07
C PHE A 11 3.11 -4.83 -3.68
N VAL A 12 2.94 -6.05 -4.19
CA VAL A 12 1.68 -6.46 -4.81
C VAL A 12 1.00 -7.53 -3.98
N GLY A 13 -0.31 -7.70 -4.20
CA GLY A 13 -1.06 -8.69 -3.47
C GLY A 13 -2.25 -9.22 -4.26
N ASN A 14 -3.00 -10.12 -3.65
CA ASN A 14 -4.17 -10.71 -4.30
C ASN A 14 -3.80 -11.30 -5.66
N LEU A 15 -2.85 -12.22 -5.66
CA LEU A 15 -2.40 -12.85 -6.89
C LEU A 15 -3.01 -14.25 -7.03
N ASN A 16 -3.97 -14.56 -6.17
CA ASN A 16 -4.63 -15.86 -6.20
C ASN A 16 -3.66 -16.98 -5.87
N PHE A 17 -4.14 -17.99 -5.15
CA PHE A 17 -3.31 -19.12 -4.76
C PHE A 17 -3.85 -20.42 -5.34
N ASN A 18 -3.75 -20.56 -6.67
CA ASN A 18 -4.23 -21.74 -7.36
C ASN A 18 -3.14 -22.35 -8.22
N LYS A 19 -2.34 -21.49 -8.83
CA LYS A 19 -1.24 -21.94 -9.69
C LYS A 19 0.06 -22.04 -8.91
N SER A 20 1.13 -22.43 -9.59
CA SER A 20 2.44 -22.56 -8.96
C SER A 20 2.99 -21.20 -8.57
N ALA A 21 4.02 -21.19 -7.73
CA ALA A 21 4.65 -19.96 -7.28
C ALA A 21 5.21 -19.17 -8.46
N PRO A 22 6.13 -19.79 -9.21
CA PRO A 22 6.76 -19.16 -10.38
C PRO A 22 5.78 -18.98 -11.54
N GLU A 23 4.60 -19.59 -11.41
CA GLU A 23 3.58 -19.49 -12.45
C GLU A 23 2.76 -18.21 -12.29
N LEU A 24 2.82 -17.62 -11.11
CA LEU A 24 2.08 -16.39 -10.81
C LEU A 24 2.79 -15.18 -11.40
N LYS A 25 4.11 -15.19 -11.34
CA LYS A 25 4.92 -14.09 -11.86
C LYS A 25 4.52 -13.77 -13.30
N THR A 26 4.38 -14.81 -14.12
CA THR A 26 4.00 -14.64 -15.52
C THR A 26 2.77 -13.76 -15.65
N GLY A 27 1.65 -14.21 -15.08
CA GLY A 27 0.42 -13.45 -15.15
C GLY A 27 0.59 -12.02 -14.65
N ILE A 28 1.22 -11.87 -13.49
CA ILE A 28 1.45 -10.55 -12.92
C ILE A 28 2.14 -9.62 -13.92
N SER A 29 3.23 -10.11 -14.51
CA SER A 29 3.99 -9.32 -15.48
C SER A 29 3.22 -9.20 -16.79
N ASP A 30 2.27 -10.12 -16.99
CA ASP A 30 1.47 -10.12 -18.21
C ASP A 30 0.52 -8.93 -18.24
N VAL A 31 -0.34 -8.83 -17.23
CA VAL A 31 -1.30 -7.73 -17.14
C VAL A 31 -0.61 -6.39 -17.31
N PHE A 32 0.61 -6.28 -16.79
CA PHE A 32 1.38 -5.05 -16.89
C PHE A 32 1.85 -4.80 -18.33
N ALA A 33 2.18 -5.89 -19.02
CA ALA A 33 2.65 -5.79 -20.40
C ALA A 33 1.58 -5.17 -21.29
N LYS A 34 0.33 -5.32 -20.91
CA LYS A 34 -0.79 -4.76 -21.67
C LYS A 34 -0.93 -3.26 -21.40
N ASN A 35 -0.43 -2.81 -20.26
CA ASN A 35 -0.49 -1.41 -19.89
C ASN A 35 0.78 -0.68 -20.27
N ASP A 36 1.48 -1.20 -21.28
CA ASP A 36 2.73 -0.59 -21.75
C ASP A 36 3.76 -0.56 -20.63
N LEU A 37 3.65 -1.51 -19.70
CA LEU A 37 4.58 -1.60 -18.57
C LEU A 37 5.51 -2.78 -18.73
N ALA A 38 6.82 -2.52 -18.68
CA ALA A 38 7.82 -3.57 -18.81
C ALA A 38 8.48 -3.86 -17.47
N VAL A 39 8.31 -5.09 -16.99
CA VAL A 39 8.89 -5.51 -15.72
C VAL A 39 10.23 -6.21 -15.93
N VAL A 40 11.17 -5.97 -15.01
CA VAL A 40 12.49 -6.58 -15.10
C VAL A 40 12.53 -7.91 -14.34
N ASP A 41 11.71 -8.02 -13.31
CA ASP A 41 11.65 -9.23 -12.51
C ASP A 41 10.49 -9.18 -11.50
N VAL A 42 9.81 -10.30 -11.33
CA VAL A 42 8.68 -10.37 -10.41
C VAL A 42 8.94 -11.39 -9.30
N ARG A 43 8.53 -11.05 -8.09
CA ARG A 43 8.71 -11.93 -6.95
C ARG A 43 7.37 -12.37 -6.36
N ILE A 44 7.34 -13.57 -5.80
CA ILE A 44 6.12 -14.11 -5.21
C ILE A 44 6.35 -14.55 -3.78
N GLY A 45 5.30 -14.45 -2.96
CA GLY A 45 5.42 -14.85 -1.56
C GLY A 45 5.28 -16.34 -1.37
N MET A 46 5.24 -16.77 -0.12
CA MET A 46 5.12 -18.19 0.21
C MET A 46 3.66 -18.64 0.11
N THR A 47 2.75 -17.78 0.55
CA THR A 47 1.33 -18.08 0.52
C THR A 47 0.79 -18.05 -0.91
N ARG A 48 1.61 -17.57 -1.84
CA ARG A 48 1.22 -17.49 -3.24
C ARG A 48 0.01 -16.58 -3.41
N LYS A 49 -0.14 -15.63 -2.51
CA LYS A 49 -1.26 -14.68 -2.56
C LYS A 49 -0.77 -13.26 -2.81
N PHE A 50 0.52 -13.03 -2.55
CA PHE A 50 1.11 -11.71 -2.76
C PHE A 50 2.56 -11.83 -3.21
N GLY A 51 3.19 -10.70 -3.49
CA GLY A 51 4.57 -10.70 -3.93
C GLY A 51 5.08 -9.30 -4.23
N TYR A 52 6.00 -9.20 -5.19
CA TYR A 52 6.57 -7.92 -5.57
C TYR A 52 6.78 -7.85 -7.08
N VAL A 53 6.88 -6.62 -7.60
CA VAL A 53 7.09 -6.42 -9.03
C VAL A 53 8.15 -5.36 -9.28
N ASP A 54 9.19 -5.74 -10.02
CA ASP A 54 10.28 -4.82 -10.34
C ASP A 54 10.12 -4.26 -11.74
N PHE A 55 10.31 -2.95 -11.88
CA PHE A 55 10.18 -2.29 -13.17
C PHE A 55 11.52 -1.71 -13.61
N GLU A 56 11.69 -1.54 -14.92
CA GLU A 56 12.92 -1.00 -15.47
C GLU A 56 13.32 0.28 -14.76
N SER A 57 12.41 1.25 -14.75
CA SER A 57 12.67 2.54 -14.11
C SER A 57 11.47 2.97 -13.25
N ALA A 58 11.69 3.94 -12.38
CA ALA A 58 10.64 4.45 -11.52
C ALA A 58 9.39 4.83 -12.32
N GLU A 59 9.61 5.23 -13.57
CA GLU A 59 8.50 5.62 -14.44
C GLU A 59 7.49 4.50 -14.56
N ASP A 60 7.93 3.34 -15.01
CA ASP A 60 7.05 2.19 -15.16
C ASP A 60 6.48 1.76 -13.82
N LEU A 61 7.30 1.80 -12.79
CA LEU A 61 6.87 1.42 -11.44
C LEU A 61 5.70 2.28 -10.98
N GLU A 62 5.88 3.60 -11.07
CA GLU A 62 4.83 4.53 -10.66
C GLU A 62 3.65 4.48 -11.61
N LYS A 63 3.93 4.21 -12.88
CA LYS A 63 2.90 4.14 -13.90
C LYS A 63 1.78 3.18 -13.47
N ALA A 64 2.17 2.00 -13.02
CA ALA A 64 1.21 1.00 -12.58
C ALA A 64 0.31 1.54 -11.47
N LEU A 65 0.87 2.44 -10.66
CA LEU A 65 0.12 3.04 -9.56
C LEU A 65 -0.87 4.08 -10.08
N GLU A 66 -0.67 4.52 -11.31
CA GLU A 66 -1.54 5.50 -11.93
C GLU A 66 -2.66 4.83 -12.71
N LEU A 67 -2.29 3.91 -13.60
CA LEU A 67 -3.26 3.18 -14.41
C LEU A 67 -4.17 2.32 -13.54
N THR A 68 -5.15 1.68 -14.16
CA THR A 68 -6.08 0.81 -13.43
C THR A 68 -6.46 -0.40 -14.27
N GLY A 69 -7.24 -1.29 -13.67
CA GLY A 69 -7.67 -2.49 -14.38
C GLY A 69 -6.62 -3.57 -14.38
N LEU A 70 -6.01 -3.81 -13.22
CA LEU A 70 -4.97 -4.83 -13.09
C LEU A 70 -5.51 -6.07 -12.38
N LYS A 71 -5.54 -7.19 -13.10
CA LYS A 71 -6.03 -8.44 -12.54
C LYS A 71 -5.22 -9.63 -13.07
N VAL A 72 -5.20 -10.71 -12.30
CA VAL A 72 -4.47 -11.91 -12.70
C VAL A 72 -5.21 -13.17 -12.26
N PHE A 73 -5.38 -14.09 -13.19
CA PHE A 73 -6.06 -15.35 -12.92
C PHE A 73 -7.49 -15.09 -12.42
N GLY A 74 -8.07 -14.00 -12.89
CA GLY A 74 -9.43 -13.65 -12.47
C GLY A 74 -9.45 -12.71 -11.30
N ASN A 75 -8.63 -12.99 -10.29
CA ASN A 75 -8.55 -12.15 -9.10
C ASN A 75 -7.82 -10.85 -9.39
N GLU A 76 -8.38 -9.73 -8.91
CA GLU A 76 -7.77 -8.42 -9.13
C GLU A 76 -6.63 -8.19 -8.15
N ILE A 77 -5.41 -8.13 -8.68
CA ILE A 77 -4.23 -7.91 -7.85
C ILE A 77 -4.27 -6.53 -7.19
N LYS A 78 -3.55 -6.39 -6.09
CA LYS A 78 -3.49 -5.13 -5.37
C LYS A 78 -2.07 -4.56 -5.34
N LEU A 79 -1.92 -3.34 -5.86
CA LEU A 79 -0.61 -2.69 -5.89
C LEU A 79 -0.42 -1.79 -4.68
N GLU A 80 0.75 -1.87 -4.07
CA GLU A 80 1.07 -1.05 -2.91
C GLU A 80 2.57 -0.81 -2.80
N LYS A 81 2.96 0.08 -1.88
CA LYS A 81 4.36 0.40 -1.68
C LYS A 81 4.89 -0.26 -0.41
N PRO A 82 6.15 -0.74 -0.46
CA PRO A 82 6.80 -1.40 0.68
C PRO A 82 7.11 -0.43 1.80
N LYS A 83 7.76 -0.93 2.85
CA LYS A 83 8.14 -0.10 3.99
C LYS A 83 9.48 -0.55 4.57
N GLY A 84 9.89 0.10 5.65
CA GLY A 84 11.15 -0.25 6.29
C GLY A 84 11.06 -0.18 7.81
N LYS A 85 12.07 -0.74 8.47
CA LYS A 85 12.11 -0.74 9.93
C LYS A 85 13.39 -0.08 10.45
N ASP A 86 13.51 1.22 10.19
CA ASP A 86 14.69 1.97 10.63
C ASP A 86 14.47 2.54 12.03
N SER A 87 15.58 2.78 12.75
CA SER A 87 15.51 3.32 14.10
C SER A 87 14.76 4.65 14.11
N LYS A 88 14.73 5.32 12.97
CA LYS A 88 14.04 6.60 12.86
C LYS A 88 12.58 6.47 13.23
N LYS A 89 12.05 5.26 13.12
CA LYS A 89 10.65 4.99 13.46
C LYS A 89 10.34 5.44 14.88
N GLU A 90 11.37 5.46 15.73
CA GLU A 90 11.20 5.87 17.12
C GLU A 90 10.64 7.28 17.21
N ARG A 91 11.32 8.23 16.58
CA ARG A 91 10.89 9.62 16.59
C ARG A 91 9.81 9.86 15.54
N ASP A 92 9.89 9.13 14.44
CA ASP A 92 8.93 9.27 13.35
C ASP A 92 7.59 8.65 13.74
N ALA A 93 7.58 7.94 14.88
CA ALA A 93 6.36 7.30 15.35
C ALA A 93 5.25 8.31 15.59
N ARG A 94 5.63 9.58 15.74
CA ARG A 94 4.67 10.65 15.97
C ARG A 94 3.56 10.60 14.93
N THR A 95 3.94 10.56 13.65
CA THR A 95 2.98 10.53 12.56
C THR A 95 2.66 9.09 12.16
N LEU A 96 1.37 8.80 12.02
CA LEU A 96 0.93 7.47 11.65
C LEU A 96 0.38 7.45 10.22
N LEU A 97 0.30 6.26 9.63
CA LEU A 97 -0.22 6.12 8.27
C LEU A 97 -1.29 5.04 8.21
N ALA A 98 -2.38 5.36 7.52
CA ALA A 98 -3.49 4.42 7.37
C ALA A 98 -3.49 3.78 5.99
N LYS A 99 -3.94 2.53 5.93
CA LYS A 99 -4.00 1.81 4.66
C LYS A 99 -5.26 0.95 4.58
N ASN A 100 -5.47 0.32 3.43
CA ASN A 100 -6.63 -0.52 3.22
C ASN A 100 -7.92 0.28 3.40
N LEU A 101 -8.04 1.37 2.65
CA LEU A 101 -9.23 2.22 2.73
C LEU A 101 -9.89 2.36 1.36
N PRO A 102 -11.22 2.34 1.35
CA PRO A 102 -12.01 2.45 0.11
C PRO A 102 -11.93 3.85 -0.48
N TYR A 103 -12.24 3.96 -1.77
CA TYR A 103 -12.20 5.24 -2.47
C TYR A 103 -13.32 6.15 -1.98
N LYS A 104 -14.28 5.58 -1.26
CA LYS A 104 -15.40 6.35 -0.73
C LYS A 104 -15.24 6.58 0.77
N VAL A 105 -14.01 6.45 1.26
CA VAL A 105 -13.72 6.66 2.67
C VAL A 105 -13.32 8.10 2.96
N THR A 106 -13.48 8.53 4.21
CA THR A 106 -13.14 9.88 4.61
C THR A 106 -12.42 9.90 5.95
N GLN A 107 -11.80 11.03 6.27
CA GLN A 107 -11.07 11.16 7.52
C GLN A 107 -11.87 10.61 8.69
N ASP A 108 -13.14 10.99 8.74
CA ASP A 108 -14.03 10.53 9.81
C ASP A 108 -13.95 9.01 9.97
N GLU A 109 -13.83 8.31 8.85
CA GLU A 109 -13.75 6.85 8.86
C GLU A 109 -12.68 6.38 9.84
N LEU A 110 -11.60 7.16 9.95
CA LEU A 110 -10.50 6.82 10.86
C LEU A 110 -10.75 7.40 12.25
N LYS A 111 -11.40 8.55 12.30
CA LYS A 111 -11.71 9.20 13.58
C LYS A 111 -12.66 8.35 14.40
N GLU A 112 -13.25 7.34 13.77
CA GLU A 112 -14.18 6.46 14.46
C GLU A 112 -13.44 5.49 15.37
N VAL A 113 -12.11 5.51 15.30
CA VAL A 113 -11.29 4.64 16.12
C VAL A 113 -10.31 5.44 16.97
N PHE A 114 -9.34 6.05 16.31
CA PHE A 114 -8.33 6.86 17.00
C PHE A 114 -8.75 8.32 17.07
N GLU A 115 -10.00 8.55 17.44
CA GLU A 115 -10.54 9.91 17.55
C GLU A 115 -9.75 10.72 18.57
N ASP A 116 -9.03 10.03 19.45
CA ASP A 116 -8.24 10.69 20.47
C ASP A 116 -6.96 11.28 19.87
N ALA A 117 -6.62 10.84 18.67
CA ALA A 117 -5.43 11.32 17.98
C ALA A 117 -5.36 12.85 18.01
N ALA A 118 -4.17 13.39 17.77
CA ALA A 118 -3.97 14.83 17.76
C ALA A 118 -4.63 15.48 16.54
N GLU A 119 -4.15 15.13 15.36
CA GLU A 119 -4.69 15.67 14.13
C GLU A 119 -4.83 14.58 13.06
N ILE A 120 -5.73 14.81 12.11
CA ILE A 120 -5.96 13.85 11.05
C ILE A 120 -5.90 14.52 9.67
N ARG A 121 -5.36 13.81 8.69
CA ARG A 121 -5.24 14.34 7.34
C ARG A 121 -5.37 13.21 6.31
N LEU A 122 -6.43 13.27 5.51
CA LEU A 122 -6.68 12.26 4.49
C LEU A 122 -6.08 12.69 3.15
N VAL A 123 -5.70 11.71 2.34
CA VAL A 123 -5.12 11.99 1.02
C VAL A 123 -6.09 11.66 -0.09
N SER A 124 -6.35 12.64 -0.96
CA SER A 124 -7.27 12.46 -2.07
C SER A 124 -6.97 13.45 -3.19
N LYS A 125 -7.31 13.06 -4.42
CA LYS A 125 -7.08 13.92 -5.58
C LYS A 125 -8.31 13.95 -6.48
N ASP A 126 -8.65 15.13 -6.98
CA ASP A 126 -9.80 15.30 -7.85
C ASP A 126 -11.09 14.97 -7.11
N GLY A 127 -11.05 15.03 -5.79
CA GLY A 127 -12.22 14.73 -4.99
C GLY A 127 -12.40 13.24 -4.77
N LYS A 128 -11.35 12.46 -5.02
CA LYS A 128 -11.41 11.02 -4.84
C LYS A 128 -10.24 10.54 -3.98
N SER A 129 -10.55 9.67 -3.02
CA SER A 129 -9.54 9.13 -2.13
C SER A 129 -8.55 8.24 -2.89
N LYS A 130 -7.30 8.25 -2.46
CA LYS A 130 -6.26 7.44 -3.10
C LYS A 130 -6.09 6.12 -2.37
N GLY A 131 -6.57 6.05 -1.13
CA GLY A 131 -6.46 4.84 -0.35
C GLY A 131 -5.45 4.96 0.77
N ILE A 132 -5.34 6.16 1.33
CA ILE A 132 -4.41 6.42 2.42
C ILE A 132 -4.83 7.63 3.24
N ALA A 133 -4.19 7.81 4.39
CA ALA A 133 -4.50 8.93 5.27
C ALA A 133 -3.42 9.13 6.32
N TYR A 134 -2.78 10.30 6.29
CA TYR A 134 -1.72 10.60 7.24
C TYR A 134 -2.28 11.25 8.51
N ILE A 135 -1.69 10.92 9.65
CA ILE A 135 -2.13 11.46 10.92
C ILE A 135 -0.94 11.85 11.80
N GLU A 136 -1.10 12.92 12.56
CA GLU A 136 -0.04 13.40 13.44
C GLU A 136 -0.48 13.33 14.90
N PHE A 137 0.02 12.33 15.62
CA PHE A 137 -0.33 12.15 17.02
C PHE A 137 0.46 13.12 17.90
N LYS A 138 0.11 13.18 19.18
CA LYS A 138 0.77 14.06 20.12
C LYS A 138 2.16 13.53 20.49
N THR A 139 2.21 12.25 20.85
CA THR A 139 3.47 11.62 21.21
C THR A 139 3.59 10.22 20.62
N GLU A 140 4.81 9.81 20.31
CA GLU A 140 5.06 8.49 19.73
C GLU A 140 4.44 7.39 20.60
N ALA A 141 4.32 7.68 21.90
CA ALA A 141 3.74 6.72 22.84
C ALA A 141 2.24 6.55 22.60
N ASP A 142 1.59 7.63 22.15
CA ASP A 142 0.16 7.60 21.89
C ASP A 142 -0.13 7.04 20.50
N ALA A 143 0.72 7.39 19.53
CA ALA A 143 0.55 6.92 18.17
C ALA A 143 0.94 5.46 18.03
N GLU A 144 2.20 5.16 18.37
CA GLU A 144 2.69 3.79 18.29
C GLU A 144 1.80 2.84 19.06
N LYS A 145 1.11 3.36 20.07
CA LYS A 145 0.22 2.55 20.89
C LYS A 145 -1.17 2.49 20.27
N THR A 146 -1.73 3.65 19.95
CA THR A 146 -3.05 3.73 19.35
C THR A 146 -3.15 2.85 18.11
N PHE A 147 -2.01 2.63 17.46
CA PHE A 147 -1.97 1.81 16.26
C PHE A 147 -2.65 0.46 16.50
N GLU A 148 -2.16 -0.28 17.48
CA GLU A 148 -2.71 -1.59 17.81
C GLU A 148 -3.93 -1.44 18.73
N GLU A 149 -4.04 -0.28 19.37
CA GLU A 149 -5.16 -0.02 20.27
C GLU A 149 -6.44 0.28 19.50
N LYS A 150 -6.28 0.61 18.22
CA LYS A 150 -7.41 0.92 17.36
C LYS A 150 -7.50 -0.07 16.20
N GLN A 151 -6.35 -0.57 15.77
CA GLN A 151 -6.29 -1.52 14.67
C GLN A 151 -7.28 -2.67 14.88
N GLY A 152 -7.87 -3.14 13.79
CA GLY A 152 -8.84 -4.23 13.89
C GLY A 152 -10.25 -3.79 13.55
N THR A 153 -10.46 -2.47 13.53
CA THR A 153 -11.78 -1.92 13.22
C THR A 153 -12.21 -2.28 11.81
N GLU A 154 -13.50 -2.13 11.54
CA GLU A 154 -14.05 -2.44 10.23
C GLU A 154 -14.78 -1.24 9.64
N ILE A 155 -14.52 -0.97 8.36
CA ILE A 155 -15.15 0.15 7.67
C ILE A 155 -15.46 -0.19 6.22
N ASP A 156 -16.69 0.08 5.81
CA ASP A 156 -17.12 -0.20 4.44
C ASP A 156 -17.09 -1.70 4.16
N GLY A 157 -17.10 -2.49 5.22
CA GLY A 157 -17.07 -3.94 5.07
C GLY A 157 -15.68 -4.51 5.21
N ARG A 158 -14.67 -3.71 4.89
CA ARG A 158 -13.28 -4.13 4.99
C ARG A 158 -12.68 -3.72 6.33
N SER A 159 -11.40 -4.04 6.52
CA SER A 159 -10.71 -3.70 7.76
C SER A 159 -9.52 -2.78 7.48
N ILE A 160 -9.57 -1.57 8.03
CA ILE A 160 -8.51 -0.60 7.85
C ILE A 160 -7.34 -0.88 8.78
N SER A 161 -6.13 -0.70 8.28
CA SER A 161 -4.93 -0.93 9.08
C SER A 161 -4.18 0.37 9.33
N LEU A 162 -3.21 0.31 10.24
CA LEU A 162 -2.42 1.50 10.58
C LEU A 162 -0.94 1.14 10.72
N TYR A 163 -0.07 2.05 10.33
CA TYR A 163 1.37 1.83 10.42
C TYR A 163 2.11 3.14 10.65
N TYR A 164 2.90 3.19 11.71
CA TYR A 164 3.67 4.38 12.05
C TYR A 164 4.75 4.65 11.01
N THR A 165 4.81 5.89 10.52
CA THR A 165 5.80 6.26 9.52
C THR A 165 5.80 7.77 9.30
N GLY A 166 6.98 8.38 9.42
CA GLY A 166 7.09 9.82 9.23
C GLY A 166 8.46 10.23 8.71
N GLU A 167 8.86 9.65 7.58
CA GLU A 167 10.16 9.96 6.98
C GLU A 167 9.98 10.68 5.65
N PRO A 168 11.03 11.42 5.24
CA PRO A 168 11.01 12.17 3.99
C PRO A 168 11.05 11.27 2.77
N LYS A 169 10.67 11.81 1.61
CA LYS A 169 10.66 11.05 0.37
C LYS A 169 12.01 10.38 0.12
N GLY A 170 12.99 11.18 -0.28
CA GLY A 170 14.32 10.65 -0.55
C GLY A 170 14.46 10.11 -1.96
N GLU A 171 13.52 10.48 -2.83
CA GLU A 171 13.55 10.03 -4.21
C GLU A 171 14.78 10.57 -4.94
N GLY A 172 15.09 11.83 -4.70
CA GLY A 172 16.23 12.45 -5.35
C GLY A 172 16.78 13.62 -4.55
N LEU A 173 16.46 13.66 -3.26
CA LEU A 173 16.93 14.74 -2.39
C LEU A 173 18.13 14.29 -1.57
N GLU A 174 18.06 13.07 -1.05
CA GLU A 174 19.15 12.51 -0.25
C GLU A 174 20.49 12.63 -0.99
N GLY A 1 6.30 -5.34 8.55
CA GLY A 1 5.42 -4.18 8.50
C GLY A 1 5.74 -3.26 7.34
N THR A 2 5.97 -3.85 6.16
CA THR A 2 6.29 -3.07 4.98
C THR A 2 5.84 -3.78 3.71
N GLU A 3 5.04 -3.09 2.90
CA GLU A 3 4.55 -3.66 1.65
C GLU A 3 5.69 -4.21 0.80
N PRO A 4 6.62 -3.32 0.43
CA PRO A 4 7.78 -3.70 -0.39
C PRO A 4 8.78 -4.56 0.38
N THR A 5 9.82 -5.01 -0.31
CA THR A 5 10.84 -5.85 0.31
C THR A 5 12.22 -5.23 0.15
N THR A 6 12.52 -4.75 -1.05
CA THR A 6 13.81 -4.14 -1.33
C THR A 6 13.65 -2.68 -1.74
N ALA A 7 14.77 -2.03 -2.04
CA ALA A 7 14.75 -0.63 -2.45
C ALA A 7 14.62 -0.50 -3.96
N PHE A 8 14.39 -1.62 -4.63
CA PHE A 8 14.26 -1.62 -6.08
C PHE A 8 12.81 -1.89 -6.49
N ASN A 9 12.12 -0.84 -6.93
CA ASN A 9 10.73 -0.96 -7.36
C ASN A 9 10.43 0.00 -8.50
N LEU A 10 9.38 -0.30 -9.26
CA LEU A 10 8.98 0.54 -10.38
C LEU A 10 7.46 0.67 -10.45
N PHE A 11 6.99 1.81 -10.92
CA PHE A 11 5.55 2.06 -11.04
C PHE A 11 5.00 1.46 -12.33
N VAL A 12 4.04 0.55 -12.18
CA VAL A 12 3.43 -0.09 -13.33
C VAL A 12 1.97 0.32 -13.49
N GLY A 13 1.42 0.11 -14.69
CA GLY A 13 0.05 0.48 -14.95
C GLY A 13 -0.58 -0.38 -16.03
N ASN A 14 -1.86 -0.11 -16.32
CA ASN A 14 -2.57 -0.88 -17.34
C ASN A 14 -2.50 -2.37 -17.06
N LEU A 15 -2.96 -2.77 -15.87
CA LEU A 15 -2.93 -4.17 -15.49
C LEU A 15 -4.34 -4.78 -15.57
N ASN A 16 -5.27 -4.01 -16.12
CA ASN A 16 -6.65 -4.47 -16.27
C ASN A 16 -7.32 -4.63 -14.91
N PHE A 17 -8.49 -4.02 -14.76
CA PHE A 17 -9.23 -4.08 -13.51
C PHE A 17 -10.47 -4.97 -13.65
N ASN A 18 -10.25 -6.27 -13.71
CA ASN A 18 -11.34 -7.23 -13.85
C ASN A 18 -11.23 -8.35 -12.81
N LYS A 19 -10.00 -8.80 -12.58
CA LYS A 19 -9.75 -9.86 -11.61
C LYS A 19 -9.66 -9.31 -10.19
N SER A 20 -9.42 -10.19 -9.23
CA SER A 20 -9.31 -9.78 -7.83
C SER A 20 -8.08 -8.90 -7.62
N ALA A 21 -8.00 -8.27 -6.46
CA ALA A 21 -6.88 -7.40 -6.12
C ALA A 21 -5.57 -8.19 -6.08
N PRO A 22 -5.51 -9.20 -5.20
CA PRO A 22 -4.33 -10.04 -5.04
C PRO A 22 -4.10 -10.95 -6.25
N GLU A 23 -5.07 -10.96 -7.17
CA GLU A 23 -4.97 -11.79 -8.36
C GLU A 23 -4.18 -11.08 -9.45
N LEU A 24 -4.04 -9.77 -9.31
CA LEU A 24 -3.30 -8.97 -10.28
C LEU A 24 -1.80 -9.22 -10.17
N LYS A 25 -1.31 -9.34 -8.94
CA LYS A 25 0.10 -9.60 -8.69
C LYS A 25 0.60 -10.78 -9.51
N THR A 26 -0.18 -11.86 -9.49
CA THR A 26 0.17 -13.06 -10.22
C THR A 26 0.52 -12.74 -11.67
N GLY A 27 -0.44 -12.20 -12.40
CA GLY A 27 -0.21 -11.86 -13.80
C GLY A 27 1.01 -10.98 -13.98
N ILE A 28 1.09 -9.91 -13.20
CA ILE A 28 2.21 -8.98 -13.29
C ILE A 28 3.54 -9.72 -13.20
N SER A 29 3.68 -10.55 -12.18
CA SER A 29 4.91 -11.32 -11.98
C SER A 29 5.03 -12.43 -13.02
N ASP A 30 3.91 -12.77 -13.65
CA ASP A 30 3.89 -13.82 -14.67
C ASP A 30 4.60 -13.34 -15.93
N VAL A 31 4.09 -12.26 -16.53
CA VAL A 31 4.67 -11.71 -17.74
C VAL A 31 6.18 -11.53 -17.60
N PHE A 32 6.60 -11.07 -16.42
CA PHE A 32 8.02 -10.86 -16.15
C PHE A 32 8.75 -12.18 -16.00
N ALA A 33 8.07 -13.17 -15.44
CA ALA A 33 8.65 -14.49 -15.23
C ALA A 33 9.05 -15.12 -16.56
N LYS A 34 8.41 -14.68 -17.63
CA LYS A 34 8.70 -15.21 -18.96
C LYS A 34 9.91 -14.51 -19.58
N ASN A 35 10.18 -13.29 -19.10
CA ASN A 35 11.31 -12.52 -19.60
C ASN A 35 12.54 -12.72 -18.73
N ASP A 36 12.61 -13.86 -18.06
CA ASP A 36 13.74 -14.18 -17.19
C ASP A 36 13.87 -13.15 -16.08
N LEU A 37 12.75 -12.56 -15.69
CA LEU A 37 12.73 -11.55 -14.64
C LEU A 37 12.13 -12.11 -13.35
N ALA A 38 12.89 -12.04 -12.27
CA ALA A 38 12.43 -12.53 -10.97
C ALA A 38 12.01 -11.38 -10.07
N VAL A 39 10.72 -11.33 -9.74
CA VAL A 39 10.20 -10.27 -8.88
C VAL A 39 10.11 -10.75 -7.43
N VAL A 40 10.56 -9.90 -6.51
CA VAL A 40 10.54 -10.23 -5.09
C VAL A 40 9.18 -9.95 -4.49
N ASP A 41 8.48 -8.96 -5.04
CA ASP A 41 7.16 -8.59 -4.55
C ASP A 41 6.44 -7.70 -5.55
N VAL A 42 5.11 -7.68 -5.48
CA VAL A 42 4.30 -6.87 -6.39
C VAL A 42 3.13 -6.24 -5.66
N ARG A 43 2.92 -4.93 -5.88
CA ARG A 43 1.83 -4.21 -5.24
C ARG A 43 0.73 -3.88 -6.25
N ILE A 44 -0.51 -3.80 -5.77
CA ILE A 44 -1.63 -3.48 -6.62
C ILE A 44 -2.36 -2.23 -6.14
N GLY A 45 -2.89 -1.46 -7.10
CA GLY A 45 -3.60 -0.25 -6.76
C GLY A 45 -5.00 -0.51 -6.23
N MET A 46 -5.68 0.54 -5.79
CA MET A 46 -7.04 0.41 -5.27
C MET A 46 -8.05 0.35 -6.40
N THR A 47 -7.56 0.49 -7.63
CA THR A 47 -8.44 0.46 -8.81
C THR A 47 -8.18 -0.81 -9.64
N ARG A 48 -7.16 -1.56 -9.26
CA ARG A 48 -6.82 -2.79 -9.97
C ARG A 48 -6.44 -2.49 -11.42
N LYS A 49 -5.92 -1.29 -11.65
CA LYS A 49 -5.53 -0.88 -13.00
C LYS A 49 -4.04 -0.57 -13.06
N PHE A 50 -3.42 -0.48 -11.88
CA PHE A 50 -1.99 -0.18 -11.79
C PHE A 50 -1.40 -0.75 -10.51
N GLY A 51 -0.10 -0.54 -10.32
CA GLY A 51 0.56 -1.03 -9.13
C GLY A 51 2.07 -0.82 -9.18
N TYR A 52 2.80 -1.63 -8.41
CA TYR A 52 4.25 -1.53 -8.37
C TYR A 52 4.89 -2.91 -8.40
N VAL A 53 6.14 -2.97 -8.86
CA VAL A 53 6.87 -4.23 -8.95
C VAL A 53 8.26 -4.10 -8.34
N ASP A 54 8.58 -5.01 -7.41
CA ASP A 54 9.89 -5.00 -6.76
C ASP A 54 10.79 -6.09 -7.32
N PHE A 55 12.04 -5.73 -7.59
CA PHE A 55 13.01 -6.68 -8.13
C PHE A 55 14.16 -6.90 -7.16
N GLU A 56 14.74 -8.09 -7.20
CA GLU A 56 15.86 -8.43 -6.32
C GLU A 56 16.94 -7.35 -6.40
N SER A 57 17.11 -6.77 -7.57
CA SER A 57 18.13 -5.73 -7.78
C SER A 57 17.74 -4.83 -8.94
N ALA A 58 18.47 -3.73 -9.10
CA ALA A 58 18.21 -2.78 -10.18
C ALA A 58 18.38 -3.44 -11.54
N GLU A 59 19.13 -4.53 -11.58
CA GLU A 59 19.38 -5.25 -12.83
C GLU A 59 18.06 -5.67 -13.47
N ASP A 60 17.27 -6.45 -12.73
CA ASP A 60 15.98 -6.93 -13.23
C ASP A 60 14.99 -5.78 -13.36
N LEU A 61 15.07 -4.83 -12.44
CA LEU A 61 14.18 -3.68 -12.44
C LEU A 61 14.34 -2.87 -13.73
N GLU A 62 15.57 -2.50 -14.04
CA GLU A 62 15.86 -1.73 -15.25
C GLU A 62 15.67 -2.58 -16.50
N LYS A 63 16.01 -3.87 -16.39
CA LYS A 63 15.88 -4.79 -17.50
C LYS A 63 14.46 -4.79 -18.05
N ALA A 64 13.49 -4.81 -17.15
CA ALA A 64 12.08 -4.81 -17.55
C ALA A 64 11.76 -3.61 -18.44
N LEU A 65 12.53 -2.54 -18.28
CA LEU A 65 12.33 -1.33 -19.08
C LEU A 65 12.98 -1.47 -20.45
N GLU A 66 13.96 -2.38 -20.55
CA GLU A 66 14.65 -2.60 -21.81
C GLU A 66 13.86 -3.55 -22.71
N LEU A 67 13.49 -4.70 -22.16
CA LEU A 67 12.73 -5.69 -22.91
C LEU A 67 11.42 -5.11 -23.42
N THR A 68 10.68 -5.90 -24.19
CA THR A 68 9.40 -5.46 -24.74
C THR A 68 8.39 -6.60 -24.78
N GLY A 69 7.14 -6.26 -25.05
CA GLY A 69 6.10 -7.27 -25.11
C GLY A 69 5.54 -7.62 -23.75
N LEU A 70 5.40 -6.62 -22.89
CA LEU A 70 4.88 -6.83 -21.55
C LEU A 70 3.38 -6.60 -21.50
N LYS A 71 2.64 -7.68 -21.27
CA LYS A 71 1.18 -7.61 -21.20
C LYS A 71 0.63 -8.57 -20.15
N VAL A 72 -0.51 -8.22 -19.57
CA VAL A 72 -1.14 -9.07 -18.56
C VAL A 72 -2.66 -9.07 -18.71
N PHE A 73 -3.24 -10.26 -18.69
CA PHE A 73 -4.69 -10.41 -18.83
C PHE A 73 -5.18 -9.80 -20.15
N GLY A 74 -4.28 -9.76 -21.14
CA GLY A 74 -4.64 -9.22 -22.43
C GLY A 74 -4.17 -7.79 -22.60
N ASN A 75 -4.41 -6.96 -21.58
CA ASN A 75 -4.01 -5.56 -21.63
C ASN A 75 -2.49 -5.41 -21.47
N GLU A 76 -1.91 -4.52 -22.25
CA GLU A 76 -0.47 -4.28 -22.20
C GLU A 76 -0.12 -3.36 -21.03
N ILE A 77 0.58 -3.91 -20.05
CA ILE A 77 0.99 -3.14 -18.87
C ILE A 77 1.99 -2.04 -19.26
N LYS A 78 2.04 -1.00 -18.43
CA LYS A 78 2.96 0.11 -18.68
C LYS A 78 3.95 0.27 -17.53
N LEU A 79 5.23 0.22 -17.86
CA LEU A 79 6.28 0.37 -16.86
C LEU A 79 6.73 1.81 -16.73
N GLU A 80 6.89 2.29 -15.51
CA GLU A 80 7.31 3.67 -15.26
C GLU A 80 8.02 3.77 -13.92
N LYS A 81 8.47 4.99 -13.59
CA LYS A 81 9.17 5.23 -12.34
C LYS A 81 8.35 6.13 -11.43
N PRO A 82 8.37 5.83 -10.12
CA PRO A 82 7.63 6.60 -9.12
C PRO A 82 8.20 7.99 -8.90
N LYS A 83 7.62 8.73 -7.97
CA LYS A 83 8.08 10.09 -7.67
C LYS A 83 7.24 10.72 -6.57
N GLY A 84 7.71 11.84 -6.04
CA GLY A 84 6.98 12.53 -5.00
C GLY A 84 7.88 13.00 -3.87
N LYS A 85 7.84 12.31 -2.74
CA LYS A 85 8.66 12.68 -1.58
C LYS A 85 8.43 14.13 -1.19
N ASP A 86 7.19 14.45 -0.84
CA ASP A 86 6.83 15.80 -0.44
C ASP A 86 7.26 16.08 1.01
N SER A 87 7.65 17.31 1.28
CA SER A 87 8.08 17.69 2.62
C SER A 87 6.90 18.14 3.47
N LYS A 88 5.79 18.43 2.81
CA LYS A 88 4.58 18.87 3.50
C LYS A 88 4.12 17.82 4.51
N LYS A 89 4.57 16.58 4.32
CA LYS A 89 4.20 15.50 5.21
C LYS A 89 4.42 15.89 6.67
N GLU A 90 5.38 16.78 6.91
CA GLU A 90 5.67 17.24 8.26
C GLU A 90 4.41 17.69 8.98
N ARG A 91 3.76 18.71 8.42
CA ARG A 91 2.53 19.25 8.99
C ARG A 91 1.31 18.47 8.51
N ASP A 92 1.48 17.75 7.40
CA ASP A 92 0.39 16.96 6.84
C ASP A 92 0.22 15.65 7.60
N ALA A 93 1.15 15.37 8.50
CA ALA A 93 1.11 14.15 9.30
C ALA A 93 0.21 14.33 10.52
N ARG A 94 -0.22 15.57 10.76
CA ARG A 94 -1.08 15.87 11.90
C ARG A 94 -2.28 14.93 11.94
N THR A 95 -2.71 14.47 10.77
CA THR A 95 -3.85 13.58 10.66
C THR A 95 -3.44 12.22 10.09
N LEU A 96 -3.83 11.16 10.78
CA LEU A 96 -3.51 9.80 10.33
C LEU A 96 -4.70 9.15 9.65
N LEU A 97 -4.42 8.10 8.86
CA LEU A 97 -5.47 7.38 8.15
C LEU A 97 -5.41 5.90 8.44
N ALA A 98 -6.57 5.24 8.46
CA ALA A 98 -6.64 3.82 8.71
C ALA A 98 -7.13 3.06 7.49
N LYS A 99 -6.35 2.08 7.04
CA LYS A 99 -6.72 1.28 5.88
C LYS A 99 -6.85 -0.20 6.26
N ASN A 100 -7.30 -1.01 5.30
CA ASN A 100 -7.49 -2.44 5.53
C ASN A 100 -8.56 -2.69 6.58
N LEU A 101 -9.61 -1.88 6.55
CA LEU A 101 -10.71 -2.01 7.49
C LEU A 101 -11.94 -2.63 6.83
N PRO A 102 -12.58 -3.57 7.53
CA PRO A 102 -13.77 -4.26 7.03
C PRO A 102 -14.99 -3.35 6.97
N TYR A 103 -16.09 -3.87 6.46
CA TYR A 103 -17.32 -3.09 6.35
C TYR A 103 -18.12 -3.14 7.65
N LYS A 104 -17.64 -3.93 8.60
CA LYS A 104 -18.30 -4.07 9.90
C LYS A 104 -17.44 -3.48 11.01
N VAL A 105 -16.52 -2.60 10.64
CA VAL A 105 -15.64 -1.97 11.62
C VAL A 105 -16.22 -0.67 12.13
N THR A 106 -15.88 -0.31 13.37
CA THR A 106 -16.38 0.91 13.98
C THR A 106 -15.23 1.73 14.58
N GLN A 107 -15.47 3.03 14.73
CA GLN A 107 -14.46 3.92 15.28
C GLN A 107 -13.81 3.32 16.53
N ASP A 108 -14.65 2.80 17.42
CA ASP A 108 -14.17 2.18 18.66
C ASP A 108 -13.04 1.20 18.36
N GLU A 109 -13.28 0.30 17.41
CA GLU A 109 -12.27 -0.69 17.04
C GLU A 109 -10.92 -0.04 16.78
N LEU A 110 -10.95 1.17 16.21
CA LEU A 110 -9.73 1.90 15.91
C LEU A 110 -9.26 2.69 17.13
N LYS A 111 -10.20 3.08 17.98
CA LYS A 111 -9.88 3.84 19.18
C LYS A 111 -9.23 2.95 20.24
N GLU A 112 -9.23 1.64 19.98
CA GLU A 112 -8.63 0.69 20.91
C GLU A 112 -7.11 0.69 20.77
N VAL A 113 -6.60 1.38 19.76
CA VAL A 113 -5.17 1.46 19.53
C VAL A 113 -4.64 2.86 19.79
N PHE A 114 -5.33 3.86 19.26
CA PHE A 114 -4.93 5.26 19.43
C PHE A 114 -5.90 5.97 20.37
N GLU A 115 -6.36 5.27 21.40
CA GLU A 115 -7.29 5.84 22.36
C GLU A 115 -6.70 7.12 23.00
N ASP A 116 -5.39 7.25 22.91
CA ASP A 116 -4.71 8.42 23.47
C ASP A 116 -4.69 9.57 22.47
N ALA A 117 -4.97 9.26 21.21
CA ALA A 117 -4.98 10.27 20.16
C ALA A 117 -5.86 11.45 20.55
N ALA A 118 -5.78 12.52 19.78
CA ALA A 118 -6.56 13.73 20.04
C ALA A 118 -8.04 13.49 19.74
N GLU A 119 -8.35 13.23 18.47
CA GLU A 119 -9.72 12.99 18.05
C GLU A 119 -9.80 11.84 17.06
N ILE A 120 -10.99 11.29 16.89
CA ILE A 120 -11.21 10.18 15.97
C ILE A 120 -12.44 10.40 15.11
N ARG A 121 -12.35 10.03 13.83
CA ARG A 121 -13.46 10.20 12.90
C ARG A 121 -13.47 9.08 11.87
N LEU A 122 -14.53 8.30 11.84
CA LEU A 122 -14.65 7.20 10.89
C LEU A 122 -15.42 7.64 9.65
N VAL A 123 -15.24 6.89 8.56
CA VAL A 123 -15.91 7.21 7.30
C VAL A 123 -16.88 6.10 6.91
N SER A 124 -18.16 6.36 7.12
CA SER A 124 -19.20 5.37 6.78
C SER A 124 -20.40 6.05 6.13
N LYS A 125 -21.00 5.38 5.15
CA LYS A 125 -22.16 5.91 4.46
C LYS A 125 -23.28 4.88 4.40
N ASP A 126 -24.52 5.35 4.55
CA ASP A 126 -25.67 4.46 4.51
C ASP A 126 -25.64 3.47 5.67
N GLY A 127 -25.06 3.90 6.79
CA GLY A 127 -24.98 3.04 7.95
C GLY A 127 -23.98 1.90 7.76
N LYS A 128 -23.09 2.06 6.80
CA LYS A 128 -22.09 1.04 6.50
C LYS A 128 -20.71 1.68 6.35
N SER A 129 -19.69 1.01 6.90
CA SER A 129 -18.32 1.51 6.82
C SER A 129 -17.82 1.49 5.38
N LYS A 130 -16.94 2.43 5.05
CA LYS A 130 -16.39 2.53 3.71
C LYS A 130 -15.06 1.79 3.62
N GLY A 131 -14.46 1.49 4.78
CA GLY A 131 -13.19 0.80 4.81
C GLY A 131 -12.03 1.73 5.05
N ILE A 132 -12.29 2.87 5.69
CA ILE A 132 -11.26 3.84 5.99
C ILE A 132 -11.59 4.63 7.24
N ALA A 133 -10.56 5.06 7.97
CA ALA A 133 -10.75 5.84 9.19
C ALA A 133 -9.80 7.02 9.24
N TYR A 134 -10.27 8.13 9.79
CA TYR A 134 -9.46 9.34 9.89
C TYR A 134 -9.30 9.77 11.35
N ILE A 135 -8.07 10.06 11.74
CA ILE A 135 -7.78 10.48 13.10
C ILE A 135 -6.92 11.73 13.12
N GLU A 136 -7.31 12.71 13.93
CA GLU A 136 -6.57 13.96 14.05
C GLU A 136 -5.77 14.01 15.34
N PHE A 137 -4.45 13.82 15.22
CA PHE A 137 -3.57 13.83 16.38
C PHE A 137 -3.18 15.26 16.75
N LYS A 138 -2.54 15.42 17.90
CA LYS A 138 -2.11 16.73 18.37
C LYS A 138 -0.88 17.21 17.60
N THR A 139 0.09 16.32 17.44
CA THR A 139 1.31 16.65 16.72
C THR A 139 1.81 15.46 15.92
N GLU A 140 2.52 15.73 14.83
CA GLU A 140 3.05 14.69 13.97
C GLU A 140 3.92 13.73 14.76
N ALA A 141 4.49 14.21 15.86
CA ALA A 141 5.34 13.39 16.71
C ALA A 141 4.54 12.29 17.40
N ASP A 142 3.31 12.61 17.77
CA ASP A 142 2.44 11.64 18.45
C ASP A 142 1.71 10.77 17.42
N ALA A 143 1.38 11.38 16.27
CA ALA A 143 0.68 10.65 15.22
C ALA A 143 1.63 9.71 14.48
N GLU A 144 2.68 10.28 13.88
CA GLU A 144 3.64 9.48 13.14
C GLU A 144 4.21 8.36 14.01
N LYS A 145 4.24 8.59 15.32
CA LYS A 145 4.75 7.61 16.26
C LYS A 145 3.68 6.59 16.63
N THR A 146 2.56 7.07 17.15
CA THR A 146 1.45 6.20 17.53
C THR A 146 1.12 5.21 16.42
N PHE A 147 1.36 5.62 15.18
CA PHE A 147 1.09 4.77 14.03
C PHE A 147 1.75 3.40 14.19
N GLU A 148 3.07 3.40 14.29
CA GLU A 148 3.81 2.16 14.45
C GLU A 148 3.86 1.72 15.91
N GLU A 149 3.60 2.67 16.81
CA GLU A 149 3.61 2.39 18.23
C GLU A 149 2.36 1.61 18.65
N LYS A 150 1.35 1.62 17.79
CA LYS A 150 0.10 0.92 18.04
C LYS A 150 -0.19 -0.10 16.95
N GLN A 151 0.30 0.17 15.74
CA GLN A 151 0.08 -0.72 14.62
C GLN A 151 0.37 -2.17 15.01
N GLY A 152 -0.40 -3.09 14.44
CA GLY A 152 -0.21 -4.50 14.74
C GLY A 152 -1.43 -5.12 15.38
N THR A 153 -2.45 -4.30 15.65
CA THR A 153 -3.67 -4.77 16.27
C THR A 153 -4.46 -5.67 15.32
N GLU A 154 -5.38 -6.45 15.87
CA GLU A 154 -6.20 -7.35 15.06
C GLU A 154 -7.69 -7.08 15.30
N ILE A 155 -8.47 -7.07 14.22
CA ILE A 155 -9.90 -6.82 14.31
C ILE A 155 -10.66 -7.63 13.27
N ASP A 156 -11.71 -8.31 13.71
CA ASP A 156 -12.53 -9.12 12.82
C ASP A 156 -11.70 -10.23 12.19
N GLY A 157 -10.62 -10.61 12.86
CA GLY A 157 -9.76 -11.66 12.34
C GLY A 157 -8.63 -11.12 11.49
N ARG A 158 -8.87 -9.97 10.87
CA ARG A 158 -7.86 -9.35 10.02
C ARG A 158 -7.00 -8.36 10.81
N SER A 159 -6.08 -7.69 10.12
CA SER A 159 -5.19 -6.74 10.76
C SER A 159 -5.32 -5.36 10.11
N ILE A 160 -5.72 -4.38 10.90
CA ILE A 160 -5.88 -3.02 10.40
C ILE A 160 -4.54 -2.29 10.36
N SER A 161 -4.30 -1.56 9.26
CA SER A 161 -3.06 -0.82 9.10
C SER A 161 -3.31 0.69 9.20
N LEU A 162 -2.27 1.43 9.58
CA LEU A 162 -2.37 2.88 9.70
C LEU A 162 -1.34 3.58 8.83
N TYR A 163 -1.70 4.75 8.33
CA TYR A 163 -0.80 5.53 7.47
C TYR A 163 -1.06 7.02 7.62
N TYR A 164 -0.01 7.76 7.96
CA TYR A 164 -0.13 9.20 8.13
C TYR A 164 -0.45 9.89 6.81
N THR A 165 -1.40 10.83 6.86
CA THR A 165 -1.81 11.56 5.67
C THR A 165 -2.93 12.54 5.97
N GLY A 166 -2.69 13.81 5.67
CA GLY A 166 -3.69 14.83 5.92
C GLY A 166 -3.69 15.93 4.86
N GLU A 167 -3.62 15.52 3.60
CA GLU A 167 -3.62 16.47 2.49
C GLU A 167 -4.78 17.46 2.61
N PRO A 168 -4.62 18.63 1.98
CA PRO A 168 -5.64 19.68 2.01
C PRO A 168 -6.88 19.30 1.20
N LYS A 169 -7.83 20.23 1.11
CA LYS A 169 -9.06 20.00 0.38
C LYS A 169 -9.38 21.17 -0.55
N GLY A 170 -9.60 20.86 -1.82
CA GLY A 170 -9.91 21.90 -2.79
C GLY A 170 -8.69 22.35 -3.57
N GLU A 171 -7.52 21.86 -3.16
CA GLU A 171 -6.27 22.23 -3.82
C GLU A 171 -6.37 22.00 -5.33
N GLY A 172 -7.05 20.94 -5.73
CA GLY A 172 -7.21 20.63 -7.13
C GLY A 172 -8.66 20.36 -7.51
N LEU A 173 -9.58 20.98 -6.79
CA LEU A 173 -11.00 20.82 -7.06
C LEU A 173 -11.58 22.06 -7.74
N GLU A 174 -11.40 23.21 -7.11
CA GLU A 174 -11.90 24.47 -7.66
C GLU A 174 -11.14 24.84 -8.93
#